data_6ACH
#
_entry.id   6ACH
#
_cell.length_a   1.0
_cell.length_b   1.0
_cell.length_c   1.0
_cell.angle_alpha   90.00
_cell.angle_beta   90.00
_cell.angle_gamma   90.00
#
_symmetry.space_group_name_H-M   'P 1'
#
loop_
_entity.id
_entity.type
_entity.pdbx_description
1 polymer 'Leucine dehydrogenase'
2 non-polymer NICOTINAMIDE-ADENINE-DINUCLEOTIDE
#
_entity_poly.entity_id   1
_entity_poly.type   'polypeptide(L)'
_entity_poly.pdbx_seq_one_letter_code
;MELFQYMEKYDYEQVLFCQDKESGLKAIIVIHDTTLGPALGGTRMWMYNSEEEALEDALRLARGMTYKNAAAGLNLGGGK
TVIIGDPRKDKNEAMFRAFGRFIQGLNGRYITAEDVGTTVADMDIIYQETDYVTGISPEFGSSGNPSPATAYGVYRGMKA
AAKEAFGSDSLEGKVVAVQGVGNVAYHLCRHLHEEGAKLIVTDINKEAVARAVEEFGAKAVDPNDIYGVECDIFAPCALG
GIINDQTIPQLKAKVIAGSANNQLKEPRHGDMIHEMGIVYAPDYVINAGGVINVADELYGYNRERAMKKIEQIYDNIEKV
FAIAKRDNIPTYVAADRMAEERIETMRKARSQFLQNGHHILSRRRAR
;
_entity_poly.pdbx_strand_id   A,B,C,D,E,F,G,H
#
# COMPACT_ATOMS: atom_id res chain seq x y z
N MET A 1 46.05 -11.31 -5.78
CA MET A 1 45.84 -11.70 -4.39
C MET A 1 45.18 -13.07 -4.36
N GLU A 2 44.61 -13.45 -5.50
CA GLU A 2 43.66 -14.56 -5.61
C GLU A 2 42.55 -14.38 -4.59
N LEU A 3 41.77 -13.32 -4.83
CA LEU A 3 40.88 -12.79 -3.81
C LEU A 3 39.73 -13.76 -3.52
N PHE A 4 39.34 -14.60 -4.47
CA PHE A 4 38.35 -15.61 -4.14
C PHE A 4 38.91 -16.74 -3.29
N GLN A 5 40.22 -16.96 -3.28
CA GLN A 5 40.76 -17.92 -2.32
C GLN A 5 40.62 -17.42 -0.91
N TYR A 6 40.95 -16.16 -0.67
CA TYR A 6 40.80 -15.58 0.65
C TYR A 6 39.34 -15.50 1.04
N MET A 7 38.44 -15.26 0.08
CA MET A 7 37.03 -15.26 0.41
C MET A 7 36.53 -16.67 0.70
N GLU A 8 37.02 -17.68 0.00
CA GLU A 8 36.48 -19.01 0.16
C GLU A 8 36.98 -19.67 1.44
N LYS A 9 38.18 -19.31 1.90
CA LYS A 9 38.69 -19.90 3.14
C LYS A 9 37.94 -19.45 4.38
N TYR A 10 37.21 -18.34 4.32
CA TYR A 10 36.51 -17.84 5.49
C TYR A 10 35.03 -17.58 5.25
N ASP A 11 34.52 -17.89 4.05
CA ASP A 11 33.12 -17.72 3.67
C ASP A 11 32.67 -16.26 3.74
N TYR A 12 33.35 -15.41 2.98
CA TYR A 12 32.88 -14.05 2.79
C TYR A 12 31.77 -14.03 1.76
N GLU A 13 30.69 -13.32 2.05
CA GLU A 13 29.66 -13.17 1.03
C GLU A 13 30.13 -12.25 -0.08
N GLN A 14 30.39 -10.99 0.23
CA GLN A 14 30.69 -10.05 -0.82
C GLN A 14 31.84 -9.14 -0.44
N VAL A 15 32.57 -8.72 -1.45
CA VAL A 15 33.44 -7.55 -1.43
C VAL A 15 32.92 -6.66 -2.55
N LEU A 16 32.97 -5.35 -2.39
CA LEU A 16 32.25 -4.49 -3.31
C LEU A 16 32.97 -3.17 -3.46
N PHE A 17 33.45 -2.90 -4.66
CA PHE A 17 34.34 -1.79 -4.93
C PHE A 17 33.53 -0.66 -5.53
N CYS A 18 33.26 0.38 -4.74
CA CYS A 18 32.56 1.53 -5.26
C CYS A 18 33.57 2.58 -5.70
N GLN A 19 33.13 3.44 -6.61
CA GLN A 19 33.99 4.44 -7.20
C GLN A 19 33.10 5.56 -7.73
N ASP A 20 33.57 6.79 -7.61
CA ASP A 20 32.90 7.91 -8.23
C ASP A 20 33.95 8.96 -8.58
N LYS A 21 33.93 9.41 -9.83
CA LYS A 21 35.03 10.19 -10.38
C LYS A 21 34.90 11.68 -10.13
N GLU A 22 33.70 12.24 -10.26
CA GLU A 22 33.53 13.67 -10.05
C GLU A 22 33.58 14.08 -8.60
N SER A 23 33.50 13.12 -7.68
CA SER A 23 33.62 13.39 -6.27
C SER A 23 34.88 12.81 -5.64
N GLY A 24 35.53 11.87 -6.29
CA GLY A 24 36.78 11.36 -5.80
C GLY A 24 36.66 10.24 -4.81
N LEU A 25 35.58 9.46 -4.87
CA LEU A 25 35.33 8.39 -3.92
C LEU A 25 35.89 7.08 -4.42
N LYS A 26 36.63 6.38 -3.57
CA LYS A 26 37.10 5.03 -3.81
C LYS A 26 36.77 4.26 -2.53
N ALA A 27 35.76 3.40 -2.52
CA ALA A 27 35.37 2.75 -1.28
C ALA A 27 35.32 1.25 -1.45
N ILE A 28 35.57 0.52 -0.38
CA ILE A 28 35.58 -0.94 -0.36
C ILE A 28 34.63 -1.34 0.73
N ILE A 29 33.48 -1.90 0.38
CA ILE A 29 32.53 -2.39 1.37
C ILE A 29 32.67 -3.89 1.41
N VAL A 30 32.86 -4.46 2.59
CA VAL A 30 33.00 -5.89 2.72
C VAL A 30 31.91 -6.42 3.63
N ILE A 31 31.12 -7.35 3.13
CA ILE A 31 30.05 -7.99 3.86
C ILE A 31 30.46 -9.44 4.07
N HIS A 32 30.69 -9.83 5.31
CA HIS A 32 31.15 -11.17 5.63
C HIS A 32 30.01 -12.15 5.73
N ASP A 33 29.12 -11.92 6.67
CA ASP A 33 28.02 -12.83 6.93
C ASP A 33 26.80 -11.99 7.23
N THR A 34 25.68 -12.34 6.63
CA THR A 34 24.38 -11.75 6.91
C THR A 34 23.37 -12.83 7.23
N THR A 35 23.76 -13.74 8.10
CA THR A 35 22.85 -14.80 8.52
C THR A 35 21.89 -14.31 9.58
N LEU A 36 22.40 -13.68 10.63
CA LEU A 36 21.55 -13.28 11.75
C LEU A 36 20.67 -12.09 11.39
N GLY A 37 21.22 -11.12 10.67
CA GLY A 37 20.48 -9.97 10.24
C GLY A 37 21.24 -9.21 9.19
N PRO A 38 20.99 -7.93 9.06
CA PRO A 38 21.81 -7.10 8.18
C PRO A 38 23.22 -6.93 8.71
N ALA A 39 24.12 -6.52 7.85
CA ALA A 39 25.52 -6.38 8.23
C ALA A 39 25.74 -4.98 8.74
N LEU A 40 25.84 -4.81 10.04
CA LEU A 40 26.24 -3.53 10.59
C LEU A 40 27.75 -3.41 10.61
N GLY A 41 28.23 -2.27 10.18
CA GLY A 41 29.66 -2.02 10.26
C GLY A 41 30.05 -0.56 10.23
N GLY A 42 31.22 -0.26 10.74
CA GLY A 42 31.68 1.10 10.70
C GLY A 42 32.20 1.49 9.33
N THR A 43 32.19 2.78 9.08
CA THR A 43 32.76 3.37 7.87
C THR A 43 34.03 4.08 8.26
N ARG A 44 35.15 3.54 7.84
CA ARG A 44 36.45 4.04 8.27
CA ARG A 44 36.45 4.04 8.27
C ARG A 44 37.15 4.71 7.09
N MET A 45 37.61 5.93 7.29
CA MET A 45 38.30 6.69 6.26
C MET A 45 39.75 6.84 6.67
N TRP A 46 40.66 6.42 5.81
CA TRP A 46 42.06 6.35 6.15
C TRP A 46 42.84 6.29 4.86
N MET A 47 44.11 6.63 4.91
CA MET A 47 44.95 6.61 3.72
C MET A 47 45.81 5.36 3.76
N TYR A 48 45.64 4.51 2.76
CA TYR A 48 46.44 3.30 2.63
C TYR A 48 47.35 3.45 1.42
N ASN A 49 48.51 2.78 1.48
CA ASN A 49 49.52 2.95 0.45
C ASN A 49 49.10 2.36 -0.89
N SER A 50 48.25 1.34 -0.88
CA SER A 50 47.78 0.72 -2.10
C SER A 50 46.33 0.30 -1.92
N GLU A 51 45.83 -0.49 -2.86
CA GLU A 51 44.52 -1.08 -2.68
C GLU A 51 44.58 -2.31 -1.80
N GLU A 52 45.68 -3.07 -1.87
CA GLU A 52 45.77 -4.34 -1.18
C GLU A 52 45.82 -4.17 0.34
N GLU A 53 46.45 -3.09 0.81
CA GLU A 53 46.43 -2.72 2.22
C GLU A 53 45.01 -2.53 2.72
N ALA A 54 44.24 -1.70 2.00
CA ALA A 54 42.86 -1.43 2.37
C ALA A 54 41.99 -2.66 2.26
N LEU A 55 42.27 -3.51 1.28
CA LEU A 55 41.47 -4.71 1.09
C LEU A 55 41.68 -5.70 2.22
N GLU A 56 42.93 -5.94 2.60
CA GLU A 56 43.22 -6.84 3.72
C GLU A 56 42.66 -6.29 5.02
N ASP A 57 42.68 -4.96 5.17
CA ASP A 57 42.18 -4.36 6.40
C ASP A 57 40.66 -4.48 6.48
N ALA A 58 39.96 -4.27 5.36
CA ALA A 58 38.52 -4.40 5.32
C ALA A 58 38.08 -5.83 5.57
N LEU A 59 38.83 -6.80 5.07
CA LEU A 59 38.46 -8.20 5.26
C LEU A 59 38.63 -8.64 6.72
N ARG A 60 39.73 -8.24 7.36
CA ARG A 60 39.92 -8.56 8.78
C ARG A 60 38.86 -7.92 9.66
N LEU A 61 38.52 -6.67 9.38
CA LEU A 61 37.52 -6.01 10.22
C LEU A 61 36.11 -6.55 9.97
N ALA A 62 35.83 -7.05 8.77
CA ALA A 62 34.54 -7.68 8.52
C ALA A 62 34.37 -8.95 9.34
N ARG A 63 35.40 -9.80 9.37
CA ARG A 63 35.32 -10.99 10.20
CA ARG A 63 35.34 -11.00 10.21
C ARG A 63 35.21 -10.65 11.69
N GLY A 64 35.98 -9.65 12.13
CA GLY A 64 35.90 -9.24 13.52
C GLY A 64 34.55 -8.71 13.93
N MET A 65 33.89 -7.94 13.05
CA MET A 65 32.56 -7.45 13.36
C MET A 65 31.52 -8.55 13.35
N THR A 66 31.70 -9.59 12.54
CA THR A 66 30.74 -10.69 12.58
C THR A 66 30.78 -11.39 13.92
N TYR A 67 31.97 -11.70 14.41
CA TYR A 67 32.03 -12.36 15.72
C TYR A 67 31.64 -11.44 16.87
N LYS A 68 31.89 -10.14 16.75
CA LYS A 68 31.42 -9.21 17.78
C LYS A 68 29.91 -9.13 17.81
N ASN A 69 29.26 -8.89 16.67
CA ASN A 69 27.81 -8.78 16.67
C ASN A 69 27.13 -10.08 17.04
N ALA A 70 27.73 -11.23 16.71
CA ALA A 70 27.14 -12.49 17.10
C ALA A 70 27.26 -12.73 18.59
N ALA A 71 28.45 -12.59 19.15
CA ALA A 71 28.66 -12.88 20.56
C ALA A 71 28.11 -11.82 21.49
N ALA A 72 27.54 -10.74 20.97
CA ALA A 72 26.91 -9.71 21.80
C ALA A 72 25.43 -9.94 21.96
N GLY A 73 24.83 -10.81 21.16
CA GLY A 73 23.42 -11.03 21.21
C GLY A 73 22.60 -10.20 20.27
N LEU A 74 23.20 -9.62 19.24
CA LEU A 74 22.49 -8.77 18.32
C LEU A 74 22.07 -9.53 17.08
N ASN A 75 20.98 -9.07 16.46
CA ASN A 75 20.48 -9.69 15.23
C ASN A 75 21.02 -8.93 14.03
N LEU A 76 22.33 -8.99 13.90
CA LEU A 76 23.06 -8.18 12.96
C LEU A 76 24.27 -8.96 12.49
N GLY A 77 24.67 -8.73 11.27
CA GLY A 77 25.81 -9.41 10.69
C GLY A 77 27.07 -8.62 10.83
N GLY A 78 28.06 -8.99 10.03
CA GLY A 78 29.30 -8.25 10.10
C GLY A 78 29.80 -7.76 8.77
N GLY A 79 30.09 -6.48 8.69
CA GLY A 79 30.70 -5.93 7.51
C GLY A 79 31.56 -4.78 7.89
N LYS A 80 32.13 -4.07 6.92
CA LYS A 80 33.05 -2.96 7.19
C LYS A 80 33.32 -2.23 5.90
N THR A 81 33.32 -0.90 5.96
CA THR A 81 33.64 -0.07 4.83
C THR A 81 34.99 0.57 5.06
N VAL A 82 35.80 0.65 4.01
CA VAL A 82 37.02 1.43 4.03
C VAL A 82 36.94 2.45 2.90
N ILE A 83 37.02 3.72 3.22
CA ILE A 83 37.13 4.76 2.21
C ILE A 83 38.59 5.15 2.09
N ILE A 84 39.12 5.10 0.88
CA ILE A 84 40.53 5.37 0.65
C ILE A 84 40.68 6.86 0.34
N GLY A 85 41.14 7.61 1.31
CA GLY A 85 41.33 9.02 1.15
C GLY A 85 42.05 9.57 2.36
N ASP A 86 42.03 10.89 2.48
CA ASP A 86 42.66 11.53 3.62
C ASP A 86 41.60 12.36 4.31
N PRO A 87 41.23 12.05 5.55
CA PRO A 87 40.16 12.80 6.21
C PRO A 87 40.54 14.20 6.62
N ARG A 88 41.81 14.59 6.52
CA ARG A 88 42.16 15.97 6.82
C ARG A 88 41.87 16.90 5.66
N LYS A 89 41.93 16.39 4.43
CA LYS A 89 41.86 17.27 3.27
C LYS A 89 41.07 16.73 2.09
N ASP A 90 40.49 15.54 2.16
CA ASP A 90 39.84 14.94 1.01
C ASP A 90 38.42 14.54 1.34
N LYS A 91 37.69 15.42 2.00
CA LYS A 91 36.26 15.25 2.22
C LYS A 91 35.51 16.40 1.60
N ASN A 92 34.30 16.09 1.13
CA ASN A 92 33.33 17.09 0.76
C ASN A 92 31.95 16.47 0.91
N GLU A 93 30.95 17.13 0.36
CA GLU A 93 29.61 16.59 0.39
C GLU A 93 29.43 15.53 -0.69
N ALA A 94 30.10 15.71 -1.82
CA ALA A 94 29.74 14.96 -3.02
C ALA A 94 30.11 13.49 -2.90
N MET A 95 31.21 13.19 -2.22
CA MET A 95 31.56 11.80 -2.02
C MET A 95 30.64 11.12 -1.03
N PHE A 96 30.13 11.83 -0.03
CA PHE A 96 29.20 11.15 0.86
C PHE A 96 27.81 11.05 0.28
N ARG A 97 27.41 11.94 -0.64
CA ARG A 97 26.15 11.72 -1.31
C ARG A 97 26.25 10.56 -2.30
N ALA A 98 27.38 10.45 -3.00
CA ALA A 98 27.62 9.29 -3.85
C ALA A 98 27.65 8.01 -3.04
N PHE A 99 28.29 8.05 -1.88
CA PHE A 99 28.42 6.86 -1.04
C PHE A 99 27.10 6.48 -0.38
N GLY A 100 26.30 7.46 0.02
CA GLY A 100 24.99 7.14 0.54
C GLY A 100 24.07 6.52 -0.49
N ARG A 101 24.21 6.92 -1.76
CA ARG A 101 23.44 6.21 -2.78
C ARG A 101 23.98 4.80 -3.03
N PHE A 102 25.29 4.59 -2.90
CA PHE A 102 25.76 3.21 -3.00
C PHE A 102 25.35 2.34 -1.82
N ILE A 103 25.03 2.92 -0.67
CA ILE A 103 24.49 2.09 0.41
C ILE A 103 23.01 1.83 0.21
N GLN A 104 22.27 2.86 -0.24
CA GLN A 104 20.85 2.68 -0.54
C GLN A 104 20.64 1.70 -1.68
N GLY A 105 21.61 1.53 -2.55
CA GLY A 105 21.45 0.55 -3.59
C GLY A 105 21.75 -0.86 -3.23
N LEU A 106 22.13 -1.15 -1.99
CA LEU A 106 22.19 -2.51 -1.47
C LEU A 106 20.89 -2.95 -0.84
N ASN A 107 19.94 -2.03 -0.68
CA ASN A 107 18.60 -2.29 -0.14
C ASN A 107 18.66 -2.87 1.26
N GLY A 108 19.23 -2.10 2.19
CA GLY A 108 19.13 -2.48 3.58
C GLY A 108 19.97 -3.64 4.00
N ARG A 109 20.76 -4.17 3.11
CA ARG A 109 21.59 -5.34 3.32
C ARG A 109 22.84 -5.00 4.09
N TYR A 110 23.14 -3.72 4.25
CA TYR A 110 24.33 -3.24 4.93
C TYR A 110 24.03 -1.91 5.61
N ILE A 111 24.23 -1.84 6.91
CA ILE A 111 23.96 -0.65 7.72
C ILE A 111 25.30 -0.08 8.17
N THR A 112 25.46 1.24 8.07
CA THR A 112 26.74 1.87 8.35
C THR A 112 26.69 2.71 9.63
N ALA A 113 27.86 2.86 10.26
CA ALA A 113 27.97 3.72 11.43
C ALA A 113 29.31 4.42 11.41
N GLU A 114 29.52 5.32 12.37
CA GLU A 114 30.77 6.06 12.39
C GLU A 114 31.87 5.21 13.00
N ASP A 115 33.09 5.54 12.63
CA ASP A 115 34.22 4.71 13.00
C ASP A 115 35.45 5.61 12.95
N VAL A 116 36.63 5.02 12.87
CA VAL A 116 37.88 5.76 12.94
C VAL A 116 38.07 6.51 11.62
N GLY A 117 37.79 7.80 11.61
CA GLY A 117 38.02 8.53 10.38
C GLY A 117 36.85 9.38 9.93
N THR A 118 35.65 8.98 10.32
CA THR A 118 34.44 9.74 10.07
C THR A 118 33.87 10.21 11.39
N THR A 119 33.02 11.23 11.32
CA THR A 119 32.43 11.88 12.48
C THR A 119 30.91 11.74 12.42
N VAL A 120 30.20 12.31 13.39
CA VAL A 120 28.78 12.51 13.18
C VAL A 120 28.56 13.90 12.60
N ALA A 121 29.11 14.11 11.43
CA ALA A 121 28.79 15.22 10.55
C ALA A 121 28.85 14.76 9.13
N ASP A 122 29.44 13.59 8.89
CA ASP A 122 29.43 12.90 7.63
C ASP A 122 28.33 11.86 7.56
N MET A 123 27.84 11.40 8.70
CA MET A 123 26.61 10.63 8.69
C MET A 123 25.40 11.51 8.82
N ASP A 124 25.38 12.63 8.12
CA ASP A 124 24.21 13.48 8.06
C ASP A 124 24.04 13.77 6.59
N ILE A 125 25.15 13.68 5.90
CA ILE A 125 25.15 13.72 4.46
C ILE A 125 24.74 12.38 3.91
N ILE A 126 25.17 11.30 4.56
CA ILE A 126 24.72 9.97 4.20
C ILE A 126 23.25 9.80 4.52
N TYR A 127 22.79 10.39 5.62
CA TYR A 127 21.37 10.29 5.98
C TYR A 127 20.47 11.02 5.01
N GLN A 128 20.99 11.99 4.26
CA GLN A 128 20.18 12.61 3.21
C GLN A 128 19.98 11.71 2.02
N GLU A 129 20.63 10.56 1.96
CA GLU A 129 20.46 9.64 0.86
C GLU A 129 19.93 8.27 1.26
N THR A 130 19.92 7.93 2.55
CA THR A 130 19.59 6.57 2.95
C THR A 130 19.07 6.56 4.38
N ASP A 131 18.35 5.50 4.71
CA ASP A 131 17.95 5.20 6.08
C ASP A 131 18.91 4.25 6.78
N TYR A 132 19.83 3.63 6.07
CA TYR A 132 20.60 2.54 6.66
C TYR A 132 21.91 3.10 7.18
N VAL A 133 21.76 3.93 8.20
CA VAL A 133 22.85 4.63 8.84
C VAL A 133 22.45 4.86 10.28
N THR A 134 23.37 4.69 11.20
CA THR A 134 23.02 4.73 12.60
C THR A 134 24.04 5.56 13.38
N GLY A 135 23.59 6.09 14.51
CA GLY A 135 24.41 7.01 15.27
C GLY A 135 24.20 8.46 14.94
N ILE A 136 23.03 8.84 14.41
CA ILE A 136 22.87 10.15 13.81
C ILE A 136 21.82 10.98 14.54
N SER A 137 20.77 10.31 15.12
CA SER A 137 19.45 10.89 15.32
C SER A 137 19.45 11.98 16.39
N PRO A 138 18.52 12.93 16.30
CA PRO A 138 18.43 13.95 17.36
C PRO A 138 18.00 13.38 18.71
N GLU A 139 17.32 12.23 18.72
CA GLU A 139 17.13 11.51 19.97
C GLU A 139 18.45 10.99 20.53
N PHE A 140 19.31 10.48 19.66
CA PHE A 140 20.58 9.91 20.11
C PHE A 140 21.54 11.02 20.56
N GLY A 141 21.83 11.97 19.68
CA GLY A 141 22.75 13.04 20.01
C GLY A 141 22.09 14.22 20.68
N ASN A 145 26.65 8.92 21.93
CA ASN A 145 27.76 9.06 22.87
C ASN A 145 27.98 7.70 23.54
N PRO A 146 28.70 6.80 22.88
CA PRO A 146 28.75 5.40 23.31
C PRO A 146 29.62 5.14 24.53
N SER A 147 30.32 6.13 25.04
CA SER A 147 31.32 5.88 26.09
C SER A 147 30.77 5.55 27.48
N PRO A 148 29.67 6.15 27.98
CA PRO A 148 29.08 5.59 29.21
C PRO A 148 28.56 4.19 29.04
N ALA A 149 28.08 3.86 27.84
CA ALA A 149 27.62 2.52 27.55
C ALA A 149 28.76 1.52 27.57
N THR A 150 29.87 1.85 26.88
CA THR A 150 31.00 0.94 26.82
C THR A 150 31.62 0.75 28.20
N ALA A 151 31.68 1.82 28.99
CA ALA A 151 32.18 1.71 30.36
C ALA A 151 31.27 0.87 31.23
N TYR A 152 29.94 1.00 31.06
CA TYR A 152 29.01 0.20 31.83
C TYR A 152 29.13 -1.27 31.48
N GLY A 153 29.37 -1.57 30.21
CA GLY A 153 29.56 -2.95 29.81
C GLY A 153 30.86 -3.54 30.29
N VAL A 154 31.93 -2.74 30.31
CA VAL A 154 33.21 -3.19 30.86
C VAL A 154 33.07 -3.47 32.35
N TYR A 155 32.28 -2.65 33.04
CA TYR A 155 31.97 -2.88 34.45
C TYR A 155 31.27 -4.21 34.67
N ARG A 156 30.26 -4.52 33.85
CA ARG A 156 29.54 -5.79 34.00
C ARG A 156 30.44 -6.98 33.66
N GLY A 157 31.26 -6.86 32.62
CA GLY A 157 32.17 -7.94 32.29
C GLY A 157 33.22 -8.17 33.34
N MET A 158 33.61 -7.10 34.04
CA MET A 158 34.57 -7.24 35.12
C MET A 158 33.95 -7.89 36.33
N LYS A 159 32.67 -7.60 36.61
CA LYS A 159 31.87 -8.36 37.56
C LYS A 159 31.89 -9.86 37.27
N ALA A 160 31.66 -10.22 36.02
CA ALA A 160 31.62 -11.64 35.65
C ALA A 160 32.99 -12.30 35.78
N ALA A 161 34.05 -11.60 35.35
CA ALA A 161 35.38 -12.17 35.47
C ALA A 161 35.84 -12.25 36.92
N ALA A 162 35.33 -11.36 37.77
CA ALA A 162 35.65 -11.43 39.19
C ALA A 162 34.92 -12.59 39.86
N LYS A 163 33.70 -12.89 39.42
CA LYS A 163 33.03 -14.08 39.95
C LYS A 163 33.64 -15.36 39.39
N GLU A 164 34.26 -15.28 38.21
CA GLU A 164 34.99 -16.44 37.71
C GLU A 164 36.25 -16.69 38.54
N ALA A 165 37.09 -15.68 38.68
CA ALA A 165 38.38 -15.90 39.33
C ALA A 165 38.28 -16.06 40.83
N PHE A 166 37.19 -15.58 41.45
CA PHE A 166 37.11 -15.58 42.90
C PHE A 166 35.85 -16.22 43.45
N GLY A 167 34.70 -15.98 42.83
CA GLY A 167 33.41 -16.44 43.34
C GLY A 167 32.50 -15.31 43.78
N SER A 168 33.08 -14.23 44.28
CA SER A 168 32.32 -13.07 44.70
C SER A 168 32.41 -11.98 43.63
N ASP A 169 31.29 -11.32 43.37
CA ASP A 169 31.26 -10.21 42.43
C ASP A 169 31.20 -8.84 43.10
N SER A 170 30.90 -8.78 44.39
CA SER A 170 30.93 -7.52 45.12
C SER A 170 32.37 -7.06 45.27
N LEU A 171 32.73 -5.97 44.60
CA LEU A 171 34.12 -5.58 44.44
C LEU A 171 34.59 -4.61 45.52
N GLU A 172 33.88 -4.51 46.64
CA GLU A 172 34.39 -3.75 47.78
C GLU A 172 35.56 -4.52 48.37
N GLY A 173 36.76 -4.01 48.17
CA GLY A 173 37.93 -4.67 48.70
C GLY A 173 38.80 -5.26 47.60
N LYS A 174 38.79 -4.61 46.45
CA LYS A 174 39.55 -5.07 45.30
C LYS A 174 40.46 -3.93 44.84
N VAL A 175 41.45 -4.29 44.01
CA VAL A 175 42.42 -3.33 43.50
C VAL A 175 42.39 -3.42 41.97
N VAL A 176 42.08 -2.29 41.32
CA VAL A 176 41.92 -2.24 39.87
C VAL A 176 42.92 -1.23 39.33
N ALA A 177 43.81 -1.69 38.47
CA ALA A 177 44.76 -0.82 37.78
C ALA A 177 44.27 -0.53 36.37
N VAL A 178 44.22 0.75 36.02
CA VAL A 178 43.60 1.24 34.79
C VAL A 178 44.58 2.14 34.07
N GLN A 179 44.93 1.80 32.84
CA GLN A 179 45.76 2.69 32.04
C GLN A 179 44.93 3.41 30.98
N GLY A 180 45.16 4.72 30.85
CA GLY A 180 44.37 5.59 30.00
C GLY A 180 43.10 6.03 30.71
N VAL A 181 42.81 7.33 30.76
CA VAL A 181 41.59 7.78 31.43
C VAL A 181 40.80 8.56 30.37
N GLY A 182 40.85 8.09 29.13
CA GLY A 182 40.25 8.80 28.01
C GLY A 182 38.80 8.47 27.70
N ASN A 183 37.88 9.05 28.47
CA ASN A 183 36.44 9.10 28.24
C ASN A 183 35.69 7.77 28.38
N VAL A 184 36.40 6.65 28.41
CA VAL A 184 35.77 5.34 28.51
C VAL A 184 36.21 4.61 29.77
N ALA A 185 37.46 4.81 30.19
CA ALA A 185 37.85 4.33 31.48
C ALA A 185 37.49 5.32 32.56
N TYR A 186 37.07 6.52 32.18
CA TYR A 186 36.74 7.55 33.14
C TYR A 186 35.42 7.24 33.83
N HIS A 187 34.37 6.97 33.04
CA HIS A 187 33.11 6.49 33.60
C HIS A 187 33.27 5.13 34.26
N LEU A 188 34.20 4.32 33.75
CA LEU A 188 34.55 3.07 34.42
C LEU A 188 35.07 3.32 35.83
N CYS A 189 35.94 4.32 36.00
CA CYS A 189 36.45 4.63 37.33
C CYS A 189 35.38 5.24 38.22
N ARG A 190 34.44 6.01 37.63
CA ARG A 190 33.22 6.38 38.35
C ARG A 190 32.50 5.16 38.92
N HIS A 191 32.23 4.16 38.08
CA HIS A 191 31.51 2.97 38.54
C HIS A 191 32.29 2.20 39.59
N LEU A 192 33.61 2.13 39.42
CA LEU A 192 34.42 1.31 40.33
C LEU A 192 34.58 1.96 41.68
N HIS A 193 34.62 3.30 41.77
CA HIS A 193 34.66 3.85 43.12
C HIS A 193 33.27 3.99 43.72
N GLU A 194 32.22 4.15 42.90
CA GLU A 194 30.88 4.16 43.47
C GLU A 194 30.45 2.79 43.95
N GLU A 195 31.11 1.71 43.48
CA GLU A 195 30.98 0.45 44.20
C GLU A 195 31.84 0.44 45.46
N GLY A 196 32.97 1.13 45.44
CA GLY A 196 33.86 1.12 46.59
C GLY A 196 35.07 0.24 46.39
N ALA A 197 35.73 0.38 45.26
CA ALA A 197 36.94 -0.36 44.94
C ALA A 197 38.11 0.59 44.80
N LYS A 198 39.31 0.09 45.08
CA LYS A 198 40.50 0.92 45.05
C LYS A 198 41.08 0.97 43.65
N LEU A 199 41.50 2.16 43.24
CA LEU A 199 41.87 2.46 41.87
C LEU A 199 43.33 2.87 41.78
N ILE A 200 44.00 2.41 40.73
CA ILE A 200 45.38 2.79 40.43
C ILE A 200 45.38 3.17 38.96
N VAL A 201 45.41 4.46 38.68
CA VAL A 201 45.26 4.94 37.31
C VAL A 201 46.60 5.40 36.79
N THR A 202 46.72 5.42 35.47
CA THR A 202 47.83 6.08 34.80
C THR A 202 47.38 6.51 33.41
N ASP A 203 48.21 7.34 32.79
CA ASP A 203 47.91 7.99 31.52
C ASP A 203 49.22 8.62 31.03
N ILE A 204 49.28 8.87 29.72
CA ILE A 204 50.43 9.57 29.16
C ILE A 204 50.40 11.05 29.54
N ASN A 205 49.22 11.60 29.84
CA ASN A 205 49.13 12.95 30.34
C ASN A 205 49.19 12.94 31.87
N LYS A 206 49.14 14.13 32.46
CA LYS A 206 49.08 14.29 33.90
C LYS A 206 47.85 15.06 34.36
N GLU A 207 47.32 15.94 33.51
CA GLU A 207 46.12 16.69 33.84
C GLU A 207 44.92 15.76 34.01
N ALA A 208 44.81 14.74 33.15
CA ALA A 208 43.78 13.73 33.35
C ALA A 208 44.05 12.90 34.60
N VAL A 209 45.32 12.64 34.92
CA VAL A 209 45.65 11.94 36.16
C VAL A 209 45.32 12.81 37.36
N ALA A 210 45.53 14.13 37.24
CA ALA A 210 45.15 15.04 38.31
C ALA A 210 43.64 15.07 38.50
N ARG A 211 42.88 14.99 37.40
CA ARG A 211 41.43 14.90 37.49
C ARG A 211 41.00 13.61 38.17
N ALA A 212 41.70 12.51 37.87
CA ALA A 212 41.37 11.21 38.48
C ALA A 212 41.65 11.20 39.97
N VAL A 213 42.78 11.78 40.39
CA VAL A 213 43.13 11.81 41.80
C VAL A 213 42.22 12.76 42.57
N GLU A 214 41.85 13.88 41.93
CA GLU A 214 40.94 14.83 42.57
C GLU A 214 39.54 14.27 42.71
N GLU A 215 39.08 13.49 41.72
CA GLU A 215 37.74 12.91 41.80
C GLU A 215 37.70 11.75 42.80
N PHE A 216 38.49 10.71 42.57
CA PHE A 216 38.24 9.47 43.30
C PHE A 216 39.42 8.97 44.11
N GLY A 217 40.45 9.79 44.32
CA GLY A 217 41.54 9.43 45.20
C GLY A 217 42.40 8.30 44.68
N ALA A 218 42.56 8.22 43.36
CA ALA A 218 43.35 7.17 42.75
C ALA A 218 44.84 7.40 43.02
N LYS A 219 45.66 6.48 42.53
CA LYS A 219 47.09 6.48 42.83
C LYS A 219 47.86 6.74 41.54
N ALA A 220 48.54 7.88 41.48
CA ALA A 220 49.28 8.28 40.29
C ALA A 220 50.55 7.45 40.19
N VAL A 221 50.59 6.57 39.20
CA VAL A 221 51.73 5.69 38.96
C VAL A 221 52.21 5.95 37.54
N ASP A 222 53.52 5.81 37.32
CA ASP A 222 54.12 6.08 36.03
C ASP A 222 53.62 5.09 34.96
N PRO A 223 53.59 5.51 33.68
CA PRO A 223 52.94 4.66 32.67
C PRO A 223 53.72 3.42 32.27
N ASN A 224 55.04 3.43 32.38
CA ASN A 224 55.82 2.26 31.95
C ASN A 224 55.74 1.10 32.92
N ASP A 225 55.49 1.37 34.20
CA ASP A 225 55.41 0.32 35.20
C ASP A 225 54.00 0.19 35.78
N ILE A 226 52.98 0.41 34.94
CA ILE A 226 51.62 0.00 35.28
C ILE A 226 51.50 -1.52 35.18
N TYR A 227 52.40 -2.17 34.42
CA TYR A 227 52.29 -3.60 34.19
C TYR A 227 52.73 -4.39 35.42
N GLY A 228 53.70 -3.88 36.16
CA GLY A 228 54.24 -4.57 37.31
C GLY A 228 53.55 -4.28 38.63
N VAL A 229 52.44 -3.54 38.61
CA VAL A 229 51.75 -3.18 39.84
C VAL A 229 51.04 -4.41 40.39
N GLU A 230 51.29 -4.71 41.66
CA GLU A 230 50.60 -5.80 42.35
C GLU A 230 49.15 -5.40 42.55
N CYS A 231 48.25 -5.99 41.77
CA CYS A 231 46.84 -5.66 41.79
C CYS A 231 46.04 -6.94 41.56
N ASP A 232 44.73 -6.79 41.36
CA ASP A 232 43.87 -7.92 41.02
C ASP A 232 43.40 -7.86 39.57
N ILE A 233 42.75 -6.78 39.17
CA ILE A 233 42.08 -6.71 37.88
C ILE A 233 42.76 -5.62 37.06
N PHE A 234 43.50 -6.02 36.03
CA PHE A 234 44.17 -5.09 35.14
C PHE A 234 43.29 -4.78 33.94
N ALA A 235 43.00 -3.50 33.71
CA ALA A 235 42.01 -3.08 32.72
C ALA A 235 42.63 -2.17 31.66
N PRO A 236 43.22 -2.73 30.61
CA PRO A 236 43.84 -1.89 29.59
C PRO A 236 42.81 -1.19 28.71
N CYS A 237 42.98 0.12 28.54
CA CYS A 237 42.01 0.92 27.81
C CYS A 237 42.68 1.91 26.87
N ALA A 238 43.89 1.60 26.39
CA ALA A 238 44.64 2.55 25.58
C ALA A 238 44.84 2.10 24.15
N LEU A 239 45.48 0.96 23.91
CA LEU A 239 45.83 0.55 22.55
C LEU A 239 45.73 -0.96 22.46
N GLY A 240 46.23 -1.49 21.34
CA GLY A 240 46.34 -2.91 21.13
C GLY A 240 47.80 -3.36 21.17
N GLY A 241 47.98 -4.67 21.20
CA GLY A 241 49.31 -5.21 21.32
C GLY A 241 49.94 -5.02 22.67
N ILE A 242 49.14 -4.76 23.69
CA ILE A 242 49.65 -4.57 25.04
C ILE A 242 50.18 -5.88 25.60
N ILE A 243 49.41 -6.96 25.47
CA ILE A 243 49.89 -8.26 25.88
C ILE A 243 50.81 -8.79 24.78
N ASN A 244 52.09 -8.53 24.91
CA ASN A 244 53.11 -9.06 24.02
C ASN A 244 54.10 -9.86 24.83
N ASP A 245 55.10 -10.43 24.16
CA ASP A 245 56.08 -11.28 24.83
C ASP A 245 56.95 -10.47 25.78
N GLN A 246 57.12 -9.18 25.49
CA GLN A 246 57.93 -8.31 26.32
C GLN A 246 57.26 -7.97 27.65
N THR A 247 55.97 -8.23 27.82
CA THR A 247 55.26 -7.80 29.03
C THR A 247 54.53 -8.90 29.79
N ILE A 248 54.49 -10.13 29.28
CA ILE A 248 53.77 -11.21 29.97
C ILE A 248 54.33 -11.55 31.35
N PRO A 249 55.64 -11.70 31.57
CA PRO A 249 56.09 -11.92 32.96
C PRO A 249 56.00 -10.68 33.84
N GLN A 250 55.71 -9.50 33.28
CA GLN A 250 55.59 -8.31 34.12
C GLN A 250 54.31 -8.29 34.93
N LEU A 251 53.29 -9.07 34.54
CA LEU A 251 52.01 -8.99 35.21
C LEU A 251 52.02 -9.68 36.57
N LYS A 252 51.32 -9.04 37.51
CA LYS A 252 51.01 -9.62 38.81
C LYS A 252 49.51 -9.69 39.05
N ALA A 253 48.72 -9.62 37.98
CA ALA A 253 47.26 -9.67 38.06
C ALA A 253 46.75 -10.92 37.38
N LYS A 254 45.56 -11.34 37.79
CA LYS A 254 44.97 -12.56 37.28
C LYS A 254 43.69 -12.34 36.50
N VAL A 255 43.20 -11.11 36.39
CA VAL A 255 41.98 -10.79 35.66
C VAL A 255 42.30 -9.65 34.71
N ILE A 256 42.26 -9.92 33.41
CA ILE A 256 42.45 -8.89 32.39
C ILE A 256 41.10 -8.62 31.76
N ALA A 257 40.57 -7.42 31.99
CA ALA A 257 39.25 -7.08 31.45
C ALA A 257 39.21 -5.58 31.17
N GLY A 258 39.52 -5.21 29.92
CA GLY A 258 39.54 -3.81 29.53
C GLY A 258 38.87 -3.62 28.18
N SER A 259 38.66 -2.34 27.84
CA SER A 259 37.89 -1.97 26.67
C SER A 259 38.73 -1.80 25.42
N ALA A 260 39.99 -2.18 25.46
CA ALA A 260 40.88 -1.95 24.33
C ALA A 260 40.66 -2.99 23.25
N ASN A 261 40.78 -2.57 22.00
CA ASN A 261 40.66 -3.47 20.86
C ASN A 261 42.00 -4.14 20.56
N ASN A 262 41.92 -5.41 20.16
CA ASN A 262 43.06 -6.22 19.71
C ASN A 262 44.14 -6.34 20.79
N GLN A 263 43.76 -6.93 21.92
CA GLN A 263 44.63 -6.93 23.08
C GLN A 263 45.78 -7.90 22.94
N LEU A 264 45.52 -9.11 22.47
CA LEU A 264 46.60 -10.07 22.28
C LEU A 264 47.33 -9.73 20.99
N LYS A 265 48.66 -9.73 21.03
CA LYS A 265 49.44 -9.48 19.83
C LYS A 265 49.42 -10.70 18.90
N GLU A 266 49.68 -11.87 19.45
CA GLU A 266 49.57 -13.13 18.73
C GLU A 266 48.80 -14.12 19.57
N PRO A 267 48.11 -15.09 18.96
CA PRO A 267 47.36 -16.07 19.77
C PRO A 267 48.22 -16.99 20.63
N ARG A 268 49.52 -17.09 20.35
CA ARG A 268 50.41 -17.81 21.24
CA ARG A 268 50.39 -17.83 21.25
C ARG A 268 50.48 -17.17 22.62
N HIS A 269 50.32 -15.84 22.68
CA HIS A 269 50.26 -15.14 23.95
C HIS A 269 49.02 -15.55 24.73
N GLY A 270 47.90 -15.73 24.03
CA GLY A 270 46.70 -16.22 24.69
C GLY A 270 46.84 -17.64 25.18
N ASP A 271 47.56 -18.47 24.42
CA ASP A 271 47.90 -19.81 24.88
C ASP A 271 48.73 -19.76 26.16
N MET A 272 49.70 -18.85 26.23
CA MET A 272 50.55 -18.77 27.41
C MET A 272 49.80 -18.20 28.62
N ILE A 273 48.88 -17.25 28.39
CA ILE A 273 48.04 -16.75 29.47
C ILE A 273 47.15 -17.86 30.03
N HIS A 274 46.58 -18.69 29.15
CA HIS A 274 45.77 -19.80 29.64
C HIS A 274 46.61 -20.86 30.33
N GLU A 275 47.88 -21.02 29.93
CA GLU A 275 48.73 -21.96 30.65
C GLU A 275 49.15 -21.43 32.02
N MET A 276 49.27 -20.11 32.18
CA MET A 276 49.61 -19.58 33.50
C MET A 276 48.41 -19.61 34.44
N GLY A 277 47.31 -18.98 34.05
CA GLY A 277 46.12 -18.99 34.87
C GLY A 277 45.46 -17.63 35.02
N ILE A 278 45.92 -16.66 34.24
CA ILE A 278 45.31 -15.34 34.25
C ILE A 278 43.96 -15.42 33.54
N VAL A 279 42.90 -15.06 34.25
CA VAL A 279 41.55 -15.16 33.70
C VAL A 279 41.35 -14.04 32.69
N TYR A 280 41.54 -14.35 31.42
CA TYR A 280 41.41 -13.38 30.34
C TYR A 280 40.02 -13.48 29.73
N ALA A 281 39.17 -12.57 30.12
CA ALA A 281 37.94 -12.45 29.35
C ALA A 281 38.26 -11.76 28.03
N PRO A 282 37.66 -12.21 26.93
CA PRO A 282 38.15 -11.81 25.60
C PRO A 282 37.82 -10.36 25.30
N ASP A 283 38.50 -9.82 24.30
CA ASP A 283 38.45 -8.39 24.08
C ASP A 283 37.12 -7.95 23.49
N TYR A 284 36.62 -8.64 22.47
CA TYR A 284 35.42 -8.17 21.80
C TYR A 284 34.13 -8.62 22.46
N VAL A 285 34.17 -9.24 23.63
CA VAL A 285 32.93 -9.59 24.30
C VAL A 285 32.66 -8.54 25.36
N ILE A 286 33.72 -8.05 25.99
CA ILE A 286 33.55 -7.05 27.04
C ILE A 286 33.20 -5.70 26.44
N ASN A 287 34.01 -5.21 25.51
CA ASN A 287 33.84 -3.84 25.04
C ASN A 287 32.76 -3.67 23.98
N ALA A 288 31.80 -4.58 23.90
CA ALA A 288 30.76 -4.54 22.88
C ALA A 288 29.58 -3.68 23.27
N GLY A 289 29.72 -2.83 24.29
CA GLY A 289 28.59 -2.03 24.71
C GLY A 289 28.26 -0.91 23.75
N GLY A 290 29.26 -0.36 23.08
CA GLY A 290 28.99 0.75 22.19
C GLY A 290 28.26 0.32 20.94
N VAL A 291 28.54 -0.89 20.46
CA VAL A 291 27.84 -1.42 19.30
C VAL A 291 26.40 -1.75 19.64
N ILE A 292 26.16 -2.25 20.85
CA ILE A 292 24.79 -2.44 21.34
C ILE A 292 24.06 -1.11 21.43
N ASN A 293 24.75 -0.07 21.89
CA ASN A 293 24.12 1.25 21.99
C ASN A 293 23.73 1.78 20.63
N VAL A 294 24.63 1.70 19.65
CA VAL A 294 24.29 2.22 18.33
C VAL A 294 23.40 1.28 17.52
N ALA A 295 23.23 0.04 17.95
CA ALA A 295 22.28 -0.84 17.30
C ALA A 295 20.90 -0.82 17.94
N ASP A 296 20.77 -0.25 19.13
CA ASP A 296 19.44 -0.09 19.69
C ASP A 296 18.73 1.12 19.11
N GLU A 297 19.42 1.96 18.34
CA GLU A 297 18.79 3.08 17.65
C GLU A 297 17.84 2.60 16.55
N LEU A 298 18.07 1.40 16.02
CA LEU A 298 17.28 0.86 14.92
C LEU A 298 15.84 0.55 15.33
N TYR A 299 15.53 0.56 16.60
CA TYR A 299 14.17 0.42 17.11
C TYR A 299 13.47 1.76 17.29
N GLY A 300 14.20 2.86 17.17
CA GLY A 300 13.79 4.10 17.79
C GLY A 300 14.46 4.11 19.13
N TYR A 301 15.34 5.09 19.39
CA TYR A 301 16.27 4.97 20.49
C TYR A 301 15.58 5.20 21.83
N ASN A 302 15.84 4.29 22.77
CA ASN A 302 15.34 4.40 24.12
C ASN A 302 16.48 4.00 25.05
N ARG A 303 16.73 4.81 26.07
CA ARG A 303 17.92 4.63 26.89
C ARG A 303 17.78 3.42 27.80
N GLU A 304 16.57 3.19 28.34
CA GLU A 304 16.38 2.13 29.34
C GLU A 304 16.47 0.74 28.72
N ARG A 305 15.89 0.56 27.52
CA ARG A 305 16.00 -0.70 26.80
C ARG A 305 17.46 -1.02 26.43
N ALA A 306 18.20 0.00 25.98
CA ALA A 306 19.59 -0.22 25.60
C ALA A 306 20.46 -0.53 26.79
N MET A 307 20.24 0.12 27.93
CA MET A 307 21.03 -0.21 29.12
C MET A 307 20.67 -1.59 29.66
N LYS A 308 19.39 -1.98 29.56
CA LYS A 308 19.00 -3.33 29.93
C LYS A 308 19.64 -4.38 29.02
N LYS A 309 19.91 -4.03 27.77
CA LYS A 309 20.59 -4.98 26.90
C LYS A 309 22.10 -5.02 27.16
N ILE A 310 22.71 -3.88 27.51
CA ILE A 310 24.13 -3.82 27.86
C ILE A 310 24.41 -4.55 29.17
N GLU A 311 23.40 -4.68 30.03
CA GLU A 311 23.54 -5.43 31.27
C GLU A 311 23.86 -6.91 31.06
N GLN A 312 23.57 -7.49 29.89
CA GLN A 312 23.76 -8.92 29.66
C GLN A 312 25.20 -9.32 29.36
N ILE A 313 26.17 -8.42 29.45
CA ILE A 313 27.55 -8.80 29.16
C ILE A 313 28.11 -9.69 30.27
N TYR A 314 27.53 -9.58 31.47
CA TYR A 314 27.75 -10.54 32.54
C TYR A 314 27.45 -11.98 32.09
N ASP A 315 26.29 -12.18 31.46
CA ASP A 315 25.92 -13.51 31.00
C ASP A 315 26.74 -13.95 29.79
N ASN A 316 27.14 -12.99 28.95
CA ASN A 316 27.98 -13.34 27.79
C ASN A 316 29.34 -13.86 28.24
N ILE A 317 29.98 -13.15 29.18
CA ILE A 317 31.26 -13.60 29.73
C ILE A 317 31.10 -14.93 30.47
N GLU A 318 29.96 -15.12 31.15
CA GLU A 318 29.77 -16.36 31.88
C GLU A 318 29.62 -17.56 30.94
N LYS A 319 28.93 -17.37 29.80
CA LYS A 319 28.89 -18.45 28.81
C LYS A 319 30.24 -18.68 28.13
N VAL A 320 31.05 -17.64 27.94
CA VAL A 320 32.40 -17.84 27.37
C VAL A 320 33.24 -18.70 28.30
N PHE A 321 33.16 -18.44 29.60
CA PHE A 321 33.92 -19.25 30.54
C PHE A 321 33.35 -20.65 30.70
N ALA A 322 32.03 -20.81 30.55
CA ALA A 322 31.44 -22.14 30.58
C ALA A 322 31.89 -22.98 29.38
N ILE A 323 31.93 -22.39 28.19
CA ILE A 323 32.41 -23.11 27.02
C ILE A 323 33.91 -23.38 27.13
N ALA A 324 34.67 -22.46 27.73
CA ALA A 324 36.11 -22.67 27.86
C ALA A 324 36.42 -23.78 28.84
N LYS A 325 35.61 -23.93 29.88
CA LYS A 325 35.82 -25.06 30.79
C LYS A 325 35.21 -26.36 30.27
N ARG A 326 34.21 -26.29 29.40
CA ARG A 326 33.65 -27.50 28.79
C ARG A 326 34.56 -28.07 27.72
N ASP A 327 35.22 -27.21 26.94
CA ASP A 327 35.88 -27.63 25.72
C ASP A 327 37.40 -27.71 25.89
N ASN A 328 37.93 -27.30 27.05
CA ASN A 328 39.35 -27.39 27.42
C ASN A 328 40.25 -26.63 26.43
N ILE A 329 39.77 -25.47 26.02
CA ILE A 329 40.44 -24.60 25.05
C ILE A 329 40.70 -23.28 25.77
N PRO A 330 41.49 -22.35 25.23
CA PRO A 330 41.57 -21.02 25.82
C PRO A 330 40.28 -20.24 25.66
N THR A 331 40.27 -19.04 26.25
CA THR A 331 39.05 -18.25 26.22
C THR A 331 38.92 -17.44 24.94
N TYR A 332 40.03 -17.07 24.29
CA TYR A 332 39.91 -16.34 23.05
C TYR A 332 39.44 -17.25 21.92
N VAL A 333 39.60 -18.56 22.07
CA VAL A 333 39.02 -19.53 21.17
C VAL A 333 37.56 -19.78 21.56
N ALA A 334 37.27 -19.71 22.86
CA ALA A 334 35.92 -19.90 23.35
C ALA A 334 34.98 -18.80 22.87
N ALA A 335 35.49 -17.59 22.65
CA ALA A 335 34.64 -16.51 22.16
C ALA A 335 34.20 -16.78 20.72
N ASP A 336 35.13 -17.20 19.87
CA ASP A 336 34.80 -17.54 18.49
C ASP A 336 33.84 -18.72 18.42
N ARG A 337 34.03 -19.71 19.30
CA ARG A 337 33.13 -20.87 19.21
C ARG A 337 31.75 -20.58 19.77
N MET A 338 31.65 -19.71 20.78
CA MET A 338 30.34 -19.20 21.20
C MET A 338 29.62 -18.51 20.06
N ALA A 339 30.33 -17.66 19.32
CA ALA A 339 29.69 -16.91 18.25
C ALA A 339 29.26 -17.82 17.10
N GLU A 340 30.09 -18.80 16.74
CA GLU A 340 29.74 -19.70 15.64
C GLU A 340 28.61 -20.65 16.03
N GLU A 341 28.56 -21.06 17.30
CA GLU A 341 27.41 -21.85 17.75
C GLU A 341 26.13 -21.03 17.72
N ARG A 342 26.20 -19.74 18.02
CA ARG A 342 25.00 -18.92 17.93
C ARG A 342 24.56 -18.75 16.49
N ILE A 343 25.51 -18.59 15.58
CA ILE A 343 25.20 -18.44 14.15
C ILE A 343 24.56 -19.70 13.59
N GLU A 344 25.13 -20.86 13.89
CA GLU A 344 24.58 -22.11 13.34
C GLU A 344 23.24 -22.46 13.96
N THR A 345 23.09 -22.21 15.26
CA THR A 345 21.83 -22.52 15.93
C THR A 345 20.72 -21.59 15.46
N MET A 346 21.02 -20.33 15.17
CA MET A 346 19.96 -19.50 14.63
C MET A 346 19.76 -19.71 13.14
N ARG A 347 20.70 -20.35 12.45
CA ARG A 347 20.38 -20.80 11.10
C ARG A 347 19.38 -21.93 11.15
N LYS A 348 19.55 -22.87 12.08
CA LYS A 348 18.69 -24.05 12.10
C LYS A 348 17.38 -23.86 12.85
N ALA A 349 17.28 -22.91 13.76
CA ALA A 349 16.07 -22.77 14.58
C ALA A 349 15.10 -21.75 14.03
N ARG A 350 15.49 -21.00 13.01
CA ARG A 350 14.62 -20.05 12.33
C ARG A 350 14.34 -20.48 10.91
N SER A 351 14.08 -21.76 10.71
CA SER A 351 13.95 -22.30 9.37
C SER A 351 12.52 -22.50 8.92
N GLN A 352 11.54 -22.46 9.83
CA GLN A 352 10.17 -22.66 9.39
C GLN A 352 9.64 -21.44 8.66
N PHE A 353 8.86 -21.72 7.63
CA PHE A 353 8.42 -20.73 6.66
C PHE A 353 7.44 -19.74 7.28
N LEU A 354 7.66 -18.46 7.02
CA LEU A 354 6.67 -17.42 7.26
C LEU A 354 6.73 -16.51 6.06
N GLN A 355 5.60 -16.00 5.62
CA GLN A 355 5.63 -15.08 4.52
C GLN A 355 5.65 -13.64 4.97
N ASN A 356 5.65 -13.41 6.26
CA ASN A 356 5.61 -12.09 6.86
C ASN A 356 6.50 -12.01 8.09
N GLY A 357 7.76 -12.45 7.95
CA GLY A 357 8.66 -12.46 9.08
C GLY A 357 9.17 -11.08 9.43
N HIS A 358 9.66 -10.95 10.66
CA HIS A 358 10.29 -9.73 11.13
C HIS A 358 11.80 -9.87 11.13
N HIS A 359 12.48 -8.88 10.60
CA HIS A 359 13.90 -8.67 10.75
C HIS A 359 14.10 -7.36 11.51
N ILE A 360 15.36 -6.91 11.56
CA ILE A 360 15.69 -5.76 12.40
C ILE A 360 15.27 -4.46 11.74
N LEU A 361 14.93 -4.47 10.46
CA LEU A 361 14.55 -3.29 9.71
C LEU A 361 13.07 -3.27 9.40
N SER A 362 12.28 -4.01 10.14
CA SER A 362 10.91 -4.22 9.73
C SER A 362 10.03 -3.09 10.23
N ARG A 363 8.95 -2.85 9.50
CA ARG A 363 7.91 -1.93 9.93
C ARG A 363 7.01 -2.66 10.90
N ARG A 364 6.65 -2.00 11.99
CA ARG A 364 5.80 -2.65 12.96
C ARG A 364 4.97 -1.65 13.75
N ARG A 365 4.22 -2.18 14.70
CA ARG A 365 3.32 -1.36 15.49
CA ARG A 365 3.32 -1.37 15.51
C ARG A 365 4.08 -0.42 16.40
N ALA A 366 3.51 0.77 16.61
CA ALA A 366 4.17 1.79 17.42
C ALA A 366 4.21 1.37 18.88
N ARG A 367 3.06 0.99 19.43
CA ARG A 367 2.90 0.47 20.79
C ARG A 367 3.43 1.40 21.87
N MET B 1 46.55 -5.14 -9.41
CA MET B 1 46.07 -4.62 -10.68
C MET B 1 45.93 -3.11 -10.58
N GLU B 2 45.90 -2.63 -9.34
CA GLU B 2 45.47 -1.27 -8.99
C GLU B 2 44.10 -1.02 -9.61
N LEU B 3 43.13 -1.76 -9.09
CA LEU B 3 41.84 -1.90 -9.74
C LEU B 3 41.05 -0.59 -9.73
N PHE B 4 41.29 0.27 -8.74
CA PHE B 4 40.64 1.58 -8.82
C PHE B 4 41.25 2.50 -9.84
N GLN B 5 42.50 2.26 -10.27
CA GLN B 5 43.00 3.05 -11.40
C GLN B 5 42.27 2.69 -12.68
N TYR B 6 42.06 1.41 -12.93
CA TYR B 6 41.32 1.00 -14.11
C TYR B 6 39.88 1.42 -14.02
N MET B 7 39.30 1.45 -12.82
CA MET B 7 37.94 1.95 -12.70
C MET B 7 37.86 3.45 -12.90
N GLU B 8 38.87 4.19 -12.43
CA GLU B 8 38.78 5.64 -12.49
C GLU B 8 39.05 6.16 -13.90
N LYS B 9 39.87 5.45 -14.68
CA LYS B 9 40.12 5.90 -16.05
C LYS B 9 38.92 5.80 -16.98
N TYR B 10 37.92 5.00 -16.64
CA TYR B 10 36.76 4.82 -17.50
C TYR B 10 35.44 5.05 -16.80
N ASP B 11 35.45 5.45 -15.52
CA ASP B 11 34.27 5.76 -14.71
C ASP B 11 33.36 4.53 -14.57
N TYR B 12 33.92 3.46 -14.01
CA TYR B 12 33.10 2.32 -13.61
C TYR B 12 32.43 2.62 -12.29
N GLU B 13 31.13 2.33 -12.18
CA GLU B 13 30.49 2.49 -10.88
C GLU B 13 30.95 1.41 -9.93
N GLN B 14 30.65 0.15 -10.23
CA GLN B 14 30.92 -0.91 -9.28
C GLN B 14 31.52 -2.12 -9.95
N VAL B 15 32.35 -2.81 -9.19
CA VAL B 15 32.73 -4.20 -9.41
C VAL B 15 32.32 -4.93 -8.15
N LEU B 16 31.87 -6.17 -8.24
CA LEU B 16 31.22 -6.78 -7.10
C LEU B 16 31.47 -8.27 -7.10
N PHE B 17 32.18 -8.76 -6.10
CA PHE B 17 32.67 -10.13 -6.06
C PHE B 17 31.75 -10.95 -5.18
N CYS B 18 30.93 -11.78 -5.77
CA CYS B 18 30.07 -12.67 -5.01
C CYS B 18 30.77 -14.00 -4.84
N GLN B 19 30.37 -14.71 -3.79
CA GLN B 19 30.99 -15.99 -3.44
C GLN B 19 29.97 -16.76 -2.62
N ASP B 20 29.94 -18.07 -2.80
CA ASP B 20 29.16 -18.94 -1.94
C ASP B 20 29.85 -20.29 -1.88
N LYS B 21 30.07 -20.79 -0.67
CA LYS B 21 30.96 -21.90 -0.43
C LYS B 21 30.26 -23.25 -0.56
N GLU B 22 29.05 -23.38 -0.03
CA GLU B 22 28.35 -24.67 -0.08
C GLU B 22 27.81 -24.98 -1.47
N SER B 23 27.78 -24.01 -2.37
CA SER B 23 27.35 -24.22 -3.73
C SER B 23 28.46 -24.07 -4.74
N GLY B 24 29.57 -23.43 -4.38
CA GLY B 24 30.71 -23.35 -5.26
C GLY B 24 30.66 -22.20 -6.23
N LEU B 25 30.00 -21.11 -5.87
CA LEU B 25 29.83 -19.97 -6.77
C LEU B 25 30.93 -18.96 -6.53
N LYS B 26 31.54 -18.49 -7.61
CA LYS B 26 32.49 -17.39 -7.60
C LYS B 26 32.07 -16.49 -8.76
N ALA B 27 31.45 -15.35 -8.49
CA ALA B 27 30.94 -14.53 -9.59
C ALA B 27 31.45 -13.11 -9.49
N ILE B 28 31.59 -12.45 -10.63
CA ILE B 28 32.07 -11.08 -10.73
C ILE B 28 31.03 -10.32 -11.50
N ILE B 29 30.30 -9.43 -10.84
CA ILE B 29 29.32 -8.60 -11.51
C ILE B 29 29.93 -7.23 -11.67
N VAL B 30 29.92 -6.70 -12.88
CA VAL B 30 30.49 -5.39 -13.12
C VAL B 30 29.42 -4.49 -13.69
N ILE B 31 29.19 -3.37 -13.02
CA ILE B 31 28.22 -2.37 -13.42
C ILE B 31 29.01 -1.13 -13.82
N HIS B 32 28.95 -0.77 -15.09
CA HIS B 32 29.72 0.36 -15.60
C HIS B 32 29.00 1.68 -15.40
N ASP B 33 27.84 1.80 -16.00
CA ASP B 33 27.09 3.04 -15.96
C ASP B 33 25.62 2.67 -15.81
N THR B 34 24.94 3.36 -14.92
CA THR B 34 23.50 3.25 -14.75
C THR B 34 22.86 4.61 -14.81
N THR B 35 23.24 5.40 -15.81
CA THR B 35 22.65 6.72 -15.97
C THR B 35 21.30 6.64 -16.65
N LEU B 36 21.23 5.92 -17.78
CA LEU B 36 19.98 5.89 -18.56
C LEU B 36 18.92 5.05 -17.88
N GLY B 37 19.31 3.93 -17.31
CA GLY B 37 18.40 3.06 -16.61
C GLY B 37 19.15 2.04 -15.81
N PRO B 38 18.53 0.90 -15.53
CA PRO B 38 19.24 -0.20 -14.91
C PRO B 38 20.28 -0.80 -15.85
N ALA B 39 21.22 -1.53 -15.27
CA ALA B 39 22.29 -2.11 -16.07
C ALA B 39 21.87 -3.48 -16.54
N LEU B 40 21.49 -3.59 -17.80
CA LEU B 40 21.25 -4.90 -18.37
C LEU B 40 22.54 -5.52 -18.85
N GLY B 41 22.73 -6.78 -18.53
CA GLY B 41 23.89 -7.49 -19.04
C GLY B 41 23.75 -8.99 -19.05
N GLY B 42 24.53 -9.65 -19.88
CA GLY B 42 24.51 -11.09 -19.92
C GLY B 42 25.24 -11.70 -18.75
N THR B 43 24.90 -12.92 -18.44
CA THR B 43 25.58 -13.73 -17.43
C THR B 43 26.35 -14.80 -18.15
N ARG B 44 27.66 -14.71 -18.14
CA ARG B 44 28.51 -15.58 -18.92
CA ARG B 44 28.51 -15.58 -18.92
C ARG B 44 29.27 -16.51 -17.98
N MET B 45 29.20 -17.80 -18.25
CA MET B 45 29.89 -18.80 -17.43
C MET B 45 31.00 -19.41 -18.27
N TRP B 46 32.21 -19.37 -17.75
CA TRP B 46 33.39 -19.76 -18.52
C TRP B 46 34.49 -20.03 -17.53
N MET B 47 35.50 -20.78 -17.95
CA MET B 47 36.62 -21.10 -17.10
C MET B 47 37.79 -20.20 -17.46
N TYR B 48 38.23 -19.40 -16.50
CA TYR B 48 39.39 -18.55 -16.70
C TYR B 48 40.53 -19.06 -15.83
N ASN B 49 41.77 -18.81 -16.27
CA ASN B 49 42.93 -19.37 -15.59
C ASN B 49 43.16 -18.75 -14.23
N SER B 50 42.74 -17.50 -14.03
CA SER B 50 42.93 -16.83 -12.76
C SER B 50 41.72 -15.94 -12.51
N GLU B 51 41.82 -15.08 -11.51
CA GLU B 51 40.80 -14.07 -11.30
C GLU B 51 40.99 -12.88 -12.23
N GLU B 52 42.24 -12.55 -12.54
CA GLU B 52 42.54 -11.35 -13.30
C GLU B 52 42.06 -11.45 -14.73
N GLU B 53 42.11 -12.64 -15.32
CA GLU B 53 41.53 -12.90 -16.64
C GLU B 53 40.05 -12.57 -16.65
N ALA B 54 39.31 -13.14 -15.69
CA ALA B 54 37.87 -12.91 -15.60
C ALA B 54 37.55 -11.46 -15.29
N LEU B 55 38.39 -10.81 -14.50
CA LEU B 55 38.14 -9.43 -14.14
C LEU B 55 38.30 -8.51 -15.34
N GLU B 56 39.39 -8.69 -16.09
CA GLU B 56 39.59 -7.87 -17.29
C GLU B 56 38.51 -8.14 -18.33
N ASP B 57 38.04 -9.38 -18.41
CA ASP B 57 37.00 -9.70 -19.38
C ASP B 57 35.67 -9.08 -18.99
N ALA B 58 35.33 -9.11 -17.70
CA ALA B 58 34.09 -8.50 -17.23
C ALA B 58 34.11 -6.99 -17.41
N LEU B 59 35.26 -6.35 -17.21
CA LEU B 59 35.34 -4.91 -17.36
C LEU B 59 35.19 -4.48 -18.82
N ARG B 60 35.83 -5.19 -19.75
CA ARG B 60 35.67 -4.86 -21.17
C ARG B 60 34.23 -5.06 -21.63
N LEU B 61 33.59 -6.15 -21.20
CA LEU B 61 32.23 -6.38 -21.64
C LEU B 61 31.23 -5.42 -21.01
N ALA B 62 31.52 -4.91 -19.81
CA ALA B 62 30.66 -3.90 -19.21
C ALA B 62 30.69 -2.60 -20.00
N ARG B 63 31.88 -2.15 -20.40
CA ARG B 63 31.95 -0.96 -21.23
CA ARG B 63 31.97 -0.95 -21.24
C ARG B 63 31.27 -1.17 -22.58
N GLY B 64 31.48 -2.34 -23.18
CA GLY B 64 30.86 -2.63 -24.47
C GLY B 64 29.34 -2.65 -24.40
N MET B 65 28.78 -3.20 -23.31
CA MET B 65 27.32 -3.19 -23.18
C MET B 65 26.77 -1.81 -22.90
N THR B 66 27.54 -0.94 -22.25
CA THR B 66 27.04 0.43 -22.05
C THR B 66 26.89 1.15 -23.37
N TYR B 67 27.91 1.05 -24.23
CA TYR B 67 27.78 1.73 -25.53
C TYR B 67 26.77 1.07 -26.44
N LYS B 68 26.59 -0.25 -26.34
CA LYS B 68 25.54 -0.90 -27.11
C LYS B 68 24.16 -0.47 -26.68
N ASN B 69 23.85 -0.54 -25.38
CA ASN B 69 22.52 -0.16 -24.92
C ASN B 69 22.24 1.31 -25.12
N ALA B 70 23.26 2.16 -25.06
CA ALA B 70 23.04 3.58 -25.32
C ALA B 70 22.77 3.85 -26.79
N ALA B 71 23.61 3.33 -27.68
CA ALA B 71 23.45 3.62 -29.10
C ALA B 71 22.31 2.86 -29.75
N ALA B 72 21.61 2.01 -29.03
CA ALA B 72 20.45 1.30 -29.56
C ALA B 72 19.15 2.01 -29.27
N GLY B 73 19.17 2.99 -28.38
CA GLY B 73 17.96 3.67 -28.00
C GLY B 73 17.25 3.12 -26.79
N LEU B 74 17.92 2.32 -25.98
CA LEU B 74 17.28 1.70 -24.83
C LEU B 74 17.53 2.49 -23.57
N ASN B 75 16.61 2.40 -22.62
CA ASN B 75 16.75 3.08 -21.33
C ASN B 75 17.35 2.12 -20.32
N LEU B 76 18.58 1.72 -20.62
CA LEU B 76 19.25 0.66 -19.90
C LEU B 76 20.73 0.97 -19.87
N GLY B 77 21.39 0.55 -18.82
CA GLY B 77 22.81 0.78 -18.66
C GLY B 77 23.62 -0.39 -19.14
N GLY B 78 24.87 -0.42 -18.72
CA GLY B 78 25.70 -1.52 -19.11
C GLY B 78 26.39 -2.23 -17.98
N GLY B 79 26.25 -3.54 -17.93
CA GLY B 79 26.97 -4.31 -16.96
C GLY B 79 27.24 -5.67 -17.53
N LYS B 80 27.80 -6.58 -16.75
CA LYS B 80 28.16 -7.91 -17.22
C LYS B 80 28.56 -8.76 -16.04
N THR B 81 28.10 -10.01 -16.03
CA THR B 81 28.45 -10.96 -15.00
C THR B 81 29.37 -12.00 -15.61
N VAL B 82 30.39 -12.41 -14.87
CA VAL B 82 31.21 -13.55 -15.21
C VAL B 82 31.14 -14.54 -14.05
N ILE B 83 30.68 -15.75 -14.32
CA ILE B 83 30.74 -16.82 -13.33
C ILE B 83 31.94 -17.68 -13.65
N ILE B 84 32.82 -17.88 -12.67
CA ILE B 84 34.06 -18.62 -12.87
C ILE B 84 33.78 -20.08 -12.54
N GLY B 85 33.63 -20.89 -13.58
CA GLY B 85 33.37 -22.30 -13.40
C GLY B 85 33.46 -22.98 -14.73
N ASP B 86 32.97 -24.21 -14.78
CA ASP B 86 32.96 -24.96 -16.02
C ASP B 86 31.52 -25.35 -16.30
N PRO B 87 30.92 -24.86 -17.37
CA PRO B 87 29.51 -25.17 -17.63
C PRO B 87 29.25 -26.59 -18.06
N ARG B 88 30.28 -27.39 -18.33
CA ARG B 88 30.04 -28.79 -18.66
C ARG B 88 29.82 -29.63 -17.41
N LYS B 89 30.42 -29.25 -16.28
CA LYS B 89 30.43 -30.11 -15.12
C LYS B 89 30.27 -29.41 -13.79
N ASP B 90 30.14 -28.10 -13.74
CA ASP B 90 30.12 -27.37 -12.47
C ASP B 90 28.88 -26.50 -12.38
N LYS B 91 27.73 -27.04 -12.72
CA LYS B 91 26.46 -26.40 -12.50
C LYS B 91 25.59 -27.26 -11.61
N ASN B 92 24.77 -26.58 -10.81
CA ASN B 92 23.67 -27.22 -10.11
C ASN B 92 22.61 -26.16 -9.85
N GLU B 93 21.67 -26.48 -8.98
CA GLU B 93 20.65 -25.52 -8.62
C GLU B 93 21.18 -24.53 -7.61
N ALA B 94 22.07 -24.98 -6.73
CA ALA B 94 22.37 -24.22 -5.52
C ALA B 94 23.16 -22.96 -5.84
N MET B 95 24.03 -23.01 -6.84
CA MET B 95 24.74 -21.80 -7.21
C MET B 95 23.85 -20.80 -7.90
N PHE B 96 22.85 -21.24 -8.65
CA PHE B 96 21.97 -20.23 -9.24
C PHE B 96 20.93 -19.71 -8.26
N ARG B 97 20.58 -20.47 -7.23
CA ARG B 97 19.74 -19.88 -6.20
C ARG B 97 20.52 -18.87 -5.37
N ALA B 98 21.77 -19.19 -5.05
CA ALA B 98 22.64 -18.22 -4.38
C ALA B 98 22.85 -16.98 -5.24
N PHE B 99 23.05 -17.17 -6.53
CA PHE B 99 23.29 -16.05 -7.43
C PHE B 99 22.05 -15.22 -7.66
N GLY B 100 20.88 -15.84 -7.74
CA GLY B 100 19.67 -15.06 -7.86
C GLY B 100 19.37 -14.24 -6.63
N ARG B 101 19.76 -14.73 -5.45
CA ARG B 101 19.63 -13.86 -4.28
C ARG B 101 20.66 -12.74 -4.27
N PHE B 102 21.85 -12.96 -4.82
CA PHE B 102 22.78 -11.83 -4.95
C PHE B 102 22.32 -10.80 -5.98
N ILE B 103 21.50 -11.18 -6.96
CA ILE B 103 20.96 -10.16 -7.87
C ILE B 103 19.79 -9.44 -7.23
N GLN B 104 18.92 -10.17 -6.51
CA GLN B 104 17.81 -9.55 -5.80
C GLN B 104 18.31 -8.61 -4.70
N GLY B 105 19.50 -8.84 -4.19
CA GLY B 105 20.00 -7.92 -3.20
C GLY B 105 20.64 -6.66 -3.72
N LEU B 106 20.69 -6.47 -5.03
CA LEU B 106 21.04 -5.18 -5.61
C LEU B 106 19.84 -4.28 -5.83
N ASN B 107 18.63 -4.82 -5.64
CA ASN B 107 17.36 -4.09 -5.75
C ASN B 107 17.17 -3.50 -7.14
N GLY B 108 17.13 -4.35 -8.15
CA GLY B 108 16.74 -3.90 -9.47
C GLY B 108 17.75 -3.06 -10.19
N ARG B 109 18.91 -2.88 -9.61
CA ARG B 109 19.96 -2.05 -10.14
C ARG B 109 20.74 -2.74 -11.23
N TYR B 110 20.52 -4.04 -11.41
CA TYR B 110 21.20 -4.85 -12.40
C TYR B 110 20.28 -5.96 -12.87
N ILE B 111 20.03 -6.03 -14.18
CA ILE B 111 19.14 -7.01 -14.78
C ILE B 111 20.00 -7.97 -15.60
N THR B 112 19.74 -9.27 -15.49
CA THR B 112 20.58 -10.27 -16.11
C THR B 112 19.86 -10.97 -17.26
N ALA B 113 20.64 -11.48 -18.20
CA ALA B 113 20.10 -12.25 -19.31
C ALA B 113 21.06 -13.37 -19.67
N GLU B 114 20.65 -14.23 -20.59
CA GLU B 114 21.50 -15.35 -20.96
C GLU B 114 22.57 -14.88 -21.92
N ASP B 115 23.67 -15.62 -21.93
CA ASP B 115 24.83 -15.20 -22.69
C ASP B 115 25.64 -16.46 -22.96
N VAL B 116 26.92 -16.30 -23.29
CA VAL B 116 27.76 -17.42 -23.69
C VAL B 116 28.08 -18.26 -22.46
N GLY B 117 27.41 -19.38 -22.29
CA GLY B 117 27.74 -20.22 -21.17
C GLY B 117 26.56 -20.64 -20.33
N THR B 118 25.51 -19.84 -20.35
CA THR B 118 24.25 -20.17 -19.69
C THR B 118 23.17 -20.34 -20.74
N THR B 119 22.09 -21.03 -20.36
CA THR B 119 20.99 -21.37 -21.24
C THR B 119 19.71 -20.74 -20.72
N VAL B 120 18.59 -20.97 -21.40
CA VAL B 120 17.32 -20.70 -20.73
C VAL B 120 16.84 -21.96 -20.04
N ALA B 121 17.63 -22.42 -19.09
CA ALA B 121 17.24 -23.39 -18.10
C ALA B 121 17.89 -23.06 -16.79
N ASP B 122 18.87 -22.17 -16.82
CA ASP B 122 19.48 -21.59 -15.64
C ASP B 122 18.89 -20.25 -15.30
N MET B 123 18.24 -19.59 -16.26
CA MET B 123 17.41 -18.45 -15.91
C MET B 123 16.00 -18.87 -15.60
N ASP B 124 15.82 -19.95 -14.88
CA ASP B 124 14.51 -20.36 -14.40
C ASP B 124 14.72 -20.65 -12.94
N ILE B 125 15.95 -20.98 -12.64
CA ILE B 125 16.38 -21.11 -11.27
C ILE B 125 16.64 -19.73 -10.69
N ILE B 126 17.18 -18.83 -11.50
CA ILE B 126 17.34 -17.45 -11.09
C ILE B 126 16.00 -16.78 -10.95
N TYR B 127 15.05 -17.10 -11.82
CA TYR B 127 13.71 -16.51 -11.73
C TYR B 127 12.95 -16.96 -10.48
N GLN B 128 13.33 -18.09 -9.88
CA GLN B 128 12.73 -18.46 -8.61
C GLN B 128 13.22 -17.61 -7.46
N GLU B 129 14.20 -16.74 -7.67
CA GLU B 129 14.69 -15.88 -6.63
C GLU B 129 14.56 -14.40 -6.92
N THR B 130 14.27 -14.00 -8.15
CA THR B 130 14.31 -12.59 -8.50
C THR B 130 13.42 -12.32 -9.71
N ASP B 131 13.02 -11.06 -9.85
CA ASP B 131 12.35 -10.58 -11.04
C ASP B 131 13.28 -9.97 -12.05
N TYR B 132 14.54 -9.73 -11.70
CA TYR B 132 15.40 -8.94 -12.56
C TYR B 132 16.23 -9.87 -13.44
N VAL B 133 15.49 -10.55 -14.30
CA VAL B 133 16.04 -11.54 -15.21
C VAL B 133 15.15 -11.53 -16.44
N THR B 134 15.76 -11.65 -17.62
CA THR B 134 14.99 -11.48 -18.84
C THR B 134 15.38 -12.56 -19.84
N GLY B 135 14.45 -12.84 -20.74
CA GLY B 135 14.63 -13.94 -21.67
C GLY B 135 14.05 -15.27 -21.22
N ILE B 136 13.06 -15.25 -20.33
CA ILE B 136 12.66 -16.46 -19.63
C ILE B 136 11.22 -16.85 -19.95
N SER B 137 10.34 -15.83 -20.22
CA SER B 137 8.90 -15.92 -19.97
C SER B 137 8.21 -16.89 -20.93
N PRO B 138 7.08 -17.48 -20.50
CA PRO B 138 6.33 -18.35 -21.42
C PRO B 138 5.73 -17.59 -22.59
N GLU B 139 5.51 -16.30 -22.47
CA GLU B 139 5.19 -15.47 -23.63
C GLU B 139 6.37 -15.39 -24.59
N PHE B 140 7.58 -15.25 -24.06
CA PHE B 140 8.75 -15.13 -24.91
C PHE B 140 9.10 -16.45 -25.58
N GLY B 141 9.31 -17.50 -24.78
CA GLY B 141 9.67 -18.80 -25.32
C GLY B 141 8.47 -19.64 -25.70
N ASN B 145 13.93 -16.13 -28.58
CA ASN B 145 14.57 -16.57 -29.81
C ASN B 145 15.00 -15.34 -30.58
N PRO B 146 16.17 -14.77 -30.23
CA PRO B 146 16.54 -13.46 -30.74
C PRO B 146 17.02 -13.43 -32.17
N SER B 147 17.17 -14.58 -32.83
CA SER B 147 17.80 -14.61 -34.14
C SER B 147 17.00 -14.03 -35.31
N PRO B 148 15.67 -14.20 -35.41
CA PRO B 148 14.95 -13.42 -36.43
C PRO B 148 15.01 -11.93 -36.18
N ALA B 149 15.06 -11.53 -34.91
CA ALA B 149 15.19 -10.12 -34.57
C ALA B 149 16.54 -9.56 -34.99
N THR B 150 17.62 -10.29 -34.68
CA THR B 150 18.96 -9.82 -35.01
C THR B 150 19.15 -9.77 -36.52
N ALA B 151 18.59 -10.75 -37.23
CA ALA B 151 18.65 -10.75 -38.68
C ALA B 151 17.85 -9.59 -39.28
N TYR B 152 16.69 -9.28 -38.70
CA TYR B 152 15.88 -8.17 -39.19
C TYR B 152 16.59 -6.85 -38.97
N GLY B 153 17.30 -6.72 -37.85
CA GLY B 153 18.06 -5.51 -37.61
C GLY B 153 19.27 -5.37 -38.50
N VAL B 154 19.94 -6.47 -38.81
CA VAL B 154 21.05 -6.46 -39.75
C VAL B 154 20.56 -6.05 -41.14
N TYR B 155 19.38 -6.52 -41.51
CA TYR B 155 18.75 -6.14 -42.76
C TYR B 155 18.49 -4.63 -42.83
N ARG B 156 17.95 -4.05 -41.76
CA ARG B 156 17.69 -2.60 -41.75
C ARG B 156 19.00 -1.79 -41.76
N GLY B 157 20.00 -2.25 -41.03
CA GLY B 157 21.28 -1.55 -41.05
C GLY B 157 21.97 -1.64 -42.39
N MET B 158 21.74 -2.74 -43.11
CA MET B 158 22.31 -2.86 -44.44
C MET B 158 21.59 -1.98 -45.44
N LYS B 159 20.27 -1.80 -45.28
CA LYS B 159 19.52 -0.76 -45.98
C LYS B 159 20.13 0.61 -45.80
N ALA B 160 20.44 0.97 -44.55
CA ALA B 160 20.99 2.29 -44.28
C ALA B 160 22.39 2.46 -44.85
N ALA B 161 23.23 1.43 -44.75
CA ALA B 161 24.57 1.52 -45.30
C ALA B 161 24.55 1.52 -46.82
N ALA B 162 23.54 0.90 -47.43
CA ALA B 162 23.41 0.94 -48.87
C ALA B 162 22.95 2.31 -49.34
N LYS B 163 22.10 2.98 -48.56
CA LYS B 163 21.74 4.35 -48.93
C LYS B 163 22.89 5.32 -48.65
N GLU B 164 23.77 4.98 -47.73
CA GLU B 164 24.97 5.79 -47.54
C GLU B 164 25.92 5.65 -48.72
N ALA B 165 26.28 4.42 -49.07
CA ALA B 165 27.29 4.23 -50.09
C ALA B 165 26.80 4.50 -51.50
N PHE B 166 25.49 4.44 -51.72
CA PHE B 166 24.96 4.55 -53.08
C PHE B 166 23.88 5.61 -53.24
N GLY B 167 22.97 5.74 -52.28
CA GLY B 167 21.82 6.63 -52.39
C GLY B 167 20.50 5.90 -52.46
N SER B 168 20.49 4.71 -53.06
CA SER B 168 19.29 3.89 -53.17
C SER B 168 19.34 2.79 -52.11
N ASP B 169 18.20 2.53 -51.49
CA ASP B 169 18.09 1.45 -50.52
C ASP B 169 17.39 0.21 -51.06
N SER B 170 16.69 0.32 -52.19
CA SER B 170 16.05 -0.83 -52.83
C SER B 170 17.15 -1.73 -53.39
N LEU B 171 17.30 -2.92 -52.79
CA LEU B 171 18.46 -3.76 -53.06
C LEU B 171 18.22 -4.77 -54.18
N GLU B 172 17.21 -4.56 -55.01
CA GLU B 172 17.06 -5.38 -56.21
C GLU B 172 18.17 -5.02 -57.18
N GLY B 173 19.13 -5.91 -57.33
CA GLY B 173 20.24 -5.66 -58.23
C GLY B 173 21.53 -5.46 -57.48
N LYS B 174 21.68 -6.13 -56.35
CA LYS B 174 22.86 -6.02 -55.53
C LYS B 174 23.43 -7.41 -55.31
N VAL B 175 24.68 -7.46 -54.86
CA VAL B 175 25.39 -8.71 -54.61
C VAL B 175 25.85 -8.72 -53.16
N VAL B 176 25.40 -9.70 -52.38
CA VAL B 176 25.70 -9.78 -50.96
C VAL B 176 26.41 -11.09 -50.69
N ALA B 177 27.63 -11.00 -50.18
CA ALA B 177 28.39 -12.18 -49.78
C ALA B 177 28.29 -12.36 -48.26
N VAL B 178 27.93 -13.56 -47.84
CA VAL B 178 27.60 -13.88 -46.46
C VAL B 178 28.39 -15.11 -46.04
N GLN B 179 29.19 -14.97 -44.98
CA GLN B 179 29.88 -16.13 -44.43
C GLN B 179 29.22 -16.58 -43.13
N GLY B 180 29.03 -17.89 -43.01
CA GLY B 180 28.30 -18.50 -41.92
C GLY B 180 26.81 -18.45 -42.17
N VAL B 181 26.10 -19.56 -42.05
CA VAL B 181 24.65 -19.55 -42.29
C VAL B 181 24.01 -20.07 -40.99
N GLY B 182 24.60 -19.71 -39.86
CA GLY B 182 24.18 -20.24 -38.58
C GLY B 182 23.10 -19.47 -37.85
N ASN B 183 21.85 -19.65 -38.26
CA ASN B 183 20.62 -19.23 -37.59
C ASN B 183 20.35 -17.73 -37.57
N VAL B 184 21.34 -16.91 -37.87
CA VAL B 184 21.21 -15.46 -37.84
C VAL B 184 21.44 -14.85 -39.23
N ALA B 185 22.36 -15.43 -39.99
CA ALA B 185 22.47 -15.05 -41.38
C ALA B 185 21.48 -15.80 -42.24
N TYR B 186 20.83 -16.80 -41.66
CA TYR B 186 19.88 -17.61 -42.42
C TYR B 186 18.59 -16.84 -42.69
N HIS B 187 18.00 -16.27 -41.63
CA HIS B 187 16.86 -15.37 -41.80
C HIS B 187 17.27 -14.10 -42.54
N LEU B 188 18.52 -13.69 -42.40
CA LEU B 188 19.05 -12.59 -43.20
C LEU B 188 18.99 -12.92 -44.69
N CYS B 189 19.37 -14.15 -45.06
CA CYS B 189 19.31 -14.53 -46.47
C CYS B 189 17.87 -14.70 -46.94
N ARG B 190 16.96 -15.15 -46.06
CA ARG B 190 15.53 -15.04 -46.35
C ARG B 190 15.12 -13.62 -46.73
N HIS B 191 15.48 -12.63 -45.90
CA HIS B 191 15.10 -11.24 -46.18
C HIS B 191 15.73 -10.73 -47.46
N LEU B 192 16.98 -11.11 -47.71
CA LEU B 192 17.69 -10.56 -48.86
C LEU B 192 17.19 -11.16 -50.18
N HIS B 193 16.76 -12.42 -50.19
CA HIS B 193 16.20 -12.89 -51.45
C HIS B 193 14.71 -12.52 -51.58
N GLU B 194 13.98 -12.36 -50.48
CA GLU B 194 12.61 -11.89 -50.60
C GLU B 194 12.55 -10.42 -50.99
N GLU B 195 13.63 -9.66 -50.82
CA GLU B 195 13.71 -8.39 -51.54
C GLU B 195 14.10 -8.60 -53.00
N GLY B 196 14.88 -9.63 -53.29
CA GLY B 196 15.32 -9.85 -54.65
C GLY B 196 16.75 -9.44 -54.88
N ALA B 197 17.64 -9.85 -54.00
CA ALA B 197 19.06 -9.59 -54.13
C ALA B 197 19.83 -10.89 -54.29
N LYS B 198 20.97 -10.80 -54.96
CA LYS B 198 21.77 -11.98 -55.26
C LYS B 198 22.70 -12.30 -54.11
N LEU B 199 22.80 -13.59 -53.79
CA LEU B 199 23.46 -14.06 -52.57
C LEU B 199 24.65 -14.94 -52.92
N ILE B 200 25.72 -14.79 -52.16
CA ILE B 200 26.92 -15.62 -52.28
C ILE B 200 27.24 -16.08 -50.87
N VAL B 201 26.92 -17.33 -50.54
CA VAL B 201 27.05 -17.78 -49.17
C VAL B 201 28.25 -18.71 -49.06
N THR B 202 28.76 -18.83 -47.84
CA THR B 202 29.73 -19.86 -47.51
C THR B 202 29.62 -20.19 -46.03
N ASP B 203 30.27 -21.28 -45.65
CA ASP B 203 30.19 -21.87 -44.32
C ASP B 203 31.27 -22.92 -44.22
N ILE B 204 31.66 -23.24 -42.99
CA ILE B 204 32.61 -24.33 -42.78
C ILE B 204 31.97 -25.69 -43.04
N ASN B 205 30.66 -25.78 -42.93
CA ASN B 205 29.96 -27.00 -43.31
C ASN B 205 29.54 -26.92 -44.78
N LYS B 206 28.92 -27.99 -45.26
CA LYS B 206 28.37 -28.05 -46.59
C LYS B 206 26.88 -28.33 -46.60
N GLU B 207 26.37 -29.04 -45.59
CA GLU B 207 24.94 -29.31 -45.49
C GLU B 207 24.14 -28.03 -45.32
N ALA B 208 24.64 -27.08 -44.54
CA ALA B 208 24.02 -25.77 -44.46
C ALA B 208 24.14 -25.01 -45.78
N VAL B 209 25.25 -25.17 -46.48
CA VAL B 209 25.41 -24.56 -47.80
C VAL B 209 24.45 -25.20 -48.80
N ALA B 210 24.23 -26.51 -48.67
CA ALA B 210 23.25 -27.20 -49.51
C ALA B 210 21.84 -26.70 -49.23
N ARG B 211 21.53 -26.43 -47.96
CA ARG B 211 20.24 -25.85 -47.59
C ARG B 211 20.09 -24.45 -48.18
N ALA B 212 21.17 -23.68 -48.18
CA ALA B 212 21.13 -22.32 -48.72
C ALA B 212 20.91 -22.32 -50.24
N VAL B 213 21.59 -23.22 -50.95
CA VAL B 213 21.46 -23.28 -52.39
C VAL B 213 20.09 -23.83 -52.77
N GLU B 214 19.58 -24.79 -52.00
CA GLU B 214 18.26 -25.35 -52.28
C GLU B 214 17.16 -24.33 -52.00
N GLU B 215 17.31 -23.51 -50.96
CA GLU B 215 16.30 -22.51 -50.67
C GLU B 215 16.33 -21.35 -51.66
N PHE B 216 17.46 -20.64 -51.74
CA PHE B 216 17.42 -19.36 -52.43
C PHE B 216 18.40 -19.24 -53.59
N GLY B 217 18.97 -20.34 -54.05
CA GLY B 217 19.79 -20.32 -55.25
C GLY B 217 21.09 -19.58 -55.09
N ALA B 218 21.68 -19.63 -53.90
CA ALA B 218 22.92 -18.94 -53.61
C ALA B 218 24.09 -19.64 -54.32
N LYS B 219 25.27 -19.08 -54.16
CA LYS B 219 26.45 -19.55 -54.88
C LYS B 219 27.45 -20.11 -53.88
N ALA B 220 27.69 -21.43 -53.98
CA ALA B 220 28.59 -22.12 -53.06
C ALA B 220 30.02 -21.76 -53.39
N VAL B 221 30.66 -21.00 -52.52
CA VAL B 221 32.04 -20.57 -52.69
C VAL B 221 32.82 -21.06 -51.48
N ASP B 222 34.09 -21.38 -51.68
CA ASP B 222 34.95 -21.91 -50.62
C ASP B 222 35.17 -20.87 -49.51
N PRO B 223 35.39 -21.31 -48.27
CA PRO B 223 35.41 -20.35 -47.15
C PRO B 223 36.64 -19.47 -47.09
N ASN B 224 37.79 -19.92 -47.60
CA ASN B 224 39.00 -19.11 -47.48
C ASN B 224 39.02 -17.93 -48.44
N ASP B 225 38.32 -18.04 -49.57
CA ASP B 225 38.28 -16.97 -50.55
C ASP B 225 36.90 -16.33 -50.67
N ILE B 226 36.16 -16.25 -49.55
CA ILE B 226 35.00 -15.38 -49.47
C ILE B 226 35.43 -13.92 -49.42
N TYR B 227 36.67 -13.66 -49.02
CA TYR B 227 37.14 -12.28 -48.85
C TYR B 227 37.41 -11.63 -50.19
N GLY B 228 37.88 -12.38 -51.17
CA GLY B 228 38.23 -11.85 -52.47
C GLY B 228 37.11 -11.82 -53.48
N VAL B 229 35.89 -12.16 -53.09
CA VAL B 229 34.77 -12.19 -54.03
C VAL B 229 34.37 -10.77 -54.39
N GLU B 230 34.31 -10.49 -55.69
CA GLU B 230 33.85 -9.20 -56.19
C GLU B 230 32.36 -9.08 -55.91
N CYS B 231 32.00 -8.26 -54.92
CA CYS B 231 30.63 -8.10 -54.48
C CYS B 231 30.41 -6.65 -54.09
N ASP B 232 29.26 -6.36 -53.49
CA ASP B 232 28.97 -5.03 -52.96
C ASP B 232 28.99 -5.00 -51.45
N ILE B 233 28.17 -5.82 -50.79
CA ILE B 233 27.95 -5.74 -49.36
C ILE B 233 28.45 -7.04 -48.74
N PHE B 234 29.55 -6.96 -48.00
CA PHE B 234 30.11 -8.12 -47.32
C PHE B 234 29.60 -8.16 -45.88
N ALA B 235 28.98 -9.29 -45.51
CA ALA B 235 28.27 -9.41 -44.24
C ALA B 235 28.85 -10.53 -43.38
N PRO B 236 29.89 -10.25 -42.59
CA PRO B 236 30.47 -11.31 -41.77
C PRO B 236 29.59 -11.67 -40.58
N CYS B 237 29.36 -12.97 -40.39
CA CYS B 237 28.45 -13.44 -39.35
C CYS B 237 29.01 -14.65 -38.62
N ALA B 238 30.32 -14.79 -38.55
CA ALA B 238 30.94 -15.98 -37.97
C ALA B 238 31.71 -15.70 -36.68
N LEU B 239 32.74 -14.85 -36.73
CA LEU B 239 33.59 -14.66 -35.57
C LEU B 239 34.05 -13.21 -35.53
N GLY B 240 35.02 -12.94 -34.65
CA GLY B 240 35.66 -11.65 -34.57
C GLY B 240 37.08 -11.73 -35.08
N GLY B 241 37.68 -10.55 -35.24
CA GLY B 241 39.02 -10.48 -35.79
C GLY B 241 39.10 -10.81 -37.26
N ILE B 242 37.97 -10.71 -37.97
CA ILE B 242 37.95 -10.99 -39.40
C ILE B 242 38.69 -9.90 -40.16
N ILE B 243 38.40 -8.64 -39.85
CA ILE B 243 39.15 -7.56 -40.47
C ILE B 243 40.47 -7.42 -39.74
N ASN B 244 41.49 -8.09 -40.24
CA ASN B 244 42.85 -7.98 -39.75
C ASN B 244 43.75 -7.52 -40.88
N ASP B 245 45.04 -7.35 -40.57
CA ASP B 245 45.99 -6.85 -41.55
C ASP B 245 46.19 -7.85 -42.68
N GLN B 246 46.00 -9.14 -42.40
CA GLN B 246 46.16 -10.19 -43.39
C GLN B 246 45.05 -10.21 -44.43
N THR B 247 43.93 -9.52 -44.20
CA THR B 247 42.79 -9.61 -45.10
C THR B 247 42.27 -8.29 -45.65
N ILE B 248 42.81 -7.15 -45.22
CA ILE B 248 42.31 -5.86 -45.71
C ILE B 248 42.49 -5.65 -47.22
N PRO B 249 43.65 -5.93 -47.84
CA PRO B 249 43.69 -5.80 -49.31
C PRO B 249 42.92 -6.89 -50.05
N GLN B 250 42.44 -7.93 -49.37
CA GLN B 250 41.69 -8.97 -50.06
C GLN B 250 40.28 -8.51 -50.44
N LEU B 251 39.76 -7.46 -49.80
CA LEU B 251 38.38 -7.06 -50.03
C LEU B 251 38.19 -6.35 -51.36
N LYS B 252 37.07 -6.66 -52.01
CA LYS B 252 36.58 -5.94 -53.18
C LYS B 252 35.20 -5.36 -52.94
N ALA B 253 34.81 -5.21 -51.67
CA ALA B 253 33.51 -4.69 -51.30
C ALA B 253 33.67 -3.37 -50.56
N LYS B 254 32.63 -2.55 -50.61
CA LYS B 254 32.67 -1.23 -50.01
C LYS B 254 31.70 -1.05 -48.85
N VAL B 255 30.89 -2.05 -48.53
CA VAL B 255 29.93 -1.99 -47.45
C VAL B 255 30.12 -3.21 -46.58
N ILE B 256 30.57 -3.02 -45.35
CA ILE B 256 30.71 -4.11 -44.39
C ILE B 256 29.62 -3.95 -43.35
N ALA B 257 28.67 -4.88 -43.33
CA ALA B 257 27.56 -4.79 -42.40
C ALA B 257 27.10 -6.20 -42.03
N GLY B 258 27.64 -6.73 -40.93
CA GLY B 258 27.31 -8.06 -40.48
C GLY B 258 27.06 -8.09 -38.99
N SER B 259 26.56 -9.24 -38.53
CA SER B 259 26.11 -9.40 -37.16
C SER B 259 27.19 -9.91 -36.23
N ALA B 260 28.42 -9.98 -36.68
CA ALA B 260 29.47 -10.55 -35.86
C ALA B 260 29.97 -9.56 -34.82
N ASN B 261 30.32 -10.06 -33.65
CA ASN B 261 30.88 -9.24 -32.59
C ASN B 261 32.38 -9.08 -32.75
N ASN B 262 32.87 -7.88 -32.42
CA ASN B 262 34.29 -7.51 -32.38
C ASN B 262 34.96 -7.70 -33.75
N GLN B 263 34.46 -6.97 -34.74
CA GLN B 263 34.87 -7.20 -36.12
C GLN B 263 36.27 -6.68 -36.40
N LEU B 264 36.59 -5.48 -35.93
CA LEU B 264 37.93 -4.95 -36.12
C LEU B 264 38.88 -5.58 -35.11
N LYS B 265 40.04 -6.03 -35.58
CA LYS B 265 41.02 -6.59 -34.66
C LYS B 265 41.70 -5.50 -33.84
N GLU B 266 42.15 -4.44 -34.50
CA GLU B 266 42.71 -3.26 -33.85
C GLU B 266 42.09 -2.03 -34.48
N PRO B 267 41.99 -0.92 -33.74
CA PRO B 267 41.40 0.30 -34.32
C PRO B 267 42.21 0.93 -35.45
N ARG B 268 43.48 0.56 -35.60
CA ARG B 268 44.25 1.00 -36.76
CA ARG B 268 44.23 1.02 -36.76
C ARG B 268 43.66 0.44 -38.05
N HIS B 269 43.07 -0.75 -37.98
CA HIS B 269 42.38 -1.33 -39.12
C HIS B 269 41.18 -0.48 -39.51
N GLY B 270 40.45 0.04 -38.51
CA GLY B 270 39.34 0.94 -38.79
C GLY B 270 39.79 2.26 -39.38
N ASP B 271 40.95 2.75 -38.92
CA ASP B 271 41.56 3.92 -39.54
C ASP B 271 41.88 3.67 -41.02
N MET B 272 42.42 2.49 -41.33
CA MET B 272 42.77 2.18 -42.71
C MET B 272 41.55 1.97 -43.59
N ILE B 273 40.48 1.38 -43.04
CA ILE B 273 39.24 1.25 -43.77
C ILE B 273 38.65 2.62 -44.08
N HIS B 274 38.70 3.54 -43.12
CA HIS B 274 38.19 4.89 -43.39
C HIS B 274 39.07 5.64 -44.37
N GLU B 275 40.37 5.34 -44.40
CA GLU B 275 41.23 5.97 -45.40
C GLU B 275 41.00 5.41 -46.80
N MET B 276 40.62 4.14 -46.91
CA MET B 276 40.33 3.60 -48.25
C MET B 276 38.99 4.09 -48.77
N GLY B 277 37.92 3.84 -48.02
CA GLY B 277 36.61 4.30 -48.43
C GLY B 277 35.52 3.25 -48.29
N ILE B 278 35.84 2.13 -47.64
CA ILE B 278 34.85 1.10 -47.39
C ILE B 278 33.91 1.58 -46.30
N VAL B 279 32.61 1.65 -46.62
CA VAL B 279 31.61 2.17 -45.69
C VAL B 279 31.37 1.13 -44.62
N TYR B 280 32.04 1.28 -43.48
CA TYR B 280 31.93 0.35 -42.36
C TYR B 280 30.92 0.87 -41.36
N ALA B 281 29.74 0.34 -41.41
CA ALA B 281 28.84 0.59 -40.30
C ALA B 281 29.29 -0.25 -39.10
N PRO B 282 29.25 0.32 -37.89
CA PRO B 282 29.97 -0.30 -36.78
C PRO B 282 29.28 -1.56 -36.30
N ASP B 283 30.03 -2.35 -35.53
CA ASP B 283 29.57 -3.69 -35.23
C ASP B 283 28.41 -3.69 -34.23
N TYR B 284 28.52 -2.93 -33.14
CA TYR B 284 27.49 -3.01 -32.11
C TYR B 284 26.30 -2.11 -32.36
N VAL B 285 26.18 -1.48 -33.53
CA VAL B 285 24.99 -0.69 -33.79
C VAL B 285 24.06 -1.53 -34.66
N ILE B 286 24.64 -2.32 -35.56
CA ILE B 286 23.84 -3.16 -36.44
C ILE B 286 23.26 -4.33 -35.70
N ASN B 287 24.10 -5.11 -35.03
CA ASN B 287 23.64 -6.37 -34.46
C ASN B 287 22.94 -6.22 -33.12
N ALA B 288 22.42 -5.05 -32.79
CA ALA B 288 21.80 -4.80 -31.50
C ALA B 288 20.35 -5.19 -31.45
N GLY B 289 19.87 -5.98 -32.41
CA GLY B 289 18.46 -6.33 -32.43
C GLY B 289 18.09 -7.32 -31.35
N GLY B 290 19.00 -8.21 -30.99
CA GLY B 290 18.67 -9.21 -30.00
C GLY B 290 18.55 -8.63 -28.61
N VAL B 291 19.35 -7.61 -28.31
CA VAL B 291 19.28 -6.95 -27.02
C VAL B 291 17.99 -6.13 -26.91
N ILE B 292 17.57 -5.51 -28.01
CA ILE B 292 16.27 -4.85 -28.08
C ILE B 292 15.14 -5.84 -27.86
N ASN B 293 15.25 -7.04 -28.45
CA ASN B 293 14.22 -8.06 -28.28
C ASN B 293 14.13 -8.51 -26.84
N VAL B 294 15.26 -8.78 -26.19
CA VAL B 294 15.19 -9.22 -24.80
C VAL B 294 14.96 -8.10 -23.82
N ALA B 295 15.09 -6.84 -24.24
CA ALA B 295 14.74 -5.74 -23.37
C ALA B 295 13.31 -5.26 -23.55
N ASP B 296 12.64 -5.68 -24.60
CA ASP B 296 11.22 -5.35 -24.72
C ASP B 296 10.36 -6.29 -23.87
N GLU B 297 10.93 -7.36 -23.32
CA GLU B 297 10.21 -8.23 -22.40
C GLU B 297 9.87 -7.52 -21.09
N LEU B 298 10.65 -6.50 -20.73
CA LEU B 298 10.46 -5.78 -19.47
C LEU B 298 9.16 -4.99 -19.42
N TYR B 299 8.49 -4.83 -20.54
CA TYR B 299 7.16 -4.21 -20.61
C TYR B 299 6.04 -5.22 -20.49
N GLY B 300 6.35 -6.51 -20.53
CA GLY B 300 5.38 -7.50 -20.93
C GLY B 300 5.56 -7.67 -22.42
N TYR B 301 5.93 -8.86 -22.87
CA TYR B 301 6.46 -9.00 -24.22
C TYR B 301 5.36 -8.91 -25.26
N ASN B 302 5.60 -8.10 -26.28
CA ASN B 302 4.70 -7.96 -27.41
C ASN B 302 5.56 -7.92 -28.66
N ARG B 303 5.19 -8.71 -29.67
CA ARG B 303 6.06 -8.89 -30.82
C ARG B 303 6.06 -7.65 -31.71
N GLU B 304 4.90 -7.00 -31.85
CA GLU B 304 4.78 -5.89 -32.80
C GLU B 304 5.51 -4.64 -32.32
N ARG B 305 5.43 -4.35 -31.03
CA ARG B 305 6.18 -3.25 -30.43
C ARG B 305 7.68 -3.46 -30.55
N ALA B 306 8.15 -4.69 -30.30
CA ALA B 306 9.58 -4.97 -30.37
C ALA B 306 10.09 -4.89 -31.80
N MET B 307 9.31 -5.38 -32.78
CA MET B 307 9.76 -5.26 -34.16
C MET B 307 9.73 -3.81 -34.64
N LYS B 308 8.76 -3.02 -34.17
CA LYS B 308 8.75 -1.60 -34.48
C LYS B 308 9.95 -0.88 -33.88
N LYS B 309 10.46 -1.36 -32.74
CA LYS B 309 11.66 -0.74 -32.18
C LYS B 309 12.93 -1.20 -32.91
N ILE B 310 12.98 -2.46 -33.36
CA ILE B 310 14.12 -2.97 -34.13
C ILE B 310 14.21 -2.31 -35.50
N GLU B 311 13.09 -1.80 -36.01
CA GLU B 311 13.07 -1.07 -37.27
C GLU B 311 13.93 0.20 -37.25
N GLN B 312 14.22 0.77 -36.08
CA GLN B 312 14.94 2.04 -36.00
C GLN B 312 16.46 1.93 -36.18
N ILE B 313 16.98 0.75 -36.53
CA ILE B 313 18.43 0.64 -36.70
C ILE B 313 18.88 1.34 -37.97
N TYR B 314 17.95 1.50 -38.92
CA TYR B 314 18.14 2.39 -40.06
C TYR B 314 18.50 3.81 -39.62
N ASP B 315 17.73 4.36 -38.67
CA ASP B 315 18.00 5.71 -38.19
C ASP B 315 19.24 5.78 -37.34
N ASN B 316 19.54 4.70 -36.60
CA ASN B 316 20.76 4.68 -35.78
C ASN B 316 22.01 4.73 -36.65
N ILE B 317 22.04 3.91 -37.71
CA ILE B 317 23.16 3.93 -38.65
C ILE B 317 23.23 5.27 -39.38
N GLU B 318 22.08 5.88 -39.68
CA GLU B 318 22.10 7.15 -40.38
C GLU B 318 22.66 8.27 -39.51
N LYS B 319 22.34 8.27 -38.20
CA LYS B 319 22.97 9.23 -37.30
C LYS B 319 24.46 8.96 -37.09
N VAL B 320 24.89 7.69 -37.12
CA VAL B 320 26.33 7.41 -37.01
C VAL B 320 27.08 7.99 -38.19
N PHE B 321 26.52 7.83 -39.38
CA PHE B 321 27.18 8.39 -40.56
C PHE B 321 27.09 9.91 -40.60
N ALA B 322 26.02 10.50 -40.07
CA ALA B 322 25.93 11.95 -39.99
C ALA B 322 26.98 12.52 -39.04
N ILE B 323 27.18 11.89 -37.88
CA ILE B 323 28.22 12.33 -36.96
C ILE B 323 29.61 12.10 -37.54
N ALA B 324 29.80 11.01 -38.29
CA ALA B 324 31.11 10.72 -38.88
C ALA B 324 31.45 11.72 -39.97
N LYS B 325 30.46 12.20 -40.71
CA LYS B 325 30.73 13.23 -41.70
C LYS B 325 30.79 14.63 -41.09
N ARG B 326 30.15 14.86 -39.94
CA ARG B 326 30.25 16.14 -39.27
C ARG B 326 31.59 16.32 -38.56
N ASP B 327 32.12 15.26 -37.98
CA ASP B 327 33.23 15.35 -37.05
C ASP B 327 34.55 14.93 -37.69
N ASN B 328 34.52 14.42 -38.93
CA ASN B 328 35.71 14.06 -39.72
C ASN B 328 36.56 12.99 -39.02
N ILE B 329 35.88 12.04 -38.42
CA ILE B 329 36.47 10.94 -37.66
C ILE B 329 36.04 9.64 -38.36
N PRO B 330 36.60 8.49 -38.03
CA PRO B 330 36.03 7.23 -38.55
C PRO B 330 34.67 6.91 -37.95
N THR B 331 34.09 5.83 -38.44
CA THR B 331 32.75 5.49 -37.98
C THR B 331 32.76 4.71 -36.68
N TYR B 332 33.82 3.95 -36.40
CA TYR B 332 33.85 3.23 -35.14
C TYR B 332 34.08 4.18 -33.97
N VAL B 333 34.63 5.37 -34.24
CA VAL B 333 34.70 6.43 -33.25
C VAL B 333 33.37 7.18 -33.19
N ALA B 334 32.69 7.28 -34.33
CA ALA B 334 31.39 7.94 -34.38
C ALA B 334 30.35 7.20 -33.58
N ALA B 335 30.46 5.87 -33.47
CA ALA B 335 29.50 5.12 -32.67
C ALA B 335 29.64 5.44 -31.18
N ASP B 336 30.88 5.48 -30.69
CA ASP B 336 31.12 5.83 -29.30
C ASP B 336 30.69 7.26 -29.00
N ARG B 337 30.91 8.18 -29.94
CA ARG B 337 30.53 9.56 -29.65
C ARG B 337 29.03 9.77 -29.73
N MET B 338 28.33 9.06 -30.62
CA MET B 338 26.87 9.04 -30.59
C MET B 338 26.36 8.57 -29.23
N ALA B 339 26.93 7.49 -28.72
CA ALA B 339 26.44 6.95 -27.44
C ALA B 339 26.72 7.88 -26.28
N GLU B 340 27.90 8.51 -26.25
CA GLU B 340 28.22 9.40 -25.15
C GLU B 340 27.42 10.69 -25.22
N GLU B 341 27.12 11.18 -26.43
CA GLU B 341 26.22 12.33 -26.53
C GLU B 341 24.82 11.99 -26.06
N ARG B 342 24.36 10.75 -26.30
CA ARG B 342 23.04 10.40 -25.80
C ARG B 342 23.03 10.29 -24.30
N ILE B 343 24.12 9.77 -23.71
CA ILE B 343 24.22 9.66 -22.26
C ILE B 343 24.25 11.02 -21.59
N GLU B 344 25.05 11.95 -22.11
CA GLU B 344 25.16 13.27 -21.49
C GLU B 344 23.90 14.09 -21.68
N THR B 345 23.26 13.97 -22.85
CA THR B 345 22.05 14.71 -23.12
C THR B 345 20.89 14.21 -22.27
N MET B 346 20.83 12.90 -22.03
CA MET B 346 19.77 12.44 -21.14
C MET B 346 20.13 12.63 -19.67
N ARG B 347 21.39 12.88 -19.34
CA ARG B 347 21.66 13.32 -18.00
C ARG B 347 21.15 14.74 -17.79
N LYS B 348 21.32 15.60 -18.78
CA LYS B 348 20.95 17.01 -18.60
C LYS B 348 19.49 17.32 -18.89
N ALA B 349 18.80 16.50 -19.67
CA ALA B 349 17.43 16.82 -20.06
C ALA B 349 16.39 16.16 -19.18
N ARG B 350 16.79 15.26 -18.31
CA ARG B 350 15.91 14.63 -17.34
C ARG B 350 16.25 15.05 -15.93
N SER B 351 16.51 16.33 -15.73
CA SER B 351 16.99 16.80 -14.45
C SER B 351 15.93 17.45 -13.59
N GLN B 352 14.76 17.80 -14.14
CA GLN B 352 13.74 18.41 -13.32
C GLN B 352 13.10 17.40 -12.38
N PHE B 353 12.82 17.87 -11.18
CA PHE B 353 12.38 17.03 -10.07
C PHE B 353 10.99 16.47 -10.30
N LEU B 354 10.84 15.18 -10.04
CA LEU B 354 9.54 14.54 -9.91
C LEU B 354 9.65 13.60 -8.75
N GLN B 355 8.61 13.48 -7.95
CA GLN B 355 8.68 12.54 -6.85
C GLN B 355 8.06 11.20 -7.21
N ASN B 356 7.59 11.06 -8.44
CA ASN B 356 6.92 9.87 -8.91
C ASN B 356 7.31 9.56 -10.35
N GLY B 357 8.62 9.54 -10.63
CA GLY B 357 9.07 9.31 -11.98
C GLY B 357 8.95 7.86 -12.41
N HIS B 358 8.97 7.64 -13.71
CA HIS B 358 8.97 6.31 -14.28
C HIS B 358 10.36 5.93 -14.77
N HIS B 359 10.79 4.74 -14.41
CA HIS B 359 11.94 4.08 -14.98
C HIS B 359 11.46 2.82 -15.69
N ILE B 360 12.40 1.98 -16.11
CA ILE B 360 12.05 0.84 -16.94
C ILE B 360 11.44 -0.29 -16.12
N LEU B 361 11.55 -0.23 -14.80
CA LEU B 361 11.04 -1.26 -13.90
C LEU B 361 9.82 -0.79 -13.15
N SER B 362 9.12 0.20 -13.64
CA SER B 362 8.11 0.85 -12.84
C SER B 362 6.79 0.11 -12.99
N ARG B 363 5.97 0.20 -11.95
CA ARG B 363 4.61 -0.29 -11.99
C ARG B 363 3.75 0.75 -12.66
N ARG B 364 2.87 0.31 -13.55
CA ARG B 364 2.04 1.27 -14.25
C ARG B 364 0.72 0.64 -14.68
N ARG B 365 -0.07 1.45 -15.38
CA ARG B 365 -1.39 1.03 -15.81
CA ARG B 365 -1.39 1.02 -15.82
C ARG B 365 -1.29 -0.08 -16.86
N ALA B 366 -2.27 -0.98 -16.82
CA ALA B 366 -2.27 -2.12 -17.72
C ALA B 366 -2.55 -1.67 -19.15
N ARG B 367 -3.62 -0.88 -19.33
CA ARG B 367 -4.02 -0.27 -20.60
C ARG B 367 -4.20 -1.27 -21.75
N MET C 1 -6.84 -40.37 24.59
CA MET C 1 -7.62 -39.43 25.38
C MET C 1 -8.97 -39.24 24.71
N GLU C 2 -9.03 -39.62 23.44
CA GLU C 2 -10.10 -39.25 22.52
C GLU C 2 -10.28 -37.74 22.54
N LEU C 3 -9.24 -37.07 22.04
CA LEU C 3 -9.08 -35.65 22.28
C LEU C 3 -10.14 -34.83 21.54
N PHE C 4 -10.69 -35.35 20.45
CA PHE C 4 -11.80 -34.62 19.84
C PHE C 4 -13.10 -34.77 20.61
N GLN C 5 -13.24 -35.78 21.46
CA GLN C 5 -14.42 -35.79 22.33
C GLN C 5 -14.36 -34.69 23.36
N TYR C 6 -13.19 -34.49 23.97
CA TYR C 6 -13.04 -33.42 24.93
C TYR C 6 -13.14 -32.07 24.25
N MET C 7 -12.68 -31.95 23.00
CA MET C 7 -12.85 -30.69 22.29
C MET C 7 -14.30 -30.46 21.91
N GLU C 8 -15.03 -31.50 21.55
CA GLU C 8 -16.39 -31.30 21.06
C GLU C 8 -17.36 -31.02 22.19
N LYS C 9 -17.09 -31.54 23.40
CA LYS C 9 -17.99 -31.27 24.53
C LYS C 9 -17.95 -29.82 25.00
N TYR C 10 -16.91 -29.07 24.66
CA TYR C 10 -16.80 -27.69 25.13
C TYR C 10 -16.55 -26.70 24.02
N ASP C 11 -16.53 -27.14 22.76
CA ASP C 11 -16.34 -26.30 21.57
C ASP C 11 -14.99 -25.59 21.59
N TYR C 12 -13.92 -26.38 21.65
CA TYR C 12 -12.58 -25.84 21.45
C TYR C 12 -12.33 -25.66 19.97
N GLU C 13 -11.78 -24.52 19.59
CA GLU C 13 -11.41 -24.37 18.19
C GLU C 13 -10.18 -25.20 17.87
N GLN C 14 -9.05 -24.91 18.50
CA GLN C 14 -7.82 -25.58 18.11
C GLN C 14 -7.01 -25.97 19.32
N VAL C 15 -6.29 -27.06 19.16
CA VAL C 15 -5.13 -27.43 19.96
C VAL C 15 -3.98 -27.55 18.98
N LEU C 16 -2.77 -27.18 19.37
CA LEU C 16 -1.72 -27.02 18.38
C LEU C 16 -0.38 -27.36 18.99
N PHE C 17 0.26 -28.41 18.49
CA PHE C 17 1.45 -28.98 19.11
C PHE C 17 2.65 -28.49 18.33
N CYS C 18 3.41 -27.56 18.91
CA CYS C 18 4.62 -27.10 18.28
C CYS C 18 5.80 -27.89 18.83
N GLN C 19 6.85 -27.95 18.04
CA GLN C 19 8.04 -28.73 18.37
C GLN C 19 9.21 -28.14 17.59
N ASP C 20 10.37 -28.13 18.23
CA ASP C 20 11.60 -27.77 17.53
C ASP C 20 12.74 -28.53 18.18
N LYS C 21 13.54 -29.20 17.34
CA LYS C 21 14.50 -30.18 17.82
C LYS C 21 15.84 -29.58 18.19
N GLU C 22 16.36 -28.64 17.39
CA GLU C 22 17.66 -28.06 17.69
C GLU C 22 17.62 -27.09 18.85
N SER C 23 16.45 -26.67 19.27
CA SER C 23 16.30 -25.81 20.43
C SER C 23 15.63 -26.47 21.61
N GLY C 24 14.95 -27.59 21.41
CA GLY C 24 14.38 -28.33 22.51
C GLY C 24 13.01 -27.86 22.94
N LEU C 25 12.24 -27.29 22.03
CA LEU C 25 10.93 -26.74 22.35
C LEU C 25 9.85 -27.78 22.13
N LYS C 26 8.97 -27.94 23.10
CA LYS C 26 7.77 -28.75 22.99
C LYS C 26 6.65 -27.88 23.56
N ALA C 27 5.79 -27.32 22.74
CA ALA C 27 4.78 -26.40 23.25
C ALA C 27 3.39 -26.82 22.82
N ILE C 28 2.40 -26.49 23.63
CA ILE C 28 1.00 -26.81 23.37
C ILE C 28 0.24 -25.52 23.46
N ILE C 29 -0.24 -25.01 22.33
CA ILE C 29 -1.05 -23.80 22.32
C ILE C 29 -2.49 -24.22 22.17
N VAL C 30 -3.36 -23.75 23.04
CA VAL C 30 -4.76 -24.10 22.96
C VAL C 30 -5.58 -22.85 22.80
N ILE C 31 -6.36 -22.79 21.74
CA ILE C 31 -7.25 -21.68 21.44
C ILE C 31 -8.66 -22.18 21.59
N HIS C 32 -9.39 -21.66 22.57
CA HIS C 32 -10.74 -22.11 22.86
C HIS C 32 -11.77 -21.42 22.00
N ASP C 33 -11.85 -20.11 22.12
CA ASP C 33 -12.85 -19.35 21.41
C ASP C 33 -12.20 -18.06 20.95
N THR C 34 -12.42 -17.69 19.71
CA THR C 34 -12.00 -16.41 19.15
C THR C 34 -13.18 -15.72 18.52
N THR C 35 -14.29 -15.66 19.23
CA THR C 35 -15.46 -14.96 18.72
C THR C 35 -15.35 -13.47 18.94
N LEU C 36 -15.02 -13.04 20.15
CA LEU C 36 -15.00 -11.61 20.46
C LEU C 36 -13.81 -10.92 19.84
N GLY C 37 -12.66 -11.56 19.86
CA GLY C 37 -11.45 -11.01 19.27
C GLY C 37 -10.39 -12.06 19.16
N PRO C 38 -9.14 -11.67 19.13
CA PRO C 38 -8.05 -12.64 19.19
C PRO C 38 -7.97 -13.30 20.55
N ALA C 39 -7.30 -14.43 20.61
CA ALA C 39 -7.19 -15.19 21.84
C ALA C 39 -5.98 -14.71 22.61
N LEU C 40 -6.20 -13.93 23.65
CA LEU C 40 -5.11 -13.58 24.54
C LEU C 40 -4.93 -14.66 25.59
N GLY C 41 -3.68 -15.03 25.81
CA GLY C 41 -3.40 -15.98 26.87
C GLY C 41 -1.98 -15.95 27.38
N GLY C 42 -1.78 -16.43 28.58
CA GLY C 42 -0.44 -16.49 29.11
C GLY C 42 0.35 -17.64 28.54
N THR C 43 1.65 -17.51 28.59
CA THR C 43 2.59 -18.56 28.21
C THR C 43 3.22 -19.09 29.47
N ARG C 44 2.90 -20.31 29.82
CA ARG C 44 3.31 -20.89 31.08
CA ARG C 44 3.31 -20.89 31.08
C ARG C 44 4.32 -21.99 30.83
N MET C 45 5.45 -21.92 31.50
CA MET C 45 6.51 -22.91 31.36
C MET C 45 6.61 -23.69 32.66
N TRP C 46 6.51 -25.01 32.56
CA TRP C 46 6.42 -25.85 33.74
C TRP C 46 6.77 -27.25 33.31
N MET C 47 7.15 -28.09 34.27
CA MET C 47 7.51 -29.46 33.97
C MET C 47 6.34 -30.36 34.33
N TYR C 48 5.80 -31.06 33.35
CA TYR C 48 4.73 -32.02 33.57
C TYR C 48 5.27 -33.42 33.34
N ASN C 49 4.67 -34.39 34.03
CA ASN C 49 5.19 -35.76 34.00
C ASN C 49 4.98 -36.42 32.65
N SER C 50 3.96 -36.01 31.90
CA SER C 50 3.70 -36.59 30.59
C SER C 50 3.17 -35.50 29.68
N GLU C 51 2.66 -35.89 28.52
CA GLU C 51 1.98 -34.94 27.66
C GLU C 51 0.55 -34.71 28.12
N GLU C 52 -0.10 -35.75 28.66
CA GLU C 52 -1.51 -35.67 28.99
C GLU C 52 -1.77 -34.72 30.14
N GLU C 53 -0.85 -34.63 31.10
CA GLU C 53 -0.91 -33.65 32.18
C GLU C 53 -0.94 -32.23 31.61
N ALA C 54 0.01 -31.93 30.74
CA ALA C 54 0.10 -30.61 30.12
C ALA C 54 -1.09 -30.32 29.24
N LEU C 55 -1.60 -31.33 28.57
CA LEU C 55 -2.73 -31.14 27.67
C LEU C 55 -3.99 -30.80 28.45
N GLU C 56 -4.27 -31.57 29.52
CA GLU C 56 -5.44 -31.26 30.35
C GLU C 56 -5.31 -29.91 31.02
N ASP C 57 -4.09 -29.53 31.39
CA ASP C 57 -3.89 -28.23 32.04
C ASP C 57 -4.11 -27.09 31.06
N ALA C 58 -3.62 -27.24 29.83
CA ALA C 58 -3.81 -26.21 28.81
C ALA C 58 -5.27 -26.05 28.43
N LEU C 59 -6.02 -27.16 28.40
CA LEU C 59 -7.43 -27.08 28.04
C LEU C 59 -8.25 -26.38 29.12
N ARG C 60 -8.01 -26.71 30.39
CA ARG C 60 -8.71 -26.02 31.48
C ARG C 60 -8.41 -24.53 31.51
N LEU C 61 -7.15 -24.17 31.31
CA LEU C 61 -6.81 -22.75 31.37
C LEU C 61 -7.32 -21.98 30.15
N ALA C 62 -7.47 -22.65 29.01
CA ALA C 62 -8.06 -21.99 27.85
C ALA C 62 -9.53 -21.64 28.09
N ARG C 63 -10.30 -22.58 28.65
CA ARG C 63 -11.69 -22.27 28.98
CA ARG C 63 -11.69 -22.28 29.00
C ARG C 63 -11.78 -21.18 30.04
N GLY C 64 -10.92 -21.24 31.06
CA GLY C 64 -10.92 -20.21 32.08
C GLY C 64 -10.61 -18.82 31.57
N MET C 65 -9.65 -18.73 30.64
CA MET C 65 -9.35 -17.42 30.06
C MET C 65 -10.44 -16.91 29.15
N THR C 66 -11.19 -17.80 28.50
CA THR C 66 -12.31 -17.31 27.68
C THR C 66 -13.36 -16.65 28.55
N TYR C 67 -13.73 -17.30 29.65
CA TYR C 67 -14.74 -16.67 30.50
C TYR C 67 -14.22 -15.44 31.24
N LYS C 68 -12.93 -15.40 31.56
CA LYS C 68 -12.37 -14.20 32.16
C LYS C 68 -12.37 -13.03 31.18
N ASN C 69 -11.85 -13.22 29.97
CA ASN C 69 -11.81 -12.11 29.02
C ASN C 69 -13.19 -11.68 28.59
N ALA C 70 -14.16 -12.60 28.55
CA ALA C 70 -15.52 -12.21 28.20
C ALA C 70 -16.17 -11.40 29.31
N ALA C 71 -16.12 -11.91 30.54
CA ALA C 71 -16.81 -11.23 31.64
C ALA C 71 -16.09 -9.99 32.14
N ALA C 72 -14.93 -9.65 31.58
CA ALA C 72 -14.23 -8.44 31.94
C ALA C 72 -14.56 -7.28 31.02
N GLY C 73 -15.19 -7.55 29.89
CA GLY C 73 -15.49 -6.52 28.94
C GLY C 73 -14.47 -6.31 27.86
N LEU C 74 -13.59 -7.28 27.63
CA LEU C 74 -12.53 -7.13 26.65
C LEU C 74 -12.93 -7.77 25.33
N ASN C 75 -12.38 -7.25 24.25
CA ASN C 75 -12.63 -7.79 22.91
C ASN C 75 -11.54 -8.79 22.55
N LEU C 76 -11.49 -9.85 23.32
CA LEU C 76 -10.40 -10.81 23.28
C LEU C 76 -10.96 -12.17 23.60
N GLY C 77 -10.36 -13.19 23.03
CA GLY C 77 -10.79 -14.55 23.25
C GLY C 77 -10.00 -15.22 24.34
N GLY C 78 -10.08 -16.54 24.37
CA GLY C 78 -9.33 -17.24 25.38
C GLY C 78 -8.45 -18.34 24.85
N GLY C 79 -7.19 -18.32 25.22
CA GLY C 79 -6.30 -19.38 24.87
C GLY C 79 -5.26 -19.53 25.94
N LYS C 80 -4.27 -20.39 25.75
CA LYS C 80 -3.25 -20.64 26.75
C LYS C 80 -2.16 -21.49 26.14
N THR C 81 -0.91 -21.15 26.43
CA THR C 81 0.23 -21.91 25.97
C THR C 81 0.84 -22.62 27.16
N VAL C 82 1.27 -23.86 26.96
CA VAL C 82 2.07 -24.58 27.93
C VAL C 82 3.36 -24.99 27.25
N ILE C 83 4.49 -24.56 27.77
CA ILE C 83 5.78 -25.04 27.30
C ILE C 83 6.26 -26.10 28.26
N ILE C 84 6.59 -27.28 27.74
CA ILE C 84 6.99 -28.41 28.57
C ILE C 84 8.50 -28.37 28.71
N GLY C 85 8.96 -27.92 29.86
CA GLY C 85 10.37 -27.85 30.13
C GLY C 85 10.59 -27.49 31.58
N ASP C 86 11.81 -27.10 31.90
CA ASP C 86 12.12 -26.70 33.26
C ASP C 86 12.66 -25.29 33.20
N PRO C 87 11.99 -24.30 33.78
CA PRO C 87 12.46 -22.93 33.68
C PRO C 87 13.70 -22.62 34.49
N ARG C 88 14.17 -23.54 35.33
CA ARG C 88 15.42 -23.29 36.04
C ARG C 88 16.63 -23.59 35.17
N LYS C 89 16.50 -24.53 34.24
CA LYS C 89 17.67 -25.01 33.52
C LYS C 89 17.46 -25.29 32.04
N ASP C 90 16.27 -25.11 31.49
CA ASP C 90 16.00 -25.48 30.11
C ASP C 90 15.45 -24.30 29.32
N LYS C 91 16.06 -23.14 29.47
CA LYS C 91 15.77 -21.99 28.64
C LYS C 91 17.00 -21.56 27.90
N ASN C 92 16.78 -21.03 26.70
CA ASN C 92 17.80 -20.31 25.97
C ASN C 92 17.09 -19.33 25.04
N GLU C 93 17.84 -18.79 24.09
CA GLU C 93 17.24 -17.90 23.12
C GLU C 93 16.53 -18.69 22.03
N ALA C 94 17.06 -19.86 21.69
CA ALA C 94 16.68 -20.52 20.45
C ALA C 94 15.26 -21.06 20.52
N MET C 95 14.83 -21.52 21.69
CA MET C 95 13.45 -21.97 21.82
C MET C 95 12.47 -20.82 21.79
N PHE C 96 12.83 -19.65 22.30
CA PHE C 96 11.88 -18.55 22.19
C PHE C 96 11.89 -17.90 20.82
N ARG C 97 12.97 -17.99 20.06
CA ARG C 97 12.91 -17.53 18.69
C ARG C 97 12.08 -18.49 17.83
N ALA C 98 12.23 -19.80 18.06
CA ALA C 98 11.38 -20.77 17.40
C ALA C 98 9.92 -20.58 17.77
N PHE C 99 9.66 -20.31 19.04
CA PHE C 99 8.29 -20.15 19.51
C PHE C 99 7.67 -18.85 19.04
N GLY C 100 8.45 -17.77 18.97
CA GLY C 100 7.92 -16.54 18.41
C GLY C 100 7.58 -16.66 16.94
N ARG C 101 8.33 -17.47 16.20
CA ARG C 101 7.92 -17.70 14.82
C ARG C 101 6.68 -18.59 14.74
N PHE C 102 6.49 -19.53 15.67
CA PHE C 102 5.23 -20.26 15.66
C PHE C 102 4.03 -19.40 16.07
N ILE C 103 4.24 -18.31 16.80
CA ILE C 103 3.11 -17.41 17.07
C ILE C 103 2.85 -16.50 15.88
N GLN C 104 3.91 -16.00 15.26
CA GLN C 104 3.76 -15.18 14.05
C GLN C 104 3.14 -15.97 12.91
N GLY C 105 3.29 -17.28 12.90
CA GLY C 105 2.64 -18.04 11.86
C GLY C 105 1.20 -18.35 12.07
N LEU C 106 0.59 -17.93 13.17
CA LEU C 106 -0.85 -17.96 13.33
C LEU C 106 -1.52 -16.70 12.83
N ASN C 107 -0.75 -15.68 12.49
CA ASN C 107 -1.21 -14.40 11.93
C ASN C 107 -2.17 -13.69 12.87
N GLY C 108 -1.67 -13.36 14.06
CA GLY C 108 -2.44 -12.49 14.93
C GLY C 108 -3.63 -13.12 15.58
N ARG C 109 -3.84 -14.40 15.37
CA ARG C 109 -4.98 -15.13 15.87
C ARG C 109 -4.81 -15.51 17.33
N TYR C 110 -3.62 -15.33 17.87
CA TYR C 110 -3.29 -15.67 19.24
C TYR C 110 -2.24 -14.72 19.77
N ILE C 111 -2.53 -14.02 20.86
CA ILE C 111 -1.65 -13.05 21.48
C ILE C 111 -1.16 -13.62 22.80
N THR C 112 0.13 -13.50 23.08
CA THR C 112 0.72 -14.13 24.25
C THR C 112 1.15 -13.09 25.29
N ALA C 113 1.18 -13.53 26.55
CA ALA C 113 1.65 -12.68 27.63
C ALA C 113 2.41 -13.52 28.64
N GLU C 114 3.00 -12.86 29.63
CA GLU C 114 3.77 -13.60 30.62
C GLU C 114 2.83 -14.23 31.64
N ASP C 115 3.31 -15.30 32.26
CA ASP C 115 2.47 -16.09 33.12
C ASP C 115 3.41 -16.83 34.07
N VAL C 116 2.93 -17.89 34.70
CA VAL C 116 3.68 -18.60 35.72
C VAL C 116 4.78 -19.40 35.03
N GLY C 117 6.01 -18.91 35.07
CA GLY C 117 7.07 -19.68 34.48
C GLY C 117 7.95 -18.91 33.52
N THR C 118 7.40 -17.86 32.93
CA THR C 118 8.14 -16.95 32.08
C THR C 118 8.18 -15.58 32.73
N THR C 119 9.13 -14.77 32.30
CA THR C 119 9.39 -13.44 32.85
C THR C 119 9.19 -12.40 31.78
N VAL C 120 9.42 -11.12 32.10
CA VAL C 120 9.61 -10.15 31.03
C VAL C 120 11.09 -10.04 30.72
N ALA C 121 11.66 -11.15 30.29
CA ALA C 121 12.95 -11.20 29.64
C ALA C 121 12.93 -12.25 28.57
N ASP C 122 11.90 -13.10 28.58
CA ASP C 122 11.61 -14.04 27.54
C ASP C 122 10.59 -13.52 26.57
N MET C 123 9.79 -12.54 26.97
CA MET C 123 8.98 -11.81 26.02
C MET C 123 9.75 -10.63 25.45
N ASP C 124 11.01 -10.80 25.13
CA ASP C 124 11.78 -9.77 24.46
C ASP C 124 12.47 -10.51 23.35
N ILE C 125 12.64 -11.79 23.57
CA ILE C 125 13.10 -12.69 22.54
C ILE C 125 11.95 -13.03 21.62
N ILE C 126 10.76 -13.19 22.18
CA ILE C 126 9.57 -13.39 21.38
C ILE C 126 9.24 -12.14 20.60
N TYR C 127 9.46 -10.97 21.19
CA TYR C 127 9.18 -9.72 20.49
C TYR C 127 10.12 -9.49 19.32
N GLN C 128 11.29 -10.13 19.30
CA GLN C 128 12.14 -10.06 18.13
C GLN C 128 11.62 -10.86 16.96
N GLU C 129 10.56 -11.64 17.14
CA GLU C 129 10.00 -12.41 16.06
C GLU C 129 8.55 -12.08 15.75
N THR C 130 7.84 -11.34 16.61
CA THR C 130 6.42 -11.16 16.43
C THR C 130 5.96 -9.88 17.12
N ASP C 131 4.82 -9.37 16.67
CA ASP C 131 4.12 -8.29 17.33
C ASP C 131 3.06 -8.76 18.31
N TYR C 132 2.72 -10.04 18.30
CA TYR C 132 1.54 -10.48 19.05
C TYR C 132 1.99 -11.00 20.40
N VAL C 133 2.49 -10.06 21.18
CA VAL C 133 3.03 -10.31 22.50
C VAL C 133 2.80 -9.04 23.31
N THR C 134 2.43 -9.20 24.57
CA THR C 134 2.04 -8.03 25.35
C THR C 134 2.65 -8.11 26.75
N GLY C 135 2.82 -6.94 27.35
CA GLY C 135 3.52 -6.86 28.62
C GLY C 135 5.00 -6.57 28.50
N ILE C 136 5.45 -5.96 27.40
CA ILE C 136 6.87 -5.91 27.10
C ILE C 136 7.40 -4.48 27.07
N SER C 137 6.53 -3.50 26.68
CA SER C 137 6.97 -2.25 26.04
C SER C 137 7.70 -1.33 27.01
N PRO C 138 8.59 -0.48 26.50
CA PRO C 138 9.25 0.49 27.37
C PRO C 138 8.30 1.52 27.96
N GLU C 139 7.17 1.77 27.31
CA GLU C 139 6.09 2.53 27.95
C GLU C 139 5.51 1.79 29.14
N PHE C 140 5.32 0.48 28.99
CA PHE C 140 4.72 -0.30 30.07
C PHE C 140 5.68 -0.48 31.24
N GLY C 141 6.87 -1.03 30.97
CA GLY C 141 7.84 -1.27 32.01
C GLY C 141 8.73 -0.07 32.27
N ASN C 145 3.55 -3.88 35.26
CA ASN C 145 3.45 -4.08 36.70
C ASN C 145 1.98 -4.13 37.08
N PRO C 146 1.35 -5.29 36.93
CA PRO C 146 -0.12 -5.37 37.02
C PRO C 146 -0.67 -5.31 38.43
N SER C 147 0.16 -5.29 39.46
CA SER C 147 -0.34 -5.42 40.83
C SER C 147 -1.08 -4.21 41.40
N PRO C 148 -0.71 -2.94 41.13
CA PRO C 148 -1.62 -1.86 41.52
C PRO C 148 -2.94 -1.89 40.80
N ALA C 149 -2.93 -2.37 39.55
CA ALA C 149 -4.16 -2.52 38.79
C ALA C 149 -5.06 -3.59 39.38
N THR C 150 -4.49 -4.76 39.69
CA THR C 150 -5.28 -5.87 40.24
C THR C 150 -5.83 -5.49 41.61
N ALA C 151 -5.03 -4.78 42.42
CA ALA C 151 -5.50 -4.32 43.72
C ALA C 151 -6.61 -3.28 43.58
N TYR C 152 -6.50 -2.39 42.60
CA TYR C 152 -7.54 -1.38 42.37
C TYR C 152 -8.84 -2.03 41.94
N GLY C 153 -8.74 -3.08 41.13
CA GLY C 153 -9.93 -3.80 40.71
C GLY C 153 -10.57 -4.60 41.83
N VAL C 154 -9.76 -5.18 42.70
CA VAL C 154 -10.28 -5.89 43.87
C VAL C 154 -10.99 -4.90 44.80
N TYR C 155 -10.45 -3.70 44.92
CA TYR C 155 -11.08 -2.64 45.69
C TYR C 155 -12.46 -2.28 45.13
N ARG C 156 -12.57 -2.12 43.81
CA ARG C 156 -13.86 -1.78 43.21
C ARG C 156 -14.86 -2.94 43.35
N GLY C 157 -14.41 -4.18 43.17
CA GLY C 157 -15.30 -5.30 43.34
C GLY C 157 -15.76 -5.48 44.77
N MET C 158 -14.92 -5.08 45.72
CA MET C 158 -15.32 -5.14 47.11
C MET C 158 -16.33 -4.06 47.46
N LYS C 159 -16.19 -2.87 46.84
CA LYS C 159 -17.24 -1.85 46.86
C LYS C 159 -18.58 -2.40 46.39
N ALA C 160 -18.58 -3.10 45.27
CA ALA C 160 -19.83 -3.63 44.72
C ALA C 160 -20.43 -4.71 45.61
N ALA C 161 -19.59 -5.61 46.14
CA ALA C 161 -20.10 -6.65 47.01
C ALA C 161 -20.57 -6.10 48.34
N ALA C 162 -19.99 -4.98 48.78
CA ALA C 162 -20.46 -4.34 50.01
C ALA C 162 -21.79 -3.64 49.79
N LYS C 163 -22.01 -3.08 48.60
CA LYS C 163 -23.33 -2.52 48.32
C LYS C 163 -24.36 -3.62 48.09
N GLU C 164 -23.92 -4.80 47.66
CA GLU C 164 -24.84 -5.93 47.59
C GLU C 164 -25.26 -6.40 48.98
N ALA C 165 -24.29 -6.70 49.83
CA ALA C 165 -24.62 -7.30 51.12
C ALA C 165 -25.21 -6.31 52.11
N PHE C 166 -24.99 -5.02 51.92
CA PHE C 166 -25.42 -4.03 52.90
C PHE C 166 -26.25 -2.89 52.34
N GLY C 167 -25.90 -2.38 51.16
CA GLY C 167 -26.55 -1.21 50.58
C GLY C 167 -25.64 0.00 50.50
N SER C 168 -24.72 0.14 51.44
CA SER C 168 -23.77 1.23 51.45
C SER C 168 -22.42 0.73 50.94
N ASP C 169 -21.77 1.56 50.11
CA ASP C 169 -20.44 1.25 49.62
C ASP C 169 -19.32 2.01 50.32
N SER C 170 -19.65 3.07 51.06
CA SER C 170 -18.66 3.81 51.83
C SER C 170 -18.19 2.93 52.99
N LEU C 171 -16.94 2.49 52.93
CA LEU C 171 -16.44 1.46 53.83
C LEU C 171 -15.81 2.01 55.10
N GLU C 172 -16.07 3.26 55.45
CA GLU C 172 -15.65 3.78 56.74
C GLU C 172 -16.49 3.11 57.81
N GLY C 173 -15.89 2.20 58.57
CA GLY C 173 -16.61 1.51 59.62
C GLY C 173 -16.82 0.05 59.29
N LYS C 174 -15.86 -0.53 58.58
CA LYS C 174 -15.92 -1.92 58.18
C LYS C 174 -14.67 -2.62 58.66
N VAL C 175 -14.72 -3.96 58.66
CA VAL C 175 -13.60 -4.79 59.11
C VAL C 175 -13.25 -5.74 57.98
N VAL C 176 -12.00 -5.66 57.51
CA VAL C 176 -11.54 -6.45 56.37
C VAL C 176 -10.36 -7.30 56.82
N ALA C 177 -10.51 -8.61 56.72
CA ALA C 177 -9.43 -9.55 57.02
C ALA C 177 -8.78 -10.00 55.73
N VAL C 178 -7.46 -9.89 55.67
CA VAL C 178 -6.67 -10.10 54.46
C VAL C 178 -5.54 -11.07 54.77
N GLN C 179 -5.50 -12.18 54.05
CA GLN C 179 -4.37 -13.10 54.19
C GLN C 179 -3.42 -12.98 53.00
N GLY C 180 -2.13 -12.94 53.31
CA GLY C 180 -1.09 -12.69 52.33
C GLY C 180 -0.93 -11.21 52.06
N VAL C 181 0.28 -10.66 52.14
CA VAL C 181 0.46 -9.23 51.89
C VAL C 181 1.47 -9.13 50.74
N GLY C 182 1.38 -10.06 49.79
CA GLY C 182 2.35 -10.16 48.72
C GLY C 182 2.06 -9.36 47.46
N ASN C 183 2.34 -8.05 47.51
CA ASN C 183 2.38 -7.12 46.38
C ASN C 183 1.04 -6.78 45.74
N VAL C 184 -0.01 -7.54 46.04
CA VAL C 184 -1.32 -7.32 45.45
C VAL C 184 -2.36 -7.01 46.51
N ALA C 185 -2.23 -7.63 47.69
CA ALA C 185 -3.05 -7.22 48.80
C ALA C 185 -2.43 -6.04 49.52
N TYR C 186 -1.19 -5.70 49.17
CA TYR C 186 -0.50 -4.60 49.84
C TYR C 186 -1.06 -3.26 49.39
N HIS C 187 -1.14 -3.04 48.08
CA HIS C 187 -1.83 -1.86 47.54
C HIS C 187 -3.31 -1.88 47.88
N LEU C 188 -3.90 -3.08 47.99
CA LEU C 188 -5.27 -3.21 48.48
C LEU C 188 -5.40 -2.64 49.88
N CYS C 189 -4.45 -2.95 50.77
CA CYS C 189 -4.51 -2.42 52.12
C CYS C 189 -4.24 -0.92 52.16
N ARG C 190 -3.39 -0.42 51.25
CA ARG C 190 -3.30 1.02 51.02
C ARG C 190 -4.66 1.64 50.72
N HIS C 191 -5.39 1.08 49.76
CA HIS C 191 -6.70 1.63 49.38
C HIS C 191 -7.70 1.53 50.53
N LEU C 192 -7.65 0.43 51.28
CA LEU C 192 -8.65 0.22 52.32
C LEU C 192 -8.42 1.10 53.52
N HIS C 193 -7.16 1.43 53.86
CA HIS C 193 -7.01 2.37 54.96
C HIS C 193 -7.13 3.82 54.49
N GLU C 194 -6.80 4.11 53.22
CA GLU C 194 -7.02 5.47 52.74
C GLU C 194 -8.50 5.77 52.55
N GLU C 195 -9.35 4.75 52.46
CA GLU C 195 -10.77 5.02 52.66
C GLU C 195 -11.10 5.16 54.13
N GLY C 196 -10.38 4.47 55.00
CA GLY C 196 -10.67 4.54 56.42
C GLY C 196 -11.41 3.31 56.93
N ALA C 197 -10.90 2.14 56.58
CA ALA C 197 -11.46 0.87 57.03
C ALA C 197 -10.44 0.13 57.88
N LYS C 198 -10.95 -0.69 58.80
CA LYS C 198 -10.09 -1.40 59.73
C LYS C 198 -9.60 -2.71 59.11
N LEU C 199 -8.33 -3.00 59.32
CA LEU C 199 -7.63 -4.07 58.63
C LEU C 199 -7.13 -5.12 59.62
N ILE C 200 -7.24 -6.38 59.23
CA ILE C 200 -6.73 -7.51 60.00
C ILE C 200 -5.93 -8.35 59.01
N VAL C 201 -4.61 -8.26 59.07
CA VAL C 201 -3.78 -8.89 58.07
C VAL C 201 -3.10 -10.11 58.68
N THR C 202 -2.70 -11.03 57.80
CA THR C 202 -1.82 -12.12 58.18
C THR C 202 -1.04 -12.56 56.97
N ASP C 203 -0.02 -13.39 57.22
CA ASP C 203 0.96 -13.82 56.23
C ASP C 203 1.76 -14.94 56.86
N ILE C 204 2.38 -15.76 56.00
CA ILE C 204 3.27 -16.80 56.50
C ILE C 204 4.57 -16.20 57.02
N ASN C 205 4.95 -15.02 56.55
CA ASN C 205 6.10 -14.31 57.09
C ASN C 205 5.64 -13.40 58.23
N LYS C 206 6.60 -12.73 58.85
CA LYS C 206 6.34 -11.73 59.88
C LYS C 206 6.89 -10.36 59.52
N GLU C 207 7.95 -10.30 58.71
CA GLU C 207 8.50 -9.02 58.28
C GLU C 207 7.51 -8.24 57.43
N ALA C 208 6.77 -8.93 56.55
CA ALA C 208 5.70 -8.28 55.82
C ALA C 208 4.56 -7.87 56.75
N VAL C 209 4.28 -8.67 57.79
CA VAL C 209 3.27 -8.31 58.78
C VAL C 209 3.74 -7.10 59.57
N ALA C 210 5.04 -7.03 59.87
CA ALA C 210 5.60 -5.86 60.55
C ALA C 210 5.49 -4.61 59.69
N ARG C 211 5.70 -4.76 58.38
CA ARG C 211 5.50 -3.66 57.45
C ARG C 211 4.05 -3.21 57.41
N ALA C 212 3.13 -4.16 57.48
CA ALA C 212 1.70 -3.84 57.45
C ALA C 212 1.27 -3.10 58.71
N VAL C 213 1.76 -3.54 59.87
CA VAL C 213 1.39 -2.91 61.13
C VAL C 213 2.03 -1.53 61.24
N GLU C 214 3.27 -1.40 60.74
CA GLU C 214 3.96 -0.11 60.77
C GLU C 214 3.29 0.89 59.83
N GLU C 215 2.83 0.44 58.66
CA GLU C 215 2.18 1.34 57.72
C GLU C 215 0.79 1.73 58.21
N PHE C 216 -0.12 0.77 58.38
CA PHE C 216 -1.53 1.13 58.51
C PHE C 216 -2.18 0.65 59.80
N GLY C 217 -1.39 0.21 60.77
CA GLY C 217 -1.94 -0.12 62.08
C GLY C 217 -2.83 -1.35 62.07
N ALA C 218 -2.53 -2.33 61.22
CA ALA C 218 -3.31 -3.54 61.12
C ALA C 218 -3.09 -4.41 62.35
N LYS C 219 -3.79 -5.55 62.38
CA LYS C 219 -3.79 -6.42 63.54
C LYS C 219 -3.14 -7.74 63.18
N ALA C 220 -2.00 -8.02 63.80
CA ALA C 220 -1.23 -9.23 63.51
C ALA C 220 -1.94 -10.42 64.14
N VAL C 221 -2.50 -11.28 63.30
CA VAL C 221 -3.21 -12.47 63.72
C VAL C 221 -2.52 -13.67 63.06
N ASP C 222 -2.52 -14.81 63.75
CA ASP C 222 -1.86 -16.01 63.28
C ASP C 222 -2.52 -16.54 61.99
N PRO C 223 -1.76 -17.22 61.13
CA PRO C 223 -2.32 -17.57 59.81
C PRO C 223 -3.35 -18.69 59.82
N ASN C 224 -3.31 -19.61 60.79
CA ASN C 224 -4.25 -20.72 60.78
C ASN C 224 -5.65 -20.31 61.21
N ASP C 225 -5.77 -19.27 62.02
CA ASP C 225 -7.06 -18.81 62.49
C ASP C 225 -7.43 -17.43 61.94
N ILE C 226 -7.03 -17.15 60.70
CA ILE C 226 -7.60 -16.03 59.96
C ILE C 226 -9.02 -16.35 59.52
N TYR C 227 -9.38 -17.64 59.46
CA TYR C 227 -10.68 -18.02 58.97
C TYR C 227 -11.77 -17.76 60.00
N GLY C 228 -11.45 -17.90 61.28
CA GLY C 228 -12.42 -17.73 62.34
C GLY C 228 -12.55 -16.32 62.88
N VAL C 229 -11.89 -15.35 62.26
CA VAL C 229 -11.94 -13.97 62.75
C VAL C 229 -13.31 -13.38 62.45
N GLU C 230 -13.95 -12.83 63.48
CA GLU C 230 -15.22 -12.14 63.31
C GLU C 230 -14.97 -10.84 62.56
N CYS C 231 -15.36 -10.80 61.29
CA CYS C 231 -15.11 -9.67 60.42
C CYS C 231 -16.31 -9.52 59.48
N ASP C 232 -16.18 -8.64 58.49
CA ASP C 232 -17.20 -8.47 57.46
C ASP C 232 -16.76 -9.02 56.12
N ILE C 233 -15.64 -8.55 55.59
CA ILE C 233 -15.23 -8.85 54.22
C ILE C 233 -13.91 -9.62 54.29
N PHE C 234 -13.97 -10.90 53.97
CA PHE C 234 -12.78 -11.75 53.94
C PHE C 234 -12.19 -11.78 52.54
N ALA C 235 -10.92 -11.42 52.42
CA ALA C 235 -10.27 -11.21 51.12
C ALA C 235 -9.07 -12.14 50.94
N PRO C 236 -9.27 -13.36 50.47
CA PRO C 236 -8.14 -14.27 50.31
C PRO C 236 -7.27 -13.91 49.11
N CYS C 237 -5.96 -13.85 49.34
CA CYS C 237 -5.04 -13.40 48.31
C CYS C 237 -3.78 -14.26 48.27
N ALA C 238 -3.88 -15.53 48.67
CA ALA C 238 -2.70 -16.38 48.77
C ALA C 238 -2.70 -17.54 47.79
N LEU C 239 -3.70 -18.43 47.84
CA LEU C 239 -3.68 -19.63 47.01
C LEU C 239 -5.10 -19.96 46.60
N GLY C 240 -5.26 -21.15 46.03
CA GLY C 240 -6.55 -21.70 45.70
C GLY C 240 -6.92 -22.86 46.62
N GLY C 241 -8.17 -23.27 46.52
CA GLY C 241 -8.65 -24.31 47.40
C GLY C 241 -8.83 -23.88 48.83
N ILE C 242 -8.92 -22.58 49.08
CA ILE C 242 -9.10 -22.07 50.43
C ILE C 242 -10.49 -22.41 50.95
N ILE C 243 -11.52 -22.16 50.14
CA ILE C 243 -12.85 -22.57 50.52
C ILE C 243 -13.00 -24.05 50.24
N ASN C 244 -12.72 -24.87 51.24
CA ASN C 244 -12.93 -26.30 51.19
C ASN C 244 -13.89 -26.71 52.30
N ASP C 245 -14.18 -28.01 52.37
CA ASP C 245 -15.13 -28.51 53.36
C ASP C 245 -14.58 -28.37 54.77
N GLN C 246 -13.27 -28.38 54.91
CA GLN C 246 -12.63 -28.25 56.21
C GLN C 246 -12.73 -26.85 56.79
N THR C 247 -13.09 -25.84 56.00
CA THR C 247 -13.06 -24.45 56.47
C THR C 247 -14.37 -23.68 56.32
N ILE C 248 -15.40 -24.26 55.71
CA ILE C 248 -16.67 -23.54 55.53
C ILE C 248 -17.36 -23.16 56.83
N PRO C 249 -17.51 -24.03 57.84
CA PRO C 249 -18.09 -23.53 59.10
C PRO C 249 -17.17 -22.63 59.91
N GLN C 250 -15.89 -22.49 59.53
CA GLN C 250 -14.99 -21.61 60.27
C GLN C 250 -15.29 -20.14 60.00
N LEU C 251 -15.97 -19.81 58.90
CA LEU C 251 -16.15 -18.41 58.53
C LEU C 251 -17.19 -17.72 59.39
N LYS C 252 -16.89 -16.46 59.71
CA LYS C 252 -17.84 -15.55 60.34
C LYS C 252 -18.05 -14.30 59.49
N ALA C 253 -17.72 -14.38 58.21
CA ALA C 253 -17.85 -13.26 57.29
C ALA C 253 -18.88 -13.58 56.22
N LYS C 254 -19.46 -12.54 55.65
CA LYS C 254 -20.51 -12.71 54.66
C LYS C 254 -20.14 -12.20 53.28
N VAL C 255 -18.95 -11.63 53.10
CA VAL C 255 -18.50 -11.11 51.82
C VAL C 255 -17.12 -11.68 51.55
N ILE C 256 -17.00 -12.53 50.54
CA ILE C 256 -15.72 -13.08 50.12
C ILE C 256 -15.34 -12.42 48.81
N ALA C 257 -14.29 -11.60 48.84
CA ALA C 257 -13.87 -10.89 47.63
C ALA C 257 -12.36 -10.69 47.67
N GLY C 258 -11.62 -11.63 47.05
CA GLY C 258 -10.19 -11.57 47.04
C GLY C 258 -9.64 -11.87 45.65
N SER C 259 -8.34 -11.65 45.50
CA SER C 259 -7.67 -11.72 44.21
C SER C 259 -7.12 -13.10 43.91
N ALA C 260 -7.43 -14.10 44.71
CA ALA C 260 -6.83 -15.41 44.52
C ALA C 260 -7.53 -16.17 43.41
N ASN C 261 -6.76 -16.95 42.67
CA ASN C 261 -7.29 -17.78 41.61
C ASN C 261 -7.78 -19.12 42.16
N ASN C 262 -8.89 -19.61 41.60
CA ASN C 262 -9.47 -20.92 41.88
C ASN C 262 -9.85 -21.07 43.36
N GLN C 263 -10.75 -20.21 43.80
CA GLN C 263 -11.04 -20.12 45.23
C GLN C 263 -11.88 -21.28 45.72
N LEU C 264 -12.91 -21.67 44.99
CA LEU C 264 -13.71 -22.80 45.39
C LEU C 264 -12.98 -24.09 45.02
N LYS C 265 -12.93 -25.04 45.94
CA LYS C 265 -12.30 -26.32 45.64
C LYS C 265 -13.20 -27.17 44.74
N GLU C 266 -14.46 -27.28 45.09
CA GLU C 266 -15.47 -27.95 44.27
C GLU C 266 -16.70 -27.07 44.18
N PRO C 267 -17.48 -27.17 43.10
CA PRO C 267 -18.69 -26.33 43.00
C PRO C 267 -19.77 -26.63 44.03
N ARG C 268 -19.72 -27.79 44.68
CA ARG C 268 -20.63 -28.07 45.79
CA ARG C 268 -20.65 -28.04 45.77
C ARG C 268 -20.40 -27.10 46.94
N HIS C 269 -19.15 -26.65 47.12
CA HIS C 269 -18.85 -25.64 48.13
C HIS C 269 -19.54 -24.33 47.79
N GLY C 270 -19.58 -23.97 46.50
CA GLY C 270 -20.29 -22.77 46.09
C GLY C 270 -21.78 -22.89 46.26
N ASP C 271 -22.32 -24.10 46.05
CA ASP C 271 -23.72 -24.37 46.37
C ASP C 271 -24.00 -24.16 47.85
N MET C 272 -23.09 -24.62 48.72
CA MET C 272 -23.31 -24.49 50.15
C MET C 272 -23.16 -23.05 50.63
N ILE C 273 -22.24 -22.30 50.02
CA ILE C 273 -22.11 -20.87 50.32
C ILE C 273 -23.38 -20.13 49.93
N HIS C 274 -23.94 -20.45 48.76
CA HIS C 274 -25.18 -19.79 48.37
C HIS C 274 -26.36 -20.21 49.24
N GLU C 275 -26.33 -21.44 49.77
CA GLU C 275 -27.39 -21.85 50.69
C GLU C 275 -27.26 -21.17 52.05
N MET C 276 -26.04 -20.84 52.49
CA MET C 276 -25.89 -20.14 53.76
C MET C 276 -26.26 -18.67 53.63
N GLY C 277 -25.59 -17.95 52.73
CA GLY C 277 -25.90 -16.56 52.52
C GLY C 277 -24.68 -15.67 52.44
N ILE C 278 -23.49 -16.27 52.36
CA ILE C 278 -22.27 -15.51 52.20
C ILE C 278 -22.21 -14.98 50.77
N VAL C 279 -22.13 -13.66 50.63
CA VAL C 279 -22.14 -13.03 49.32
C VAL C 279 -20.79 -13.26 48.66
N TYR C 280 -20.70 -14.27 47.82
CA TYR C 280 -19.48 -14.63 47.13
C TYR C 280 -19.46 -14.02 45.75
N ALA C 281 -18.75 -12.93 45.62
CA ALA C 281 -18.48 -12.48 44.26
C ALA C 281 -17.41 -13.38 43.65
N PRO C 282 -17.55 -13.74 42.37
CA PRO C 282 -16.76 -14.85 41.82
C PRO C 282 -15.31 -14.46 41.65
N ASP C 283 -14.47 -15.48 41.48
CA ASP C 283 -13.04 -15.24 41.55
C ASP C 283 -12.52 -14.53 40.31
N TYR C 284 -12.90 -14.96 39.12
CA TYR C 284 -12.32 -14.38 37.92
C TYR C 284 -13.01 -13.12 37.44
N VAL C 285 -13.93 -12.55 38.20
CA VAL C 285 -14.53 -11.29 37.79
C VAL C 285 -13.85 -10.18 38.56
N ILE C 286 -13.50 -10.45 39.82
CA ILE C 286 -12.85 -9.45 40.64
C ILE C 286 -11.41 -9.25 40.22
N ASN C 287 -10.63 -10.32 40.18
CA ASN C 287 -9.20 -10.17 39.98
C ASN C 287 -8.79 -10.01 38.53
N ALA C 288 -9.68 -9.55 37.66
CA ALA C 288 -9.39 -9.42 36.24
C ALA C 288 -8.74 -8.11 35.89
N GLY C 289 -8.23 -7.37 36.87
CA GLY C 289 -7.64 -6.08 36.57
C GLY C 289 -6.31 -6.18 35.86
N GLY C 290 -5.54 -7.22 36.14
CA GLY C 290 -4.23 -7.33 35.52
C GLY C 290 -4.31 -7.67 34.05
N VAL C 291 -5.32 -8.46 33.68
CA VAL C 291 -5.53 -8.81 32.28
C VAL C 291 -6.02 -7.59 31.50
N ILE C 292 -6.86 -6.76 32.11
CA ILE C 292 -7.25 -5.48 31.52
C ILE C 292 -6.05 -4.58 31.34
N ASN C 293 -5.14 -4.56 32.31
CA ASN C 293 -3.94 -3.72 32.21
C ASN C 293 -3.05 -4.18 31.06
N VAL C 294 -2.82 -5.49 30.95
CA VAL C 294 -1.95 -5.94 29.86
C VAL C 294 -2.66 -6.01 28.52
N ALA C 295 -3.98 -5.89 28.48
CA ALA C 295 -4.68 -5.80 27.21
C ALA C 295 -4.91 -4.37 26.76
N ASP C 296 -4.71 -3.39 27.63
CA ASP C 296 -4.79 -2.01 27.18
C ASP C 296 -3.50 -1.57 26.50
N GLU C 297 -2.44 -2.38 26.56
CA GLU C 297 -1.20 -2.08 25.85
C GLU C 297 -1.40 -2.20 24.34
N LEU C 298 -2.38 -2.97 23.89
CA LEU C 298 -2.62 -3.20 22.47
C LEU C 298 -3.10 -1.95 21.74
N TYR C 299 -3.47 -0.91 22.45
CA TYR C 299 -3.82 0.38 21.88
C TYR C 299 -2.64 1.32 21.80
N GLY C 300 -1.51 0.96 22.39
CA GLY C 300 -0.52 1.94 22.79
C GLY C 300 -0.86 2.29 24.21
N TYR C 301 0.04 2.03 25.16
CA TYR C 301 -0.35 2.01 26.56
C TYR C 301 -0.55 3.40 27.10
N ASN C 302 -1.67 3.60 27.79
CA ASN C 302 -1.98 4.85 28.45
C ASN C 302 -2.58 4.49 29.81
N ARG C 303 -2.08 5.14 30.85
CA ARG C 303 -2.44 4.74 32.21
C ARG C 303 -3.86 5.14 32.55
N GLU C 304 -4.30 6.31 32.09
CA GLU C 304 -5.60 6.84 32.48
C GLU C 304 -6.76 6.07 31.85
N ARG C 305 -6.61 5.70 30.57
CA ARG C 305 -7.60 4.87 29.90
C ARG C 305 -7.72 3.49 30.54
N ALA C 306 -6.58 2.89 30.90
CA ALA C 306 -6.60 1.56 31.51
C ALA C 306 -7.21 1.61 32.89
N MET C 307 -6.93 2.64 33.69
CA MET C 307 -7.55 2.73 35.01
C MET C 307 -9.04 3.02 34.91
N LYS C 308 -9.45 3.81 33.91
CA LYS C 308 -10.87 4.03 33.67
C LYS C 308 -11.57 2.74 33.25
N LYS C 309 -10.87 1.83 32.59
CA LYS C 309 -11.49 0.56 32.25
C LYS C 309 -11.53 -0.40 33.44
N ILE C 310 -10.50 -0.37 34.30
CA ILE C 310 -10.48 -1.19 35.52
C ILE C 310 -11.54 -0.74 36.52
N GLU C 311 -11.96 0.52 36.44
CA GLU C 311 -13.03 1.03 37.29
C GLU C 311 -14.37 0.31 37.08
N GLN C 312 -14.60 -0.34 35.94
CA GLN C 312 -15.90 -0.95 35.64
C GLN C 312 -16.12 -2.30 36.31
N ILE C 313 -15.23 -2.76 37.19
CA ILE C 313 -15.45 -4.05 37.84
C ILE C 313 -16.58 -3.97 38.85
N TYR C 314 -16.86 -2.76 39.34
CA TYR C 314 -18.08 -2.46 40.09
C TYR C 314 -19.33 -2.86 39.30
N ASP C 315 -19.41 -2.45 38.04
CA ASP C 315 -20.56 -2.77 37.21
C ASP C 315 -20.59 -4.23 36.81
N ASN C 316 -19.42 -4.85 36.65
CA ASN C 316 -19.36 -6.27 36.31
C ASN C 316 -19.92 -7.12 37.45
N ILE C 317 -19.49 -6.83 38.68
CA ILE C 317 -20.01 -7.54 39.86
C ILE C 317 -21.50 -7.26 40.04
N GLU C 318 -21.94 -6.04 39.73
CA GLU C 318 -23.36 -5.72 39.90
C GLU C 318 -24.23 -6.47 38.91
N LYS C 319 -23.76 -6.64 37.67
CA LYS C 319 -24.50 -7.49 36.72
C LYS C 319 -24.46 -8.96 37.10
N VAL C 320 -23.36 -9.45 37.69
CA VAL C 320 -23.33 -10.84 38.14
C VAL C 320 -24.37 -11.08 39.22
N PHE C 321 -24.51 -10.14 40.16
CA PHE C 321 -25.51 -10.30 41.19
C PHE C 321 -26.93 -10.10 40.67
N ALA C 322 -27.10 -9.26 39.65
CA ALA C 322 -28.42 -9.10 39.04
C ALA C 322 -28.85 -10.38 38.31
N ILE C 323 -27.94 -11.02 37.59
CA ILE C 323 -28.26 -12.29 36.94
C ILE C 323 -28.48 -13.39 37.97
N ALA C 324 -27.73 -13.37 39.08
CA ALA C 324 -27.89 -14.41 40.10
C ALA C 324 -29.24 -14.27 40.81
N LYS C 325 -29.72 -13.05 40.99
CA LYS C 325 -31.05 -12.88 41.58
C LYS C 325 -32.17 -13.06 40.56
N ARG C 326 -31.90 -12.85 39.28
CA ARG C 326 -32.90 -13.10 38.25
C ARG C 326 -33.10 -14.58 37.98
N ASP C 327 -32.03 -15.35 38.01
CA ASP C 327 -32.04 -16.71 37.50
C ASP C 327 -32.09 -17.75 38.63
N ASN C 328 -32.00 -17.32 39.89
CA ASN C 328 -32.12 -18.16 41.09
C ASN C 328 -31.07 -19.28 41.12
N ILE C 329 -29.87 -18.92 40.72
CA ILE C 329 -28.72 -19.82 40.63
C ILE C 329 -27.66 -19.27 41.56
N PRO C 330 -26.58 -19.97 41.87
CA PRO C 330 -25.47 -19.35 42.59
C PRO C 330 -24.73 -18.32 41.75
N THR C 331 -23.75 -17.67 42.39
CA THR C 331 -23.05 -16.61 41.70
C THR C 331 -21.91 -17.13 40.83
N TYR C 332 -21.32 -18.27 41.18
CA TYR C 332 -20.27 -18.80 40.33
C TYR C 332 -20.84 -19.37 39.04
N VAL C 333 -22.12 -19.71 39.02
CA VAL C 333 -22.82 -20.05 37.80
C VAL C 333 -23.25 -18.79 37.07
N ALA C 334 -23.58 -17.74 37.82
CA ALA C 334 -23.96 -16.46 37.23
C ALA C 334 -22.83 -15.82 36.46
N ALA C 335 -21.58 -16.06 36.87
CA ALA C 335 -20.45 -15.50 36.14
C ALA C 335 -20.30 -16.13 34.76
N ASP C 336 -20.42 -17.46 34.69
CA ASP C 336 -20.36 -18.17 33.41
C ASP C 336 -21.52 -17.77 32.51
N ARG C 337 -22.71 -17.57 33.08
CA ARG C 337 -23.84 -17.24 32.21
C ARG C 337 -23.78 -15.80 31.74
N MET C 338 -23.25 -14.87 32.55
CA MET C 338 -22.95 -13.53 32.08
C MET C 338 -22.00 -13.55 30.90
N ALA C 339 -20.94 -14.35 31.00
CA ALA C 339 -19.95 -14.39 29.93
C ALA C 339 -20.51 -15.00 28.66
N GLU C 340 -21.30 -16.06 28.77
CA GLU C 340 -21.85 -16.70 27.58
C GLU C 340 -22.93 -15.84 26.93
N GLU C 341 -23.70 -15.09 27.74
CA GLU C 341 -24.64 -14.14 27.14
C GLU C 341 -23.92 -13.03 26.42
N ARG C 342 -22.75 -12.60 26.92
CA ARG C 342 -22.01 -11.56 26.19
C ARG C 342 -21.45 -12.11 24.89
N ILE C 343 -20.99 -13.36 24.91
CA ILE C 343 -20.44 -13.98 23.70
C ILE C 343 -21.52 -14.15 22.64
N GLU C 344 -22.70 -14.65 23.02
CA GLU C 344 -23.75 -14.89 22.03
C GLU C 344 -24.34 -13.58 21.51
N THR C 345 -24.48 -12.58 22.39
CA THR C 345 -25.02 -11.31 21.98
C THR C 345 -24.07 -10.56 21.06
N MET C 346 -22.76 -10.68 21.29
CA MET C 346 -21.86 -10.04 20.34
C MET C 346 -21.64 -10.89 19.10
N ARG C 347 -22.01 -12.16 19.11
CA ARG C 347 -22.07 -12.88 17.84
C ARG C 347 -23.21 -12.37 17.00
N LYS C 348 -24.37 -12.12 17.61
CA LYS C 348 -25.55 -11.74 16.84
C LYS C 348 -25.65 -10.25 16.53
N ALA C 349 -25.00 -9.38 17.30
CA ALA C 349 -25.17 -7.94 17.11
C ALA C 349 -24.09 -7.33 16.24
N ARG C 350 -23.05 -8.09 15.91
CA ARG C 350 -22.00 -7.66 15.01
C ARG C 350 -22.01 -8.45 13.72
N SER C 351 -23.19 -8.67 13.17
CA SER C 351 -23.33 -9.54 12.02
C SER C 351 -23.46 -8.81 10.70
N GLN C 352 -23.74 -7.51 10.71
CA GLN C 352 -23.86 -6.81 9.44
C GLN C 352 -22.51 -6.61 8.78
N PHE C 353 -22.52 -6.74 7.47
CA PHE C 353 -21.32 -6.79 6.65
C PHE C 353 -20.61 -5.45 6.62
N LEU C 354 -19.29 -5.48 6.81
CA LEU C 354 -18.42 -4.37 6.52
C LEU C 354 -17.20 -4.96 5.86
N GLN C 355 -16.65 -4.28 4.88
CA GLN C 355 -15.43 -4.79 4.27
C GLN C 355 -14.19 -4.18 4.87
N ASN C 356 -14.34 -3.31 5.85
CA ASN C 356 -13.25 -2.60 6.49
C ASN C 356 -13.50 -2.47 7.99
N GLY C 357 -13.81 -3.59 8.64
CA GLY C 357 -14.10 -3.55 10.06
C GLY C 357 -12.85 -3.39 10.91
N HIS C 358 -13.06 -2.95 12.15
CA HIS C 358 -11.99 -2.84 13.13
C HIS C 358 -12.06 -3.99 14.11
N HIS C 359 -10.92 -4.60 14.37
CA HIS C 359 -10.69 -5.51 15.47
C HIS C 359 -9.65 -4.90 16.39
N ILE C 360 -9.17 -5.68 17.34
CA ILE C 360 -8.30 -5.13 18.38
C ILE C 360 -6.89 -4.94 17.86
N LEU C 361 -6.54 -5.50 16.71
CA LEU C 361 -5.21 -5.42 16.14
C LEU C 361 -5.19 -4.51 14.92
N SER C 362 -6.14 -3.62 14.79
CA SER C 362 -6.29 -2.92 13.54
C SER C 362 -5.41 -1.69 13.52
N ARG C 363 -5.02 -1.30 12.31
CA ARG C 363 -4.32 -0.04 12.10
C ARG C 363 -5.33 1.07 12.06
N ARG C 364 -5.03 2.18 12.72
CA ARG C 364 -5.99 3.26 12.74
C ARG C 364 -5.30 4.61 12.93
N ARG C 365 -6.12 5.65 13.02
CA ARG C 365 -5.61 7.00 13.13
CA ARG C 365 -5.61 7.00 13.15
C ARG C 365 -4.93 7.21 14.48
N ALA C 366 -3.89 8.04 14.46
CA ALA C 366 -3.11 8.29 15.67
C ALA C 366 -3.92 9.10 16.68
N ARG C 367 -4.52 10.20 16.22
CA ARG C 367 -5.40 11.07 16.99
C ARG C 367 -4.79 11.57 18.30
N MET D 1 0.14 -41.62 23.44
CA MET D 1 0.98 -41.95 22.29
C MET D 1 2.39 -41.44 22.54
N GLU D 2 2.49 -40.52 23.50
CA GLU D 2 3.66 -39.67 23.72
C GLU D 2 4.02 -38.99 22.40
N LEU D 3 3.11 -38.11 21.99
CA LEU D 3 3.10 -37.60 20.63
C LEU D 3 4.30 -36.71 20.35
N PHE D 4 4.86 -36.06 21.39
CA PHE D 4 6.09 -35.33 21.13
C PHE D 4 7.31 -36.22 20.97
N GLN D 5 7.26 -37.47 21.45
CA GLN D 5 8.36 -38.37 21.12
C GLN D 5 8.36 -38.72 19.64
N TYR D 6 7.19 -39.01 19.09
CA TYR D 6 7.10 -39.31 17.67
C TYR D 6 7.41 -38.08 16.84
N MET D 7 7.05 -36.89 17.33
CA MET D 7 7.43 -35.68 16.59
C MET D 7 8.93 -35.42 16.68
N GLU D 8 9.55 -35.70 17.82
CA GLU D 8 10.95 -35.34 17.98
C GLU D 8 11.87 -36.30 17.25
N LYS D 9 11.45 -37.57 17.09
CA LYS D 9 12.29 -38.53 16.36
C LYS D 9 12.39 -38.24 14.87
N TYR D 10 11.48 -37.46 14.30
CA TYR D 10 11.50 -37.19 12.88
C TYR D 10 11.46 -35.71 12.53
N ASP D 11 11.48 -34.83 13.54
CA ASP D 11 11.46 -33.37 13.39
C ASP D 11 10.20 -32.88 12.66
N TYR D 12 9.05 -33.19 13.24
CA TYR D 12 7.81 -32.59 12.77
C TYR D 12 7.68 -31.19 13.32
N GLU D 13 7.31 -30.24 12.48
CA GLU D 13 7.06 -28.90 13.02
C GLU D 13 5.76 -28.89 13.81
N GLN D 14 4.64 -29.14 13.17
CA GLN D 14 3.37 -28.99 13.84
C GLN D 14 2.43 -30.13 13.53
N VAL D 15 1.58 -30.43 14.51
CA VAL D 15 0.35 -31.16 14.36
C VAL D 15 -0.74 -30.22 14.86
N LEU D 16 -1.92 -30.24 14.26
CA LEU D 16 -2.86 -29.17 14.54
C LEU D 16 -4.28 -29.70 14.44
N PHE D 17 -5.00 -29.71 15.54
CA PHE D 17 -6.29 -30.37 15.65
C PHE D 17 -7.38 -29.32 15.53
N CYS D 18 -8.04 -29.27 14.39
CA CYS D 18 -9.15 -28.37 14.21
C CYS D 18 -10.45 -29.07 14.55
N GLN D 19 -11.45 -28.28 14.91
CA GLN D 19 -12.73 -28.81 15.34
C GLN D 19 -13.76 -27.71 15.11
N ASP D 20 -14.96 -28.11 14.72
CA ASP D 20 -16.08 -27.19 14.66
C ASP D 20 -17.36 -27.97 14.93
N LYS D 21 -18.17 -27.48 15.85
CA LYS D 21 -19.27 -28.25 16.41
C LYS D 21 -20.56 -28.12 15.61
N GLU D 22 -20.89 -26.91 15.15
CA GLU D 22 -22.13 -26.73 14.42
C GLU D 22 -22.06 -27.27 13.00
N SER D 23 -20.88 -27.59 12.51
CA SER D 23 -20.71 -28.18 11.20
C SER D 23 -20.21 -29.62 11.25
N GLY D 24 -19.65 -30.06 12.36
CA GLY D 24 -19.26 -31.44 12.51
C GLY D 24 -17.88 -31.75 11.98
N LEU D 25 -16.98 -30.78 11.99
CA LEU D 25 -15.65 -30.96 11.45
C LEU D 25 -14.69 -31.39 12.53
N LYS D 26 -13.90 -32.43 12.25
CA LYS D 26 -12.80 -32.87 13.09
C LYS D 26 -11.63 -33.08 12.15
N ALA D 27 -10.64 -32.20 12.13
CA ALA D 27 -9.57 -32.32 11.15
C ALA D 27 -8.21 -32.31 11.82
N ILE D 28 -7.25 -32.98 11.21
CA ILE D 28 -5.89 -33.09 11.71
C ILE D 28 -4.99 -32.62 10.59
N ILE D 29 -4.37 -31.47 10.75
CA ILE D 29 -3.43 -30.97 9.76
C ILE D 29 -2.04 -31.21 10.31
N VAL D 30 -1.18 -31.84 9.53
CA VAL D 30 0.17 -32.12 9.97
C VAL D 30 1.14 -31.47 9.01
N ILE D 31 2.00 -30.62 9.54
CA ILE D 31 3.03 -29.93 8.78
C ILE D 31 4.37 -30.48 9.25
N HIS D 32 5.08 -31.16 8.36
CA HIS D 32 6.34 -31.80 8.72
C HIS D 32 7.50 -30.83 8.62
N ASP D 33 7.74 -30.32 7.43
CA ASP D 33 8.87 -29.45 7.18
C ASP D 33 8.40 -28.37 6.25
N THR D 34 8.77 -27.13 6.55
CA THR D 34 8.54 -25.98 5.69
C THR D 34 9.83 -25.23 5.47
N THR D 35 10.89 -25.96 5.14
CA THR D 35 12.18 -25.33 4.88
C THR D 35 12.23 -24.78 3.47
N LEU D 36 11.86 -25.59 2.47
CA LEU D 36 11.99 -25.18 1.08
C LEU D 36 10.94 -24.15 0.70
N GLY D 37 9.72 -24.33 1.17
CA GLY D 37 8.65 -23.41 0.90
C GLY D 37 7.47 -23.70 1.80
N PRO D 38 6.28 -23.33 1.38
CA PRO D 38 5.09 -23.72 2.10
C PRO D 38 4.83 -25.21 2.01
N ALA D 39 4.02 -25.71 2.92
CA ALA D 39 3.73 -27.15 2.96
C ALA D 39 2.55 -27.43 2.08
N LEU D 40 2.78 -27.98 0.90
CA LEU D 40 1.68 -28.46 0.09
C LEU D 40 1.30 -29.86 0.50
N GLY D 41 0.00 -30.09 0.62
CA GLY D 41 -0.46 -31.43 0.90
C GLY D 41 -1.91 -31.68 0.53
N GLY D 42 -2.25 -32.93 0.33
CA GLY D 42 -3.62 -33.27 0.03
C GLY D 42 -4.50 -33.23 1.25
N THR D 43 -5.79 -33.05 1.02
CA THR D 43 -6.81 -33.11 2.05
C THR D 43 -7.59 -34.37 1.86
N ARG D 44 -7.44 -35.32 2.76
CA ARG D 44 -8.00 -36.64 2.61
CA ARG D 44 -8.00 -36.64 2.61
C ARG D 44 -9.12 -36.83 3.62
N MET D 45 -10.28 -37.25 3.15
CA MET D 45 -11.44 -37.46 4.01
C MET D 45 -11.73 -38.95 4.05
N TRP D 46 -11.78 -39.52 5.24
CA TRP D 46 -11.87 -40.96 5.40
C TRP D 46 -12.35 -41.22 6.80
N MET D 47 -12.90 -42.41 7.04
CA MET D 47 -13.40 -42.77 8.34
C MET D 47 -12.38 -43.66 9.03
N TYR D 48 -11.86 -43.20 10.16
CA TYR D 48 -10.94 -43.99 10.95
C TYR D 48 -11.62 -44.40 12.24
N ASN D 49 -11.19 -45.54 12.79
CA ASN D 49 -11.87 -46.11 13.96
C ASN D 49 -11.64 -45.28 15.22
N SER D 50 -10.53 -44.55 15.30
CA SER D 50 -10.26 -43.73 16.46
C SER D 50 -9.53 -42.47 16.00
N GLU D 51 -9.00 -41.72 16.94
CA GLU D 51 -8.14 -40.60 16.59
C GLU D 51 -6.73 -41.06 16.28
N GLU D 52 -6.26 -42.11 16.94
CA GLU D 52 -4.87 -42.53 16.81
C GLU D 52 -4.58 -43.10 15.44
N GLU D 53 -5.55 -43.78 14.83
CA GLU D 53 -5.44 -44.24 13.45
C GLU D 53 -5.21 -43.08 12.51
N ALA D 54 -6.06 -42.05 12.60
CA ALA D 54 -5.94 -40.88 11.75
C ALA D 54 -4.67 -40.11 12.03
N LEU D 55 -4.23 -40.08 13.27
CA LEU D 55 -3.02 -39.35 13.61
C LEU D 55 -1.79 -40.02 13.03
N GLU D 56 -1.68 -41.34 13.18
CA GLU D 56 -0.55 -42.07 12.61
C GLU D 56 -0.55 -41.97 11.08
N ASP D 57 -1.75 -41.96 10.48
CA ASP D 57 -1.83 -41.88 9.04
C ASP D 57 -1.41 -40.50 8.54
N ALA D 58 -1.83 -39.45 9.23
CA ALA D 58 -1.44 -38.09 8.85
C ALA D 58 0.05 -37.87 9.01
N LEU D 59 0.66 -38.46 10.04
CA LEU D 59 2.09 -38.28 10.24
C LEU D 59 2.92 -38.98 9.17
N ARG D 60 2.54 -40.22 8.80
CA ARG D 60 3.26 -40.90 7.73
C ARG D 60 3.13 -40.18 6.40
N LEU D 61 1.94 -39.69 6.09
CA LEU D 61 1.77 -39.01 4.82
C LEU D 61 2.45 -37.65 4.78
N ALA D 62 2.61 -36.99 5.93
CA ALA D 62 3.35 -35.74 5.97
C ALA D 62 4.82 -35.96 5.66
N ARG D 63 5.43 -37.00 6.25
CA ARG D 63 6.83 -37.30 5.91
CA ARG D 63 6.82 -37.32 5.92
C ARG D 63 6.97 -37.70 4.45
N GLY D 64 6.04 -38.50 3.94
CA GLY D 64 6.10 -38.91 2.54
C GLY D 64 5.99 -37.75 1.57
N MET D 65 5.12 -36.78 1.88
CA MET D 65 5.01 -35.61 1.00
C MET D 65 6.23 -34.71 1.09
N THR D 66 6.91 -34.66 2.23
CA THR D 66 8.13 -33.85 2.29
C THR D 66 9.19 -34.41 1.37
N TYR D 67 9.40 -35.73 1.41
CA TYR D 67 10.42 -36.29 0.51
C TYR D 67 10.00 -36.27 -0.94
N LYS D 68 8.69 -36.38 -1.23
CA LYS D 68 8.25 -36.24 -2.61
C LYS D 68 8.46 -34.84 -3.15
N ASN D 69 8.01 -33.81 -2.42
CA ASN D 69 8.17 -32.45 -2.91
C ASN D 69 9.62 -32.04 -2.97
N ALA D 70 10.48 -32.56 -2.09
CA ALA D 70 11.89 -32.23 -2.17
C ALA D 70 12.56 -32.89 -3.36
N ALA D 71 12.36 -34.20 -3.54
CA ALA D 71 13.04 -34.91 -4.61
C ALA D 71 12.45 -34.65 -5.98
N ALA D 72 11.39 -33.86 -6.08
CA ALA D 72 10.80 -33.50 -7.37
C ALA D 72 11.33 -32.20 -7.90
N GLY D 73 12.01 -31.42 -7.07
CA GLY D 73 12.50 -30.13 -7.48
C GLY D 73 11.59 -28.98 -7.19
N LEU D 74 10.62 -29.13 -6.30
CA LEU D 74 9.66 -28.08 -6.02
C LEU D 74 10.07 -27.29 -4.79
N ASN D 75 9.66 -26.03 -4.75
CA ASN D 75 9.94 -25.17 -3.60
C ASN D 75 8.76 -25.19 -2.65
N LEU D 76 8.53 -26.38 -2.11
CA LEU D 76 7.34 -26.67 -1.34
C LEU D 76 7.71 -27.67 -0.26
N GLY D 77 7.03 -27.60 0.85
CA GLY D 77 7.28 -28.49 1.96
C GLY D 77 6.34 -29.67 1.95
N GLY D 78 6.26 -30.34 3.09
CA GLY D 78 5.35 -31.46 3.15
C GLY D 78 4.39 -31.42 4.30
N GLY D 79 3.12 -31.58 4.00
CA GLY D 79 2.13 -31.68 5.05
C GLY D 79 1.01 -32.55 4.57
N LYS D 80 -0.06 -32.69 5.34
CA LYS D 80 -1.17 -33.56 5.00
C LYS D 80 -2.32 -33.30 5.96
N THR D 81 -3.53 -33.24 5.43
CA THR D 81 -4.71 -33.07 6.24
C THR D 81 -5.50 -34.37 6.23
N VAL D 82 -6.05 -34.75 7.36
CA VAL D 82 -7.00 -35.84 7.46
C VAL D 82 -8.28 -35.28 8.06
N ILE D 83 -9.38 -35.39 7.34
CA ILE D 83 -10.69 -35.06 7.90
C ILE D 83 -11.35 -36.35 8.32
N ILE D 84 -11.79 -36.42 9.57
CA ILE D 84 -12.37 -37.64 10.12
C ILE D 84 -13.88 -37.56 9.91
N GLY D 85 -14.37 -38.29 8.92
CA GLY D 85 -15.77 -38.31 8.62
C GLY D 85 -16.04 -39.37 7.59
N ASP D 86 -17.23 -39.31 7.00
CA ASP D 86 -17.59 -40.26 5.97
C ASP D 86 -17.95 -39.47 4.73
N PRO D 87 -17.20 -39.58 3.64
CA PRO D 87 -17.50 -38.77 2.45
C PRO D 87 -18.75 -39.17 1.71
N ARG D 88 -19.37 -40.29 2.06
CA ARG D 88 -20.63 -40.63 1.41
C ARG D 88 -21.80 -39.88 2.01
N LYS D 89 -21.73 -39.54 3.30
CA LYS D 89 -22.90 -39.00 3.98
C LYS D 89 -22.62 -37.88 4.96
N ASP D 90 -21.38 -37.45 5.15
CA ASP D 90 -21.05 -36.47 6.18
C ASP D 90 -20.31 -35.29 5.58
N LYS D 91 -20.79 -34.78 4.46
CA LYS D 91 -20.30 -33.55 3.89
C LYS D 91 -21.42 -32.55 3.79
N ASN D 92 -21.06 -31.28 3.94
CA ASN D 92 -21.91 -30.17 3.60
C ASN D 92 -21.03 -28.97 3.27
N GLU D 93 -21.64 -27.80 3.20
CA GLU D 93 -20.87 -26.60 2.96
C GLU D 93 -20.19 -26.13 4.22
N ALA D 94 -20.83 -26.33 5.36
CA ALA D 94 -20.44 -25.62 6.58
C ALA D 94 -19.11 -26.11 7.10
N MET D 95 -18.82 -27.40 6.96
CA MET D 95 -17.53 -27.90 7.39
C MET D 95 -16.41 -27.43 6.48
N PHE D 96 -16.66 -27.26 5.19
CA PHE D 96 -15.57 -26.75 4.35
C PHE D 96 -15.41 -25.26 4.47
N ARG D 97 -16.44 -24.51 4.83
CA ARG D 97 -16.22 -23.11 5.12
C ARG D 97 -15.47 -22.93 6.42
N ALA D 98 -15.79 -23.73 7.43
CA ALA D 98 -15.01 -23.73 8.67
C ALA D 98 -13.57 -24.14 8.42
N PHE D 99 -13.37 -25.15 7.59
CA PHE D 99 -12.03 -25.64 7.31
C PHE D 99 -11.22 -24.67 6.46
N GLY D 100 -11.86 -24.00 5.51
CA GLY D 100 -11.15 -22.99 4.75
C GLY D 100 -10.73 -21.82 5.59
N ARG D 101 -11.51 -21.46 6.61
CA ARG D 101 -11.04 -20.43 7.53
C ARG D 101 -9.90 -20.94 8.42
N PHE D 102 -9.90 -22.21 8.79
CA PHE D 102 -8.74 -22.72 9.52
C PHE D 102 -7.48 -22.81 8.66
N ILE D 103 -7.60 -22.89 7.34
CA ILE D 103 -6.39 -22.83 6.50
C ILE D 103 -5.94 -21.39 6.31
N GLN D 104 -6.90 -20.47 6.11
CA GLN D 104 -6.55 -19.06 6.00
C GLN D 104 -5.96 -18.52 7.30
N GLY D 105 -6.26 -19.13 8.42
CA GLY D 105 -5.64 -18.68 9.64
C GLY D 105 -4.26 -19.17 9.92
N LEU D 106 -3.69 -19.99 9.04
CA LEU D 106 -2.27 -20.33 9.09
C LEU D 106 -1.42 -19.36 8.30
N ASN D 107 -2.04 -18.47 7.52
CA ASN D 107 -1.38 -17.43 6.73
C ASN D 107 -0.43 -18.04 5.71
N GLY D 108 -0.95 -18.84 4.80
CA GLY D 108 -0.16 -19.28 3.67
C GLY D 108 0.90 -20.29 3.98
N ARG D 109 0.97 -20.74 5.20
CA ARG D 109 1.98 -21.67 5.68
C ARG D 109 1.66 -23.09 5.29
N TYR D 110 0.46 -23.34 4.78
CA TYR D 110 0.00 -24.65 4.37
C TYR D 110 -0.96 -24.52 3.22
N ILE D 111 -0.67 -25.18 2.10
CA ILE D 111 -1.48 -25.12 0.89
C ILE D 111 -2.11 -26.49 0.70
N THR D 112 -3.40 -26.52 0.36
CA THR D 112 -4.14 -27.77 0.29
C THR D 112 -4.52 -28.12 -1.14
N ALA D 113 -4.69 -29.42 -1.39
CA ALA D 113 -5.13 -29.89 -2.69
C ALA D 113 -6.06 -31.09 -2.51
N GLU D 114 -6.62 -31.55 -3.61
CA GLU D 114 -7.54 -32.67 -3.51
C GLU D 114 -6.77 -33.97 -3.39
N ASP D 115 -7.42 -34.96 -2.81
CA ASP D 115 -6.74 -36.20 -2.50
C ASP D 115 -7.82 -37.26 -2.38
N VAL D 116 -7.52 -38.38 -1.74
CA VAL D 116 -8.43 -39.52 -1.66
C VAL D 116 -9.56 -39.17 -0.72
N GLY D 117 -10.72 -38.82 -1.25
CA GLY D 117 -11.83 -38.55 -0.37
C GLY D 117 -12.54 -37.25 -0.63
N THR D 118 -11.82 -36.29 -1.21
CA THR D 118 -12.38 -35.03 -1.64
C THR D 118 -12.30 -34.92 -3.14
N THR D 119 -13.12 -34.05 -3.71
CA THR D 119 -13.25 -33.86 -5.15
C THR D 119 -12.86 -32.44 -5.52
N VAL D 120 -12.94 -32.08 -6.80
CA VAL D 120 -12.93 -30.66 -7.12
C VAL D 120 -14.37 -30.16 -7.17
N ALA D 121 -15.04 -30.25 -6.04
CA ALA D 121 -16.28 -29.55 -5.77
C ALA D 121 -16.30 -29.13 -4.33
N ASP D 122 -15.39 -29.68 -3.53
CA ASP D 122 -15.15 -29.27 -2.16
C ASP D 122 -14.00 -28.29 -2.08
N MET D 123 -13.12 -28.27 -3.08
CA MET D 123 -12.17 -27.17 -3.18
C MET D 123 -12.74 -26.03 -3.97
N ASP D 124 -13.99 -25.69 -3.77
CA ASP D 124 -14.58 -24.51 -4.37
C ASP D 124 -15.27 -23.81 -3.24
N ILE D 125 -15.61 -24.61 -2.25
CA ILE D 125 -16.10 -24.10 -1.00
C ILE D 125 -14.94 -23.60 -0.16
N ILE D 126 -13.83 -24.32 -0.22
CA ILE D 126 -12.60 -23.85 0.44
C ILE D 126 -12.08 -22.61 -0.24
N TYR D 127 -12.19 -22.53 -1.56
CA TYR D 127 -11.72 -21.35 -2.28
C TYR D 127 -12.54 -20.11 -1.97
N GLN D 128 -13.77 -20.26 -1.49
CA GLN D 128 -14.53 -19.10 -1.05
C GLN D 128 -14.02 -18.55 0.27
N GLU D 129 -13.09 -19.21 0.93
CA GLU D 129 -12.53 -18.72 2.16
C GLU D 129 -11.04 -18.46 2.13
N THR D 130 -10.31 -18.93 1.13
CA THR D 130 -8.86 -18.86 1.15
C THR D 130 -8.30 -18.89 -0.26
N ASP D 131 -7.09 -18.40 -0.40
CA ASP D 131 -6.31 -18.54 -1.62
C ASP D 131 -5.39 -19.73 -1.61
N TYR D 132 -5.20 -20.39 -0.47
CA TYR D 132 -4.16 -21.39 -0.37
C TYR D 132 -4.74 -22.77 -0.63
N VAL D 133 -5.19 -22.93 -1.86
CA VAL D 133 -5.84 -24.13 -2.33
C VAL D 133 -5.52 -24.25 -3.81
N THR D 134 -5.26 -25.46 -4.27
CA THR D 134 -4.79 -25.63 -5.63
C THR D 134 -5.51 -26.79 -6.30
N GLY D 135 -5.57 -26.74 -7.61
CA GLY D 135 -6.35 -27.71 -8.36
C GLY D 135 -7.77 -27.30 -8.67
N ILE D 136 -8.06 -25.99 -8.69
CA ILE D 136 -9.43 -25.54 -8.67
C ILE D 136 -9.79 -24.76 -9.94
N SER D 137 -8.78 -24.05 -10.54
CA SER D 137 -9.01 -22.84 -11.33
C SER D 137 -9.69 -23.15 -12.66
N PRO D 138 -10.44 -22.19 -13.22
CA PRO D 138 -11.04 -22.41 -14.54
C PRO D 138 -10.02 -22.53 -15.65
N GLU D 139 -8.82 -21.99 -15.47
CA GLU D 139 -7.71 -22.29 -16.37
C GLU D 139 -7.30 -23.76 -16.26
N PHE D 140 -7.26 -24.29 -15.04
CA PHE D 140 -6.83 -25.67 -14.85
C PHE D 140 -7.89 -26.65 -15.34
N GLY D 141 -9.11 -26.54 -14.82
CA GLY D 141 -10.18 -27.45 -15.20
C GLY D 141 -10.94 -26.99 -16.42
N ASN D 145 -6.48 -32.04 -14.21
CA ASN D 145 -6.51 -33.40 -14.74
C ASN D 145 -5.08 -33.93 -14.78
N PRO D 146 -4.59 -34.44 -13.65
CA PRO D 146 -3.16 -34.74 -13.53
C PRO D 146 -2.69 -35.99 -14.23
N SER D 147 -3.60 -36.77 -14.82
CA SER D 147 -3.22 -38.08 -15.34
C SER D 147 -2.37 -38.09 -16.62
N PRO D 148 -2.57 -37.20 -17.62
CA PRO D 148 -1.57 -37.14 -18.69
C PRO D 148 -0.21 -36.68 -18.20
N ALA D 149 -0.19 -35.83 -17.18
CA ALA D 149 1.07 -35.38 -16.58
C ALA D 149 1.79 -36.52 -15.88
N THR D 150 1.06 -37.29 -15.06
CA THR D 150 1.67 -38.39 -14.32
C THR D 150 2.16 -39.46 -15.28
N ALA D 151 1.40 -39.73 -16.33
CA ALA D 151 1.83 -40.69 -17.35
C ALA D 151 3.07 -40.20 -18.10
N TYR D 152 3.13 -38.91 -18.40
CA TYR D 152 4.29 -38.36 -19.10
C TYR D 152 5.53 -38.45 -18.22
N GLY D 153 5.37 -38.24 -16.92
CA GLY D 153 6.49 -38.37 -16.01
C GLY D 153 6.95 -39.79 -15.82
N VAL D 154 6.01 -40.74 -15.79
CA VAL D 154 6.36 -42.17 -15.73
C VAL D 154 7.11 -42.58 -16.98
N TYR D 155 6.72 -42.04 -18.12
CA TYR D 155 7.42 -42.27 -19.38
C TYR D 155 8.87 -41.78 -19.32
N ARG D 156 9.08 -40.57 -18.81
CA ARG D 156 10.44 -40.05 -18.71
C ARG D 156 11.29 -40.83 -17.70
N GLY D 157 10.69 -41.23 -16.58
CA GLY D 157 11.43 -42.02 -15.61
C GLY D 157 11.77 -43.40 -16.14
N MET D 158 10.92 -43.94 -17.01
CA MET D 158 11.20 -45.23 -17.60
C MET D 158 12.31 -45.12 -18.65
N LYS D 159 12.36 -44.00 -19.38
CA LYS D 159 13.53 -43.65 -20.20
C LYS D 159 14.82 -43.67 -19.41
N ALA D 160 14.81 -43.03 -18.24
CA ALA D 160 16.03 -42.96 -17.44
C ALA D 160 16.42 -44.33 -16.87
N ALA D 161 15.45 -45.12 -16.43
CA ALA D 161 15.76 -46.44 -15.91
C ALA D 161 16.20 -47.39 -17.02
N ALA D 162 15.73 -47.16 -18.25
CA ALA D 162 16.18 -47.96 -19.37
C ALA D 162 17.61 -47.60 -19.77
N LYS D 163 17.98 -46.33 -19.66
CA LYS D 163 19.37 -45.98 -19.92
C LYS D 163 20.28 -46.43 -18.77
N GLU D 164 19.72 -46.58 -17.57
CA GLU D 164 20.51 -47.16 -16.48
C GLU D 164 20.77 -48.65 -16.73
N ALA D 165 19.71 -49.41 -16.96
CA ALA D 165 19.87 -50.86 -17.04
C ALA D 165 20.51 -51.31 -18.35
N PHE D 166 20.46 -50.49 -19.40
CA PHE D 166 20.92 -50.94 -20.71
C PHE D 166 21.94 -49.99 -21.35
N GLY D 167 21.73 -48.68 -21.25
CA GLY D 167 22.56 -47.70 -21.93
C GLY D 167 21.81 -46.93 -23.00
N SER D 168 20.85 -47.57 -23.66
CA SER D 168 20.04 -46.94 -24.67
C SER D 168 18.68 -46.56 -24.09
N ASP D 169 18.19 -45.38 -24.45
CA ASP D 169 16.87 -44.95 -24.02
C ASP D 169 15.81 -45.04 -25.11
N SER D 170 16.21 -45.21 -26.37
CA SER D 170 15.27 -45.41 -27.47
C SER D 170 14.61 -46.78 -27.30
N LEU D 171 13.32 -46.80 -26.99
CA LEU D 171 12.65 -48.01 -26.56
C LEU D 171 12.00 -48.77 -27.71
N GLU D 172 12.38 -48.49 -28.95
CA GLU D 172 11.93 -49.32 -30.06
C GLU D 172 12.61 -50.68 -29.96
N GLY D 173 11.86 -51.69 -29.57
CA GLY D 173 12.41 -53.02 -29.44
C GLY D 173 12.46 -53.47 -28.00
N LYS D 174 11.49 -53.01 -27.21
CA LYS D 174 11.42 -53.35 -25.80
C LYS D 174 10.05 -53.95 -25.51
N VAL D 175 9.94 -54.60 -24.36
CA VAL D 175 8.70 -55.26 -23.94
C VAL D 175 8.31 -54.70 -22.58
N VAL D 176 7.12 -54.09 -22.50
CA VAL D 176 6.65 -53.43 -21.30
C VAL D 176 5.36 -54.09 -20.87
N ALA D 177 5.34 -54.66 -19.67
CA ALA D 177 4.14 -55.24 -19.08
C ALA D 177 3.54 -54.25 -18.09
N VAL D 178 2.25 -53.98 -18.25
CA VAL D 178 1.52 -52.94 -17.54
C VAL D 178 0.27 -53.54 -16.93
N GLN D 179 0.13 -53.45 -15.60
CA GLN D 179 -1.09 -53.87 -14.96
C GLN D 179 -1.93 -52.67 -14.54
N GLY D 180 -3.24 -52.75 -14.82
CA GLY D 180 -4.18 -51.66 -14.63
C GLY D 180 -4.12 -50.70 -15.80
N VAL D 181 -5.26 -50.35 -16.39
CA VAL D 181 -5.24 -49.43 -17.53
C VAL D 181 -6.15 -48.26 -17.12
N GLY D 182 -6.11 -47.90 -15.85
CA GLY D 182 -7.00 -46.90 -15.30
C GLY D 182 -6.53 -45.46 -15.35
N ASN D 183 -6.66 -44.84 -16.52
CA ASN D 183 -6.50 -43.39 -16.79
C ASN D 183 -5.09 -42.85 -16.68
N VAL D 184 -4.16 -43.59 -16.08
CA VAL D 184 -2.79 -43.13 -15.89
C VAL D 184 -1.81 -44.04 -16.61
N ALA D 185 -2.10 -45.34 -16.66
CA ALA D 185 -1.32 -46.21 -17.51
C ALA D 185 -1.83 -46.18 -18.93
N TYR D 186 -3.00 -45.57 -19.14
CA TYR D 186 -3.59 -45.53 -20.46
C TYR D 186 -2.85 -44.57 -21.38
N HIS D 187 -2.64 -43.33 -20.91
CA HIS D 187 -1.79 -42.39 -21.63
C HIS D 187 -0.34 -42.86 -21.66
N LEU D 188 0.08 -43.61 -20.65
CA LEU D 188 1.39 -44.25 -20.67
C LEU D 188 1.49 -45.22 -21.84
N CYS D 189 0.46 -46.03 -22.08
CA CYS D 189 0.48 -46.96 -23.20
C CYS D 189 0.40 -46.23 -24.54
N ARG D 190 -0.34 -45.11 -24.59
CA ARG D 190 -0.22 -44.19 -25.74
C ARG D 190 1.22 -43.80 -26.03
N HIS D 191 1.95 -43.32 -25.01
CA HIS D 191 3.34 -42.89 -25.22
C HIS D 191 4.23 -44.06 -25.62
N LEU D 192 4.00 -45.22 -25.03
CA LEU D 192 4.88 -46.35 -25.29
C LEU D 192 4.67 -46.95 -26.67
N HIS D 193 3.44 -46.92 -27.20
CA HIS D 193 3.34 -47.41 -28.58
C HIS D 193 3.65 -46.31 -29.59
N GLU D 194 3.44 -45.04 -29.26
CA GLU D 194 3.87 -43.98 -30.18
C GLU D 194 5.38 -43.85 -30.24
N GLU D 195 6.11 -44.37 -29.25
CA GLU D 195 7.54 -44.59 -29.48
C GLU D 195 7.77 -45.85 -30.31
N GLY D 196 6.91 -46.85 -30.19
CA GLY D 196 7.11 -48.08 -30.91
C GLY D 196 7.66 -49.19 -30.05
N ALA D 197 7.04 -49.40 -28.89
CA ALA D 197 7.42 -50.47 -27.99
C ALA D 197 6.26 -51.44 -27.83
N LYS D 198 6.59 -52.69 -27.53
CA LYS D 198 5.59 -53.73 -27.43
C LYS D 198 4.99 -53.77 -26.03
N LEU D 199 3.67 -53.95 -25.96
CA LEU D 199 2.91 -53.77 -24.74
C LEU D 199 2.22 -55.07 -24.36
N ILE D 200 2.20 -55.35 -23.06
CA ILE D 200 1.50 -56.50 -22.50
C ILE D 200 0.67 -55.97 -21.35
N VAL D 201 -0.62 -55.81 -21.55
CA VAL D 201 -1.45 -55.14 -20.57
C VAL D 201 -2.30 -56.18 -19.85
N THR D 202 -2.75 -55.81 -18.65
CA THR D 202 -3.78 -56.56 -17.95
C THR D 202 -4.53 -55.61 -17.02
N ASP D 203 -5.65 -56.11 -16.51
CA ASP D 203 -6.60 -55.35 -15.72
C ASP D 203 -7.58 -56.34 -15.10
N ILE D 204 -8.23 -55.91 -14.02
CA ILE D 204 -9.27 -56.74 -13.43
C ILE D 204 -10.52 -56.75 -14.29
N ASN D 205 -10.72 -55.71 -15.11
CA ASN D 205 -11.81 -55.72 -16.08
C ASN D 205 -11.33 -56.31 -17.40
N LYS D 206 -12.25 -56.41 -18.36
CA LYS D 206 -11.94 -56.85 -19.70
C LYS D 206 -12.29 -55.82 -20.75
N GLU D 207 -13.28 -54.97 -20.49
CA GLU D 207 -13.65 -53.90 -21.43
C GLU D 207 -12.50 -52.91 -21.61
N ALA D 208 -11.80 -52.57 -20.53
CA ALA D 208 -10.60 -51.75 -20.65
C ALA D 208 -9.48 -52.50 -21.38
N VAL D 209 -9.38 -53.82 -21.18
CA VAL D 209 -8.41 -54.61 -21.91
C VAL D 209 -8.78 -54.68 -23.39
N ALA D 210 -10.08 -54.74 -23.69
CA ALA D 210 -10.54 -54.70 -25.07
C ALA D 210 -10.22 -53.36 -25.72
N ARG D 211 -10.35 -52.27 -24.96
CA ARG D 211 -9.97 -50.95 -25.45
C ARG D 211 -8.47 -50.88 -25.72
N ALA D 212 -7.67 -51.51 -24.86
CA ALA D 212 -6.22 -51.51 -25.03
C ALA D 212 -5.79 -52.30 -26.27
N VAL D 213 -6.42 -53.47 -26.48
CA VAL D 213 -6.06 -54.29 -27.63
C VAL D 213 -6.54 -53.65 -28.91
N GLU D 214 -7.71 -53.00 -28.88
CA GLU D 214 -8.23 -52.32 -30.06
C GLU D 214 -7.40 -51.09 -30.41
N GLU D 215 -6.91 -50.37 -29.41
CA GLU D 215 -6.08 -49.20 -29.69
C GLU D 215 -4.69 -49.59 -30.17
N PHE D 216 -3.93 -50.31 -29.35
CA PHE D 216 -2.50 -50.42 -29.64
C PHE D 216 -2.01 -51.85 -29.80
N GLY D 217 -2.91 -52.82 -29.95
CA GLY D 217 -2.48 -54.17 -30.27
C GLY D 217 -1.76 -54.87 -29.14
N ALA D 218 -2.12 -54.56 -27.90
CA ALA D 218 -1.49 -55.15 -26.74
C ALA D 218 -1.89 -56.62 -26.59
N LYS D 219 -1.35 -57.27 -25.58
CA LYS D 219 -1.52 -58.70 -25.40
C LYS D 219 -2.31 -58.94 -24.11
N ALA D 220 -3.51 -59.49 -24.26
CA ALA D 220 -4.40 -59.73 -23.13
C ALA D 220 -3.88 -60.92 -22.34
N VAL D 221 -3.38 -60.67 -21.14
CA VAL D 221 -2.85 -61.70 -20.27
C VAL D 221 -3.63 -61.62 -18.96
N ASP D 222 -3.81 -62.78 -18.31
CA ASP D 222 -4.58 -62.86 -17.07
C ASP D 222 -3.90 -62.08 -15.94
N PRO D 223 -4.67 -61.57 -14.97
CA PRO D 223 -4.08 -60.65 -13.98
C PRO D 223 -3.19 -61.33 -12.95
N ASN D 224 -3.41 -62.60 -12.64
CA ASN D 224 -2.61 -63.25 -11.59
C ASN D 224 -1.20 -63.59 -12.06
N ASP D 225 -1.02 -63.81 -13.35
CA ASP D 225 0.30 -64.16 -13.89
C ASP D 225 0.86 -63.06 -14.79
N ILE D 226 0.59 -61.79 -14.46
CA ILE D 226 1.33 -60.67 -15.02
C ILE D 226 2.74 -60.63 -14.43
N TYR D 227 2.94 -61.24 -13.26
CA TYR D 227 4.22 -61.16 -12.58
C TYR D 227 5.26 -62.06 -13.24
N GLY D 228 4.83 -63.20 -13.77
CA GLY D 228 5.73 -64.14 -14.38
C GLY D 228 6.00 -63.95 -15.85
N VAL D 229 5.50 -62.87 -16.45
CA VAL D 229 5.69 -62.64 -17.88
C VAL D 229 7.14 -62.26 -18.15
N GLU D 230 7.77 -62.96 -19.07
CA GLU D 230 9.12 -62.64 -19.51
C GLU D 230 9.08 -61.33 -20.28
N CYS D 231 9.56 -60.25 -19.66
CA CYS D 231 9.52 -58.92 -20.24
C CYS D 231 10.79 -58.19 -19.83
N ASP D 232 10.83 -56.89 -20.11
CA ASP D 232 11.93 -56.04 -19.68
C ASP D 232 11.53 -55.08 -18.57
N ILE D 233 10.51 -54.25 -18.80
CA ILE D 233 10.16 -53.18 -17.90
C ILE D 233 8.77 -53.44 -17.35
N PHE D 234 8.68 -53.78 -16.07
CA PHE D 234 7.42 -54.03 -15.42
C PHE D 234 6.93 -52.75 -14.74
N ALA D 235 5.71 -52.33 -15.08
CA ALA D 235 5.19 -51.02 -14.67
C ALA D 235 3.90 -51.16 -13.87
N PRO D 236 3.99 -51.37 -12.55
CA PRO D 236 2.76 -51.53 -11.76
C PRO D 236 2.04 -50.21 -11.56
N CYS D 237 0.73 -50.21 -11.81
CA CYS D 237 -0.06 -49.00 -11.76
C CYS D 237 -1.40 -49.22 -11.08
N ALA D 238 -1.48 -50.19 -10.18
CA ALA D 238 -2.76 -50.55 -9.57
C ALA D 238 -2.83 -50.25 -8.07
N LEU D 239 -1.96 -50.84 -7.26
CA LEU D 239 -2.06 -50.70 -5.82
C LEU D 239 -0.66 -50.68 -5.22
N GLY D 240 -0.61 -50.79 -3.89
CA GLY D 240 0.63 -50.91 -3.17
C GLY D 240 0.77 -52.32 -2.59
N GLY D 241 1.97 -52.58 -2.09
CA GLY D 241 2.27 -53.90 -1.58
C GLY D 241 2.39 -54.97 -2.65
N ILE D 242 2.63 -54.56 -3.90
CA ILE D 242 2.77 -55.51 -4.99
C ILE D 242 4.07 -56.28 -4.85
N ILE D 243 5.17 -55.59 -4.59
CA ILE D 243 6.42 -56.28 -4.34
C ILE D 243 6.41 -56.77 -2.90
N ASN D 244 5.96 -58.00 -2.70
CA ASN D 244 5.98 -58.67 -1.42
C ASN D 244 6.81 -59.94 -1.55
N ASP D 245 6.94 -60.66 -0.43
CA ASP D 245 7.76 -61.88 -0.41
C ASP D 245 7.13 -62.97 -1.26
N GLN D 246 5.81 -62.94 -1.42
CA GLN D 246 5.11 -63.93 -2.22
C GLN D 246 5.32 -63.76 -3.72
N THR D 247 5.87 -62.63 -4.18
CA THR D 247 5.97 -62.38 -5.60
C THR D 247 7.37 -62.04 -6.10
N ILE D 248 8.36 -61.90 -5.23
CA ILE D 248 9.72 -61.55 -5.68
C ILE D 248 10.37 -62.58 -6.61
N PRO D 249 10.32 -63.90 -6.33
CA PRO D 249 10.87 -64.82 -7.34
C PRO D 249 10.01 -64.96 -8.59
N GLN D 250 8.80 -64.42 -8.61
CA GLN D 250 7.96 -64.53 -9.80
C GLN D 250 8.44 -63.63 -10.93
N LEU D 251 9.23 -62.59 -10.63
CA LEU D 251 9.62 -61.62 -11.65
C LEU D 251 10.67 -62.16 -12.60
N LYS D 252 10.51 -61.81 -13.87
CA LYS D 252 11.51 -62.02 -14.91
C LYS D 252 11.92 -60.71 -15.56
N ALA D 253 11.68 -59.59 -14.88
CA ALA D 253 12.01 -58.27 -15.39
C ALA D 253 13.07 -57.62 -14.51
N LYS D 254 13.81 -56.69 -15.09
CA LYS D 254 14.90 -56.04 -14.39
C LYS D 254 14.69 -54.55 -14.17
N VAL D 255 13.60 -53.98 -14.66
CA VAL D 255 13.30 -52.57 -14.52
C VAL D 255 11.88 -52.44 -13.98
N ILE D 256 11.74 -51.96 -12.76
CA ILE D 256 10.43 -51.70 -12.18
C ILE D 256 10.23 -50.21 -12.13
N ALA D 257 9.29 -49.70 -12.92
CA ALA D 257 9.04 -48.26 -12.98
C ALA D 257 7.57 -48.02 -13.27
N GLY D 258 6.77 -47.85 -12.22
CA GLY D 258 5.35 -47.63 -12.36
C GLY D 258 4.87 -46.51 -11.45
N SER D 259 3.62 -46.11 -11.67
CA SER D 259 3.04 -44.95 -11.01
C SER D 259 2.35 -45.27 -9.71
N ALA D 260 2.47 -46.49 -9.22
CA ALA D 260 1.75 -46.89 -8.03
C ALA D 260 2.42 -46.38 -6.78
N ASN D 261 1.62 -46.01 -5.78
CA ASN D 261 2.13 -45.56 -4.50
C ASN D 261 2.41 -46.75 -3.58
N ASN D 262 3.48 -46.62 -2.79
CA ASN D 262 3.88 -47.57 -1.75
C ASN D 262 4.13 -48.97 -2.32
N GLN D 263 5.10 -49.06 -3.24
CA GLN D 263 5.30 -50.29 -4.00
C GLN D 263 5.95 -51.38 -3.17
N LEU D 264 6.97 -51.04 -2.40
CA LEU D 264 7.60 -52.04 -1.54
C LEU D 264 6.75 -52.25 -0.29
N LYS D 265 6.52 -53.51 0.06
CA LYS D 265 5.77 -53.78 1.28
C LYS D 265 6.61 -53.53 2.53
N GLU D 266 7.83 -54.03 2.54
CA GLU D 266 8.79 -53.76 3.60
C GLU D 266 10.13 -53.41 2.96
N PRO D 267 10.97 -52.62 3.63
CA PRO D 267 12.28 -52.27 3.04
C PRO D 267 13.24 -53.43 2.88
N ARG D 268 12.99 -54.56 3.56
CA ARG D 268 13.79 -55.75 3.31
CA ARG D 268 13.81 -55.74 3.30
C ARG D 268 13.59 -56.28 1.89
N HIS D 269 12.41 -56.05 1.32
CA HIS D 269 12.16 -56.40 -0.06
C HIS D 269 13.02 -55.55 -0.99
N GLY D 270 13.19 -54.27 -0.67
CA GLY D 270 14.07 -53.42 -1.45
C GLY D 270 15.52 -53.82 -1.32
N ASP D 271 15.92 -54.28 -0.14
CA ASP D 271 17.25 -54.85 0.04
C ASP D 271 17.45 -56.07 -0.86
N MET D 272 16.44 -56.94 -0.94
CA MET D 272 16.56 -58.15 -1.75
C MET D 272 16.56 -57.84 -3.24
N ILE D 273 15.77 -56.85 -3.66
CA ILE D 273 15.80 -56.41 -5.05
C ILE D 273 17.17 -55.85 -5.42
N HIS D 274 17.78 -55.07 -4.53
CA HIS D 274 19.11 -54.56 -4.81
C HIS D 274 20.17 -55.66 -4.79
N GLU D 275 19.96 -56.71 -4.00
CA GLU D 275 20.88 -57.83 -4.02
C GLU D 275 20.74 -58.67 -5.29
N MET D 276 19.54 -58.75 -5.86
CA MET D 276 19.39 -59.50 -7.12
C MET D 276 19.94 -58.72 -8.30
N GLY D 277 19.43 -57.52 -8.52
CA GLY D 277 19.92 -56.70 -9.60
C GLY D 277 18.83 -56.04 -10.43
N ILE D 278 17.59 -56.13 -9.95
CA ILE D 278 16.48 -55.47 -10.62
C ILE D 278 16.58 -53.97 -10.38
N VAL D 279 16.67 -53.20 -11.46
CA VAL D 279 16.85 -51.76 -11.37
C VAL D 279 15.53 -51.14 -10.95
N TYR D 280 15.39 -50.88 -9.65
CA TYR D 280 14.17 -50.31 -9.09
C TYR D 280 14.33 -48.81 -8.95
N ALA D 281 13.76 -48.09 -9.86
CA ALA D 281 13.64 -46.67 -9.62
C ALA D 281 12.53 -46.44 -8.61
N PRO D 282 12.72 -45.52 -7.66
CA PRO D 282 11.84 -45.48 -6.49
C PRO D 282 10.46 -44.96 -6.83
N ASP D 283 9.51 -45.20 -5.93
CA ASP D 283 8.12 -44.98 -6.27
C ASP D 283 7.78 -43.50 -6.31
N TYR D 284 8.19 -42.72 -5.32
CA TYR D 284 7.78 -41.33 -5.28
C TYR D 284 8.65 -40.39 -6.10
N VAL D 285 9.57 -40.89 -6.91
CA VAL D 285 10.35 -39.99 -7.75
C VAL D 285 9.75 -40.05 -9.15
N ILE D 286 9.28 -41.24 -9.54
CA ILE D 286 8.70 -41.39 -10.87
C ILE D 286 7.33 -40.75 -10.94
N ASN D 287 6.43 -41.14 -10.04
CA ASN D 287 5.04 -40.72 -10.16
C ASN D 287 4.76 -39.32 -9.64
N ALA D 288 5.76 -38.46 -9.54
CA ALA D 288 5.59 -37.13 -8.97
C ALA D 288 5.14 -36.11 -9.99
N GLY D 289 4.63 -36.54 -11.14
CA GLY D 289 4.23 -35.59 -12.16
C GLY D 289 2.96 -34.86 -11.81
N GLY D 290 2.04 -35.52 -11.10
CA GLY D 290 0.79 -34.87 -10.80
C GLY D 290 0.93 -33.78 -9.77
N VAL D 291 1.86 -33.95 -8.83
CA VAL D 291 2.12 -32.92 -7.83
C VAL D 291 2.80 -31.72 -8.47
N ILE D 292 3.70 -31.96 -9.43
CA ILE D 292 4.28 -30.88 -10.23
C ILE D 292 3.21 -30.13 -11.00
N ASN D 293 2.25 -30.87 -11.57
CA ASN D 293 1.17 -30.23 -12.33
C ASN D 293 0.32 -29.35 -11.43
N VAL D 294 -0.07 -29.84 -10.25
CA VAL D 294 -0.90 -29.01 -9.38
C VAL D 294 -0.12 -27.97 -8.62
N ALA D 295 1.21 -28.04 -8.61
CA ALA D 295 2.01 -26.98 -8.02
C ALA D 295 2.43 -25.93 -9.01
N ASP D 296 2.30 -26.18 -10.30
CA ASP D 296 2.57 -25.14 -11.27
C ASP D 296 1.40 -24.18 -11.41
N GLU D 297 0.25 -24.50 -10.83
CA GLU D 297 -0.89 -23.58 -10.81
C GLU D 297 -0.61 -22.34 -9.96
N LEU D 298 0.31 -22.45 -8.99
CA LEU D 298 0.62 -21.36 -8.08
C LEU D 298 1.30 -20.18 -8.77
N TYR D 299 1.74 -20.35 -10.00
CA TYR D 299 2.27 -19.28 -10.82
C TYR D 299 1.22 -18.59 -11.67
N GLY D 300 0.02 -19.15 -11.73
CA GLY D 300 -0.86 -18.90 -12.84
C GLY D 300 -0.58 -20.02 -13.83
N TYR D 301 -1.57 -20.85 -14.13
CA TYR D 301 -1.29 -22.12 -14.77
C TYR D 301 -0.96 -21.94 -16.24
N ASN D 302 0.12 -22.59 -16.66
CA ASN D 302 0.53 -22.60 -18.05
C ASN D 302 0.98 -24.01 -18.37
N ARG D 303 0.49 -24.56 -19.48
CA ARG D 303 0.70 -25.96 -19.77
C ARG D 303 2.14 -26.24 -20.18
N GLU D 304 2.75 -25.32 -20.94
CA GLU D 304 4.08 -25.57 -21.51
C GLU D 304 5.17 -25.52 -20.44
N ARG D 305 5.07 -24.58 -19.51
CA ARG D 305 5.99 -24.51 -18.38
C ARG D 305 5.90 -25.76 -17.50
N ALA D 306 4.67 -26.22 -17.23
CA ALA D 306 4.50 -27.39 -16.38
C ALA D 306 5.01 -28.65 -17.05
N MET D 307 4.79 -28.81 -18.36
CA MET D 307 5.33 -29.98 -19.04
C MET D 307 6.84 -29.94 -19.14
N LYS D 308 7.41 -28.74 -19.30
CA LYS D 308 8.86 -28.60 -19.27
C LYS D 308 9.43 -28.95 -17.91
N LYS D 309 8.68 -28.72 -16.84
CA LYS D 309 9.16 -29.11 -15.51
C LYS D 309 9.00 -30.61 -15.27
N ILE D 310 7.93 -31.23 -15.80
CA ILE D 310 7.72 -32.67 -15.68
C ILE D 310 8.75 -33.45 -16.49
N GLU D 311 9.33 -32.82 -17.51
CA GLU D 311 10.38 -33.45 -18.29
C GLU D 311 11.64 -33.77 -17.48
N GLN D 312 11.87 -33.12 -16.34
CA GLN D 312 13.10 -33.31 -15.57
C GLN D 312 13.11 -34.57 -14.70
N ILE D 313 12.11 -35.46 -14.81
CA ILE D 313 12.13 -36.66 -13.99
C ILE D 313 13.19 -37.63 -14.47
N TYR D 314 13.58 -37.52 -15.75
CA TYR D 314 14.76 -38.16 -16.28
C TYR D 314 16.01 -37.83 -15.47
N ASP D 315 16.22 -36.54 -15.19
CA ASP D 315 17.39 -36.12 -14.43
C ASP D 315 17.26 -36.49 -12.96
N ASN D 316 16.04 -36.49 -12.43
CA ASN D 316 15.84 -36.88 -11.04
C ASN D 316 16.21 -38.35 -10.81
N ILE D 317 15.73 -39.23 -11.70
CA ILE D 317 16.08 -40.65 -11.63
C ILE D 317 17.57 -40.86 -11.85
N GLU D 318 18.17 -40.05 -12.74
CA GLU D 318 19.60 -40.21 -13.00
C GLU D 318 20.44 -39.82 -11.78
N LYS D 319 20.05 -38.76 -11.07
CA LYS D 319 20.75 -38.44 -9.81
C LYS D 319 20.51 -39.47 -8.72
N VAL D 320 19.32 -40.10 -8.68
CA VAL D 320 19.09 -41.16 -7.69
C VAL D 320 20.02 -42.33 -7.93
N PHE D 321 20.19 -42.71 -9.19
CA PHE D 321 21.09 -43.81 -9.51
C PHE D 321 22.56 -43.42 -9.31
N ALA D 322 22.91 -42.15 -9.54
CA ALA D 322 24.27 -41.71 -9.28
C ALA D 322 24.59 -41.75 -7.78
N ILE D 323 23.66 -41.32 -6.93
CA ILE D 323 23.87 -41.41 -5.49
C ILE D 323 23.88 -42.86 -5.02
N ALA D 324 23.07 -43.71 -5.64
CA ALA D 324 23.03 -45.12 -5.24
C ALA D 324 24.32 -45.83 -5.61
N LYS D 325 24.94 -45.46 -6.73
CA LYS D 325 26.24 -46.06 -7.06
C LYS D 325 27.39 -45.39 -6.33
N ARG D 326 27.24 -44.14 -5.89
CA ARG D 326 28.29 -43.49 -5.10
C ARG D 326 28.32 -43.99 -3.67
N ASP D 327 27.16 -44.26 -3.09
CA ASP D 327 27.04 -44.48 -1.66
C ASP D 327 26.88 -45.96 -1.30
N ASN D 328 26.76 -46.84 -2.32
CA ASN D 328 26.69 -48.30 -2.16
C ASN D 328 25.52 -48.73 -1.28
N ILE D 329 24.39 -48.07 -1.47
CA ILE D 329 23.16 -48.28 -0.73
C ILE D 329 22.10 -48.70 -1.76
N PRO D 330 20.92 -49.17 -1.36
CA PRO D 330 19.85 -49.37 -2.34
C PRO D 330 19.31 -48.06 -2.88
N THR D 331 18.38 -48.17 -3.82
CA THR D 331 17.86 -46.98 -4.45
C THR D 331 16.73 -46.34 -3.65
N TYR D 332 15.98 -47.12 -2.88
CA TYR D 332 14.93 -46.52 -2.07
C TYR D 332 15.52 -45.74 -0.90
N VAL D 333 16.76 -46.04 -0.51
CA VAL D 333 17.49 -45.22 0.44
C VAL D 333 18.12 -44.03 -0.27
N ALA D 334 18.52 -44.21 -1.53
CA ALA D 334 19.10 -43.14 -2.31
C ALA D 334 18.10 -42.02 -2.57
N ALA D 335 16.81 -42.34 -2.66
CA ALA D 335 15.80 -41.30 -2.85
C ALA D 335 15.69 -40.39 -1.64
N ASP D 336 15.64 -40.99 -0.44
CA ASP D 336 15.60 -40.21 0.78
C ASP D 336 16.85 -39.37 0.96
N ARG D 337 18.02 -39.92 0.60
CA ARG D 337 19.22 -39.15 0.81
C ARG D 337 19.38 -38.03 -0.21
N MET D 338 18.92 -38.23 -1.45
CA MET D 338 18.81 -37.14 -2.40
C MET D 338 17.96 -36.01 -1.86
N ALA D 339 16.81 -36.35 -1.30
CA ALA D 339 15.89 -35.31 -0.81
C ALA D 339 16.45 -34.57 0.39
N GLU D 340 17.11 -35.28 1.31
CA GLU D 340 17.67 -34.62 2.48
C GLU D 340 18.88 -33.78 2.13
N GLU D 341 19.68 -34.21 1.14
CA GLU D 341 20.76 -33.35 0.68
C GLU D 341 20.22 -32.09 0.02
N ARG D 342 19.09 -32.18 -0.69
CA ARG D 342 18.54 -30.97 -1.28
C ARG D 342 18.00 -30.04 -0.21
N ILE D 343 17.39 -30.59 0.84
CA ILE D 343 16.87 -29.78 1.93
C ILE D 343 18.00 -29.07 2.68
N GLU D 344 19.07 -29.78 3.01
CA GLU D 344 20.15 -29.16 3.77
C GLU D 344 20.94 -28.16 2.94
N THR D 345 21.12 -28.46 1.66
CA THR D 345 21.85 -27.56 0.78
C THR D 345 21.06 -26.28 0.52
N MET D 346 19.74 -26.37 0.42
CA MET D 346 18.99 -25.13 0.27
C MET D 346 18.77 -24.43 1.60
N ARG D 347 18.98 -25.11 2.72
CA ARG D 347 19.03 -24.36 3.96
C ARG D 347 20.29 -23.52 4.02
N LYS D 348 21.42 -24.07 3.58
CA LYS D 348 22.68 -23.36 3.72
C LYS D 348 22.99 -22.39 2.59
N ALA D 349 22.40 -22.55 1.42
CA ALA D 349 22.75 -21.72 0.27
C ALA D 349 21.81 -20.54 0.10
N ARG D 350 20.71 -20.50 0.83
CA ARG D 350 19.78 -19.38 0.82
C ARG D 350 19.80 -18.64 2.14
N SER D 351 20.98 -18.41 2.69
CA SER D 351 21.09 -17.86 4.03
C SER D 351 21.41 -16.37 4.05
N GLN D 352 21.83 -15.78 2.94
CA GLN D 352 22.14 -14.36 2.95
C GLN D 352 20.87 -13.53 3.02
N PHE D 353 20.95 -12.45 3.78
CA PHE D 353 19.82 -11.63 4.13
C PHE D 353 19.27 -10.86 2.94
N LEU D 354 17.95 -10.88 2.78
CA LEU D 354 17.24 -9.98 1.89
C LEU D 354 16.01 -9.55 2.64
N GLN D 355 15.61 -8.30 2.48
CA GLN D 355 14.40 -7.88 3.15
C GLN D 355 13.20 -7.96 2.24
N ASN D 356 13.39 -8.41 1.01
CA ASN D 356 12.35 -8.49 0.01
C ASN D 356 12.49 -9.76 -0.82
N GLY D 357 12.63 -10.90 -0.15
CA GLY D 357 12.81 -12.15 -0.86
C GLY D 357 11.55 -12.66 -1.51
N HIS D 358 11.72 -13.54 -2.49
CA HIS D 358 10.60 -14.21 -3.13
C HIS D 358 10.46 -15.63 -2.62
N HIS D 359 9.24 -16.00 -2.29
CA HIS D 359 8.83 -17.37 -2.06
C HIS D 359 7.80 -17.74 -3.12
N ILE D 360 7.16 -18.90 -2.95
CA ILE D 360 6.30 -19.43 -3.99
C ILE D 360 4.96 -18.72 -4.01
N LEU D 361 4.63 -17.95 -2.97
CA LEU D 361 3.37 -17.24 -2.86
C LEU D 361 3.53 -15.76 -3.04
N SER D 362 4.60 -15.32 -3.69
CA SER D 362 4.92 -13.91 -3.67
C SER D 362 4.20 -13.20 -4.79
N ARG D 363 3.94 -11.91 -4.58
CA ARG D 363 3.41 -11.05 -5.61
C ARG D 363 4.56 -10.60 -6.47
N ARG D 364 4.35 -10.60 -7.78
CA ARG D 364 5.43 -10.20 -8.67
C ARG D 364 4.88 -9.65 -9.97
N ARG D 365 5.81 -9.32 -10.86
CA ARG D 365 5.47 -8.71 -12.13
CA ARG D 365 5.48 -8.71 -12.14
C ARG D 365 4.73 -9.69 -13.03
N ALA D 366 3.80 -9.15 -13.82
CA ALA D 366 2.97 -9.98 -14.68
C ALA D 366 3.80 -10.57 -15.81
N ARG D 367 4.55 -9.71 -16.50
CA ARG D 367 5.49 -10.07 -17.58
C ARG D 367 4.85 -10.89 -18.71
N MET E 1 -46.04 11.32 5.78
CA MET E 1 -45.41 12.61 6.00
C MET E 1 -45.10 13.24 4.65
N GLU E 2 -45.10 12.39 3.62
CA GLU E 2 -44.53 12.69 2.31
C GLU E 2 -43.11 13.19 2.48
N LEU E 3 -42.27 12.25 2.93
CA LEU E 3 -40.96 12.60 3.48
C LEU E 3 -40.03 13.12 2.38
N PHE E 4 -40.23 12.71 1.14
CA PHE E 4 -39.43 13.32 0.09
C PHE E 4 -39.85 14.74 -0.25
N GLN E 5 -41.07 15.15 0.08
CA GLN E 5 -41.40 16.56 -0.08
C GLN E 5 -40.62 17.41 0.90
N TYR E 6 -40.56 16.99 2.16
CA TYR E 6 -39.80 17.72 3.14
C TYR E 6 -38.32 17.68 2.83
N MET E 7 -37.83 16.58 2.27
CA MET E 7 -36.42 16.55 1.87
C MET E 7 -36.16 17.44 0.66
N GLU E 8 -37.10 17.51 -0.28
CA GLU E 8 -36.83 18.26 -1.50
C GLU E 8 -36.94 19.76 -1.28
N LYS E 9 -37.77 20.19 -0.33
CA LYS E 9 -37.89 21.63 -0.06
C LYS E 9 -36.64 22.23 0.55
N TYR E 10 -35.76 21.43 1.15
CA TYR E 10 -34.58 21.95 1.82
C TYR E 10 -33.29 21.30 1.36
N ASP E 11 -33.34 20.38 0.38
CA ASP E 11 -32.20 19.68 -0.18
C ASP E 11 -31.46 18.85 0.87
N TYR E 12 -32.18 17.92 1.48
CA TYR E 12 -31.53 16.93 2.32
C TYR E 12 -30.92 15.85 1.47
N GLU E 13 -29.68 15.46 1.76
CA GLU E 13 -29.12 14.34 1.03
C GLU E 13 -29.77 13.04 1.47
N GLN E 14 -29.60 12.66 2.73
CA GLN E 14 -30.08 11.36 3.15
C GLN E 14 -30.76 11.43 4.49
N VAL E 15 -31.72 10.53 4.67
CA VAL E 15 -32.24 10.10 5.95
C VAL E 15 -32.02 8.60 5.99
N LEU E 16 -31.71 8.03 7.15
CA LEU E 16 -31.23 6.67 7.16
C LEU E 16 -31.66 5.98 8.44
N PHE E 17 -32.48 4.96 8.32
CA PHE E 17 -33.15 4.33 9.45
C PHE E 17 -32.40 3.06 9.79
N CYS E 18 -31.63 3.08 10.87
CA CYS E 18 -30.97 1.88 11.32
C CYS E 18 -31.81 1.18 12.36
N GLN E 19 -31.58 -0.13 12.49
CA GLN E 19 -32.37 -0.97 13.37
C GLN E 19 -31.52 -2.18 13.70
N ASP E 20 -31.63 -2.65 14.94
CA ASP E 20 -31.03 -3.91 15.33
C ASP E 20 -31.88 -4.53 16.42
N LYS E 21 -32.24 -5.80 16.23
CA LYS E 21 -33.27 -6.43 17.04
C LYS E 21 -32.74 -7.06 18.31
N GLU E 22 -31.58 -7.73 18.25
CA GLU E 22 -31.05 -8.37 19.44
C GLU E 22 -30.46 -7.40 20.44
N SER E 23 -30.24 -6.16 20.03
CA SER E 23 -29.75 -5.12 20.92
C SER E 23 -30.76 -4.03 21.20
N GLY E 24 -31.80 -3.91 20.40
CA GLY E 24 -32.86 -2.97 20.68
C GLY E 24 -32.60 -1.58 20.15
N LEU E 25 -31.83 -1.44 19.09
CA LEU E 25 -31.47 -0.15 18.54
C LEU E 25 -32.46 0.28 17.47
N LYS E 26 -32.93 1.51 17.55
CA LYS E 26 -33.73 2.15 16.52
C LYS E 26 -33.13 3.53 16.34
N ALA E 27 -32.40 3.79 15.27
CA ALA E 27 -31.71 5.06 15.13
C ALA E 27 -32.05 5.72 13.82
N ILE E 28 -32.03 7.05 13.79
CA ILE E 28 -32.34 7.85 12.62
C ILE E 28 -31.15 8.76 12.41
N ILE E 29 -30.38 8.53 11.37
CA ILE E 29 -29.26 9.39 11.04
C ILE E 29 -29.69 10.27 9.90
N VAL E 30 -29.52 11.58 10.02
CA VAL E 30 -29.91 12.48 8.97
C VAL E 30 -28.70 13.27 8.53
N ILE E 31 -28.39 13.20 7.25
CA ILE E 31 -27.27 13.92 6.65
C ILE E 31 -27.88 14.96 5.71
N HIS E 32 -27.69 16.23 6.03
CA HIS E 32 -28.28 17.31 5.26
C HIS E 32 -27.42 17.68 4.07
N ASP E 33 -26.21 18.13 4.33
CA ASP E 33 -25.32 18.59 3.29
C ASP E 33 -23.94 18.11 3.64
N THR E 34 -23.22 17.59 2.66
CA THR E 34 -21.83 17.21 2.77
C THR E 34 -21.04 17.84 1.65
N THR E 35 -21.24 19.13 1.44
CA THR E 35 -20.48 19.84 0.41
C THR E 35 -19.11 20.24 0.91
N LEU E 36 -19.04 20.85 2.09
CA LEU E 36 -17.77 21.36 2.59
C LEU E 36 -16.86 20.24 3.06
N GLY E 37 -17.42 19.26 3.73
CA GLY E 37 -16.66 18.12 4.21
C GLY E 37 -17.59 17.02 4.65
N PRO E 38 -17.14 16.16 5.54
CA PRO E 38 -18.03 15.18 6.13
C PRO E 38 -19.05 15.82 7.04
N ALA E 39 -20.11 15.09 7.33
CA ALA E 39 -21.20 15.62 8.16
C ALA E 39 -20.90 15.32 9.60
N LEU E 40 -20.45 16.32 10.35
CA LEU E 40 -20.32 16.15 11.78
C LEU E 40 -21.65 16.43 12.46
N GLY E 41 -22.01 15.56 13.39
CA GLY E 41 -23.20 15.81 14.17
C GLY E 41 -23.25 15.07 15.49
N GLY E 42 -24.04 15.57 16.40
CA GLY E 42 -24.19 14.91 17.67
C GLY E 42 -25.09 13.70 17.57
N THR E 43 -24.91 12.78 18.52
CA THR E 43 -25.75 11.61 18.68
C THR E 43 -26.59 11.82 19.90
N ARG E 44 -27.88 12.00 19.72
CA ARG E 44 -28.77 12.36 20.80
CA ARG E 44 -28.77 12.36 20.80
C ARG E 44 -29.70 11.19 21.09
N MET E 45 -29.78 10.80 22.35
CA MET E 45 -30.63 9.69 22.77
C MET E 45 -31.75 10.25 23.63
N TRP E 46 -32.98 9.98 23.26
CA TRP E 46 -34.13 10.59 23.88
C TRP E 46 -35.33 9.74 23.56
N MET E 47 -36.38 9.86 24.35
CA MET E 47 -37.60 9.10 24.12
C MET E 47 -38.63 9.99 23.44
N TYR E 48 -39.03 9.61 22.25
CA TYR E 48 -40.07 10.32 21.52
C TYR E 48 -41.31 9.46 21.45
N ASN E 49 -42.47 10.11 21.37
CA ASN E 49 -43.74 9.40 21.44
C ASN E 49 -44.00 8.55 20.21
N SER E 50 -43.44 8.92 19.06
CA SER E 50 -43.63 8.16 17.84
C SER E 50 -42.35 8.23 17.03
N GLU E 51 -42.41 7.78 15.78
CA GLU E 51 -41.29 7.97 14.88
C GLU E 51 -41.28 9.36 14.30
N GLU E 52 -42.46 9.95 14.06
CA GLU E 52 -42.55 11.22 13.37
C GLU E 52 -41.98 12.36 14.20
N GLU E 53 -42.13 12.30 15.52
CA GLU E 53 -41.50 13.25 16.43
C GLU E 53 -40.00 13.24 16.27
N ALA E 54 -39.40 12.05 16.34
CA ALA E 54 -37.95 11.90 16.19
C ALA E 54 -37.49 12.29 14.81
N LEU E 55 -38.29 12.02 13.80
CA LEU E 55 -37.90 12.34 12.43
C LEU E 55 -37.87 13.84 12.21
N GLU E 56 -38.91 14.54 12.65
CA GLU E 56 -38.93 16.00 12.53
C GLU E 56 -37.81 16.64 13.34
N ASP E 57 -37.49 16.05 14.49
CA ASP E 57 -36.44 16.62 15.33
C ASP E 57 -35.07 16.42 14.69
N ALA E 58 -34.83 15.25 14.10
CA ALA E 58 -33.57 14.98 13.42
C ALA E 58 -33.39 15.86 12.21
N LEU E 59 -34.47 16.14 11.49
CA LEU E 59 -34.35 16.98 10.29
C LEU E 59 -34.04 18.43 10.65
N ARG E 60 -34.71 18.97 11.67
CA ARG E 60 -34.40 20.35 12.10
C ARG E 60 -32.97 20.48 12.60
N LEU E 61 -32.50 19.51 13.37
CA LEU E 61 -31.16 19.61 13.89
C LEU E 61 -30.10 19.40 12.82
N ALA E 62 -30.40 18.64 11.77
CA ALA E 62 -29.47 18.50 10.66
C ALA E 62 -29.28 19.81 9.92
N ARG E 63 -30.38 20.52 9.63
CA ARG E 63 -30.25 21.84 9.00
CA ARG E 63 -30.27 21.84 9.01
C ARG E 63 -29.51 22.82 9.89
N GLY E 64 -29.82 22.81 11.20
CA GLY E 64 -29.14 23.70 12.12
C GLY E 64 -27.64 23.46 12.21
N MET E 65 -27.22 22.18 12.20
CA MET E 65 -25.80 21.89 12.22
C MET E 65 -25.11 22.25 10.93
N THR E 66 -25.81 22.19 9.79
CA THR E 66 -25.15 22.62 8.55
C THR E 66 -24.83 24.09 8.59
N TYR E 67 -25.79 24.91 9.02
CA TYR E 67 -25.48 26.35 9.07
C TYR E 67 -24.50 26.70 10.18
N LYS E 68 -24.49 25.95 11.28
CA LYS E 68 -23.47 26.19 12.30
C LYS E 68 -22.08 25.85 11.81
N ASN E 69 -21.88 24.65 11.25
CA ASN E 69 -20.55 24.28 10.80
C ASN E 69 -20.09 25.13 9.64
N ALA E 70 -21.00 25.61 8.79
CA ALA E 70 -20.59 26.50 7.70
C ALA E 70 -20.18 27.86 8.21
N ALA E 71 -21.01 28.49 9.04
CA ALA E 71 -20.72 29.84 9.50
C ALA E 71 -19.64 29.91 10.56
N ALA E 72 -19.09 28.78 10.99
CA ALA E 72 -18.00 28.76 11.95
C ALA E 72 -16.65 28.69 11.28
N GLY E 73 -16.60 28.38 9.99
CA GLY E 73 -15.36 28.25 9.29
C GLY E 73 -14.80 26.84 9.24
N LEU E 74 -15.61 25.83 9.48
CA LEU E 74 -15.14 24.46 9.51
C LEU E 74 -15.39 23.79 8.18
N ASN E 75 -14.55 22.80 7.86
CA ASN E 75 -14.70 22.03 6.63
C ASN E 75 -15.49 20.76 6.92
N LEU E 76 -16.72 20.97 7.32
CA LEU E 76 -17.57 19.91 7.84
C LEU E 76 -18.99 20.22 7.45
N GLY E 77 -19.78 19.18 7.26
CA GLY E 77 -21.16 19.33 6.88
C GLY E 77 -22.08 19.28 8.07
N GLY E 78 -23.35 19.05 7.79
CA GLY E 78 -24.28 18.97 8.90
C GLY E 78 -25.13 17.73 8.90
N GLY E 79 -25.15 17.03 10.02
CA GLY E 79 -26.03 15.90 10.17
C GLY E 79 -26.42 15.78 11.60
N LYS E 80 -27.14 14.73 11.97
CA LYS E 80 -27.62 14.55 13.34
C LYS E 80 -28.20 13.15 13.47
N THR E 81 -27.89 12.49 14.58
CA THR E 81 -28.43 11.19 14.87
C THR E 81 -29.43 11.32 16.01
N VAL E 82 -30.53 10.60 15.92
CA VAL E 82 -31.46 10.44 17.03
C VAL E 82 -31.59 8.96 17.32
N ILE E 83 -31.27 8.55 18.53
CA ILE E 83 -31.53 7.19 18.98
C ILE E 83 -32.80 7.20 19.79
N ILE E 84 -33.75 6.36 19.42
CA ILE E 84 -35.06 6.33 20.08
C ILE E 84 -34.98 5.30 21.20
N GLY E 85 -34.86 5.78 22.42
CA GLY E 85 -34.80 4.93 23.57
C GLY E 85 -34.87 5.76 24.82
N ASP E 86 -34.52 5.15 25.94
CA ASP E 86 -34.52 5.86 27.21
C ASP E 86 -33.13 5.75 27.78
N PRO E 87 -32.38 6.85 27.93
CA PRO E 87 -31.01 6.74 28.42
C PRO E 87 -30.89 6.40 29.89
N ARG E 88 -31.99 6.38 30.64
CA ARG E 88 -31.90 5.96 32.03
C ARG E 88 -31.87 4.45 32.16
N LYS E 89 -32.51 3.73 31.24
CA LYS E 89 -32.70 2.30 31.41
C LYS E 89 -32.55 1.46 30.15
N ASP E 90 -32.27 2.03 29.00
CA ASP E 90 -32.24 1.28 27.75
C ASP E 90 -30.92 1.47 27.03
N LYS E 91 -29.83 1.37 27.76
CA LYS E 91 -28.50 1.33 27.17
C LYS E 91 -27.81 0.05 27.55
N ASN E 92 -26.98 -0.43 26.63
CA ASN E 92 -26.02 -1.47 26.91
C ASN E 92 -24.85 -1.31 25.95
N GLU E 93 -24.02 -2.34 25.87
CA GLU E 93 -22.92 -2.31 24.92
C GLU E 93 -23.40 -2.65 23.52
N ALA E 94 -24.39 -3.52 23.42
CA ALA E 94 -24.69 -4.17 22.15
C ALA E 94 -25.29 -3.20 21.15
N MET E 95 -26.09 -2.25 21.63
CA MET E 95 -26.63 -1.26 20.72
C MET E 95 -25.57 -0.28 20.25
N PHE E 96 -24.57 0.04 21.07
CA PHE E 96 -23.54 0.93 20.55
C PHE E 96 -22.53 0.21 19.69
N ARG E 97 -22.33 -1.09 19.86
CA ARG E 97 -21.51 -1.80 18.91
C ARG E 97 -22.22 -1.95 17.56
N ALA E 98 -23.52 -2.23 17.59
CA ALA E 98 -24.31 -2.23 16.36
C ALA E 98 -24.31 -0.87 15.69
N PHE E 99 -24.43 0.19 16.48
CA PHE E 99 -24.48 1.54 15.93
C PHE E 99 -23.13 2.00 15.41
N GLY E 100 -22.04 1.62 16.08
CA GLY E 100 -20.74 1.94 15.55
C GLY E 100 -20.45 1.24 14.25
N ARG E 101 -20.96 0.02 14.07
CA ARG E 101 -20.81 -0.59 12.75
C ARG E 101 -21.70 0.08 11.70
N PHE E 102 -22.86 0.58 12.07
CA PHE E 102 -23.63 1.35 11.09
C PHE E 102 -23.00 2.69 10.74
N ILE E 103 -22.14 3.26 11.60
CA ILE E 103 -21.42 4.47 11.20
C ILE E 103 -20.22 4.12 10.34
N GLN E 104 -19.50 3.04 10.69
CA GLN E 104 -18.38 2.60 9.87
C GLN E 104 -18.84 2.14 8.49
N GLY E 105 -20.08 1.74 8.34
CA GLY E 105 -20.55 1.38 7.03
C GLY E 105 -20.97 2.51 6.15
N LEU E 106 -20.91 3.75 6.61
CA LEU E 106 -21.06 4.92 5.76
C LEU E 106 -19.75 5.39 5.18
N ASN E 107 -18.62 4.83 5.64
CA ASN E 107 -17.28 5.12 5.15
C ASN E 107 -16.92 6.58 5.33
N GLY E 108 -16.91 7.05 6.57
CA GLY E 108 -16.38 8.36 6.85
C GLY E 108 -17.22 9.51 6.41
N ARG E 109 -18.39 9.24 5.88
CA ARG E 109 -19.30 10.23 5.34
C ARG E 109 -20.07 10.94 6.44
N TYR E 110 -20.00 10.43 7.66
CA TYR E 110 -20.70 10.99 8.80
C TYR E 110 -19.89 10.76 10.06
N ILE E 111 -19.56 11.82 10.78
CA ILE E 111 -18.76 11.77 11.99
C ILE E 111 -19.66 12.12 13.17
N THR E 112 -19.56 11.36 14.25
CA THR E 112 -20.47 11.52 15.38
C THR E 112 -19.77 12.09 16.61
N ALA E 113 -20.54 12.77 17.45
CA ALA E 113 -20.01 13.29 18.70
C ALA E 113 -21.08 13.17 19.78
N GLU E 114 -20.70 13.51 21.01
CA GLU E 114 -21.65 13.40 22.10
C GLU E 114 -22.60 14.58 22.10
N ASP E 115 -23.77 14.38 22.66
CA ASP E 115 -24.82 15.37 22.58
C ASP E 115 -25.75 15.10 23.76
N VAL E 116 -26.97 15.61 23.69
CA VAL E 116 -27.92 15.53 24.81
C VAL E 116 -28.42 14.10 24.90
N GLY E 117 -27.90 13.33 25.84
CA GLY E 117 -28.41 11.99 25.98
C GLY E 117 -27.36 10.91 26.03
N THR E 118 -26.21 11.19 25.41
CA THR E 118 -25.06 10.31 25.46
C THR E 118 -23.93 11.01 26.21
N THR E 119 -22.99 10.21 26.69
CA THR E 119 -21.86 10.68 27.50
C THR E 119 -20.56 10.38 26.78
N VAL E 120 -19.42 10.71 27.40
CA VAL E 120 -18.18 10.12 26.93
C VAL E 120 -17.91 8.85 27.72
N ALA E 121 -18.81 7.90 27.59
CA ALA E 121 -18.61 6.53 27.98
C ALA E 121 -19.31 5.63 27.00
N ASP E 122 -20.17 6.20 26.16
CA ASP E 122 -20.80 5.54 25.05
C ASP E 122 -20.06 5.81 23.76
N MET E 123 -19.28 6.88 23.69
CA MET E 123 -18.35 7.04 22.59
C MET E 123 -17.02 6.39 22.92
N ASP E 124 -17.02 5.21 23.51
CA ASP E 124 -15.81 4.45 23.72
C ASP E 124 -16.16 3.08 23.25
N ILE E 125 -17.44 2.79 23.29
CA ILE E 125 -17.99 1.59 22.69
C ILE E 125 -18.10 1.79 21.20
N ILE E 126 -18.48 2.99 20.78
CA ILE E 126 -18.49 3.33 19.36
C ILE E 126 -17.09 3.35 18.81
N TYR E 127 -16.13 3.84 19.59
CA TYR E 127 -14.74 3.88 19.13
C TYR E 127 -14.14 2.50 18.96
N GLN E 128 -14.69 1.48 19.61
CA GLN E 128 -14.23 0.12 19.35
C GLN E 128 -14.69 -0.40 18.01
N GLU E 129 -15.55 0.31 17.30
CA GLU E 129 -16.00 -0.12 16.00
C GLU E 129 -15.67 0.83 14.87
N THR E 130 -15.24 2.06 15.14
CA THR E 130 -15.09 3.05 14.10
C THR E 130 -14.09 4.12 14.51
N ASP E 131 -13.53 4.79 13.53
CA ASP E 131 -12.72 5.98 13.73
C ASP E 131 -13.50 7.26 13.64
N TYR E 132 -14.74 7.23 13.17
CA TYR E 132 -15.44 8.45 12.85
C TYR E 132 -16.30 8.87 14.02
N VAL E 133 -15.60 9.20 15.10
CA VAL E 133 -16.20 9.58 16.36
C VAL E 133 -15.23 10.55 17.02
N THR E 134 -15.76 11.58 17.65
CA THR E 134 -14.90 12.63 18.16
C THR E 134 -15.33 13.04 19.57
N GLY E 135 -14.39 13.57 20.32
CA GLY E 135 -14.64 13.86 21.72
C GLY E 135 -14.26 12.76 22.68
N ILE E 136 -13.33 11.88 22.30
CA ILE E 136 -13.13 10.64 23.04
C ILE E 136 -11.73 10.56 23.64
N SER E 137 -10.71 11.18 22.95
CA SER E 137 -9.32 10.74 23.01
C SER E 137 -8.68 11.02 24.36
N PRO E 138 -7.68 10.23 24.74
CA PRO E 138 -6.97 10.52 26.00
C PRO E 138 -6.20 11.82 25.98
N GLU E 139 -5.83 12.31 24.79
CA GLU E 139 -5.33 13.68 24.68
C GLU E 139 -6.42 14.70 25.00
N PHE E 140 -7.64 14.45 24.53
CA PHE E 140 -8.73 15.40 24.76
C PHE E 140 -9.19 15.38 26.21
N GLY E 141 -9.57 14.21 26.72
CA GLY E 141 -10.06 14.09 28.07
C GLY E 141 -8.94 13.86 29.08
N ASN E 145 -13.71 18.72 27.07
CA ASN E 145 -14.32 19.65 28.00
C ASN E 145 -14.55 20.98 27.28
N PRO E 146 -15.66 21.08 26.54
CA PRO E 146 -15.82 22.20 25.61
C PRO E 146 -16.20 23.52 26.26
N SER E 147 -16.43 23.55 27.57
CA SER E 147 -16.98 24.74 28.20
C SER E 147 -16.02 25.95 28.33
N PRO E 148 -14.72 25.79 28.62
CA PRO E 148 -13.85 26.96 28.50
C PRO E 148 -13.74 27.47 27.08
N ALA E 149 -13.83 26.57 26.09
CA ALA E 149 -13.81 26.97 24.70
C ALA E 149 -15.05 27.76 24.33
N THR E 150 -16.24 27.27 24.72
CA THR E 150 -17.48 27.95 24.39
C THR E 150 -17.55 29.31 25.07
N ALA E 151 -17.08 29.38 26.32
CA ALA E 151 -17.02 30.66 27.02
C ALA E 151 -16.05 31.64 26.37
N TYR E 152 -14.91 31.14 25.90
CA TYR E 152 -13.93 31.99 25.23
C TYR E 152 -14.49 32.54 23.93
N GLY E 153 -15.26 31.71 23.22
CA GLY E 153 -15.88 32.17 21.99
C GLY E 153 -17.00 33.16 22.22
N VAL E 154 -17.78 32.97 23.29
CA VAL E 154 -18.81 33.94 23.65
C VAL E 154 -18.18 35.28 24.03
N TYR E 155 -17.03 35.23 24.69
CA TYR E 155 -16.27 36.43 25.02
C TYR E 155 -15.83 37.18 23.76
N ARG E 156 -15.30 36.46 22.76
CA ARG E 156 -14.88 37.12 21.53
C ARG E 156 -16.06 37.68 20.74
N GLY E 157 -17.18 36.94 20.70
CA GLY E 157 -18.36 37.45 20.02
C GLY E 157 -18.94 38.66 20.71
N MET E 158 -18.80 38.73 22.02
CA MET E 158 -19.29 39.89 22.76
C MET E 158 -18.40 41.10 22.52
N LYS E 159 -17.09 40.88 22.39
CA LYS E 159 -16.16 41.91 21.88
C LYS E 159 -16.62 42.49 20.55
N ALA E 160 -16.96 41.61 19.61
CA ALA E 160 -17.37 42.07 18.28
C ALA E 160 -18.70 42.83 18.33
N ALA E 161 -19.66 42.33 19.11
CA ALA E 161 -20.94 43.02 19.21
C ALA E 161 -20.81 44.34 19.95
N ALA E 162 -19.84 44.44 20.86
CA ALA E 162 -19.60 45.70 21.55
C ALA E 162 -18.95 46.72 20.62
N LYS E 163 -18.08 46.26 19.72
CA LYS E 163 -17.53 47.19 18.74
C LYS E 163 -18.57 47.56 17.68
N GLU E 164 -19.56 46.69 17.46
CA GLU E 164 -20.65 47.07 16.58
C GLU E 164 -21.53 48.15 17.21
N ALA E 165 -22.00 47.90 18.43
CA ALA E 165 -22.96 48.82 19.03
C ALA E 165 -22.33 50.11 19.52
N PHE E 166 -21.02 50.12 19.76
CA PHE E 166 -20.39 51.29 20.38
C PHE E 166 -19.18 51.80 19.62
N GLY E 167 -18.33 50.93 19.08
CA GLY E 167 -17.09 51.31 18.44
C GLY E 167 -15.86 50.86 19.21
N SER E 168 -15.96 50.80 20.54
CA SER E 168 -14.87 50.35 21.37
C SER E 168 -15.12 48.91 21.82
N ASP E 169 -14.07 48.11 21.82
CA ASP E 169 -14.17 46.73 22.30
C ASP E 169 -13.57 46.52 23.69
N SER E 170 -12.79 47.48 24.19
CA SER E 170 -12.26 47.40 25.54
C SER E 170 -13.40 47.58 26.53
N LEU E 171 -13.75 46.51 27.25
CA LEU E 171 -14.97 46.48 28.04
C LEU E 171 -14.78 46.93 29.48
N GLU E 172 -13.70 47.63 29.79
CA GLU E 172 -13.55 48.26 31.09
C GLU E 172 -14.54 49.40 31.18
N GLY E 173 -15.59 49.22 31.96
CA GLY E 173 -16.59 50.26 32.11
C GLY E 173 -17.91 49.88 31.47
N LYS E 174 -18.21 48.58 31.49
CA LYS E 174 -19.43 48.06 30.91
C LYS E 174 -20.18 47.26 31.95
N VAL E 175 -21.45 47.00 31.68
CA VAL E 175 -22.32 46.27 32.61
C VAL E 175 -22.88 45.06 31.86
N VAL E 176 -22.61 43.87 32.37
CA VAL E 176 -23.01 42.63 31.71
C VAL E 176 -23.90 41.85 32.67
N ALA E 177 -25.14 41.59 32.26
CA ALA E 177 -26.06 40.76 33.03
C ALA E 177 -26.09 39.37 32.45
N VAL E 178 -25.90 38.37 33.31
CA VAL E 178 -25.71 36.97 32.93
C VAL E 178 -26.67 36.11 33.73
N GLN E 179 -27.53 35.37 33.04
CA GLN E 179 -28.38 34.41 33.73
C GLN E 179 -27.88 32.99 33.52
N GLY E 180 -27.86 32.23 34.62
CA GLY E 180 -27.29 30.89 34.66
C GLY E 180 -25.79 30.96 34.84
N VAL E 181 -25.23 30.23 35.81
CA VAL E 181 -23.78 30.27 36.00
C VAL E 181 -23.30 28.82 35.87
N GLY E 182 -23.92 28.07 34.96
CA GLY E 182 -23.65 26.66 34.81
C GLY E 182 -22.55 26.26 33.86
N ASN E 183 -21.30 26.38 34.32
CA ASN E 183 -20.07 25.85 33.71
C ASN E 183 -19.64 26.52 32.41
N VAL E 184 -20.50 27.32 31.78
CA VAL E 184 -20.18 27.96 30.52
C VAL E 184 -20.26 29.48 30.65
N ALA E 185 -21.17 29.98 31.47
CA ALA E 185 -21.14 31.38 31.81
C ALA E 185 -20.19 31.64 32.95
N TYR E 186 -19.70 30.59 33.59
CA TYR E 186 -18.81 30.74 34.73
C TYR E 186 -17.42 31.18 34.28
N HIS E 187 -16.84 30.47 33.31
CA HIS E 187 -15.60 30.91 32.69
C HIS E 187 -15.78 32.22 31.93
N LEU E 188 -16.99 32.45 31.40
CA LEU E 188 -17.32 33.74 30.82
C LEU E 188 -17.20 34.85 31.84
N CYS E 189 -17.70 34.65 33.06
CA CYS E 189 -17.59 35.66 34.09
C CYS E 189 -16.15 35.83 34.57
N ARG E 190 -15.37 34.73 34.59
CA ARG E 190 -13.91 34.86 34.73
C ARG E 190 -13.31 35.82 33.72
N HIS E 191 -13.60 35.63 32.43
CA HIS E 191 -13.03 36.49 31.39
C HIS E 191 -13.51 37.93 31.53
N LEU E 192 -14.77 38.11 31.90
CA LEU E 192 -15.33 39.46 31.94
C LEU E 192 -14.82 40.25 33.13
N HIS E 193 -14.54 39.60 34.27
CA HIS E 193 -13.95 40.40 35.33
C HIS E 193 -12.44 40.52 35.19
N GLU E 194 -11.77 39.54 34.55
CA GLU E 194 -10.34 39.72 34.30
C GLU E 194 -10.07 40.77 33.22
N GLU E 195 -11.07 41.10 32.40
CA GLU E 195 -10.94 42.34 31.64
C GLU E 195 -11.25 43.55 32.51
N GLY E 196 -12.13 43.41 33.50
CA GLY E 196 -12.49 44.53 34.34
C GLY E 196 -13.83 45.12 33.99
N ALA E 197 -14.84 44.25 33.86
CA ALA E 197 -16.20 44.67 33.57
C ALA E 197 -17.10 44.28 34.73
N LYS E 198 -18.18 45.04 34.91
CA LYS E 198 -19.09 44.83 36.02
C LYS E 198 -20.13 43.78 35.66
N LEU E 199 -20.42 42.89 36.62
CA LEU E 199 -21.20 41.70 36.39
C LEU E 199 -22.46 41.72 37.24
N ILE E 200 -23.56 41.26 36.66
CA ILE E 200 -24.83 41.10 37.35
C ILE E 200 -25.32 39.70 37.03
N VAL E 201 -25.17 38.78 37.97
CA VAL E 201 -25.45 37.39 37.68
C VAL E 201 -26.76 36.99 38.35
N THR E 202 -27.36 35.93 37.82
CA THR E 202 -28.47 35.26 38.48
C THR E 202 -28.50 33.81 38.05
N ASP E 203 -29.31 33.03 38.77
CA ASP E 203 -29.39 31.58 38.63
C ASP E 203 -30.61 31.13 39.42
N ILE E 204 -31.11 29.94 39.06
CA ILE E 204 -32.20 29.35 39.83
C ILE E 204 -31.72 28.86 41.18
N ASN E 205 -30.43 28.55 41.31
CA ASN E 205 -29.86 28.21 42.60
C ASN E 205 -29.33 29.47 43.28
N LYS E 206 -28.82 29.30 44.49
CA LYS E 206 -28.18 30.36 45.24
C LYS E 206 -26.74 30.05 45.60
N GLU E 207 -26.40 28.77 45.74
CA GLU E 207 -25.02 28.38 46.03
C GLU E 207 -24.08 28.76 44.90
N ALA E 208 -24.52 28.60 43.65
CA ALA E 208 -23.74 29.08 42.52
C ALA E 208 -23.68 30.61 42.50
N VAL E 209 -24.76 31.28 42.91
CA VAL E 209 -24.74 32.74 43.02
C VAL E 209 -23.79 33.17 44.12
N ALA E 210 -23.75 32.41 45.22
CA ALA E 210 -22.80 32.70 46.30
C ALA E 210 -21.36 32.51 45.83
N ARG E 211 -21.12 31.50 45.00
CA ARG E 211 -19.80 31.30 44.41
C ARG E 211 -19.43 32.47 43.49
N ALA E 212 -20.41 32.97 42.73
CA ALA E 212 -20.17 34.09 41.82
C ALA E 212 -19.84 35.38 42.58
N VAL E 213 -20.59 35.64 43.66
CA VAL E 213 -20.35 36.85 44.44
C VAL E 213 -19.04 36.76 45.20
N GLU E 214 -18.70 35.57 45.69
CA GLU E 214 -17.44 35.37 46.40
C GLU E 214 -16.25 35.49 45.46
N GLU E 215 -16.38 35.00 44.23
CA GLU E 215 -15.27 35.10 43.28
C GLU E 215 -15.10 36.53 42.77
N PHE E 216 -16.12 37.08 42.12
CA PHE E 216 -15.88 38.29 41.34
C PHE E 216 -16.75 39.47 41.74
N GLY E 217 -17.42 39.41 42.89
CA GLY E 217 -18.13 40.56 43.39
C GLY E 217 -19.35 40.94 42.57
N ALA E 218 -20.01 39.94 41.99
CA ALA E 218 -21.19 40.18 41.18
C ALA E 218 -22.38 40.60 42.05
N LYS E 219 -23.50 40.87 41.40
CA LYS E 219 -24.67 41.41 42.07
C LYS E 219 -25.80 40.39 42.00
N ALA E 220 -26.19 39.88 43.16
CA ALA E 220 -27.22 38.85 43.25
C ALA E 220 -28.57 39.50 43.01
N VAL E 221 -29.18 39.18 41.87
CA VAL E 221 -30.48 39.70 41.48
C VAL E 221 -31.39 38.50 41.25
N ASP E 222 -32.69 38.68 41.54
CA ASP E 222 -33.67 37.61 41.42
C ASP E 222 -33.83 37.17 39.96
N PRO E 223 -34.20 35.91 39.72
CA PRO E 223 -34.18 35.40 38.34
C PRO E 223 -35.30 35.92 37.45
N ASN E 224 -36.45 36.29 38.00
CA ASN E 224 -37.57 36.73 37.17
C ASN E 224 -37.37 38.13 36.62
N ASP E 225 -36.61 38.97 37.31
CA ASP E 225 -36.37 40.34 36.86
C ASP E 225 -34.92 40.58 36.48
N ILE E 226 -34.26 39.56 35.90
CA ILE E 226 -33.01 39.76 35.18
C ILE E 226 -33.26 40.48 33.86
N TYR E 227 -34.49 40.41 33.35
CA TYR E 227 -34.80 40.97 32.05
C TYR E 227 -34.89 42.49 32.11
N GLY E 228 -35.38 43.03 33.22
CA GLY E 228 -35.56 44.45 33.37
C GLY E 228 -34.38 45.22 33.93
N VAL E 229 -33.24 44.56 34.10
CA VAL E 229 -32.07 45.22 34.67
C VAL E 229 -31.49 46.18 33.64
N GLU E 230 -31.29 47.44 34.05
CA GLU E 230 -30.64 48.43 33.21
C GLU E 230 -29.17 48.07 33.07
N CYS E 231 -28.79 47.56 31.91
CA CYS E 231 -27.44 47.09 31.65
C CYS E 231 -27.09 47.42 30.20
N ASP E 232 -25.95 46.90 29.74
CA ASP E 232 -25.55 47.05 28.34
C ASP E 232 -25.66 45.75 27.57
N ILE E 233 -25.00 44.69 28.02
CA ILE E 233 -24.88 43.45 27.26
C ILE E 233 -25.57 42.35 28.04
N PHE E 234 -26.71 41.89 27.55
CA PHE E 234 -27.45 40.81 28.16
C PHE E 234 -27.04 39.47 27.55
N ALA E 235 -26.61 38.53 28.38
CA ALA E 235 -26.00 37.28 27.91
C ALA E 235 -26.76 36.07 28.42
N PRO E 236 -27.82 35.64 27.72
CA PRO E 236 -28.58 34.49 28.20
C PRO E 236 -27.84 33.18 27.97
N CYS E 237 -27.78 32.36 29.03
CA CYS E 237 -27.01 31.13 29.00
C CYS E 237 -27.75 29.97 29.64
N ALA E 238 -29.09 30.01 29.63
CA ALA E 238 -29.87 29.00 30.34
C ALA E 238 -30.70 28.12 29.42
N LEU E 239 -31.61 28.68 28.63
CA LEU E 239 -32.51 27.87 27.82
C LEU E 239 -32.79 28.60 26.52
N GLY E 240 -33.78 28.08 25.79
CA GLY E 240 -34.26 28.71 24.58
C GLY E 240 -35.66 29.28 24.79
N GLY E 241 -36.09 30.06 23.81
CA GLY E 241 -37.36 30.74 23.93
C GLY E 241 -37.38 31.86 24.92
N ILE E 242 -36.20 32.39 25.27
CA ILE E 242 -36.11 33.49 26.21
C ILE E 242 -36.66 34.77 25.60
N ILE E 243 -36.24 35.08 24.37
CA ILE E 243 -36.81 36.22 23.68
C ILE E 243 -38.15 35.81 23.11
N ASN E 244 -39.21 36.05 23.87
CA ASN E 244 -40.58 35.83 23.43
C ASN E 244 -41.33 37.15 23.51
N ASP E 245 -42.61 37.12 23.14
CA ASP E 245 -43.42 38.33 23.12
C ASP E 245 -43.67 38.85 24.53
N GLN E 246 -43.66 37.95 25.51
CA GLN E 246 -43.87 38.34 26.89
C GLN E 246 -42.70 39.09 27.51
N THR E 247 -41.52 39.10 26.87
CA THR E 247 -40.34 39.69 27.49
C THR E 247 -39.62 40.73 26.65
N ILE E 248 -40.05 40.98 25.41
CA ILE E 248 -39.37 41.98 24.56
C ILE E 248 -39.42 43.41 25.10
N PRO E 249 -40.56 43.95 25.58
CA PRO E 249 -40.47 45.29 26.19
C PRO E 249 -39.78 45.31 27.55
N GLN E 250 -39.48 44.16 28.15
CA GLN E 250 -38.81 44.17 29.44
C GLN E 250 -37.34 44.55 29.33
N LEU E 251 -36.74 44.43 28.14
CA LEU E 251 -35.31 44.66 28.00
C LEU E 251 -34.95 46.14 28.05
N LYS E 252 -33.82 46.42 28.72
CA LYS E 252 -33.17 47.72 28.70
C LYS E 252 -31.75 47.62 28.18
N ALA E 253 -31.43 46.55 27.46
CA ALA E 253 -30.11 46.32 26.91
C ALA E 253 -30.17 46.33 25.40
N LYS E 254 -29.03 46.64 24.78
CA LYS E 254 -28.95 46.76 23.34
C LYS E 254 -28.05 45.73 22.68
N VAL E 255 -27.39 44.88 23.45
CA VAL E 255 -26.51 43.85 22.92
C VAL E 255 -26.91 42.52 23.55
N ILE E 256 -27.42 41.61 22.74
CA ILE E 256 -27.76 40.26 23.20
C ILE E 256 -26.73 39.31 22.63
N ALA E 257 -25.91 38.73 23.51
CA ALA E 257 -24.86 37.83 23.04
C ALA E 257 -24.60 36.78 24.12
N GLY E 258 -25.28 35.63 24.00
CA GLY E 258 -25.14 34.56 24.96
C GLY E 258 -25.02 33.21 24.28
N SER E 259 -24.68 32.20 25.08
CA SER E 259 -24.35 30.88 24.58
C SER E 259 -25.55 29.96 24.48
N ALA E 260 -26.75 30.46 24.67
CA ALA E 260 -27.92 29.61 24.70
C ALA E 260 -28.36 29.25 23.28
N ASN E 261 -28.85 28.03 23.13
CA ASN E 261 -29.38 27.57 21.85
C ASN E 261 -30.84 27.98 21.68
N ASN E 262 -31.20 28.33 20.44
CA ASN E 262 -32.57 28.63 20.02
C ASN E 262 -33.16 29.81 20.81
N GLN E 263 -32.50 30.97 20.68
CA GLN E 263 -32.84 32.10 21.53
C GLN E 263 -34.14 32.76 21.11
N LEU E 264 -34.34 32.97 19.82
CA LEU E 264 -35.60 33.56 19.37
C LEU E 264 -36.68 32.49 19.35
N LYS E 265 -37.85 32.82 19.88
CA LYS E 265 -38.95 31.86 19.85
C LYS E 265 -39.56 31.77 18.45
N GLU E 266 -39.83 32.90 17.83
CA GLU E 266 -40.29 32.97 16.45
C GLU E 266 -39.48 34.04 15.72
N PRO E 267 -39.30 33.92 14.40
CA PRO E 267 -38.52 34.94 13.67
C PRO E 267 -39.17 36.32 13.63
N ARG E 268 -40.47 36.42 13.93
CA ARG E 268 -41.08 37.74 14.07
CA ARG E 268 -41.06 37.75 14.05
C ARG E 268 -40.49 38.52 15.23
N HIS E 269 -40.04 37.81 16.27
CA HIS E 269 -39.35 38.45 17.38
C HIS E 269 -38.03 39.04 16.92
N GLY E 270 -37.31 38.34 16.03
CA GLY E 270 -36.09 38.88 15.47
C GLY E 270 -36.34 40.08 14.58
N ASP E 271 -37.45 40.06 13.85
CA ASP E 271 -37.87 41.24 13.09
C ASP E 271 -38.11 42.43 14.01
N MET E 272 -38.77 42.20 15.15
CA MET E 272 -39.07 43.29 16.07
C MET E 272 -37.81 43.81 16.77
N ILE E 273 -36.87 42.91 17.09
CA ILE E 273 -35.59 43.34 17.66
C ILE E 273 -34.82 44.20 16.66
N HIS E 274 -34.83 43.81 15.38
CA HIS E 274 -34.14 44.64 14.39
C HIS E 274 -34.86 45.96 14.15
N GLU E 275 -36.18 45.99 14.32
CA GLU E 275 -36.89 47.26 14.21
C GLU E 275 -36.62 48.18 15.40
N MET E 276 -36.39 47.63 16.59
CA MET E 276 -36.08 48.49 17.73
C MET E 276 -34.65 49.01 17.66
N GLY E 277 -33.68 48.11 17.59
CA GLY E 277 -32.30 48.53 17.49
C GLY E 277 -31.35 47.77 18.41
N ILE E 278 -31.85 46.71 19.03
CA ILE E 278 -31.01 45.88 19.87
C ILE E 278 -30.09 45.05 18.98
N VAL E 279 -28.79 45.20 19.18
CA VAL E 279 -27.80 44.54 18.34
C VAL E 279 -27.76 43.06 18.73
N TYR E 280 -28.49 42.24 17.99
CA TYR E 280 -28.57 40.80 18.26
C TYR E 280 -27.58 40.06 17.38
N ALA E 281 -26.48 39.70 17.96
CA ALA E 281 -25.63 38.75 17.26
C ALA E 281 -26.26 37.37 17.36
N PRO E 282 -26.24 36.59 16.28
CA PRO E 282 -27.11 35.40 16.21
C PRO E 282 -26.61 34.30 17.12
N ASP E 283 -27.49 33.33 17.38
CA ASP E 283 -27.22 32.37 18.43
C ASP E 283 -26.16 31.37 18.02
N TYR E 284 -26.24 30.80 16.82
CA TYR E 284 -25.31 29.75 16.45
C TYR E 284 -24.00 30.25 15.88
N VAL E 285 -23.72 31.55 15.91
CA VAL E 285 -22.43 32.02 15.44
C VAL E 285 -21.55 32.25 16.66
N ILE E 286 -22.17 32.72 17.75
CA ILE E 286 -21.41 33.00 18.96
C ILE E 286 -21.02 31.71 19.65
N ASN E 287 -22.00 30.86 19.96
CA ASN E 287 -21.74 29.70 20.80
C ASN E 287 -21.12 28.52 20.05
N ALA E 288 -20.48 28.74 18.91
CA ALA E 288 -19.94 27.66 18.11
C ALA E 288 -18.55 27.26 18.53
N GLY E 289 -18.10 27.65 19.72
CA GLY E 289 -16.75 27.32 20.13
C GLY E 289 -16.57 25.87 20.48
N GLY E 290 -17.62 25.24 21.02
CA GLY E 290 -17.47 23.86 21.42
C GLY E 290 -17.39 22.91 20.25
N VAL E 291 -18.07 23.25 19.16
CA VAL E 291 -18.01 22.44 17.95
C VAL E 291 -16.65 22.58 17.29
N ILE E 292 -16.08 23.79 17.31
CA ILE E 292 -14.70 24.00 16.85
C ILE E 292 -13.72 23.19 17.70
N ASN E 293 -13.94 23.15 19.01
CA ASN E 293 -13.05 22.38 19.89
C ASN E 293 -13.11 20.90 19.57
N VAL E 294 -14.32 20.35 19.41
CA VAL E 294 -14.40 18.92 19.12
C VAL E 294 -14.11 18.58 17.67
N ALA E 295 -14.05 19.56 16.78
CA ALA E 295 -13.63 19.30 15.42
C ALA E 295 -12.15 19.51 15.20
N ASP E 296 -11.45 20.15 16.13
CA ASP E 296 -10.01 20.23 16.01
C ASP E 296 -9.33 18.95 16.46
N GLU E 297 -10.06 18.02 17.07
CA GLU E 297 -9.51 16.72 17.44
C GLU E 297 -9.19 15.88 16.20
N LEU E 298 -9.85 16.15 15.08
CA LEU E 298 -9.68 15.38 13.85
C LEU E 298 -8.30 15.57 13.23
N TYR E 299 -7.53 16.53 13.68
CA TYR E 299 -6.15 16.72 13.28
C TYR E 299 -5.15 16.00 14.18
N GLY E 300 -5.62 15.46 15.29
CA GLY E 300 -4.75 15.20 16.42
C GLY E 300 -4.84 16.43 17.28
N TYR E 301 -5.32 16.30 18.52
CA TYR E 301 -5.76 17.47 19.26
C TYR E 301 -4.59 18.28 19.78
N ASN E 302 -4.67 19.59 19.56
CA ASN E 302 -3.68 20.52 20.05
C ASN E 302 -4.43 21.73 20.57
N ARG E 303 -4.10 22.18 21.77
CA ARG E 303 -4.89 23.21 22.44
C ARG E 303 -4.67 24.57 21.80
N GLU E 304 -3.44 24.87 21.39
CA GLU E 304 -3.11 26.21 20.90
C GLU E 304 -3.72 26.48 19.53
N ARG E 305 -3.70 25.49 18.63
CA ARG E 305 -4.35 25.60 17.34
C ARG E 305 -5.86 25.78 17.48
N ALA E 306 -6.49 25.03 18.38
CA ALA E 306 -7.93 25.13 18.56
C ALA E 306 -8.32 26.46 19.16
N MET E 307 -7.56 26.98 20.12
CA MET E 307 -7.87 28.30 20.67
C MET E 307 -7.64 29.41 19.66
N LYS E 308 -6.62 29.26 18.81
CA LYS E 308 -6.41 30.22 17.72
C LYS E 308 -7.56 30.18 16.71
N LYS E 309 -8.20 29.03 16.54
CA LYS E 309 -9.36 28.98 15.65
C LYS E 309 -10.62 29.54 16.30
N ILE E 310 -10.78 29.34 17.61
CA ILE E 310 -11.92 29.90 18.36
C ILE E 310 -11.83 31.42 18.45
N GLU E 311 -10.62 31.97 18.34
CA GLU E 311 -10.44 33.41 18.33
C GLU E 311 -11.12 34.12 17.15
N GLN E 312 -11.42 33.41 16.06
CA GLN E 312 -11.99 34.05 14.86
C GLN E 312 -13.49 34.33 14.95
N ILE E 313 -14.14 34.12 16.10
CA ILE E 313 -15.57 34.39 16.18
C ILE E 313 -15.84 35.88 16.16
N TYR E 314 -14.85 36.68 16.56
CA TYR E 314 -14.83 38.12 16.33
C TYR E 314 -15.05 38.46 14.85
N ASP E 315 -14.30 37.81 13.97
CA ASP E 315 -14.42 38.08 12.55
C ASP E 315 -15.71 37.51 11.97
N ASN E 316 -16.19 36.40 12.52
CA ASN E 316 -17.45 35.82 12.05
C ASN E 316 -18.62 36.76 12.35
N ILE E 317 -18.68 37.28 13.58
CA ILE E 317 -19.72 38.25 13.95
C ILE E 317 -19.59 39.52 13.13
N GLU E 318 -18.35 39.94 12.84
CA GLU E 318 -18.15 41.16 12.08
C GLU E 318 -18.64 41.01 10.64
N LYS E 319 -18.41 39.84 10.02
CA LYS E 319 -18.99 39.61 8.70
C LYS E 319 -20.50 39.47 8.72
N VAL E 320 -21.09 38.93 9.80
CA VAL E 320 -22.55 38.87 9.89
C VAL E 320 -23.14 40.27 9.93
N PHE E 321 -22.53 41.17 10.68
CA PHE E 321 -23.02 42.53 10.73
C PHE E 321 -22.75 43.29 9.44
N ALA E 322 -21.65 42.98 8.74
CA ALA E 322 -21.40 43.60 7.45
C ALA E 322 -22.44 43.17 6.41
N ILE E 323 -22.80 41.89 6.38
CA ILE E 323 -23.84 41.43 5.46
C ILE E 323 -25.20 41.99 5.86
N ALA E 324 -25.46 42.14 7.16
CA ALA E 324 -26.75 42.67 7.59
C ALA E 324 -26.90 44.14 7.24
N LYS E 325 -25.80 44.90 7.26
CA LYS E 325 -25.88 46.29 6.83
C LYS E 325 -25.81 46.43 5.32
N ARG E 326 -25.23 45.47 4.61
CA ARG E 326 -25.22 45.51 3.15
C ARG E 326 -26.57 45.15 2.55
N ASP E 327 -27.26 44.20 3.15
CA ASP E 327 -28.42 43.57 2.53
C ASP E 327 -29.74 44.08 3.12
N ASN E 328 -29.68 44.91 4.17
CA ASN E 328 -30.84 45.56 4.80
C ASN E 328 -31.86 44.55 5.31
N ILE E 329 -31.35 43.48 5.90
CA ILE E 329 -32.12 42.37 6.44
C ILE E 329 -31.80 42.29 7.93
N PRO E 330 -32.52 41.52 8.74
CA PRO E 330 -32.08 41.30 10.12
C PRO E 330 -30.81 40.47 10.19
N THR E 331 -30.32 40.29 11.42
CA THR E 331 -29.07 39.58 11.59
C THR E 331 -29.26 38.07 11.63
N TYR E 332 -30.42 37.59 12.07
CA TYR E 332 -30.64 36.15 12.07
C TYR E 332 -30.83 35.62 10.65
N VAL E 333 -31.21 36.49 9.71
CA VAL E 333 -31.23 36.16 8.30
C VAL E 333 -29.82 36.30 7.72
N ALA E 334 -29.05 37.26 8.24
CA ALA E 334 -27.69 37.47 7.78
C ALA E 334 -26.79 36.28 8.11
N ALA E 335 -27.08 35.57 9.19
CA ALA E 335 -26.28 34.39 9.53
C ALA E 335 -26.48 33.27 8.51
N ASP E 336 -27.74 33.01 8.15
CA ASP E 336 -28.03 32.00 7.13
C ASP E 336 -27.45 32.38 5.78
N ARG E 337 -27.49 33.66 5.43
CA ARG E 337 -26.98 34.03 4.12
C ARG E 337 -25.46 34.02 4.07
N MET E 338 -24.79 34.36 5.18
CA MET E 338 -23.35 34.14 5.29
C MET E 338 -22.98 32.69 5.06
N ALA E 339 -23.72 31.79 5.70
CA ALA E 339 -23.39 30.37 5.59
C ALA E 339 -23.65 29.84 4.19
N GLU E 340 -24.73 30.25 3.54
CA GLU E 340 -25.02 29.77 2.20
C GLU E 340 -24.07 30.35 1.17
N GLU E 341 -23.62 31.60 1.37
CA GLU E 341 -22.59 32.14 0.49
C GLU E 341 -21.28 31.39 0.66
N ARG E 342 -20.95 30.95 1.87
CA ARG E 342 -19.72 30.19 2.03
C ARG E 342 -19.84 28.82 1.38
N ILE E 343 -21.02 28.20 1.47
CA ILE E 343 -21.24 26.90 0.84
C ILE E 343 -21.15 26.99 -0.67
N GLU E 344 -21.79 27.98 -1.28
CA GLU E 344 -21.79 28.08 -2.74
C GLU E 344 -20.42 28.50 -3.26
N THR E 345 -19.73 29.38 -2.54
CA THR E 345 -18.41 29.82 -2.97
C THR E 345 -17.39 28.71 -2.86
N MET E 346 -17.50 27.85 -1.84
CA MET E 346 -16.57 26.73 -1.81
C MET E 346 -17.01 25.60 -2.71
N ARG E 347 -18.25 25.59 -3.18
CA ARG E 347 -18.57 24.66 -4.26
C ARG E 347 -17.89 25.10 -5.54
N LYS E 348 -17.89 26.40 -5.83
CA LYS E 348 -17.37 26.87 -7.10
C LYS E 348 -15.86 27.09 -7.12
N ALA E 349 -15.22 27.30 -5.98
CA ALA E 349 -13.80 27.63 -5.97
C ALA E 349 -12.92 26.41 -5.75
N ARG E 350 -13.49 25.27 -5.44
CA ARG E 350 -12.77 24.02 -5.30
C ARG E 350 -13.14 23.04 -6.39
N SER E 351 -13.26 23.51 -7.62
CA SER E 351 -13.77 22.69 -8.69
C SER E 351 -12.69 22.12 -9.60
N GLN E 352 -11.47 22.63 -9.54
CA GLN E 352 -10.43 22.09 -10.41
C GLN E 352 -9.99 20.71 -9.94
N PHE E 353 -9.73 19.86 -10.92
CA PHE E 353 -9.48 18.45 -10.72
C PHE E 353 -8.15 18.20 -10.01
N LEU E 354 -8.18 17.34 -9.00
CA LEU E 354 -6.98 16.76 -8.42
C LEU E 354 -7.29 15.30 -8.19
N GLN E 355 -6.33 14.43 -8.40
CA GLN E 355 -6.59 13.04 -8.12
C GLN E 355 -6.12 12.63 -6.75
N ASN E 356 -5.58 13.57 -5.99
CA ASN E 356 -5.03 13.32 -4.67
C ASN E 356 -5.36 14.48 -3.72
N GLY E 357 -6.62 14.87 -3.67
CA GLY E 357 -7.01 15.98 -2.83
C GLY E 357 -7.03 15.63 -1.36
N HIS E 358 -6.98 16.67 -0.53
CA HIS E 358 -7.11 16.51 0.92
C HIS E 358 -8.49 16.92 1.37
N HIS E 359 -9.09 16.11 2.20
CA HIS E 359 -10.27 16.42 2.98
C HIS E 359 -9.89 16.37 4.46
N ILE E 360 -10.90 16.43 5.32
CA ILE E 360 -10.63 16.57 6.75
C ILE E 360 -10.22 15.24 7.36
N LEU E 361 -10.42 14.13 6.66
CA LEU E 361 -10.10 12.80 7.15
C LEU E 361 -8.89 12.22 6.46
N SER E 362 -8.04 13.04 5.89
CA SER E 362 -7.01 12.54 5.01
C SER E 362 -5.79 12.15 5.81
N ARG E 363 -5.04 11.18 5.27
CA ARG E 363 -3.75 10.82 5.82
C ARG E 363 -2.73 11.81 5.31
N ARG E 364 -1.84 12.26 6.19
CA ARG E 364 -0.85 13.22 5.76
C ARG E 364 0.40 13.13 6.61
N ARG E 365 1.33 14.04 6.32
CA ARG E 365 2.62 14.04 6.99
CA ARG E 365 2.62 14.06 6.99
C ARG E 365 2.47 14.44 8.45
N ALA E 366 3.32 13.85 9.28
CA ALA E 366 3.25 14.09 10.72
C ALA E 366 3.69 15.51 11.05
N ARG E 367 4.84 15.91 10.53
CA ARG E 367 5.41 17.26 10.64
C ARG E 367 5.54 17.75 12.09
N MET F 1 -46.55 5.13 9.39
CA MET F 1 -46.49 3.72 9.07
C MET F 1 -46.01 2.94 10.28
N GLU F 2 -45.40 3.69 11.21
CA GLU F 2 -44.59 3.14 12.30
C GLU F 2 -43.55 2.21 11.72
N LEU F 3 -42.63 2.83 10.97
CA LEU F 3 -41.75 2.09 10.09
C LEU F 3 -40.75 1.23 10.85
N PHE F 4 -40.41 1.61 12.09
CA PHE F 4 -39.57 0.71 12.86
C PHE F 4 -40.32 -0.49 13.39
N GLN F 5 -41.65 -0.45 13.48
CA GLN F 5 -42.36 -1.68 13.81
C GLN F 5 -42.27 -2.70 12.69
N TYR F 6 -42.45 -2.24 11.45
CA TYR F 6 -42.33 -3.14 10.32
C TYR F 6 -40.91 -3.61 10.16
N MET F 7 -39.91 -2.77 10.48
CA MET F 7 -38.53 -3.23 10.42
C MET F 7 -38.23 -4.22 11.53
N GLU F 8 -38.79 -4.03 12.72
CA GLU F 8 -38.43 -4.88 13.84
C GLU F 8 -39.09 -6.25 13.75
N LYS F 9 -40.28 -6.32 13.12
CA LYS F 9 -40.94 -7.63 12.99
C LYS F 9 -40.22 -8.58 12.04
N TYR F 10 -39.36 -8.09 11.16
CA TYR F 10 -38.69 -8.94 10.20
C TYR F 10 -37.19 -8.78 10.18
N ASP F 11 -36.63 -7.96 11.08
CA ASP F 11 -35.19 -7.71 11.23
C ASP F 11 -34.59 -7.13 9.95
N TYR F 12 -35.09 -5.98 9.54
CA TYR F 12 -34.45 -5.21 8.48
C TYR F 12 -33.28 -4.44 9.05
N GLU F 13 -32.14 -4.48 8.37
CA GLU F 13 -31.04 -3.65 8.84
C GLU F 13 -31.31 -2.19 8.54
N GLN F 14 -31.43 -1.82 7.28
CA GLN F 14 -31.55 -0.41 6.94
C GLN F 14 -32.59 -0.18 5.88
N VAL F 15 -33.20 0.99 5.97
CA VAL F 15 -33.92 1.65 4.89
C VAL F 15 -33.22 2.99 4.70
N LEU F 16 -33.12 3.48 3.47
CA LEU F 16 -32.24 4.61 3.24
C LEU F 16 -32.78 5.47 2.12
N PHE F 17 -33.14 6.70 2.43
CA PHE F 17 -33.87 7.57 1.53
C PHE F 17 -32.88 8.53 0.90
N CYS F 18 -32.54 8.33 -0.35
CA CYS F 18 -31.68 9.24 -1.06
C CYS F 18 -32.52 10.25 -1.81
N GLN F 19 -31.92 11.40 -2.07
CA GLN F 19 -32.60 12.51 -2.72
C GLN F 19 -31.55 13.38 -3.37
N ASP F 20 -31.88 13.93 -4.52
CA ASP F 20 -31.03 14.94 -5.15
C ASP F 20 -31.93 15.86 -5.96
N LYS F 21 -31.76 17.17 -5.75
CA LYS F 21 -32.71 18.15 -6.22
C LYS F 21 -32.42 18.63 -7.64
N GLU F 22 -31.15 18.88 -7.97
CA GLU F 22 -30.83 19.37 -9.30
C GLU F 22 -30.94 18.30 -10.37
N SER F 23 -31.04 17.04 -9.99
CA SER F 23 -31.23 15.95 -10.93
C SER F 23 -32.58 15.28 -10.82
N GLY F 24 -33.30 15.47 -9.72
CA GLY F 24 -34.64 14.96 -9.61
C GLY F 24 -34.72 13.53 -9.12
N LEU F 25 -33.75 13.10 -8.34
CA LEU F 25 -33.69 11.72 -7.87
C LEU F 25 -34.38 11.59 -6.52
N LYS F 26 -35.24 10.60 -6.39
CA LYS F 26 -35.85 10.21 -5.13
C LYS F 26 -35.71 8.69 -5.06
N ALA F 27 -34.82 8.16 -4.25
CA ALA F 27 -34.60 6.72 -4.26
C ALA F 27 -34.72 6.14 -2.87
N ILE F 28 -35.13 4.88 -2.79
CA ILE F 28 -35.31 4.16 -1.54
C ILE F 28 -34.51 2.90 -1.65
N ILE F 29 -33.41 2.81 -0.92
CA ILE F 29 -32.60 1.59 -0.91
C ILE F 29 -32.92 0.85 0.37
N VAL F 30 -33.25 -0.42 0.27
CA VAL F 30 -33.58 -1.20 1.44
C VAL F 30 -32.64 -2.38 1.52
N ILE F 31 -31.93 -2.49 2.63
CA ILE F 31 -31.00 -3.57 2.90
C ILE F 31 -31.59 -4.39 4.03
N HIS F 32 -31.95 -5.64 3.74
CA HIS F 32 -32.60 -6.49 4.72
C HIS F 32 -31.59 -7.20 5.61
N ASP F 33 -30.74 -8.01 5.00
CA ASP F 33 -29.78 -8.80 5.74
C ASP F 33 -28.50 -8.80 4.95
N THR F 34 -27.39 -8.59 5.64
CA THR F 34 -26.05 -8.71 5.08
C THR F 34 -25.22 -9.63 5.92
N THR F 35 -25.77 -10.79 6.26
CA THR F 35 -25.01 -11.76 7.04
C THR F 35 -24.08 -12.56 6.17
N LEU F 36 -24.59 -13.10 5.05
CA LEU F 36 -23.78 -13.99 4.22
C LEU F 36 -22.74 -13.21 3.43
N GLY F 37 -23.11 -12.05 2.92
CA GLY F 37 -22.21 -11.21 2.17
C GLY F 37 -22.80 -9.84 1.98
N PRO F 38 -22.39 -9.14 0.94
CA PRO F 38 -23.03 -7.89 0.59
C PRO F 38 -24.44 -8.09 0.08
N ALA F 39 -25.23 -7.04 0.10
CA ALA F 39 -26.62 -7.13 -0.31
C ALA F 39 -26.70 -6.86 -1.80
N LEU F 40 -26.87 -7.91 -2.59
CA LEU F 40 -27.15 -7.72 -4.00
C LEU F 40 -28.63 -7.49 -4.22
N GLY F 41 -28.95 -6.51 -5.03
CA GLY F 41 -30.33 -6.29 -5.39
C GLY F 41 -30.54 -5.52 -6.67
N GLY F 42 -31.70 -5.68 -7.27
CA GLY F 42 -32.00 -4.92 -8.47
C GLY F 42 -32.36 -3.50 -8.16
N THR F 43 -32.19 -2.65 -9.16
CA THR F 43 -32.59 -1.25 -9.11
C THR F 43 -33.79 -1.09 -10.00
N ARG F 44 -34.94 -0.84 -9.43
CA ARG F 44 -36.19 -0.82 -10.16
CA ARG F 44 -36.19 -0.82 -10.16
C ARG F 44 -36.72 0.60 -10.21
N MET F 45 -37.04 1.07 -11.40
CA MET F 45 -37.56 2.42 -11.59
C MET F 45 -39.00 2.31 -12.03
N TRP F 46 -39.89 2.98 -11.31
CA TRP F 46 -41.32 2.81 -11.52
C TRP F 46 -41.99 4.00 -10.88
N MET F 47 -43.22 4.28 -11.29
CA MET F 47 -43.97 5.39 -10.76
C MET F 47 -44.97 4.87 -9.74
N TYR F 48 -44.84 5.29 -8.49
CA TYR F 48 -45.77 4.93 -7.45
C TYR F 48 -46.57 6.15 -7.05
N ASN F 49 -47.80 5.93 -6.57
CA ASN F 49 -48.70 7.02 -6.28
C ASN F 49 -48.27 7.85 -5.08
N SER F 50 -47.54 7.25 -4.15
CA SER F 50 -47.08 7.96 -2.98
C SER F 50 -45.71 7.42 -2.60
N GLU F 51 -45.23 7.79 -1.42
CA GLU F 51 -44.02 7.19 -0.90
C GLU F 51 -44.30 5.84 -0.27
N GLU F 52 -45.46 5.67 0.34
CA GLU F 52 -45.76 4.46 1.10
C GLU F 52 -45.89 3.24 0.21
N GLU F 53 -46.42 3.43 -1.01
CA GLU F 53 -46.46 2.38 -2.02
C GLU F 53 -45.06 1.87 -2.32
N ALA F 54 -44.16 2.79 -2.64
CA ALA F 54 -42.78 2.44 -2.96
C ALA F 54 -42.05 1.84 -1.77
N LEU F 55 -42.36 2.31 -0.57
CA LEU F 55 -41.71 1.80 0.61
C LEU F 55 -42.11 0.36 0.89
N GLU F 56 -43.42 0.08 0.84
CA GLU F 56 -43.88 -1.29 1.05
C GLU F 56 -43.36 -2.22 -0.04
N ASP F 57 -43.24 -1.72 -1.26
CA ASP F 57 -42.74 -2.55 -2.35
C ASP F 57 -41.26 -2.86 -2.18
N ALA F 58 -40.48 -1.87 -1.76
CA ALA F 58 -39.05 -2.08 -1.53
C ALA F 58 -38.80 -3.04 -0.38
N LEU F 59 -39.64 -2.98 0.67
CA LEU F 59 -39.46 -3.87 1.80
C LEU F 59 -39.77 -5.32 1.45
N ARG F 60 -40.87 -5.56 0.71
CA ARG F 60 -41.18 -6.92 0.29
C ARG F 60 -40.11 -7.50 -0.62
N LEU F 61 -39.61 -6.70 -1.56
CA LEU F 61 -38.60 -7.23 -2.46
C LEU F 61 -37.25 -7.44 -1.78
N ALA F 62 -36.95 -6.68 -0.73
CA ALA F 62 -35.73 -6.92 0.03
C ALA F 62 -35.77 -8.26 0.75
N ARG F 63 -36.90 -8.58 1.39
CA ARG F 63 -37.03 -9.89 2.02
CA ARG F 63 -37.04 -9.89 2.03
C ARG F 63 -36.98 -11.01 1.00
N GLY F 64 -37.65 -10.82 -0.14
CA GLY F 64 -37.63 -11.84 -1.18
C GLY F 64 -36.25 -12.11 -1.74
N MET F 65 -35.45 -11.05 -1.92
CA MET F 65 -34.09 -11.25 -2.41
C MET F 65 -33.19 -11.89 -1.37
N THR F 66 -33.43 -11.67 -0.09
CA THR F 66 -32.62 -12.35 0.92
C THR F 66 -32.83 -13.84 0.86
N TYR F 67 -34.10 -14.27 0.79
CA TYR F 67 -34.32 -15.72 0.73
C TYR F 67 -33.91 -16.32 -0.60
N LYS F 68 -33.99 -15.57 -1.70
CA LYS F 68 -33.49 -16.07 -2.96
C LYS F 68 -31.98 -16.25 -2.95
N ASN F 69 -31.23 -15.22 -2.54
CA ASN F 69 -29.77 -15.33 -2.55
C ASN F 69 -29.29 -16.36 -1.54
N ALA F 70 -30.00 -16.55 -0.43
CA ALA F 70 -29.59 -17.58 0.52
C ALA F 70 -29.84 -18.97 -0.01
N ALA F 71 -31.06 -19.24 -0.51
CA ALA F 71 -31.39 -20.58 -0.96
C ALA F 71 -30.78 -20.95 -2.29
N ALA F 72 -30.05 -20.04 -2.94
CA ALA F 72 -29.37 -20.34 -4.18
C ALA F 72 -27.93 -20.78 -3.98
N GLY F 73 -27.40 -20.57 -2.79
CA GLY F 73 -26.03 -20.90 -2.52
C GLY F 73 -25.04 -19.77 -2.70
N LEU F 74 -25.50 -18.53 -2.74
CA LEU F 74 -24.62 -17.39 -2.99
C LEU F 74 -24.21 -16.75 -1.69
N ASN F 75 -23.04 -16.13 -1.70
CA ASN F 75 -22.52 -15.41 -0.53
C ASN F 75 -22.89 -13.95 -0.63
N LEU F 76 -24.18 -13.70 -0.62
CA LEU F 76 -24.75 -12.40 -0.91
C LEU F 76 -25.99 -12.23 -0.08
N GLY F 77 -26.28 -11.00 0.29
CA GLY F 77 -27.44 -10.69 1.09
C GLY F 77 -28.61 -10.28 0.23
N GLY F 78 -29.58 -9.65 0.88
CA GLY F 78 -30.72 -9.19 0.12
C GLY F 78 -31.06 -7.75 0.31
N GLY F 79 -31.20 -7.03 -0.79
CA GLY F 79 -31.64 -5.66 -0.71
C GLY F 79 -32.40 -5.33 -1.97
N LYS F 80 -32.80 -4.09 -2.15
CA LYS F 80 -33.59 -3.67 -3.30
C LYS F 80 -33.67 -2.16 -3.33
N THR F 81 -33.52 -1.58 -4.51
CA THR F 81 -33.65 -0.15 -4.69
C THR F 81 -34.93 0.12 -5.46
N VAL F 82 -35.65 1.16 -5.08
CA VAL F 82 -36.76 1.68 -5.84
C VAL F 82 -36.48 3.13 -6.16
N ILE F 83 -36.43 3.47 -7.44
CA ILE F 83 -36.34 4.87 -7.85
C ILE F 83 -37.73 5.33 -8.23
N ILE F 84 -38.18 6.43 -7.63
CA ILE F 84 -39.53 6.93 -7.85
C ILE F 84 -39.46 7.93 -9.00
N GLY F 85 -39.90 7.50 -10.17
CA GLY F 85 -39.91 8.35 -11.33
C GLY F 85 -40.64 7.65 -12.44
N ASP F 86 -40.47 8.17 -13.65
CA ASP F 86 -41.10 7.57 -14.81
C ASP F 86 -40.00 7.24 -15.80
N PRO F 87 -39.75 5.97 -16.10
CA PRO F 87 -38.66 5.63 -17.01
C PRO F 87 -38.89 6.00 -18.45
N ARG F 88 -40.09 6.43 -18.82
CA ARG F 88 -40.30 6.87 -20.20
C ARG F 88 -39.81 8.29 -20.41
N LYS F 89 -39.85 9.12 -19.37
CA LYS F 89 -39.59 10.55 -19.56
C LYS F 89 -38.79 11.22 -18.46
N ASP F 90 -38.38 10.51 -17.42
CA ASP F 90 -37.71 11.15 -16.28
C ASP F 90 -36.38 10.49 -16.01
N LYS F 91 -35.59 10.25 -17.04
CA LYS F 91 -34.22 9.81 -16.90
C LYS F 91 -33.29 10.81 -17.53
N ASN F 92 -32.10 10.92 -16.96
CA ASN F 92 -30.99 11.60 -17.57
C ASN F 92 -29.70 11.01 -17.00
N GLU F 93 -28.59 11.68 -17.24
CA GLU F 93 -27.33 11.24 -16.69
C GLU F 93 -27.21 11.64 -15.23
N ALA F 94 -27.77 12.79 -14.88
CA ALA F 94 -27.42 13.43 -13.61
C ALA F 94 -27.98 12.66 -12.43
N MET F 95 -29.15 12.06 -12.58
CA MET F 95 -29.68 11.25 -11.49
C MET F 95 -28.93 9.96 -11.31
N PHE F 96 -28.40 9.36 -12.38
CA PHE F 96 -27.62 8.16 -12.16
C PHE F 96 -26.21 8.45 -11.70
N ARG F 97 -25.66 9.61 -11.99
CA ARG F 97 -24.39 9.96 -11.38
C ARG F 97 -24.55 10.25 -9.90
N ALA F 98 -25.63 10.95 -9.54
CA ALA F 98 -25.94 11.16 -8.13
C ALA F 98 -26.19 9.84 -7.42
N PHE F 99 -26.90 8.93 -8.06
CA PHE F 99 -27.23 7.65 -7.45
C PHE F 99 -26.02 6.74 -7.35
N GLY F 100 -25.13 6.76 -8.34
CA GLY F 100 -23.91 5.99 -8.23
C GLY F 100 -23.01 6.47 -7.13
N ARG F 101 -23.01 7.78 -6.85
CA ARG F 101 -22.26 8.24 -5.68
C ARG F 101 -22.95 7.85 -4.38
N PHE F 102 -24.28 7.79 -4.34
CA PHE F 102 -24.91 7.27 -3.13
C PHE F 102 -24.68 5.78 -2.92
N ILE F 103 -24.38 5.01 -3.97
CA ILE F 103 -24.02 3.61 -3.76
C ILE F 103 -22.57 3.48 -3.33
N GLN F 104 -21.69 4.27 -3.94
CA GLN F 104 -20.28 4.28 -3.53
C GLN F 104 -20.10 4.77 -2.10
N GLY F 105 -21.03 5.56 -1.61
CA GLY F 105 -20.92 5.97 -0.24
C GLY F 105 -21.40 5.02 0.80
N LEU F 106 -21.92 3.85 0.40
CA LEU F 106 -22.17 2.76 1.32
C LEU F 106 -20.98 1.84 1.50
N ASN F 107 -19.94 2.02 0.69
CA ASN F 107 -18.68 1.27 0.74
C ASN F 107 -18.91 -0.23 0.54
N GLY F 108 -19.44 -0.58 -0.61
CA GLY F 108 -19.49 -1.99 -0.97
C GLY F 108 -20.50 -2.81 -0.23
N ARG F 109 -21.28 -2.20 0.62
CA ARG F 109 -22.26 -2.85 1.47
C ARG F 109 -23.52 -3.19 0.71
N TYR F 110 -23.66 -2.68 -0.50
CA TYR F 110 -24.83 -2.90 -1.35
C TYR F 110 -24.42 -2.88 -2.80
N ILE F 111 -24.70 -3.96 -3.53
CA ILE F 111 -24.35 -4.11 -4.92
C ILE F 111 -25.63 -4.07 -5.74
N THR F 112 -25.63 -3.33 -6.85
CA THR F 112 -26.84 -3.11 -7.62
C THR F 112 -26.78 -3.82 -8.97
N ALA F 113 -27.96 -4.15 -9.50
CA ALA F 113 -28.06 -4.75 -10.82
C ALA F 113 -29.29 -4.23 -11.53
N GLU F 114 -29.46 -4.60 -12.79
CA GLU F 114 -30.61 -4.11 -13.53
C GLU F 114 -31.84 -4.92 -13.17
N ASP F 115 -32.99 -4.29 -13.36
CA ASP F 115 -34.23 -4.88 -12.91
C ASP F 115 -35.33 -4.24 -13.74
N VAL F 116 -36.57 -4.32 -13.28
CA VAL F 116 -37.72 -3.87 -14.04
C VAL F 116 -37.72 -2.34 -14.05
N GLY F 117 -37.30 -1.75 -15.15
CA GLY F 117 -37.35 -0.31 -15.21
C GLY F 117 -36.06 0.35 -15.64
N THR F 118 -34.94 -0.32 -15.40
CA THR F 118 -33.64 0.12 -15.85
C THR F 118 -33.10 -0.87 -16.86
N THR F 119 -32.14 -0.42 -17.66
CA THR F 119 -31.55 -1.19 -18.75
C THR F 119 -30.07 -1.38 -18.49
N VAL F 120 -29.36 -2.05 -19.41
CA VAL F 120 -27.91 -1.93 -19.38
C VAL F 120 -27.49 -0.78 -20.28
N ALA F 121 -27.93 0.41 -19.93
CA ALA F 121 -27.41 1.65 -20.44
C ALA F 121 -27.43 2.68 -19.34
N ASP F 122 -28.13 2.38 -18.25
CA ASP F 122 -28.12 3.16 -17.03
C ASP F 122 -27.15 2.58 -16.02
N MET F 123 -26.80 1.31 -16.15
CA MET F 123 -25.68 0.78 -15.38
C MET F 123 -24.38 0.97 -16.13
N ASP F 124 -24.17 2.11 -16.76
CA ASP F 124 -22.91 2.43 -17.37
C ASP F 124 -22.60 3.81 -16.89
N ILE F 125 -23.66 4.51 -16.56
CA ILE F 125 -23.56 5.78 -15.89
C ILE F 125 -23.27 5.57 -14.42
N ILE F 126 -23.87 4.53 -13.84
CA ILE F 126 -23.57 4.15 -12.47
C ILE F 126 -22.15 3.62 -12.38
N TYR F 127 -21.70 2.88 -13.39
CA TYR F 127 -20.35 2.35 -13.37
C TYR F 127 -19.29 3.44 -13.48
N GLN F 128 -19.63 4.63 -13.99
CA GLN F 128 -18.70 5.72 -13.96
C GLN F 128 -18.51 6.31 -12.57
N GLU F 129 -19.29 5.88 -11.59
CA GLU F 129 -19.15 6.37 -10.24
C GLU F 129 -18.82 5.30 -9.22
N THR F 130 -18.94 4.02 -9.54
CA THR F 130 -18.81 2.98 -8.54
C THR F 130 -18.41 1.66 -9.19
N ASP F 131 -17.83 0.79 -8.38
CA ASP F 131 -17.57 -0.60 -8.77
C ASP F 131 -18.68 -1.55 -8.36
N TYR F 132 -19.62 -1.12 -7.53
CA TYR F 132 -20.56 -2.07 -6.94
C TYR F 132 -21.83 -2.10 -7.78
N VAL F 133 -21.65 -2.59 -8.98
CA VAL F 133 -22.69 -2.67 -9.98
C VAL F 133 -22.36 -3.87 -10.86
N THR F 134 -23.37 -4.64 -11.24
CA THR F 134 -23.12 -5.88 -11.94
C THR F 134 -24.08 -6.04 -13.10
N GLY F 135 -23.65 -6.81 -14.09
CA GLY F 135 -24.41 -6.92 -15.32
C GLY F 135 -23.99 -5.97 -16.41
N ILE F 136 -22.75 -5.47 -16.39
CA ILE F 136 -22.39 -4.33 -17.22
C ILE F 136 -21.30 -4.69 -18.22
N SER F 137 -20.40 -5.65 -17.85
CA SER F 137 -19.03 -5.71 -18.36
C SER F 137 -18.97 -6.11 -19.83
N PRO F 138 -17.93 -5.69 -20.55
CA PRO F 138 -17.79 -6.12 -21.95
C PRO F 138 -17.53 -7.61 -22.08
N GLU F 139 -17.00 -8.26 -21.06
CA GLU F 139 -16.98 -9.72 -21.01
C GLU F 139 -18.39 -10.29 -20.93
N PHE F 140 -19.24 -9.67 -20.12
CA PHE F 140 -20.60 -10.18 -19.95
C PHE F 140 -21.46 -9.93 -21.18
N GLY F 141 -21.56 -8.67 -21.61
CA GLY F 141 -22.37 -8.33 -22.77
C GLY F 141 -21.61 -8.43 -24.07
N ASN F 145 -26.86 -11.50 -20.41
CA ASN F 145 -28.00 -12.13 -21.07
C ASN F 145 -28.43 -13.34 -20.24
N PRO F 146 -29.22 -13.10 -19.19
CA PRO F 146 -29.47 -14.16 -18.19
C PRO F 146 -30.44 -15.23 -18.62
N SER F 147 -31.06 -15.12 -19.78
CA SER F 147 -32.15 -16.03 -20.14
C SER F 147 -31.74 -17.46 -20.50
N PRO F 148 -30.62 -17.74 -21.20
CA PRO F 148 -30.19 -19.14 -21.28
C PRO F 148 -29.83 -19.73 -19.94
N ALA F 149 -29.30 -18.91 -19.03
CA ALA F 149 -28.99 -19.36 -17.68
C ALA F 149 -30.24 -19.71 -16.90
N THR F 150 -31.26 -18.83 -16.94
CA THR F 150 -32.49 -19.08 -16.20
C THR F 150 -33.21 -20.29 -16.75
N ALA F 151 -33.20 -20.45 -18.07
CA ALA F 151 -33.80 -21.63 -18.69
C ALA F 151 -33.06 -22.91 -18.32
N TYR F 152 -31.73 -22.85 -18.25
CA TYR F 152 -30.95 -24.02 -17.88
C TYR F 152 -31.22 -24.41 -16.43
N GLY F 153 -31.41 -23.42 -15.57
CA GLY F 153 -31.73 -23.71 -14.18
C GLY F 153 -33.13 -24.25 -14.00
N VAL F 154 -34.10 -23.75 -14.79
CA VAL F 154 -35.45 -24.31 -14.76
C VAL F 154 -35.45 -25.75 -15.23
N TYR F 155 -34.62 -26.05 -16.23
CA TYR F 155 -34.45 -27.41 -16.70
C TYR F 155 -33.92 -28.34 -15.60
N ARG F 156 -32.90 -27.90 -14.87
CA ARG F 156 -32.36 -28.73 -13.79
C ARG F 156 -33.36 -28.90 -12.64
N GLY F 157 -34.10 -27.85 -12.30
CA GLY F 157 -35.09 -27.96 -11.25
C GLY F 157 -36.25 -28.86 -11.65
N MET F 158 -36.55 -28.90 -12.96
CA MET F 158 -37.59 -29.79 -13.43
C MET F 158 -37.14 -31.24 -13.42
N LYS F 159 -35.85 -31.48 -13.71
CA LYS F 159 -35.22 -32.78 -13.46
C LYS F 159 -35.41 -33.24 -12.03
N ALA F 160 -35.13 -32.35 -11.07
CA ALA F 160 -35.24 -32.73 -9.67
C ALA F 160 -36.68 -32.99 -9.24
N ALA F 161 -37.62 -32.16 -9.72
CA ALA F 161 -39.02 -32.37 -9.38
C ALA F 161 -39.58 -33.61 -10.06
N ALA F 162 -39.03 -33.99 -11.22
CA ALA F 162 -39.46 -35.21 -11.86
C ALA F 162 -38.92 -36.44 -11.14
N LYS F 163 -37.72 -36.35 -10.58
CA LYS F 163 -37.24 -37.46 -9.77
C LYS F 163 -37.96 -37.52 -8.42
N GLU F 164 -38.47 -36.39 -7.95
CA GLU F 164 -39.31 -36.41 -6.75
C GLU F 164 -40.64 -37.10 -7.02
N ALA F 165 -41.36 -36.64 -8.04
CA ALA F 165 -42.71 -37.15 -8.25
C ALA F 165 -42.73 -38.55 -8.85
N PHE F 166 -41.66 -38.98 -9.48
CA PHE F 166 -41.67 -40.26 -10.20
C PHE F 166 -40.53 -41.19 -9.82
N GLY F 167 -39.32 -40.68 -9.64
CA GLY F 167 -38.14 -41.49 -9.40
C GLY F 167 -37.14 -41.44 -10.53
N SER F 168 -37.61 -41.29 -11.76
CA SER F 168 -36.75 -41.18 -12.92
C SER F 168 -36.63 -39.73 -13.34
N ASP F 169 -35.42 -39.32 -13.71
CA ASP F 169 -35.19 -37.96 -14.21
C ASP F 169 -35.02 -37.89 -15.72
N SER F 170 -34.81 -39.02 -16.39
CA SER F 170 -34.73 -39.05 -17.85
C SER F 170 -36.11 -38.78 -18.42
N LEU F 171 -36.29 -37.63 -19.06
CA LEU F 171 -37.60 -37.13 -19.42
C LEU F 171 -38.03 -37.55 -20.83
N GLU F 172 -37.39 -38.55 -21.41
CA GLU F 172 -37.88 -39.11 -22.66
C GLU F 172 -39.18 -39.86 -22.38
N GLY F 173 -40.29 -39.29 -22.80
CA GLY F 173 -41.58 -39.93 -22.57
C GLY F 173 -42.42 -39.15 -21.58
N LYS F 174 -42.26 -37.84 -21.58
CA LYS F 174 -42.99 -36.97 -20.67
C LYS F 174 -43.71 -35.91 -21.49
N VAL F 175 -44.68 -35.26 -20.85
CA VAL F 175 -45.49 -34.22 -21.49
C VAL F 175 -45.36 -32.95 -20.68
N VAL F 176 -44.86 -31.88 -21.31
CA VAL F 176 -44.60 -30.62 -20.64
C VAL F 176 -45.42 -29.54 -21.31
N ALA F 177 -46.31 -28.90 -20.55
CA ALA F 177 -47.10 -27.77 -21.04
C ALA F 177 -46.47 -26.47 -20.55
N VAL F 178 -46.24 -25.55 -21.48
CA VAL F 178 -45.48 -24.33 -21.27
C VAL F 178 -46.29 -23.15 -21.77
N GLN F 179 -46.59 -22.20 -20.89
CA GLN F 179 -47.25 -20.97 -21.33
C GLN F 179 -46.26 -19.81 -21.37
N GLY F 180 -46.32 -19.04 -22.46
CA GLY F 180 -45.38 -17.99 -22.75
C GLY F 180 -44.12 -18.54 -23.38
N VAL F 181 -43.67 -17.99 -24.51
CA VAL F 181 -42.46 -18.50 -25.15
C VAL F 181 -41.51 -17.30 -25.24
N GLY F 182 -41.53 -16.45 -24.24
CA GLY F 182 -40.77 -15.21 -24.26
C GLY F 182 -39.36 -15.26 -23.72
N ASN F 183 -38.43 -15.77 -24.53
CA ASN F 183 -36.97 -15.72 -24.36
C ASN F 183 -36.41 -16.57 -23.23
N VAL F 184 -37.25 -17.05 -22.32
CA VAL F 184 -36.79 -17.84 -21.18
C VAL F 184 -37.40 -19.24 -21.21
N ALA F 185 -38.64 -19.35 -21.66
CA ALA F 185 -39.19 -20.67 -21.92
C ALA F 185 -38.78 -21.17 -23.29
N TYR F 186 -38.20 -20.30 -24.10
CA TYR F 186 -37.81 -20.68 -25.45
C TYR F 186 -36.58 -21.59 -25.43
N HIS F 187 -35.53 -21.16 -24.73
CA HIS F 187 -34.37 -22.04 -24.50
C HIS F 187 -34.74 -23.24 -23.65
N LEU F 188 -35.74 -23.08 -22.76
CA LEU F 188 -36.28 -24.22 -22.03
C LEU F 188 -36.85 -25.25 -22.98
N CYS F 189 -37.61 -24.82 -23.99
CA CYS F 189 -38.17 -25.76 -24.95
C CYS F 189 -37.10 -26.37 -25.84
N ARG F 190 -36.04 -25.61 -26.16
CA ARG F 190 -34.83 -26.20 -26.75
C ARG F 190 -34.31 -27.37 -25.92
N HIS F 191 -34.11 -27.15 -24.61
CA HIS F 191 -33.56 -28.21 -23.76
C HIS F 191 -34.52 -29.39 -23.66
N LEU F 192 -35.81 -29.12 -23.60
CA LEU F 192 -36.77 -30.21 -23.40
C LEU F 192 -36.95 -31.06 -24.65
N HIS F 193 -36.83 -30.48 -25.84
CA HIS F 193 -36.90 -31.37 -26.99
C HIS F 193 -35.56 -32.00 -27.31
N GLU F 194 -34.45 -31.34 -26.98
CA GLU F 194 -33.16 -31.99 -27.16
C GLU F 194 -32.93 -33.12 -26.17
N GLU F 195 -33.68 -33.16 -25.07
CA GLU F 195 -33.75 -34.41 -24.32
C GLU F 195 -34.69 -35.40 -24.99
N GLY F 196 -35.73 -34.91 -25.66
CA GLY F 196 -36.69 -35.80 -26.27
C GLY F 196 -37.98 -35.92 -25.49
N ALA F 197 -38.53 -34.77 -25.10
CA ALA F 197 -39.80 -34.72 -24.40
C ALA F 197 -40.83 -33.98 -25.24
N LYS F 198 -42.10 -34.33 -25.02
CA LYS F 198 -43.18 -33.76 -25.81
C LYS F 198 -43.65 -32.45 -25.22
N LEU F 199 -43.90 -31.47 -26.08
CA LEU F 199 -44.12 -30.09 -25.68
C LEU F 199 -45.51 -29.64 -26.10
N ILE F 200 -46.16 -28.87 -25.23
CA ILE F 200 -47.46 -28.26 -25.50
C ILE F 200 -47.31 -26.80 -25.13
N VAL F 201 -47.17 -25.93 -26.12
CA VAL F 201 -46.86 -24.54 -25.84
C VAL F 201 -48.10 -23.69 -26.08
N THR F 202 -48.11 -22.52 -25.45
CA THR F 202 -49.08 -21.49 -25.77
C THR F 202 -48.50 -20.14 -25.43
N ASP F 203 -49.17 -19.09 -25.90
CA ASP F 203 -48.71 -17.71 -25.83
C ASP F 203 -49.89 -16.82 -26.22
N ILE F 204 -49.82 -15.56 -25.80
CA ILE F 204 -50.84 -14.60 -26.22
C ILE F 204 -50.66 -14.22 -27.69
N ASN F 205 -49.45 -14.36 -28.22
CA ASN F 205 -49.22 -14.16 -29.65
C ASN F 205 -49.40 -15.49 -30.38
N LYS F 206 -49.26 -15.43 -31.70
CA LYS F 206 -49.27 -16.61 -32.54
C LYS F 206 -48.00 -16.77 -33.35
N GLU F 207 -47.31 -15.68 -33.67
CA GLU F 207 -46.04 -15.76 -34.39
C GLU F 207 -44.98 -16.49 -33.58
N ALA F 208 -44.93 -16.26 -32.27
CA ALA F 208 -44.05 -17.03 -31.40
C ALA F 208 -44.50 -18.49 -31.32
N VAL F 209 -45.81 -18.74 -31.34
CA VAL F 209 -46.32 -20.11 -31.37
C VAL F 209 -45.97 -20.78 -32.70
N ALA F 210 -46.01 -20.02 -33.79
CA ALA F 210 -45.60 -20.54 -35.08
C ALA F 210 -44.11 -20.88 -35.10
N ARG F 211 -43.29 -20.05 -34.44
CA ARG F 211 -41.88 -20.35 -34.29
C ARG F 211 -41.65 -21.61 -33.47
N ALA F 212 -42.46 -21.81 -32.43
CA ALA F 212 -42.34 -22.99 -31.58
C ALA F 212 -42.72 -24.27 -32.33
N VAL F 213 -43.79 -24.21 -33.11
CA VAL F 213 -44.25 -25.38 -33.85
C VAL F 213 -43.27 -25.69 -34.98
N GLU F 214 -42.73 -24.65 -35.62
CA GLU F 214 -41.76 -24.85 -36.71
C GLU F 214 -40.45 -25.42 -36.17
N GLU F 215 -40.01 -24.98 -34.99
CA GLU F 215 -38.78 -25.50 -34.43
C GLU F 215 -38.94 -26.92 -33.91
N PHE F 216 -39.83 -27.14 -32.94
CA PHE F 216 -39.79 -28.41 -32.22
C PHE F 216 -41.08 -29.21 -32.26
N GLY F 217 -42.00 -28.85 -33.15
CA GLY F 217 -43.19 -29.67 -33.34
C GLY F 217 -44.14 -29.66 -32.17
N ALA F 218 -44.23 -28.54 -31.46
CA ALA F 218 -45.09 -28.41 -30.31
C ALA F 218 -46.55 -28.35 -30.74
N LYS F 219 -47.44 -28.27 -29.76
CA LYS F 219 -48.87 -28.35 -30.02
C LYS F 219 -49.51 -27.02 -29.66
N ALA F 220 -50.05 -26.34 -30.67
CA ALA F 220 -50.65 -25.02 -30.49
C ALA F 220 -52.00 -25.19 -29.80
N VAL F 221 -52.08 -24.74 -28.55
CA VAL F 221 -53.29 -24.82 -27.75
C VAL F 221 -53.63 -23.40 -27.32
N ASP F 222 -54.93 -23.12 -27.18
CA ASP F 222 -55.40 -21.78 -26.82
C ASP F 222 -54.95 -21.41 -25.41
N PRO F 223 -54.78 -20.10 -25.13
CA PRO F 223 -54.16 -19.71 -23.85
C PRO F 223 -55.06 -19.87 -22.64
N ASN F 224 -56.38 -19.80 -22.79
CA ASN F 224 -57.25 -19.88 -21.62
C ASN F 224 -57.39 -21.30 -21.08
N ASP F 225 -57.21 -22.30 -21.93
CA ASP F 225 -57.32 -23.69 -21.51
C ASP F 225 -55.98 -24.42 -21.57
N ILE F 226 -54.88 -23.72 -21.29
CA ILE F 226 -53.61 -24.38 -20.99
C ILE F 226 -53.67 -25.03 -19.62
N TYR F 227 -54.58 -24.59 -18.75
CA TYR F 227 -54.63 -25.09 -17.39
C TYR F 227 -55.25 -26.48 -17.33
N GLY F 228 -56.20 -26.76 -18.21
CA GLY F 228 -56.90 -28.03 -18.21
C GLY F 228 -56.27 -29.11 -19.07
N VAL F 229 -55.09 -28.87 -19.63
CA VAL F 229 -54.45 -29.85 -20.49
C VAL F 229 -53.93 -31.01 -19.65
N GLU F 230 -54.30 -32.23 -20.02
CA GLU F 230 -53.80 -33.43 -19.37
C GLU F 230 -52.33 -33.59 -19.71
N CYS F 231 -51.46 -33.30 -18.75
CA CYS F 231 -50.02 -33.33 -18.95
C CYS F 231 -49.36 -33.85 -17.67
N ASP F 232 -48.04 -33.76 -17.61
CA ASP F 232 -47.30 -34.12 -16.41
C ASP F 232 -46.72 -32.89 -15.71
N ILE F 233 -45.92 -32.09 -16.39
CA ILE F 233 -45.16 -31.02 -15.79
C ILE F 233 -45.65 -29.70 -16.38
N PHE F 234 -46.34 -28.91 -15.57
CA PHE F 234 -46.84 -27.61 -15.99
C PHE F 234 -45.84 -26.52 -15.60
N ALA F 235 -45.39 -25.75 -16.58
CA ALA F 235 -44.28 -24.80 -16.39
C ALA F 235 -44.72 -23.37 -16.71
N PRO F 236 -45.29 -22.66 -15.73
CA PRO F 236 -45.74 -21.28 -16.02
C PRO F 236 -44.56 -20.32 -16.11
N CYS F 237 -44.56 -19.51 -17.17
CA CYS F 237 -43.45 -18.61 -17.44
C CYS F 237 -43.93 -17.24 -17.89
N ALA F 238 -45.13 -16.83 -17.47
CA ALA F 238 -45.71 -15.58 -17.96
C ALA F 238 -45.86 -14.51 -16.87
N LEU F 239 -46.62 -14.79 -15.80
CA LEU F 239 -46.90 -13.77 -14.81
C LEU F 239 -46.99 -14.42 -13.44
N GLY F 240 -47.46 -13.65 -12.47
CA GLY F 240 -47.73 -14.14 -11.14
C GLY F 240 -49.23 -14.21 -10.88
N GLY F 241 -49.57 -14.85 -9.77
CA GLY F 241 -50.97 -15.04 -9.45
C GLY F 241 -51.67 -16.05 -10.33
N ILE F 242 -50.91 -16.92 -11.00
CA ILE F 242 -51.49 -17.93 -11.86
C ILE F 242 -52.21 -18.98 -11.03
N ILE F 243 -51.56 -19.48 -9.98
CA ILE F 243 -52.24 -20.40 -9.09
C ILE F 243 -53.12 -19.59 -8.15
N ASN F 244 -54.37 -19.43 -8.53
CA ASN F 244 -55.38 -18.79 -7.71
C ASN F 244 -56.52 -19.77 -7.48
N ASP F 245 -57.53 -19.33 -6.72
CA ASP F 245 -58.65 -20.19 -6.38
C ASP F 245 -59.48 -20.53 -7.62
N GLN F 246 -59.47 -19.64 -8.61
CA GLN F 246 -60.23 -19.85 -9.84
C GLN F 246 -59.63 -20.92 -10.73
N THR F 247 -58.38 -21.34 -10.50
CA THR F 247 -57.71 -22.27 -11.41
C THR F 247 -57.18 -23.54 -10.77
N ILE F 248 -57.25 -23.70 -9.45
CA ILE F 248 -56.72 -24.91 -8.81
C ILE F 248 -57.41 -26.21 -9.23
N PRO F 249 -58.75 -26.31 -9.29
CA PRO F 249 -59.31 -27.56 -9.83
C PRO F 249 -59.14 -27.74 -11.33
N GLN F 250 -58.66 -26.72 -12.06
CA GLN F 250 -58.47 -26.88 -13.50
C GLN F 250 -57.25 -27.75 -13.83
N LEU F 251 -56.32 -27.91 -12.89
CA LEU F 251 -55.07 -28.60 -13.19
C LEU F 251 -55.27 -30.11 -13.26
N LYS F 252 -54.56 -30.71 -14.23
CA LYS F 252 -54.42 -32.16 -14.34
C LYS F 252 -52.96 -32.57 -14.30
N ALA F 253 -52.10 -31.71 -13.76
CA ALA F 253 -50.67 -31.98 -13.67
C ALA F 253 -50.25 -32.05 -12.21
N LYS F 254 -49.16 -32.75 -11.96
CA LYS F 254 -48.69 -32.97 -10.61
C LYS F 254 -47.34 -32.34 -10.32
N VAL F 255 -46.69 -31.71 -11.30
CA VAL F 255 -45.40 -31.07 -11.15
C VAL F 255 -45.50 -29.66 -11.68
N ILE F 256 -45.40 -28.66 -10.81
CA ILE F 256 -45.40 -27.27 -11.22
C ILE F 256 -43.99 -26.75 -11.05
N ALA F 257 -43.33 -26.43 -12.16
CA ALA F 257 -41.95 -25.95 -12.09
C ALA F 257 -41.70 -24.99 -13.25
N GLY F 258 -41.88 -23.70 -13.00
CA GLY F 258 -41.71 -22.69 -14.00
C GLY F 258 -40.92 -21.49 -13.47
N SER F 259 -40.54 -20.62 -14.39
CA SER F 259 -39.64 -19.51 -14.09
C SER F 259 -40.37 -18.25 -13.67
N ALA F 260 -41.67 -18.32 -13.46
CA ALA F 260 -42.43 -17.11 -13.16
C ALA F 260 -42.26 -16.70 -11.72
N ASN F 261 -42.25 -15.40 -11.47
CA ASN F 261 -42.15 -14.86 -10.12
C ASN F 261 -43.54 -14.76 -9.49
N ASN F 262 -43.60 -15.03 -8.18
CA ASN F 262 -44.78 -14.89 -7.34
C ASN F 262 -45.94 -15.76 -7.84
N GLN F 263 -45.71 -17.07 -7.86
CA GLN F 263 -46.66 -17.98 -8.50
C GLN F 263 -47.91 -18.19 -7.67
N LEU F 264 -47.77 -18.39 -6.36
CA LEU F 264 -48.93 -18.55 -5.51
C LEU F 264 -49.52 -17.18 -5.22
N LYS F 265 -50.85 -17.06 -5.35
CA LYS F 265 -51.50 -15.80 -5.02
C LYS F 265 -51.57 -15.58 -3.52
N GLU F 266 -52.00 -16.59 -2.78
CA GLU F 266 -52.00 -16.58 -1.32
C GLU F 266 -51.41 -17.89 -0.83
N PRO F 267 -50.81 -17.91 0.36
CA PRO F 267 -50.23 -19.17 0.88
C PRO F 267 -51.25 -20.25 1.19
N ARG F 268 -52.53 -19.91 1.31
CA ARG F 268 -53.58 -20.92 1.45
CA ARG F 268 -53.55 -20.94 1.46
C ARG F 268 -53.66 -21.80 0.20
N HIS F 269 -53.35 -21.22 -0.96
CA HIS F 269 -53.30 -21.99 -2.19
C HIS F 269 -52.18 -23.02 -2.13
N GLY F 270 -51.04 -22.65 -1.54
CA GLY F 270 -49.95 -23.60 -1.36
C GLY F 270 -50.29 -24.69 -0.38
N ASP F 271 -51.05 -24.34 0.66
CA ASP F 271 -51.59 -25.35 1.58
C ASP F 271 -52.49 -26.33 0.84
N MET F 272 -53.34 -25.83 -0.06
CA MET F 272 -54.26 -26.72 -0.77
C MET F 272 -53.54 -27.59 -1.80
N ILE F 273 -52.50 -27.05 -2.44
CA ILE F 273 -51.68 -27.83 -3.35
C ILE F 273 -50.98 -28.96 -2.59
N HIS F 274 -50.45 -28.66 -1.40
CA HIS F 274 -49.81 -29.72 -0.62
C HIS F 274 -50.82 -30.73 -0.10
N GLU F 275 -52.07 -30.32 0.14
CA GLU F 275 -53.09 -31.28 0.54
C GLU F 275 -53.53 -32.17 -0.63
N MET F 276 -53.50 -31.66 -1.86
CA MET F 276 -53.86 -32.51 -3.00
C MET F 276 -52.75 -33.49 -3.34
N GLY F 277 -51.55 -32.97 -3.62
CA GLY F 277 -50.43 -33.83 -3.92
C GLY F 277 -49.63 -33.39 -5.13
N ILE F 278 -49.91 -32.18 -5.63
CA ILE F 278 -49.14 -31.64 -6.74
C ILE F 278 -47.77 -31.21 -6.22
N VAL F 279 -46.72 -31.79 -6.80
CA VAL F 279 -45.36 -31.53 -6.35
C VAL F 279 -44.95 -30.14 -6.82
N TYR F 280 -45.09 -29.16 -5.93
CA TYR F 280 -44.77 -27.78 -6.23
C TYR F 280 -43.37 -27.46 -5.75
N ALA F 281 -42.44 -27.45 -6.67
CA ALA F 281 -41.16 -26.89 -6.31
C ALA F 281 -41.28 -25.37 -6.29
N PRO F 282 -40.67 -24.70 -5.31
CA PRO F 282 -41.02 -23.30 -5.05
C PRO F 282 -40.49 -22.38 -6.12
N ASP F 283 -41.04 -21.16 -6.14
CA ASP F 283 -40.79 -20.29 -7.28
C ASP F 283 -39.38 -19.73 -7.27
N TYR F 284 -38.89 -19.22 -6.14
CA TYR F 284 -37.60 -18.57 -6.13
C TYR F 284 -36.42 -19.52 -5.97
N VAL F 285 -36.62 -20.83 -6.02
CA VAL F 285 -35.48 -21.72 -5.95
C VAL F 285 -35.16 -22.18 -7.37
N ILE F 286 -36.20 -22.36 -8.18
CA ILE F 286 -35.99 -22.80 -9.55
C ILE F 286 -35.43 -21.68 -10.41
N ASN F 287 -36.11 -20.53 -10.43
CA ASN F 287 -35.75 -19.48 -11.37
C ASN F 287 -34.58 -18.63 -10.92
N ALA F 288 -33.73 -19.10 -10.02
CA ALA F 288 -32.63 -18.32 -9.49
C ALA F 288 -31.39 -18.39 -10.34
N GLY F 289 -31.49 -18.85 -11.58
CA GLY F 289 -30.31 -18.97 -12.41
C GLY F 289 -29.77 -17.64 -12.89
N GLY F 290 -30.65 -16.67 -13.11
CA GLY F 290 -30.18 -15.39 -13.61
C GLY F 290 -29.43 -14.59 -12.57
N VAL F 291 -29.81 -14.74 -11.31
CA VAL F 291 -29.12 -14.07 -10.22
C VAL F 291 -27.75 -14.70 -10.00
N ILE F 292 -27.65 -16.02 -10.14
CA ILE F 292 -26.36 -16.70 -10.13
C ILE F 292 -25.48 -16.23 -11.27
N ASN F 293 -26.06 -16.04 -12.46
CA ASN F 293 -25.28 -15.58 -13.61
C ASN F 293 -24.74 -14.18 -13.37
N VAL F 294 -25.58 -13.26 -12.87
CA VAL F 294 -25.08 -11.90 -12.65
C VAL F 294 -24.26 -11.76 -11.39
N ALA F 295 -24.26 -12.76 -10.51
CA ALA F 295 -23.38 -12.73 -9.35
C ALA F 295 -22.06 -13.43 -9.59
N ASP F 296 -21.95 -14.21 -10.66
CA ASP F 296 -20.65 -14.78 -10.98
C ASP F 296 -19.75 -13.78 -11.69
N GLU F 297 -20.29 -12.63 -12.10
CA GLU F 297 -19.47 -11.56 -12.68
C GLU F 297 -18.53 -10.95 -11.65
N LEU F 298 -18.86 -11.05 -10.37
CA LEU F 298 -18.06 -10.45 -9.30
C LEU F 298 -16.70 -11.12 -9.13
N TYR F 299 -16.48 -12.26 -9.76
CA TYR F 299 -15.20 -12.93 -9.79
C TYR F 299 -14.35 -12.54 -10.98
N GLY F 300 -14.92 -11.80 -11.92
CA GLY F 300 -14.41 -11.79 -13.28
C GLY F 300 -15.17 -12.88 -14.01
N TYR F 301 -15.94 -12.52 -15.03
CA TYR F 301 -16.96 -13.43 -15.54
C TYR F 301 -16.35 -14.56 -16.34
N ASN F 302 -16.78 -15.78 -16.04
CA ASN F 302 -16.37 -16.96 -16.77
C ASN F 302 -17.61 -17.82 -16.95
N ARG F 303 -17.83 -18.29 -18.18
CA ARG F 303 -19.09 -18.95 -18.50
C ARG F 303 -19.16 -20.33 -17.89
N GLU F 304 -18.04 -21.06 -17.86
CA GLU F 304 -18.04 -22.45 -17.43
C GLU F 304 -18.25 -22.58 -15.92
N ARG F 305 -17.62 -21.70 -15.15
CA ARG F 305 -17.84 -21.66 -13.70
C ARG F 305 -19.29 -21.31 -13.36
N ALA F 306 -19.86 -20.35 -14.07
CA ALA F 306 -21.24 -19.94 -13.78
C ALA F 306 -22.22 -21.03 -14.15
N MET F 307 -22.01 -21.73 -15.28
CA MET F 307 -22.91 -22.84 -15.62
C MET F 307 -22.75 -24.01 -14.67
N LYS F 308 -21.53 -24.26 -14.19
CA LYS F 308 -21.34 -25.28 -13.17
C LYS F 308 -22.03 -24.93 -11.87
N LYS F 309 -22.16 -23.63 -11.56
CA LYS F 309 -22.89 -23.25 -10.36
C LYS F 309 -24.41 -23.32 -10.57
N ILE F 310 -24.90 -23.00 -11.77
CA ILE F 310 -26.32 -23.10 -12.09
C ILE F 310 -26.78 -24.55 -12.12
N GLU F 311 -25.86 -25.48 -12.36
CA GLU F 311 -26.17 -26.91 -12.33
C GLU F 311 -26.66 -27.40 -10.96
N GLN F 312 -26.36 -26.70 -9.86
CA GLN F 312 -26.70 -27.17 -8.52
C GLN F 312 -28.15 -26.92 -8.12
N ILE F 313 -29.02 -26.45 -9.03
CA ILE F 313 -30.41 -26.22 -8.64
C ILE F 313 -31.14 -27.53 -8.46
N TYR F 314 -30.64 -28.60 -9.10
CA TYR F 314 -31.05 -29.96 -8.81
C TYR F 314 -30.90 -30.30 -7.33
N ASP F 315 -29.73 -29.99 -6.75
CA ASP F 315 -29.50 -30.27 -5.35
C ASP F 315 -30.27 -29.35 -4.44
N ASN F 316 -30.50 -28.10 -4.87
CA ASN F 316 -31.28 -27.16 -4.07
C ASN F 316 -32.73 -27.63 -3.93
N ILE F 317 -33.33 -28.04 -5.05
CA ILE F 317 -34.70 -28.58 -5.02
C ILE F 317 -34.76 -29.88 -4.23
N GLU F 318 -33.70 -30.70 -4.31
CA GLU F 318 -33.72 -31.96 -3.58
C GLU F 318 -33.64 -31.73 -2.07
N LYS F 319 -32.87 -30.74 -1.61
CA LYS F 319 -32.88 -30.39 -0.19
C LYS F 319 -34.19 -29.75 0.24
N VAL F 320 -34.86 -28.99 -0.64
CA VAL F 320 -36.17 -28.44 -0.27
C VAL F 320 -37.18 -29.55 -0.04
N PHE F 321 -37.16 -30.56 -0.90
CA PHE F 321 -38.08 -31.68 -0.72
C PHE F 321 -37.69 -32.55 0.47
N ALA F 322 -36.40 -32.67 0.77
CA ALA F 322 -35.98 -33.41 1.95
C ALA F 322 -36.43 -32.72 3.24
N ILE F 323 -36.31 -31.39 3.31
CA ILE F 323 -36.80 -30.66 4.47
C ILE F 323 -38.32 -30.70 4.56
N ALA F 324 -39.01 -30.69 3.41
CA ALA F 324 -40.47 -30.73 3.42
C ALA F 324 -40.98 -32.09 3.88
N LYS F 325 -40.28 -33.16 3.56
CA LYS F 325 -40.68 -34.46 4.07
C LYS F 325 -40.20 -34.72 5.50
N ARG F 326 -39.13 -34.04 5.94
CA ARG F 326 -38.69 -34.16 7.32
C ARG F 326 -39.58 -33.40 8.29
N ASP F 327 -40.06 -32.23 7.88
CA ASP F 327 -40.69 -31.30 8.79
C ASP F 327 -42.21 -31.30 8.68
N ASN F 328 -42.77 -32.04 7.70
CA ASN F 328 -44.21 -32.23 7.50
C ASN F 328 -44.94 -30.90 7.28
N ILE F 329 -44.30 -30.04 6.50
CA ILE F 329 -44.79 -28.70 6.17
C ILE F 329 -44.95 -28.67 4.65
N PRO F 330 -45.57 -27.65 4.07
CA PRO F 330 -45.53 -27.52 2.60
C PRO F 330 -44.15 -27.15 2.09
N THR F 331 -44.03 -27.08 0.77
CA THR F 331 -42.74 -26.82 0.18
C THR F 331 -42.41 -25.33 0.12
N TYR F 332 -43.42 -24.47 0.03
CA TYR F 332 -43.13 -23.05 0.02
C TYR F 332 -42.69 -22.57 1.40
N VAL F 333 -43.03 -23.30 2.45
CA VAL F 333 -42.49 -23.06 3.78
C VAL F 333 -41.11 -23.70 3.91
N ALA F 334 -40.91 -24.83 3.23
CA ALA F 334 -39.62 -25.51 3.25
C ALA F 334 -38.53 -24.68 2.60
N ALA F 335 -38.88 -23.85 1.62
CA ALA F 335 -37.87 -23.00 1.00
C ALA F 335 -37.36 -21.93 1.95
N ASP F 336 -38.27 -21.28 2.68
CA ASP F 336 -37.89 -20.29 3.67
C ASP F 336 -37.08 -20.92 4.80
N ARG F 337 -37.44 -22.13 5.21
CA ARG F 337 -36.70 -22.73 6.32
C ARG F 337 -35.34 -23.23 5.89
N MET F 338 -35.19 -23.71 4.65
CA MET F 338 -33.87 -23.99 4.09
C MET F 338 -32.99 -22.75 4.11
N ALA F 339 -33.53 -21.62 3.68
CA ALA F 339 -32.74 -20.40 3.62
C ALA F 339 -32.34 -19.89 4.99
N GLU F 340 -33.25 -19.95 5.96
CA GLU F 340 -32.93 -19.47 7.29
C GLU F 340 -31.96 -20.40 8.01
N GLU F 341 -32.05 -21.71 7.76
CA GLU F 341 -31.03 -22.61 8.30
C GLU F 341 -29.67 -22.35 7.70
N ARG F 342 -29.61 -21.98 6.42
CA ARG F 342 -28.31 -21.66 5.84
C ARG F 342 -27.75 -20.38 6.42
N ILE F 343 -28.62 -19.39 6.67
CA ILE F 343 -28.18 -18.12 7.25
C ILE F 343 -27.66 -18.31 8.68
N GLU F 344 -28.39 -19.07 9.50
CA GLU F 344 -27.96 -19.25 10.88
C GLU F 344 -26.72 -20.12 10.99
N THR F 345 -26.62 -21.15 10.14
CA THR F 345 -25.47 -22.03 10.16
C THR F 345 -24.22 -21.31 9.68
N MET F 346 -24.34 -20.42 8.70
CA MET F 346 -23.15 -19.67 8.32
C MET F 346 -22.88 -18.51 9.25
N ARG F 347 -23.84 -18.11 10.08
CA ARG F 347 -23.48 -17.19 11.14
C ARG F 347 -22.63 -17.89 12.19
N LYS F 348 -22.97 -19.14 12.52
CA LYS F 348 -22.27 -19.83 13.60
C LYS F 348 -21.00 -20.54 13.17
N ALA F 349 -20.85 -20.89 11.90
CA ALA F 349 -19.70 -21.67 11.46
C ALA F 349 -18.57 -20.82 10.92
N ARG F 350 -18.79 -19.54 10.72
CA ARG F 350 -17.77 -18.60 10.30
C ARG F 350 -17.44 -17.60 11.40
N SER F 351 -17.33 -18.08 12.62
CA SER F 351 -17.17 -17.20 13.76
C SER F 351 -15.75 -17.07 14.25
N GLN F 352 -14.84 -17.96 13.86
CA GLN F 352 -13.47 -17.84 14.32
C GLN F 352 -12.76 -16.67 13.67
N PHE F 353 -11.94 -16.00 14.47
CA PHE F 353 -11.31 -14.75 14.12
C PHE F 353 -10.27 -14.93 13.04
N LEU F 354 -10.31 -14.05 12.03
CA LEU F 354 -9.23 -13.88 11.09
C LEU F 354 -9.09 -12.41 10.88
N GLN F 355 -7.88 -11.92 10.73
CA GLN F 355 -7.72 -10.49 10.47
C GLN F 355 -7.59 -10.19 9.00
N ASN F 356 -7.66 -11.22 8.15
CA ASN F 356 -7.50 -11.10 6.72
C ASN F 356 -8.46 -12.02 5.99
N GLY F 357 -9.75 -11.95 6.35
CA GLY F 357 -10.72 -12.83 5.74
C GLY F 357 -11.08 -12.41 4.33
N HIS F 358 -11.64 -13.36 3.58
CA HIS F 358 -12.15 -13.09 2.25
C HIS F 358 -13.66 -12.99 2.26
N HIS F 359 -14.18 -11.97 1.62
CA HIS F 359 -15.57 -11.83 1.26
C HIS F 359 -15.68 -11.83 -0.26
N ILE F 360 -16.86 -11.51 -0.78
CA ILE F 360 -17.11 -11.64 -2.20
C ILE F 360 -16.49 -10.50 -2.99
N LEU F 361 -16.06 -9.42 -2.31
CA LEU F 361 -15.49 -8.25 -2.95
C LEU F 361 -14.00 -8.15 -2.70
N SER F 362 -13.36 -9.25 -2.38
CA SER F 362 -12.00 -9.16 -1.89
C SER F 362 -11.02 -9.16 -3.05
N ARG F 363 -9.88 -8.54 -2.83
CA ARG F 363 -8.77 -8.60 -3.77
C ARG F 363 -8.03 -9.89 -3.55
N ARG F 364 -7.67 -10.56 -4.63
CA ARG F 364 -6.99 -11.83 -4.47
C ARG F 364 -6.09 -12.12 -5.67
N ARG F 365 -5.48 -13.30 -5.64
CA ARG F 365 -4.54 -13.70 -6.67
CA ARG F 365 -4.55 -13.71 -6.67
C ARG F 365 -5.27 -13.94 -7.99
N ALA F 366 -4.56 -13.62 -9.08
CA ALA F 366 -5.14 -13.75 -10.40
C ALA F 366 -5.35 -15.21 -10.77
N ARG F 367 -4.29 -16.02 -10.62
CA ARG F 367 -4.28 -17.46 -10.83
C ARG F 367 -4.79 -17.89 -12.22
N MET G 1 6.84 40.38 -24.59
CA MET G 1 8.05 40.35 -23.77
C MET G 1 9.05 39.41 -24.42
N GLU G 2 8.54 38.56 -25.32
CA GLU G 2 9.23 37.39 -25.83
C GLU G 2 9.72 36.55 -24.66
N LEU G 3 8.74 36.00 -23.94
CA LEU G 3 8.99 35.45 -22.61
C LEU G 3 9.84 34.19 -22.68
N PHE G 4 9.80 33.46 -23.79
CA PHE G 4 10.73 32.33 -23.89
C PHE G 4 12.16 32.76 -24.16
N GLN G 5 12.40 33.98 -24.67
CA GLN G 5 13.78 34.44 -24.74
C GLN G 5 14.35 34.68 -23.37
N TYR G 6 13.58 35.33 -22.49
CA TYR G 6 14.04 35.55 -21.14
C TYR G 6 14.16 34.25 -20.38
N MET G 7 13.29 33.28 -20.66
CA MET G 7 13.45 31.98 -20.01
C MET G 7 14.66 31.22 -20.54
N GLU G 8 14.95 31.34 -21.83
CA GLU G 8 16.04 30.55 -22.40
C GLU G 8 17.40 31.11 -22.04
N LYS G 9 17.50 32.43 -21.83
CA LYS G 9 18.80 33.00 -21.45
C LYS G 9 19.26 32.61 -20.07
N TYR G 10 18.36 32.15 -19.20
CA TYR G 10 18.74 31.81 -17.83
C TYR G 10 18.30 30.43 -17.42
N ASP G 11 17.70 29.64 -18.32
CA ASP G 11 17.26 28.27 -18.09
C ASP G 11 16.19 28.19 -16.99
N TYR G 12 15.10 28.89 -17.20
CA TYR G 12 13.93 28.73 -16.34
C TYR G 12 13.18 27.49 -16.75
N GLU G 13 12.78 26.66 -15.78
CA GLU G 13 11.95 25.53 -16.13
C GLU G 13 10.55 25.99 -16.48
N GLN G 14 9.83 26.57 -15.54
CA GLN G 14 8.43 26.89 -15.78
C GLN G 14 8.08 28.26 -15.26
N VAL G 15 7.13 28.87 -15.94
CA VAL G 15 6.32 29.98 -15.45
C VAL G 15 4.89 29.49 -15.55
N LEU G 16 4.02 29.86 -14.61
CA LEU G 16 2.74 29.20 -14.52
C LEU G 16 1.70 30.17 -14.01
N PHE G 17 0.71 30.47 -14.84
CA PHE G 17 -0.25 31.52 -14.58
C PHE G 17 -1.53 30.89 -14.07
N CYS G 18 -1.78 31.02 -12.78
CA CYS G 18 -3.02 30.52 -12.21
C CYS G 18 -4.04 31.65 -12.17
N GLN G 19 -5.31 31.26 -12.16
CA GLN G 19 -6.40 32.20 -12.20
C GLN G 19 -7.62 31.51 -11.62
N ASP G 20 -8.43 32.27 -10.89
CA ASP G 20 -9.72 31.77 -10.43
C ASP G 20 -10.67 32.95 -10.33
N LYS G 21 -11.85 32.81 -10.94
CA LYS G 21 -12.74 33.94 -11.16
C LYS G 21 -13.68 34.20 -10.00
N GLU G 22 -14.24 33.16 -9.39
CA GLU G 22 -15.18 33.36 -8.29
C GLU G 22 -14.50 33.77 -7.01
N SER G 23 -13.18 33.64 -6.93
CA SER G 23 -12.43 34.07 -5.77
C SER G 23 -11.52 35.25 -6.04
N GLY G 24 -11.22 35.55 -7.30
CA GLY G 24 -10.45 36.72 -7.63
C GLY G 24 -8.96 36.52 -7.59
N LEU G 25 -8.49 35.31 -7.82
CA LEU G 25 -7.07 34.99 -7.73
C LEU G 25 -6.41 35.14 -9.08
N LYS G 26 -5.28 35.83 -9.11
CA LYS G 26 -4.41 35.93 -10.28
C LYS G 26 -3.00 35.67 -9.75
N ALA G 27 -2.42 34.52 -9.98
CA ALA G 27 -1.12 34.22 -9.40
C ALA G 27 -0.12 33.79 -10.45
N ILE G 28 1.15 34.06 -10.21
CA ILE G 28 2.24 33.73 -11.12
C ILE G 28 3.23 32.93 -10.31
N ILE G 29 3.34 31.65 -10.59
CA ILE G 29 4.32 30.81 -9.91
C ILE G 29 5.48 30.60 -10.86
N VAL G 30 6.69 30.86 -10.42
CA VAL G 30 7.84 30.69 -11.28
C VAL G 30 8.79 29.71 -10.64
N ILE G 31 9.11 28.65 -11.37
CA ILE G 31 10.02 27.61 -10.93
C ILE G 31 11.25 27.70 -11.81
N HIS G 32 12.38 28.05 -11.23
CA HIS G 32 13.61 28.26 -11.98
C HIS G 32 14.36 26.95 -12.20
N ASP G 33 14.76 26.32 -11.11
CA ASP G 33 15.56 25.11 -11.18
C ASP G 33 15.06 24.19 -10.08
N THR G 34 14.88 22.93 -10.42
CA THR G 34 14.56 21.88 -9.47
C THR G 34 15.52 20.73 -9.63
N THR G 35 16.81 21.04 -9.69
CA THR G 35 17.82 20.00 -9.79
C THR G 35 18.12 19.38 -8.44
N LEU G 36 18.38 20.22 -7.44
CA LEU G 36 18.78 19.70 -6.13
C LEU G 36 17.62 19.07 -5.39
N GLY G 37 16.45 19.68 -5.46
CA GLY G 37 15.27 19.16 -4.82
C GLY G 37 14.05 19.87 -5.32
N PRO G 38 12.99 19.91 -4.53
CA PRO G 38 11.83 20.71 -4.88
C PRO G 38 12.14 22.20 -4.79
N ALA G 39 11.30 23.00 -5.42
CA ALA G 39 11.52 24.44 -5.46
C ALA G 39 10.83 25.06 -4.28
N LEU G 40 11.59 25.43 -3.26
CA LEU G 40 11.02 26.21 -2.17
C LEU G 40 11.02 27.68 -2.52
N GLY G 41 9.91 28.33 -2.25
CA GLY G 41 9.86 29.77 -2.44
C GLY G 41 8.77 30.46 -1.65
N GLY G 42 8.95 31.74 -1.43
CA GLY G 42 7.94 32.50 -0.74
C GLY G 42 6.76 32.82 -1.63
N THR G 43 5.63 33.07 -1.00
CA THR G 43 4.42 33.53 -1.66
C THR G 43 4.21 34.98 -1.30
N ARG G 44 4.39 35.86 -2.27
CA ARG G 44 4.37 37.29 -2.02
CA ARG G 44 4.37 37.29 -2.02
C ARG G 44 3.12 37.89 -2.64
N MET G 45 2.37 38.65 -1.86
CA MET G 45 1.16 39.29 -2.33
C MET G 45 1.39 40.79 -2.35
N TRP G 46 1.16 41.41 -3.50
CA TRP G 46 1.52 42.80 -3.71
C TRP G 46 0.74 43.29 -4.89
N MET G 47 0.58 44.59 -5.01
CA MET G 47 -0.15 45.18 -6.12
C MET G 47 0.84 45.72 -7.14
N TYR G 48 0.80 45.17 -8.34
CA TYR G 48 1.65 45.64 -9.43
C TYR G 48 0.78 46.33 -10.47
N ASN G 49 1.37 47.29 -11.18
CA ASN G 49 0.60 48.10 -12.11
C ASN G 49 0.12 47.32 -13.32
N SER G 50 0.85 46.28 -13.71
CA SER G 50 0.46 45.47 -14.85
C SER G 50 0.82 44.03 -14.57
N GLU G 51 0.75 43.18 -15.60
CA GLU G 51 1.25 41.83 -15.46
C GLU G 51 2.75 41.77 -15.62
N GLU G 52 3.32 42.63 -16.47
CA GLU G 52 4.73 42.55 -16.80
C GLU G 52 5.62 42.91 -15.61
N GLU G 53 5.17 43.85 -14.77
CA GLU G 53 5.84 44.18 -13.52
C GLU G 53 5.96 42.94 -12.63
N ALA G 54 4.82 42.28 -12.40
CA ALA G 54 4.80 41.08 -11.57
C ALA G 54 5.60 39.95 -12.17
N LEU G 55 5.59 39.84 -13.49
CA LEU G 55 6.31 38.77 -14.16
C LEU G 55 7.81 38.95 -14.02
N GLU G 56 8.30 40.17 -14.27
CA GLU G 56 9.73 40.43 -14.11
C GLU G 56 10.16 40.26 -12.66
N ASP G 57 9.28 40.62 -11.72
CA ASP G 57 9.64 40.49 -10.31
C ASP G 57 9.70 39.03 -9.89
N ALA G 58 8.76 38.22 -10.37
CA ALA G 58 8.76 36.79 -10.06
C ALA G 58 9.97 36.08 -10.65
N LEU G 59 10.39 36.49 -11.85
CA LEU G 59 11.53 35.86 -12.48
C LEU G 59 12.84 36.18 -11.75
N ARG G 60 13.03 37.45 -11.36
CA ARG G 60 14.23 37.80 -10.59
C ARG G 60 14.28 37.09 -9.25
N LEU G 61 13.15 37.00 -8.56
CA LEU G 61 13.18 36.35 -7.26
C LEU G 61 13.34 34.84 -7.37
N ALA G 62 12.89 34.24 -8.46
CA ALA G 62 13.13 32.82 -8.67
C ALA G 62 14.61 32.51 -8.84
N ARG G 63 15.32 33.30 -9.65
CA ARG G 63 16.76 33.10 -9.78
CA ARG G 63 16.77 33.13 -9.78
C ARG G 63 17.47 33.35 -8.46
N GLY G 64 17.07 34.39 -7.73
CA GLY G 64 17.70 34.68 -6.45
C GLY G 64 17.51 33.57 -5.42
N MET G 65 16.32 32.97 -5.39
CA MET G 65 16.10 31.86 -4.47
C MET G 65 16.85 30.61 -4.87
N THR G 66 17.10 30.39 -6.17
CA THR G 66 17.89 29.23 -6.55
C THR G 66 19.31 29.35 -6.04
N TYR G 67 19.92 30.52 -6.22
CA TYR G 67 21.29 30.66 -5.72
C TYR G 67 21.36 30.71 -4.20
N LYS G 68 20.33 31.22 -3.53
CA LYS G 68 20.31 31.17 -2.07
C LYS G 68 20.20 29.75 -1.56
N ASN G 69 19.22 28.97 -2.04
CA ASN G 69 19.06 27.61 -1.55
C ASN G 69 20.23 26.73 -1.91
N ALA G 70 20.89 26.98 -3.04
CA ALA G 70 22.07 26.20 -3.39
C ALA G 70 23.25 26.53 -2.51
N ALA G 71 23.57 27.81 -2.36
CA ALA G 71 24.75 28.20 -1.58
C ALA G 71 24.55 28.08 -0.08
N ALA G 72 23.38 27.69 0.39
CA ALA G 72 23.14 27.47 1.81
C ALA G 72 23.34 26.03 2.22
N GLY G 73 23.42 25.13 1.26
CA GLY G 73 23.55 23.73 1.57
C GLY G 73 22.26 22.96 1.65
N LEU G 74 21.18 23.48 1.09
CA LEU G 74 19.88 22.83 1.18
C LEU G 74 19.60 22.02 -0.07
N ASN G 75 18.80 20.98 0.08
CA ASN G 75 18.41 20.13 -1.04
C ASN G 75 17.07 20.60 -1.59
N LEU G 76 17.09 21.82 -2.10
CA LEU G 76 15.89 22.54 -2.48
C LEU G 76 16.23 23.42 -3.66
N GLY G 77 15.25 23.64 -4.51
CA GLY G 77 15.43 24.46 -5.68
C GLY G 77 15.00 25.88 -5.45
N GLY G 78 14.79 26.60 -6.54
CA GLY G 78 14.35 27.96 -6.38
C GLY G 78 13.12 28.31 -7.17
N GLY G 79 12.13 28.87 -6.51
CA GLY G 79 10.97 29.36 -7.19
C GLY G 79 10.41 30.52 -6.44
N LYS G 80 9.26 31.05 -6.85
CA LYS G 80 8.66 32.22 -6.22
C LYS G 80 7.28 32.42 -6.77
N THR G 81 6.34 32.74 -5.89
CA THR G 81 4.97 33.02 -6.27
C THR G 81 4.73 34.51 -6.10
N VAL G 82 4.00 35.11 -7.03
CA VAL G 82 3.49 36.46 -6.88
C VAL G 82 1.98 36.40 -7.03
N ILE G 83 1.25 36.83 -6.01
CA ILE G 83 -0.19 36.99 -6.11
C ILE G 83 -0.48 38.45 -6.38
N ILE G 84 -1.23 38.74 -7.44
CA ILE G 84 -1.51 40.11 -7.84
C ILE G 84 -2.81 40.52 -7.17
N GLY G 85 -2.69 41.32 -6.13
CA GLY G 85 -3.85 41.79 -5.41
C GLY G 85 -3.41 42.83 -4.40
N ASP G 86 -4.30 43.14 -3.48
CA ASP G 86 -3.98 44.09 -2.43
C ASP G 86 -4.19 43.39 -1.11
N PRO G 87 -3.14 43.19 -0.30
CA PRO G 87 -3.31 42.46 0.95
C PRO G 87 -4.06 43.23 2.03
N ARG G 88 -4.35 44.51 1.83
CA ARG G 88 -5.15 45.22 2.82
C ARG G 88 -6.63 44.94 2.65
N LYS G 89 -7.09 44.66 1.43
CA LYS G 89 -8.51 44.58 1.17
C LYS G 89 -8.94 43.49 0.20
N ASP G 90 -8.05 42.68 -0.33
CA ASP G 90 -8.40 41.70 -1.35
C ASP G 90 -7.95 40.31 -0.96
N LYS G 91 -8.20 39.94 0.29
CA LYS G 91 -8.00 38.58 0.74
C LYS G 91 -9.31 38.00 1.25
N ASN G 92 -9.45 36.69 1.06
CA ASN G 92 -10.49 35.92 1.71
C ASN G 92 -10.00 34.49 1.83
N GLU G 93 -10.90 33.58 2.14
CA GLU G 93 -10.55 32.18 2.20
C GLU G 93 -10.50 31.57 0.81
N ALA G 94 -11.35 32.05 -0.10
CA ALA G 94 -11.62 31.32 -1.32
C ALA G 94 -10.43 31.36 -2.27
N MET G 95 -9.70 32.47 -2.29
CA MET G 95 -8.51 32.52 -3.12
C MET G 95 -7.40 31.66 -2.57
N PHE G 96 -7.27 31.51 -1.26
CA PHE G 96 -6.22 30.63 -0.78
C PHE G 96 -6.62 29.17 -0.85
N ARG G 97 -7.90 28.83 -0.84
CA ARG G 97 -8.26 27.45 -1.10
C ARG G 97 -8.05 27.10 -2.57
N ALA G 98 -8.39 28.02 -3.47
CA ALA G 98 -8.08 27.83 -4.89
C ALA G 98 -6.58 27.72 -5.12
N PHE G 99 -5.80 28.56 -4.44
CA PHE G 99 -4.36 28.55 -4.62
C PHE G 99 -3.71 27.33 -4.01
N GLY G 100 -4.20 26.85 -2.87
CA GLY G 100 -3.67 25.63 -2.32
C GLY G 100 -3.95 24.42 -3.19
N ARG G 101 -5.09 24.41 -3.89
CA ARG G 101 -5.28 23.33 -4.85
C ARG G 101 -4.40 23.48 -6.07
N PHE G 102 -4.07 24.70 -6.50
CA PHE G 102 -3.09 24.82 -7.58
C PHE G 102 -1.68 24.43 -7.15
N ILE G 103 -1.35 24.48 -5.87
CA ILE G 103 -0.04 23.97 -5.45
C ILE G 103 -0.06 22.46 -5.33
N GLN G 104 -1.16 21.90 -4.79
CA GLN G 104 -1.30 20.45 -4.71
C GLN G 104 -1.34 19.81 -6.10
N GLY G 105 -1.75 20.55 -7.11
CA GLY G 105 -1.74 19.97 -8.43
C GLY G 105 -0.42 20.01 -9.15
N LEU G 106 0.63 20.54 -8.55
CA LEU G 106 1.99 20.38 -9.05
C LEU G 106 2.67 19.15 -8.50
N ASN G 107 2.06 18.47 -7.52
CA ASN G 107 2.54 17.23 -6.92
C ASN G 107 3.91 17.41 -6.28
N GLY G 108 3.99 18.30 -5.30
CA GLY G 108 5.20 18.37 -4.50
C GLY G 108 6.38 18.99 -5.18
N ARG G 109 6.22 19.46 -6.38
CA ARG G 109 7.27 20.02 -7.20
C ARG G 109 7.59 21.45 -6.80
N TYR G 110 6.77 22.05 -5.97
CA TYR G 110 6.93 23.42 -5.51
C TYR G 110 6.37 23.56 -4.10
N ILE G 111 7.21 24.01 -3.17
CA ILE G 111 6.85 24.16 -1.76
C ILE G 111 6.80 25.66 -1.46
N THR G 112 5.77 26.10 -0.75
CA THR G 112 5.55 27.52 -0.52
C THR G 112 5.78 27.90 0.94
N ALA G 113 6.14 29.16 1.16
CA ALA G 113 6.30 29.68 2.50
C ALA G 113 5.83 31.12 2.55
N GLU G 114 5.82 31.70 3.74
CA GLU G 114 5.35 33.07 3.87
C GLU G 114 6.44 34.03 3.45
N ASP G 115 6.01 35.21 3.04
CA ASP G 115 6.93 36.17 2.46
C ASP G 115 6.29 37.54 2.63
N VAL G 116 6.74 38.52 1.87
CA VAL G 116 6.29 39.90 2.02
C VAL G 116 4.86 40.01 1.49
N GLY G 117 3.89 40.04 2.37
CA GLY G 117 2.53 40.20 1.89
C GLY G 117 1.55 39.20 2.43
N THR G 118 2.04 38.03 2.81
CA THR G 118 1.25 37.00 3.45
C THR G 118 1.76 36.80 4.87
N THR G 119 0.90 36.21 5.71
CA THR G 119 1.17 36.00 7.13
C THR G 119 1.16 34.51 7.43
N VAL G 120 1.36 34.14 8.69
CA VAL G 120 0.99 32.79 9.08
C VAL G 120 -0.43 32.79 9.60
N ALA G 121 -1.36 33.16 8.72
CA ALA G 121 -2.77 32.94 8.89
C ALA G 121 -3.38 32.63 7.55
N ASP G 122 -2.64 32.88 6.48
CA ASP G 122 -2.99 32.49 5.14
C ASP G 122 -2.31 31.19 4.75
N MET G 123 -1.23 30.81 5.42
CA MET G 123 -0.72 29.46 5.28
C MET G 123 -1.36 28.54 6.28
N ASP G 124 -2.66 28.64 6.49
CA ASP G 124 -3.39 27.70 7.32
C ASP G 124 -4.59 27.34 6.50
N ILE G 125 -4.93 28.26 5.61
CA ILE G 125 -5.93 28.00 4.61
C ILE G 125 -5.32 27.20 3.48
N ILE G 126 -4.06 27.49 3.15
CA ILE G 126 -3.35 26.68 2.18
C ILE G 126 -3.09 25.30 2.73
N TYR G 127 -2.79 25.19 4.02
CA TYR G 127 -2.55 23.88 4.62
C TYR G 127 -3.80 23.01 4.66
N GLN G 128 -4.99 23.60 4.57
CA GLN G 128 -6.19 22.78 4.44
C GLN G 128 -6.33 22.16 3.07
N GLU G 129 -5.48 22.51 2.11
CA GLU G 129 -5.54 21.93 0.79
C GLU G 129 -4.29 21.18 0.38
N THR G 130 -3.18 21.32 1.09
CA THR G 130 -1.92 20.77 0.62
C THR G 130 -0.97 20.54 1.78
N ASP G 131 0.00 19.66 1.56
CA ASP G 131 1.12 19.47 2.47
C ASP G 131 2.33 20.28 2.12
N TYR G 132 2.37 20.89 0.94
CA TYR G 132 3.60 21.49 0.46
C TYR G 132 3.62 22.97 0.80
N VAL G 133 3.66 23.20 2.11
CA VAL G 133 3.63 24.52 2.69
C VAL G 133 4.41 24.45 3.99
N THR G 134 5.20 25.46 4.28
CA THR G 134 6.08 25.40 5.41
C THR G 134 6.05 26.70 6.21
N GLY G 135 6.38 26.60 7.49
CA GLY G 135 6.24 27.73 8.38
C GLY G 135 4.94 27.80 9.12
N ILE G 136 4.25 26.67 9.31
CA ILE G 136 2.87 26.71 9.75
C ILE G 136 2.68 26.03 11.10
N SER G 137 3.52 24.98 11.40
CA SER G 137 3.16 23.89 12.29
C SER G 137 3.07 24.33 13.75
N PRO G 138 2.25 23.64 14.56
CA PRO G 138 2.20 23.98 15.98
C PRO G 138 3.50 23.69 16.72
N GLU G 139 4.33 22.78 16.20
CA GLU G 139 5.69 22.65 16.70
C GLU G 139 6.52 23.90 16.39
N PHE G 140 6.36 24.45 15.19
CA PHE G 140 7.13 25.62 14.81
C PHE G 140 6.67 26.87 15.54
N GLY G 141 5.39 27.21 15.43
CA GLY G 141 4.86 28.39 16.06
C GLY G 141 4.41 28.15 17.49
N ASN G 145 9.40 31.53 13.73
CA ASN G 145 9.99 32.78 14.18
C ASN G 145 11.44 32.80 13.75
N PRO G 146 11.70 33.18 12.49
CA PRO G 146 13.03 32.98 11.91
C PRO G 146 14.09 33.96 12.37
N SER G 147 13.74 34.96 13.16
CA SER G 147 14.67 36.05 13.47
C SER G 147 15.83 35.70 14.42
N PRO G 148 15.66 34.88 15.47
CA PRO G 148 16.86 34.41 16.18
C PRO G 148 17.77 33.56 15.32
N ALA G 149 17.18 32.81 14.39
CA ALA G 149 17.96 32.00 13.46
C ALA G 149 18.77 32.87 12.52
N THR G 150 18.12 33.88 11.91
CA THR G 150 18.80 34.75 10.96
C THR G 150 19.90 35.55 11.66
N ALA G 151 19.65 35.99 12.89
CA ALA G 151 20.66 36.69 13.67
C ALA G 151 21.83 35.79 14.02
N TYR G 152 21.55 34.53 14.36
CA TYR G 152 22.61 33.58 14.68
C TYR G 152 23.47 33.30 13.47
N GLY G 153 22.85 33.23 12.29
CA GLY G 153 23.62 33.02 11.08
C GLY G 153 24.44 34.22 10.68
N VAL G 154 23.91 35.43 10.89
CA VAL G 154 24.68 36.64 10.64
C VAL G 154 25.89 36.72 11.58
N TYR G 155 25.70 36.28 12.81
CA TYR G 155 26.79 36.20 13.77
C TYR G 155 27.90 35.25 13.30
N ARG G 156 27.52 34.07 12.80
CA ARG G 156 28.53 33.12 12.32
C ARG G 156 29.24 33.64 11.06
N GLY G 157 28.49 34.26 10.15
CA GLY G 157 29.12 34.82 8.97
C GLY G 157 30.04 35.97 9.29
N MET G 158 29.73 36.71 10.34
CA MET G 158 30.61 37.80 10.76
C MET G 158 31.87 37.27 11.40
N LYS G 159 31.77 36.16 12.15
CA LYS G 159 32.94 35.40 12.59
C LYS G 159 33.85 35.02 11.43
N ALA G 160 33.27 34.49 10.36
CA ALA G 160 34.08 34.06 9.22
C ALA G 160 34.72 35.24 8.50
N ALA G 161 33.97 36.34 8.32
CA ALA G 161 34.53 37.51 7.67
C ALA G 161 35.59 38.18 8.53
N ALA G 162 35.48 38.06 9.85
CA ALA G 162 36.50 38.60 10.74
C ALA G 162 37.77 37.77 10.70
N LYS G 163 37.63 36.45 10.54
CA LYS G 163 38.83 35.64 10.37
C LYS G 163 39.44 35.83 8.98
N GLU G 164 38.63 36.21 8.00
CA GLU G 164 39.18 36.56 6.70
C GLU G 164 39.98 37.86 6.77
N ALA G 165 39.37 38.92 7.28
CA ALA G 165 40.03 40.22 7.23
C ALA G 165 41.16 40.36 8.24
N PHE G 166 41.16 39.55 9.30
CA PHE G 166 42.13 39.73 10.37
C PHE G 166 42.91 38.48 10.73
N GLY G 167 42.26 37.32 10.76
CA GLY G 167 42.87 36.07 11.21
C GLY G 167 42.29 35.54 12.50
N SER G 168 41.85 36.44 13.37
CA SER G 168 41.22 36.05 14.64
C SER G 168 39.71 36.19 14.52
N ASP G 169 38.99 35.22 15.07
CA ASP G 169 37.54 35.28 15.11
C ASP G 169 36.96 35.67 16.46
N SER G 170 37.76 35.63 17.53
CA SER G 170 37.32 36.06 18.84
C SER G 170 37.16 37.58 18.82
N LEU G 171 35.91 38.04 18.91
CA LEU G 171 35.59 39.45 18.65
C LEU G 171 35.62 40.31 19.90
N GLU G 172 36.26 39.86 20.98
CA GLU G 172 36.48 40.73 22.13
C GLU G 172 37.51 41.78 21.73
N GLY G 173 37.06 43.01 21.56
CA GLY G 173 37.96 44.08 21.19
C GLY G 173 37.70 44.56 19.78
N LYS G 174 36.45 44.50 19.36
CA LYS G 174 36.05 44.92 18.02
C LYS G 174 34.96 45.96 18.14
N VAL G 175 34.72 46.67 17.03
CA VAL G 175 33.71 47.73 16.99
C VAL G 175 32.74 47.40 15.85
N VAL G 176 31.47 47.24 16.18
CA VAL G 176 30.45 46.84 15.22
C VAL G 176 29.38 47.92 15.17
N ALA G 177 29.20 48.51 14.00
CA ALA G 177 28.14 49.50 13.78
C ALA G 177 26.96 48.83 13.09
N VAL G 178 25.77 49.01 13.66
CA VAL G 178 24.56 48.31 13.26
C VAL G 178 23.46 49.33 13.03
N GLN G 179 22.89 49.35 11.83
CA GLN G 179 21.74 50.21 11.57
C GLN G 179 20.46 49.38 11.51
N GLY G 180 19.42 49.88 12.17
CA GLY G 180 18.16 49.17 12.34
C GLY G 180 18.25 48.19 13.48
N VAL G 181 17.30 48.21 14.43
CA VAL G 181 17.36 47.28 15.54
C VAL G 181 16.03 46.50 15.50
N GLY G 182 15.55 46.22 14.29
CA GLY G 182 14.25 45.61 14.11
C GLY G 182 14.20 44.10 14.09
N ASN G 183 14.25 43.49 15.28
CA ASN G 183 13.98 42.07 15.56
C ASN G 183 15.02 41.08 15.05
N VAL G 184 15.91 41.50 14.16
CA VAL G 184 16.91 40.63 13.58
C VAL G 184 18.33 41.10 13.90
N ALA G 185 18.52 42.42 13.97
CA ALA G 185 19.76 42.92 14.49
C ALA G 185 19.73 43.00 15.99
N TYR G 186 18.56 42.81 16.59
CA TYR G 186 18.42 42.89 18.04
C TYR G 186 19.04 41.68 18.72
N HIS G 187 18.67 40.49 18.28
CA HIS G 187 19.34 39.27 18.75
C HIS G 187 20.80 39.23 18.31
N LEU G 188 21.10 39.84 17.17
CA LEU G 188 22.49 40.02 16.76
C LEU G 188 23.28 40.82 17.78
N CYS G 189 22.69 41.91 18.29
CA CYS G 189 23.38 42.72 19.29
C CYS G 189 23.46 41.99 20.63
N ARG G 190 22.46 41.17 20.96
CA ARG G 190 22.60 40.21 22.06
C ARG G 190 23.85 39.35 21.91
N HIS G 191 24.02 38.71 20.76
CA HIS G 191 25.18 37.83 20.54
C HIS G 191 26.48 38.60 20.58
N LEU G 192 26.49 39.81 20.04
CA LEU G 192 27.75 40.56 19.95
C LEU G 192 28.18 41.11 21.29
N HIS G 193 27.25 41.47 22.18
CA HIS G 193 27.74 41.88 23.49
C HIS G 193 27.96 40.69 24.42
N GLU G 194 27.25 39.58 24.22
CA GLU G 194 27.56 38.41 25.03
C GLU G 194 28.88 37.77 24.63
N GLU G 195 29.39 38.07 23.43
CA GLU G 195 30.80 37.78 23.19
C GLU G 195 31.70 38.83 23.83
N GLY G 196 31.23 40.07 23.93
CA GLY G 196 32.05 41.12 24.50
C GLY G 196 32.63 42.04 23.45
N ALA G 197 31.80 42.49 22.53
CA ALA G 197 32.20 43.43 21.48
C ALA G 197 31.45 44.74 21.65
N LYS G 198 32.08 45.82 21.19
CA LYS G 198 31.50 47.15 21.35
C LYS G 198 30.56 47.46 20.20
N LEU G 199 29.41 48.06 20.54
CA LEU G 199 28.30 48.23 19.63
C LEU G 199 28.01 49.71 19.40
N ILE G 200 27.68 50.05 18.16
CA ILE G 200 27.27 51.40 17.78
C ILE G 200 26.00 51.22 16.97
N VAL G 201 24.86 51.50 17.57
CA VAL G 201 23.59 51.21 16.93
C VAL G 201 22.95 52.51 16.46
N THR G 202 22.06 52.38 15.48
CA THR G 202 21.18 53.46 15.09
C THR G 202 19.91 52.89 14.50
N ASP G 203 18.92 53.76 14.34
CA ASP G 203 17.57 53.40 13.92
C ASP G 203 16.84 54.69 13.59
N ILE G 204 15.79 54.57 12.78
CA ILE G 204 14.95 55.73 12.49
C ILE G 204 14.11 56.10 13.70
N ASN G 205 13.84 55.16 14.60
CA ASN G 205 13.17 55.47 15.85
C ASN G 205 14.21 55.80 16.92
N LYS G 206 13.72 56.14 18.11
CA LYS G 206 14.56 56.39 19.27
C LYS G 206 14.23 55.48 20.43
N GLU G 207 12.98 55.02 20.53
CA GLU G 207 12.59 54.09 21.59
C GLU G 207 13.32 52.76 21.48
N ALA G 208 13.51 52.26 20.25
CA ALA G 208 14.34 51.09 20.04
C ALA G 208 15.81 51.38 20.35
N VAL G 209 16.27 52.59 20.05
CA VAL G 209 17.64 52.98 20.40
C VAL G 209 17.79 53.08 21.91
N ALA G 210 16.74 53.56 22.60
CA ALA G 210 16.75 53.60 24.06
C ALA G 210 16.78 52.20 24.65
N ARG G 211 16.07 51.26 24.02
CA ARG G 211 16.12 49.86 24.45
C ARG G 211 17.52 49.28 24.24
N ALA G 212 18.17 49.65 23.13
CA ALA G 212 19.51 49.15 22.85
C ALA G 212 20.54 49.68 23.84
N VAL G 213 20.45 50.97 24.18
CA VAL G 213 21.39 51.57 25.11
C VAL G 213 21.14 51.05 26.53
N GLU G 214 19.87 50.84 26.89
CA GLU G 214 19.55 50.31 28.20
C GLU G 214 19.99 48.86 28.35
N GLU G 215 19.88 48.06 27.29
CA GLU G 215 20.30 46.67 27.36
C GLU G 215 21.81 46.55 27.37
N PHE G 216 22.49 47.02 26.31
CA PHE G 216 23.88 46.62 26.13
C PHE G 216 24.85 47.79 26.06
N GLY G 217 24.43 49.00 26.43
CA GLY G 217 25.35 50.12 26.52
C GLY G 217 25.87 50.58 25.19
N ALA G 218 25.07 50.48 24.14
CA ALA G 218 25.47 50.89 22.81
C ALA G 218 25.56 52.41 22.72
N LYS G 219 25.95 52.90 21.55
CA LYS G 219 26.22 54.32 21.35
C LYS G 219 25.21 54.87 20.36
N ALA G 220 24.35 55.78 20.84
CA ALA G 220 23.30 56.37 20.02
C ALA G 220 23.92 57.36 19.06
N VAL G 221 23.91 57.03 17.78
CA VAL G 221 24.46 57.87 16.73
C VAL G 221 23.33 58.12 15.73
N ASP G 222 23.35 59.30 15.10
CA ASP G 222 22.32 59.71 14.17
C ASP G 222 22.31 58.80 12.92
N PRO G 223 21.15 58.64 12.27
CA PRO G 223 21.07 57.64 11.20
C PRO G 223 21.76 58.03 9.90
N ASN G 224 21.90 59.32 9.60
CA ASN G 224 22.50 59.71 8.33
C ASN G 224 24.01 59.54 8.32
N ASP G 225 24.65 59.61 9.48
CA ASP G 225 26.09 59.47 9.57
C ASP G 225 26.51 58.20 10.30
N ILE G 226 25.73 57.11 10.15
CA ILE G 226 26.20 55.78 10.50
C ILE G 226 27.26 55.30 9.52
N TYR G 227 27.27 55.87 8.31
CA TYR G 227 28.18 55.40 7.27
C TYR G 227 29.60 55.86 7.53
N GLY G 228 29.78 57.05 8.10
CA GLY G 228 31.09 57.61 8.35
C GLY G 228 31.71 57.26 9.67
N VAL G 229 31.09 56.37 10.44
CA VAL G 229 31.62 56.01 11.76
C VAL G 229 32.86 55.15 11.59
N GLU G 230 33.95 55.55 12.24
CA GLU G 230 35.18 54.77 12.25
C GLU G 230 34.95 53.51 13.07
N CYS G 231 34.82 52.38 12.39
CA CYS G 231 34.51 51.10 13.02
C CYS G 231 35.27 49.99 12.28
N ASP G 232 34.96 48.75 12.60
CA ASP G 232 35.52 47.60 11.90
C ASP G 232 34.50 46.90 11.02
N ILE G 233 33.38 46.46 11.60
CA ILE G 233 32.43 45.60 10.92
C ILE G 233 31.11 46.36 10.81
N PHE G 234 30.76 46.77 9.61
CA PHE G 234 29.50 47.47 9.36
C PHE G 234 28.43 46.48 8.94
N ALA G 235 27.31 46.45 9.67
CA ALA G 235 26.29 45.42 9.50
C ALA G 235 24.94 46.04 9.14
N PRO G 236 24.68 46.28 7.85
CA PRO G 236 23.40 46.89 7.47
C PRO G 236 22.25 45.89 7.57
N CYS G 237 21.17 46.33 8.22
CA CYS G 237 20.04 45.44 8.49
C CYS G 237 18.71 46.15 8.25
N ALA G 238 18.67 47.13 7.36
CA ALA G 238 17.47 47.93 7.15
C ALA G 238 16.85 47.76 5.78
N LEU G 239 17.58 48.07 4.70
CA LEU G 239 16.98 48.05 3.37
C LEU G 239 18.03 47.59 2.38
N GLY G 240 17.71 47.75 1.09
CA GLY G 240 18.63 47.49 0.01
C GLY G 240 19.05 48.78 -0.66
N GLY G 241 20.06 48.66 -1.52
CA GLY G 241 20.61 49.84 -2.16
C GLY G 241 21.39 50.74 -1.25
N ILE G 242 21.86 50.21 -0.12
CA ILE G 242 22.64 50.99 0.82
C ILE G 242 24.02 51.30 0.25
N ILE G 243 24.68 50.28 -0.30
CA ILE G 243 25.94 50.53 -0.97
C ILE G 243 25.65 51.08 -2.36
N ASN G 244 25.61 52.39 -2.47
CA ASN G 244 25.46 53.08 -3.74
C ASN G 244 26.65 53.99 -3.95
N ASP G 245 26.67 54.70 -5.08
CA ASP G 245 27.79 55.56 -5.41
C ASP G 245 27.88 56.75 -4.47
N GLN G 246 26.74 57.16 -3.92
CA GLN G 246 26.68 58.28 -2.99
C GLN G 246 27.29 57.96 -1.63
N THR G 247 27.53 56.69 -1.30
CA THR G 247 27.99 56.34 0.04
C THR G 247 29.27 55.52 0.11
N ILE G 248 29.85 55.11 -1.03
CA ILE G 248 31.08 54.30 -1.00
C ILE G 248 32.27 55.00 -0.38
N PRO G 249 32.60 56.27 -0.70
CA PRO G 249 33.71 56.91 0.04
C PRO G 249 33.38 57.26 1.48
N GLN G 250 32.12 57.16 1.91
CA GLN G 250 31.78 57.47 3.29
C GLN G 250 32.26 56.39 4.26
N LEU G 251 32.52 55.17 3.78
CA LEU G 251 32.85 54.08 4.69
C LEU G 251 34.26 54.18 5.24
N LYS G 252 34.39 53.83 6.51
CA LYS G 252 35.67 53.64 7.17
C LYS G 252 35.80 52.23 7.73
N ALA G 253 35.00 51.30 7.23
CA ALA G 253 35.01 49.92 7.68
C ALA G 253 35.45 49.00 6.56
N LYS G 254 35.99 47.85 6.93
CA LYS G 254 36.52 46.91 5.96
C LYS G 254 35.77 45.59 5.90
N VAL G 255 34.76 45.39 6.74
CA VAL G 255 33.97 44.17 6.77
C VAL G 255 32.51 44.56 6.71
N ILE G 256 31.84 44.22 5.62
CA ILE G 256 30.40 44.45 5.48
C ILE G 256 29.70 43.11 5.58
N ALA G 257 28.94 42.91 6.66
CA ALA G 257 28.27 41.64 6.86
C ALA G 257 26.97 41.89 7.62
N GLY G 258 25.87 42.05 6.86
CA GLY G 258 24.58 42.31 7.46
C GLY G 258 23.49 41.48 6.80
N SER G 259 22.31 41.50 7.42
CA SER G 259 21.21 40.64 7.04
C SER G 259 20.30 41.25 6.00
N ALA G 260 20.66 42.38 5.42
CA ALA G 260 19.78 43.06 4.51
C ALA G 260 19.81 42.42 3.13
N ASN G 261 18.68 42.41 2.46
CA ASN G 261 18.58 41.88 1.11
C ASN G 261 18.93 42.95 0.08
N ASN G 262 19.61 42.52 -0.99
CA ASN G 262 19.97 43.34 -2.15
C ASN G 262 20.83 44.54 -1.76
N GLN G 263 22.00 44.24 -1.21
CA GLN G 263 22.82 45.29 -0.62
C GLN G 263 23.51 46.14 -1.67
N LEU G 264 24.08 45.53 -2.70
CA LEU G 264 24.71 46.30 -3.75
C LEU G 264 23.64 46.85 -4.68
N LYS G 265 23.74 48.13 -5.03
CA LYS G 265 22.78 48.71 -5.96
C LYS G 265 23.05 48.25 -7.39
N GLU G 266 24.31 48.32 -7.81
CA GLU G 266 24.76 47.80 -9.10
C GLU G 266 26.02 46.99 -8.89
N PRO G 267 26.30 46.00 -9.75
CA PRO G 267 27.52 45.20 -9.56
C PRO G 267 28.83 45.97 -9.77
N ARG G 268 28.78 47.13 -10.40
CA ARG G 268 29.96 47.99 -10.48
CA ARG G 268 29.97 47.96 -10.48
C ARG G 268 30.40 48.45 -9.10
N HIS G 269 29.44 48.62 -8.18
CA HIS G 269 29.76 48.95 -6.80
C HIS G 269 30.54 47.82 -6.14
N GLY G 270 30.16 46.57 -6.43
CA GLY G 270 30.90 45.43 -5.92
C GLY G 270 32.29 45.33 -6.51
N ASP G 271 32.43 45.69 -7.79
CA ASP G 271 33.75 45.79 -8.39
C ASP G 271 34.61 46.82 -7.68
N MET G 272 34.03 47.98 -7.33
CA MET G 272 34.79 49.02 -6.67
C MET G 272 35.15 48.66 -5.23
N ILE G 273 34.25 47.96 -4.54
CA ILE G 273 34.56 47.47 -3.20
C ILE G 273 35.71 46.46 -3.24
N HIS G 274 35.70 45.57 -4.24
CA HIS G 274 36.81 44.63 -4.35
C HIS G 274 38.11 45.31 -4.76
N GLU G 275 38.02 46.41 -5.51
CA GLU G 275 39.23 47.15 -5.84
C GLU G 275 39.78 47.92 -4.63
N MET G 276 38.92 48.37 -3.72
CA MET G 276 39.43 49.05 -2.53
C MET G 276 40.02 48.07 -1.53
N GLY G 277 39.24 47.09 -1.09
CA GLY G 277 39.74 46.10 -0.17
C GLY G 277 38.79 45.81 0.99
N ILE G 278 37.57 46.33 0.91
CA ILE G 278 36.57 46.05 1.92
C ILE G 278 36.08 44.62 1.75
N VAL G 279 36.24 43.80 2.79
CA VAL G 279 35.89 42.39 2.73
C VAL G 279 34.37 42.27 2.76
N TYR G 280 33.76 42.16 1.60
CA TYR G 280 32.31 42.05 1.47
C TYR G 280 31.90 40.60 1.37
N ALA G 281 31.44 40.07 2.46
CA ALA G 281 30.79 38.77 2.35
C ALA G 281 29.39 38.99 1.75
N PRO G 282 28.96 38.11 0.84
CA PRO G 282 27.81 38.44 -0.01
C PRO G 282 26.51 38.39 0.78
N ASP G 283 25.47 38.99 0.20
CA ASP G 283 24.27 39.23 0.96
C ASP G 283 23.47 37.95 1.20
N TYR G 284 23.28 37.13 0.17
CA TYR G 284 22.42 35.96 0.34
C TYR G 284 23.14 34.75 0.89
N VAL G 285 24.38 34.86 1.33
CA VAL G 285 25.03 33.71 1.95
C VAL G 285 24.95 33.88 3.45
N ILE G 286 25.05 35.13 3.92
CA ILE G 286 25.00 35.39 5.35
C ILE G 286 23.59 35.25 5.87
N ASN G 287 22.64 35.97 5.28
CA ASN G 287 21.30 36.05 5.85
C ASN G 287 20.42 34.85 5.51
N ALA G 288 20.99 33.71 5.15
CA ALA G 288 20.22 32.54 4.74
C ALA G 288 19.79 31.69 5.90
N GLY G 289 19.84 32.20 7.13
CA GLY G 289 19.48 31.38 8.27
C GLY G 289 17.99 31.14 8.38
N GLY G 290 17.18 32.10 7.95
CA GLY G 290 15.75 31.94 8.09
C GLY G 290 15.19 30.92 7.13
N VAL G 291 15.79 30.82 5.94
CA VAL G 291 15.37 29.82 4.97
C VAL G 291 15.77 28.42 5.43
N ILE G 292 16.94 28.30 6.05
CA ILE G 292 17.34 27.04 6.68
C ILE G 292 16.38 26.65 7.80
N ASN G 293 15.94 27.63 8.59
CA ASN G 293 15.01 27.35 9.67
C ASN G 293 13.68 26.86 9.13
N VAL G 294 13.13 27.52 8.11
CA VAL G 294 11.85 27.07 7.59
C VAL G 294 11.95 25.86 6.68
N ALA G 295 13.16 25.49 6.25
CA ALA G 295 13.32 24.25 5.50
C ALA G 295 13.66 23.07 6.38
N ASP G 296 14.03 23.29 7.63
CA ASP G 296 14.22 22.15 8.52
C ASP G 296 12.89 21.64 9.07
N GLU G 297 11.80 22.36 8.85
CA GLU G 297 10.47 21.89 9.24
C GLU G 297 10.04 20.67 8.41
N LEU G 298 10.60 20.52 7.21
CA LEU G 298 10.22 19.44 6.30
C LEU G 298 10.64 18.06 6.82
N TYR G 299 11.47 18.00 7.83
CA TYR G 299 11.85 16.77 8.50
C TYR G 299 10.95 16.44 9.68
N GLY G 300 10.08 17.36 10.08
CA GLY G 300 9.56 17.36 11.42
C GLY G 300 10.48 18.26 12.20
N TYR G 301 9.98 19.36 12.75
CA TYR G 301 10.85 20.43 13.20
C TYR G 301 11.54 20.07 14.51
N ASN G 302 12.85 20.28 14.54
CA ASN G 302 13.65 20.08 15.72
C ASN G 302 14.62 21.24 15.81
N ARG G 303 14.72 21.85 16.99
CA ARG G 303 15.47 23.10 17.12
C ARG G 303 16.97 22.85 17.05
N GLU G 304 17.43 21.74 17.64
CA GLU G 304 18.87 21.50 17.75
C GLU G 304 19.50 21.15 16.40
N ARG G 305 18.81 20.34 15.59
CA ARG G 305 19.25 20.03 14.25
C ARG G 305 19.31 21.28 13.36
N ALA G 306 18.30 22.14 13.46
CA ALA G 306 18.27 23.35 12.65
C ALA G 306 19.35 24.33 13.06
N MET G 307 19.61 24.47 14.36
CA MET G 307 20.70 25.36 14.78
C MET G 307 22.07 24.80 14.41
N LYS G 308 22.23 23.48 14.45
CA LYS G 308 23.46 22.86 13.98
C LYS G 308 23.65 23.07 12.48
N LYS G 309 22.57 23.17 11.72
CA LYS G 309 22.73 23.45 10.29
C LYS G 309 23.01 24.93 10.02
N ILE G 310 22.43 25.83 10.82
CA ILE G 310 22.69 27.27 10.70
C ILE G 310 24.12 27.61 11.10
N GLU G 311 24.74 26.77 11.93
CA GLU G 311 26.14 26.96 12.31
C GLU G 311 27.11 26.89 11.13
N GLN G 312 26.74 26.26 10.02
CA GLN G 312 27.65 26.07 8.89
C GLN G 312 27.83 27.31 8.00
N ILE G 313 27.26 28.46 8.35
CA ILE G 313 27.43 29.64 7.50
C ILE G 313 28.85 30.17 7.58
N TYR G 314 29.54 29.85 8.69
CA TYR G 314 30.99 30.04 8.79
C TYR G 314 31.73 29.35 7.64
N ASP G 315 31.40 28.08 7.40
CA ASP G 315 32.06 27.34 6.33
C ASP G 315 31.63 27.80 4.95
N ASN G 316 30.37 28.25 4.83
CA ASN G 316 29.89 28.76 3.53
C ASN G 316 30.64 30.03 3.14
N ILE G 317 30.79 30.96 4.08
CA ILE G 317 31.55 32.18 3.83
C ILE G 317 33.02 31.86 3.56
N GLU G 318 33.56 30.86 4.25
CA GLU G 318 34.96 30.52 4.05
C GLU G 318 35.21 29.93 2.67
N LYS G 319 34.28 29.11 2.16
CA LYS G 319 34.40 28.65 0.78
C LYS G 319 34.19 29.76 -0.24
N VAL G 320 33.33 30.74 0.04
CA VAL G 320 33.18 31.87 -0.88
C VAL G 320 34.48 32.65 -0.99
N PHE G 321 35.14 32.87 0.13
CA PHE G 321 36.41 33.59 0.07
C PHE G 321 37.52 32.74 -0.53
N ALA G 322 37.48 31.42 -0.36
CA ALA G 322 38.47 30.56 -1.01
C ALA G 322 38.31 30.57 -2.53
N ILE G 323 37.07 30.53 -3.03
CA ILE G 323 36.84 30.62 -4.46
C ILE G 323 37.19 32.01 -4.99
N ALA G 324 36.95 33.06 -4.20
CA ALA G 324 37.26 34.41 -4.65
C ALA G 324 38.76 34.62 -4.73
N LYS G 325 39.53 34.00 -3.85
CA LYS G 325 40.98 34.11 -3.96
C LYS G 325 41.57 33.13 -4.98
N ARG G 326 40.88 32.04 -5.27
CA ARG G 326 41.34 31.12 -6.31
C ARG G 326 41.10 31.66 -7.71
N ASP G 327 39.97 32.34 -7.91
CA ASP G 327 39.50 32.66 -9.25
C ASP G 327 39.75 34.12 -9.62
N ASN G 328 40.24 34.93 -8.67
CA ASN G 328 40.63 36.34 -8.87
C ASN G 328 39.46 37.19 -9.37
N ILE G 329 38.30 36.93 -8.80
CA ILE G 329 37.04 37.59 -9.14
C ILE G 329 36.55 38.28 -7.86
N PRO G 330 35.54 39.14 -7.89
CA PRO G 330 34.96 39.63 -6.65
C PRO G 330 34.20 38.55 -5.90
N THR G 331 33.71 38.92 -4.72
CA THR G 331 33.03 37.94 -3.89
C THR G 331 31.57 37.76 -4.26
N TYR G 332 30.92 38.79 -4.81
CA TYR G 332 29.54 38.61 -5.22
C TYR G 332 29.43 37.74 -6.47
N VAL G 333 30.52 37.64 -7.24
CA VAL G 333 30.60 36.68 -8.32
C VAL G 333 30.98 35.31 -7.78
N ALA G 334 31.79 35.28 -6.72
CA ALA G 334 32.18 34.03 -6.09
C ALA G 334 31.01 33.30 -5.48
N ALA G 335 29.99 34.03 -5.02
CA ALA G 335 28.81 33.37 -4.45
C ALA G 335 28.03 32.63 -5.52
N ASP G 336 27.82 33.27 -6.68
CA ASP G 336 27.13 32.62 -7.79
C ASP G 336 27.91 31.42 -8.30
N ARG G 337 29.24 31.53 -8.34
CA ARG G 337 30.00 30.40 -8.88
C ARG G 337 30.08 29.25 -7.90
N MET G 338 30.11 29.52 -6.60
CA MET G 338 29.95 28.47 -5.59
C MET G 338 28.64 27.73 -5.77
N ALA G 339 27.56 28.47 -5.97
CA ALA G 339 26.24 27.83 -6.09
C ALA G 339 26.13 27.01 -7.36
N GLU G 340 26.66 27.51 -8.48
CA GLU G 340 26.57 26.77 -9.73
C GLU G 340 27.47 25.54 -9.73
N GLU G 341 28.63 25.63 -9.06
CA GLU G 341 29.46 24.43 -8.91
C GLU G 341 28.76 23.39 -8.04
N ARG G 342 28.00 23.81 -7.03
CA ARG G 342 27.29 22.83 -6.23
C ARG G 342 26.17 22.19 -7.03
N ILE G 343 25.48 22.98 -7.87
CA ILE G 343 24.41 22.44 -8.70
C ILE G 343 24.93 21.44 -9.71
N GLU G 344 26.03 21.77 -10.40
CA GLU G 344 26.55 20.87 -11.43
C GLU G 344 27.17 19.62 -10.82
N THR G 345 27.83 19.76 -9.67
CA THR G 345 28.44 18.62 -9.02
C THR G 345 27.40 17.67 -8.46
N MET G 346 26.29 18.20 -7.96
CA MET G 346 25.25 17.28 -7.52
C MET G 346 24.40 16.77 -8.67
N ARG G 347 24.46 17.39 -9.84
CA ARG G 347 23.87 16.73 -11.00
C ARG G 347 24.70 15.53 -11.39
N LYS G 348 26.02 15.64 -11.36
CA LYS G 348 26.87 14.55 -11.84
C LYS G 348 27.16 13.49 -10.81
N ALA G 349 27.06 13.77 -9.52
CA ALA G 349 27.44 12.80 -8.50
C ALA G 349 26.27 12.00 -7.97
N ARG G 350 25.06 12.36 -8.34
CA ARG G 350 23.86 11.63 -7.98
C ARG G 350 23.21 11.00 -9.20
N SER G 351 24.01 10.42 -10.07
CA SER G 351 23.51 9.93 -11.34
C SER G 351 23.28 8.43 -11.38
N GLN G 352 23.82 7.67 -10.42
CA GLN G 352 23.60 6.24 -10.46
C GLN G 352 22.17 5.88 -10.07
N PHE G 353 21.65 4.89 -10.76
CA PHE G 353 20.25 4.50 -10.70
C PHE G 353 19.88 3.91 -9.35
N LEU G 354 18.77 4.37 -8.80
CA LEU G 354 18.10 3.71 -7.68
C LEU G 354 16.63 3.75 -7.99
N GLN G 355 15.91 2.70 -7.66
CA GLN G 355 14.48 2.75 -7.89
C GLN G 355 13.71 3.18 -6.65
N ASN G 356 14.42 3.47 -5.58
CA ASN G 356 13.84 3.84 -4.30
C ASN G 356 14.65 4.94 -3.63
N GLY G 357 14.94 6.01 -4.37
CA GLY G 357 15.74 7.07 -3.81
C GLY G 357 14.99 7.94 -2.84
N HIS G 358 15.74 8.67 -2.01
CA HIS G 358 15.17 9.63 -1.09
C HIS G 358 15.36 11.04 -1.62
N HIS G 359 14.30 11.82 -1.56
CA HIS G 359 14.32 13.26 -1.73
C HIS G 359 13.87 13.90 -0.43
N ILE G 360 13.63 15.20 -0.47
CA ILE G 360 13.36 15.94 0.77
C ILE G 360 11.93 15.71 1.24
N LEU G 361 11.07 15.16 0.40
CA LEU G 361 9.66 14.93 0.73
C LEU G 361 9.38 13.46 0.93
N SER G 362 10.37 12.66 1.24
CA SER G 362 10.19 11.23 1.20
C SER G 362 9.65 10.74 2.53
N ARG G 363 8.92 9.63 2.46
CA ARG G 363 8.48 8.93 3.65
C ARG G 363 9.62 8.08 4.15
N ARG G 364 9.84 8.08 5.46
CA ARG G 364 10.94 7.30 5.99
C ARG G 364 10.68 6.88 7.43
N ARG G 365 11.67 6.22 8.00
CA ARG G 365 11.55 5.68 9.34
CA ARG G 365 11.55 5.69 9.35
C ARG G 365 11.50 6.81 10.37
N ALA G 366 10.73 6.57 11.43
CA ALA G 366 10.54 7.58 12.46
C ALA G 366 11.83 7.79 13.25
N ARG G 367 12.42 6.70 13.73
CA ARG G 367 13.71 6.66 14.43
C ARG G 367 13.76 7.59 15.65
N MET H 1 -0.15 41.61 -23.45
CA MET H 1 -1.40 41.04 -23.90
C MET H 1 -2.46 41.27 -22.85
N GLU H 2 -1.99 41.58 -21.64
CA GLU H 2 -2.79 41.54 -20.40
C GLU H 2 -3.47 40.18 -20.29
N LEU H 3 -2.61 39.17 -20.10
CA LEU H 3 -3.01 37.79 -20.29
C LEU H 3 -4.00 37.34 -19.23
N PHE H 4 -3.98 37.94 -18.04
CA PHE H 4 -5.02 37.61 -17.09
C PHE H 4 -6.36 38.23 -17.42
N GLN H 5 -6.42 39.28 -18.24
CA GLN H 5 -7.73 39.73 -18.70
C GLN H 5 -8.36 38.71 -19.63
N TYR H 6 -7.59 38.18 -20.56
CA TYR H 6 -8.10 37.17 -21.47
C TYR H 6 -8.44 35.90 -20.71
N MET H 7 -7.68 35.57 -19.66
CA MET H 7 -8.03 34.40 -18.87
C MET H 7 -9.29 34.65 -18.05
N GLU H 8 -9.48 35.86 -17.53
CA GLU H 8 -10.59 36.10 -16.64
C GLU H 8 -11.90 36.22 -17.40
N LYS H 9 -11.87 36.69 -18.65
CA LYS H 9 -13.10 36.80 -19.43
C LYS H 9 -13.70 35.45 -19.81
N TYR H 10 -12.93 34.37 -19.78
CA TYR H 10 -13.43 33.07 -20.17
C TYR H 10 -13.21 31.98 -19.14
N ASP H 11 -12.65 32.31 -17.97
CA ASP H 11 -12.39 31.41 -16.86
C ASP H 11 -11.42 30.28 -17.27
N TYR H 12 -10.23 30.67 -17.70
CA TYR H 12 -9.16 29.70 -17.89
C TYR H 12 -8.54 29.36 -16.56
N GLU H 13 -8.32 28.08 -16.29
CA GLU H 13 -7.59 27.74 -15.07
C GLU H 13 -6.13 28.10 -15.20
N GLN H 14 -5.41 27.48 -16.12
CA GLN H 14 -3.99 27.67 -16.18
C GLN H 14 -3.50 27.84 -17.61
N VAL H 15 -2.44 28.61 -17.73
CA VAL H 15 -1.54 28.61 -18.87
C VAL H 15 -0.17 28.28 -18.30
N LEU H 16 0.66 27.55 -19.03
CA LEU H 16 1.85 27.00 -18.40
C LEU H 16 2.97 26.90 -19.41
N PHE H 17 4.03 27.64 -19.20
CA PHE H 17 5.09 27.81 -20.18
C PHE H 17 6.24 26.91 -19.80
N CYS H 18 6.43 25.82 -20.51
CA CYS H 18 7.55 24.94 -20.28
C CYS H 18 8.69 25.32 -21.20
N GLN H 19 9.90 24.97 -20.78
CA GLN H 19 11.10 25.33 -21.50
C GLN H 19 12.18 24.34 -21.11
N ASP H 20 13.03 23.97 -22.05
CA ASP H 20 14.21 23.19 -21.76
C ASP H 20 15.29 23.55 -22.76
N LYS H 21 16.47 23.86 -22.26
CA LYS H 21 17.51 24.50 -23.06
C LYS H 21 18.39 23.50 -23.80
N GLU H 22 18.78 22.40 -23.15
CA GLU H 22 19.65 21.44 -23.80
C GLU H 22 18.94 20.59 -24.84
N SER H 23 17.61 20.62 -24.86
CA SER H 23 16.83 19.92 -25.86
C SER H 23 16.10 20.84 -26.81
N GLY H 24 15.93 22.10 -26.47
CA GLY H 24 15.33 23.05 -27.37
C GLY H 24 13.83 23.09 -27.34
N LEU H 25 13.22 22.76 -26.20
CA LEU H 25 11.78 22.71 -26.08
C LEU H 25 11.23 24.03 -25.58
N LYS H 26 10.20 24.53 -26.25
CA LYS H 26 9.44 25.69 -25.82
C LYS H 26 7.98 25.28 -25.96
N ALA H 27 7.27 25.00 -24.87
CA ALA H 27 5.92 24.50 -25.00
C ALA H 27 4.96 25.34 -24.18
N ILE H 28 3.70 25.40 -24.63
CA ILE H 28 2.65 26.17 -23.98
C ILE H 28 1.52 25.20 -23.75
N ILE H 29 1.26 24.83 -22.51
CA ILE H 29 0.14 23.97 -22.18
C ILE H 29 -0.95 24.83 -21.61
N VAL H 30 -2.15 24.73 -22.14
CA VAL H 30 -3.25 25.52 -21.65
C VAL H 30 -4.36 24.60 -21.17
N ILE H 31 -4.75 24.76 -19.92
CA ILE H 31 -5.80 23.99 -19.31
C ILE H 31 -6.95 24.95 -19.04
N HIS H 32 -8.08 24.76 -19.72
CA HIS H 32 -9.21 25.65 -19.59
C HIS H 32 -10.09 25.30 -18.41
N ASP H 33 -10.64 24.11 -18.43
CA ASP H 33 -11.58 23.68 -17.40
C ASP H 33 -11.28 22.24 -17.11
N THR H 34 -11.22 21.89 -15.83
CA THR H 34 -11.10 20.52 -15.36
C THR H 34 -12.19 20.22 -14.36
N THR H 35 -13.41 20.57 -14.70
CA THR H 35 -14.53 20.29 -13.81
C THR H 35 -15.00 18.86 -13.96
N LEU H 36 -15.22 18.41 -15.20
CA LEU H 36 -15.79 17.08 -15.42
C LEU H 36 -14.76 15.99 -15.16
N GLY H 37 -13.53 16.22 -15.56
CA GLY H 37 -12.46 15.26 -15.34
C GLY H 37 -11.13 15.89 -15.63
N PRO H 38 -10.14 15.09 -15.97
CA PRO H 38 -8.87 15.64 -16.43
C PRO H 38 -8.99 16.32 -17.77
N ALA H 39 -8.02 17.15 -18.09
CA ALA H 39 -8.06 17.90 -19.34
C ALA H 39 -7.39 17.09 -20.42
N LEU H 40 -8.16 16.48 -21.29
CA LEU H 40 -7.59 15.84 -22.46
C LEU H 40 -7.39 16.85 -23.57
N GLY H 41 -6.22 16.80 -24.18
CA GLY H 41 -5.98 17.65 -25.33
C GLY H 41 -4.88 17.17 -26.25
N GLY H 42 -4.92 17.61 -27.49
CA GLY H 42 -3.88 17.25 -28.41
C GLY H 42 -2.61 18.04 -28.17
N THR H 43 -1.50 17.48 -28.62
CA THR H 43 -0.20 18.13 -28.60
C THR H 43 0.15 18.49 -30.02
N ARG H 44 0.15 19.76 -30.32
CA ARG H 44 0.32 20.24 -31.69
CA ARG H 44 0.32 20.24 -31.69
C ARG H 44 1.68 20.92 -31.81
N MET H 45 2.45 20.52 -32.81
CA MET H 45 3.77 21.09 -33.04
C MET H 45 3.73 21.86 -34.34
N TRP H 46 4.10 23.13 -34.30
CA TRP H 46 3.93 24.01 -35.44
C TRP H 46 4.85 25.19 -35.21
N MET H 47 5.17 25.90 -36.28
CA MET H 47 6.05 27.06 -36.19
C MET H 47 5.20 28.32 -36.22
N TYR H 48 5.26 29.10 -35.16
CA TYR H 48 4.56 30.36 -35.10
C TYR H 48 5.58 31.49 -35.12
N ASN H 49 5.16 32.65 -35.64
CA ASN H 49 6.08 33.76 -35.84
C ASN H 49 6.55 34.38 -34.53
N SER H 50 5.74 34.30 -33.48
CA SER H 50 6.10 34.85 -32.19
C SER H 50 5.54 33.95 -31.10
N GLU H 51 5.59 34.43 -29.87
CA GLU H 51 4.92 33.72 -28.79
C GLU H 51 3.43 34.01 -28.77
N GLU H 52 3.04 35.22 -29.15
CA GLU H 52 1.65 35.64 -29.02
C GLU H 52 0.74 34.90 -29.97
N GLU H 53 1.24 34.57 -31.16
CA GLU H 53 0.52 33.72 -32.11
C GLU H 53 0.19 32.37 -31.48
N ALA H 54 1.21 31.71 -30.93
CA ALA H 54 1.04 30.41 -30.32
C ALA H 54 0.16 30.49 -29.08
N LEU H 55 0.25 31.58 -28.34
CA LEU H 55 -0.55 31.72 -27.14
C LEU H 55 -2.03 31.87 -27.47
N GLU H 56 -2.35 32.73 -28.44
CA GLU H 56 -3.74 32.90 -28.85
C GLU H 56 -4.30 31.61 -29.44
N ASP H 57 -3.45 30.85 -30.15
CA ASP H 57 -3.91 29.62 -30.76
C ASP H 57 -4.19 28.56 -29.70
N ALA H 58 -3.32 28.46 -28.69
CA ALA H 58 -3.51 27.51 -27.61
C ALA H 58 -4.75 27.83 -26.79
N LEU H 59 -5.03 29.12 -26.59
CA LEU H 59 -6.20 29.49 -25.80
C LEU H 59 -7.51 29.18 -26.53
N ARG H 60 -7.57 29.47 -27.84
CA ARG H 60 -8.77 29.13 -28.61
C ARG H 60 -9.00 27.63 -28.66
N LEU H 61 -7.94 26.85 -28.85
CA LEU H 61 -8.14 25.41 -28.92
C LEU H 61 -8.47 24.79 -27.57
N ALA H 62 -8.03 25.41 -26.47
CA ALA H 62 -8.42 24.92 -25.15
C ALA H 62 -9.91 25.10 -24.90
N ARG H 63 -10.46 26.27 -25.25
CA ARG H 63 -11.90 26.46 -25.12
CA ARG H 63 -11.90 26.47 -25.13
C ARG H 63 -12.68 25.52 -26.03
N GLY H 64 -12.20 25.35 -27.26
CA GLY H 64 -12.88 24.44 -28.19
C GLY H 64 -12.89 23.00 -27.72
N MET H 65 -11.79 22.53 -27.11
CA MET H 65 -11.77 21.17 -26.60
C MET H 65 -12.64 21.02 -25.37
N THR H 66 -12.81 22.06 -24.56
CA THR H 66 -13.71 21.93 -23.42
C THR H 66 -15.13 21.71 -23.87
N TYR H 67 -15.60 22.51 -24.85
CA TYR H 67 -16.97 22.30 -25.31
C TYR H 67 -17.14 21.01 -26.09
N LYS H 68 -16.10 20.56 -26.81
CA LYS H 68 -16.19 19.27 -27.47
C LYS H 68 -16.29 18.12 -26.49
N ASN H 69 -15.38 18.05 -25.50
CA ASN H 69 -15.42 16.95 -24.55
C ASN H 69 -16.67 16.99 -23.69
N ALA H 70 -17.21 18.17 -23.40
CA ALA H 70 -18.44 18.24 -22.63
C ALA H 70 -19.63 17.77 -23.44
N ALA H 71 -19.81 18.29 -24.65
CA ALA H 71 -20.98 17.95 -25.45
C ALA H 71 -20.91 16.57 -26.07
N ALA H 72 -19.83 15.83 -25.88
CA ALA H 72 -19.72 14.47 -26.38
C ALA H 72 -20.12 13.44 -25.35
N GLY H 73 -20.24 13.83 -24.09
CA GLY H 73 -20.56 12.92 -23.04
C GLY H 73 -19.38 12.32 -22.31
N LEU H 74 -18.20 12.93 -22.42
CA LEU H 74 -17.01 12.38 -21.80
C LEU H 74 -16.74 13.05 -20.47
N ASN H 75 -16.08 12.31 -19.58
CA ASN H 75 -15.71 12.83 -18.26
C ASN H 75 -14.30 13.38 -18.32
N LEU H 76 -14.14 14.40 -19.13
CA LEU H 76 -12.83 14.93 -19.48
C LEU H 76 -12.97 16.42 -19.68
N GLY H 77 -11.92 17.15 -19.39
CA GLY H 77 -11.92 18.58 -19.53
C GLY H 77 -11.33 19.01 -20.85
N GLY H 78 -10.96 20.28 -20.92
CA GLY H 78 -10.37 20.74 -22.15
C GLY H 78 -9.06 21.45 -21.97
N GLY H 79 -8.06 21.02 -22.73
CA GLY H 79 -6.80 21.71 -22.72
C GLY H 79 -6.17 21.55 -24.07
N LYS H 80 -4.93 22.02 -24.24
CA LYS H 80 -4.24 21.98 -25.52
C LYS H 80 -2.80 22.37 -25.32
N THR H 81 -1.89 21.65 -25.97
CA THR H 81 -0.48 21.96 -25.93
C THR H 81 -0.07 22.49 -27.29
N VAL H 82 0.78 23.50 -27.31
CA VAL H 82 1.44 23.96 -28.51
C VAL H 82 2.94 23.88 -28.28
N ILE H 83 3.64 23.12 -29.10
CA ILE H 83 5.09 23.11 -29.08
C ILE H 83 5.58 24.01 -30.20
N ILE H 84 6.43 24.97 -29.87
CA ILE H 84 6.90 25.95 -30.85
C ILE H 84 8.19 25.41 -31.45
N GLY H 85 8.10 24.89 -32.66
CA GLY H 85 9.24 24.36 -33.35
C GLY H 85 8.87 24.04 -34.77
N ASP H 86 9.72 23.27 -35.43
CA ASP H 86 9.45 22.87 -36.79
C ASP H 86 9.47 21.36 -36.83
N PRO H 87 8.36 20.69 -37.11
CA PRO H 87 8.35 19.22 -37.10
C PRO H 87 9.10 18.58 -38.23
N ARG H 88 9.56 19.33 -39.22
CA ARG H 88 10.37 18.71 -40.27
C ARG H 88 11.82 18.55 -39.83
N LYS H 89 12.31 19.42 -38.96
CA LYS H 89 13.74 19.44 -38.66
C LYS H 89 14.10 19.69 -37.21
N ASP H 90 13.15 19.87 -36.31
CA ASP H 90 13.46 20.25 -34.93
C ASP H 90 12.82 19.28 -33.96
N LYS H 91 12.93 18.00 -34.22
CA LYS H 91 12.53 16.96 -33.28
C LYS H 91 13.72 16.10 -32.93
N ASN H 92 13.72 15.61 -31.70
CA ASN H 92 14.61 14.55 -31.28
C ASN H 92 13.94 13.83 -30.12
N GLU H 93 14.71 13.01 -29.42
CA GLU H 93 14.19 12.32 -28.26
C GLU H 93 14.15 13.24 -27.07
N ALA H 94 15.12 14.14 -26.97
CA ALA H 94 15.39 14.82 -25.70
C ALA H 94 14.28 15.80 -25.36
N MET H 95 13.69 16.45 -26.37
CA MET H 95 12.58 17.34 -26.09
C MET H 95 11.33 16.59 -25.69
N PHE H 96 11.10 15.39 -26.21
CA PHE H 96 9.93 14.68 -25.76
C PHE H 96 10.14 14.00 -24.43
N ARG H 97 11.37 13.66 -24.06
CA ARG H 97 11.57 13.18 -22.70
C ARG H 97 11.43 14.31 -21.69
N ALA H 98 11.94 15.49 -22.03
CA ALA H 98 11.71 16.67 -21.18
C ALA H 98 10.23 17.00 -21.08
N PHE H 99 9.51 16.91 -22.18
CA PHE H 99 8.10 17.24 -22.20
C PHE H 99 7.25 16.20 -21.48
N GLY H 100 7.61 14.92 -21.60
CA GLY H 100 6.90 13.91 -20.84
C GLY H 100 7.09 14.05 -19.35
N ARG H 101 8.27 14.52 -18.92
CA ARG H 101 8.40 14.81 -17.49
C ARG H 101 7.61 16.05 -17.07
N PHE H 102 7.49 17.04 -17.95
CA PHE H 102 6.60 18.16 -17.59
C PHE H 102 5.13 17.78 -17.57
N ILE H 103 4.71 16.72 -18.27
CA ILE H 103 3.33 16.27 -18.13
C ILE H 103 3.16 15.44 -16.87
N GLN H 104 4.14 14.57 -16.57
CA GLN H 104 4.09 13.79 -15.34
C GLN H 104 4.16 14.68 -14.10
N GLY H 105 4.73 15.86 -14.22
CA GLY H 105 4.73 16.73 -13.08
C GLY H 105 3.49 17.53 -12.83
N LEU H 106 2.46 17.38 -13.67
CA LEU H 106 1.13 17.90 -13.38
C LEU H 106 0.27 16.92 -12.62
N ASN H 107 0.73 15.68 -12.48
CA ASN H 107 0.06 14.61 -11.74
C ASN H 107 -1.32 14.31 -12.31
N GLY H 108 -1.36 13.90 -13.56
CA GLY H 108 -2.60 13.38 -14.11
C GLY H 108 -3.65 14.41 -14.40
N ARG H 109 -3.35 15.66 -14.19
CA ARG H 109 -4.27 16.78 -14.36
C ARG H 109 -4.45 17.15 -15.80
N TYR H 110 -3.61 16.61 -16.69
CA TYR H 110 -3.63 16.90 -18.11
C TYR H 110 -3.17 15.68 -18.88
N ILE H 111 -4.01 15.19 -19.80
CA ILE H 111 -3.74 14.01 -20.59
C ILE H 111 -3.52 14.45 -22.03
N THR H 112 -2.50 13.92 -22.70
CA THR H 112 -2.12 14.38 -24.02
C THR H 112 -2.41 13.32 -25.08
N ALA H 113 -2.63 13.79 -26.31
CA ALA H 113 -2.82 12.89 -27.44
C ALA H 113 -2.19 13.48 -28.68
N GLU H 114 -2.19 12.72 -29.76
CA GLU H 114 -1.56 13.22 -30.98
C GLU H 114 -2.50 14.18 -31.69
N ASP H 115 -1.91 15.06 -32.48
CA ASP H 115 -2.66 16.12 -33.10
C ASP H 115 -1.87 16.56 -34.32
N VAL H 116 -2.14 17.75 -34.83
CA VAL H 116 -1.54 18.23 -36.07
C VAL H 116 -0.08 18.57 -35.80
N GLY H 117 0.83 17.70 -36.19
CA GLY H 117 2.22 18.03 -36.01
C GLY H 117 3.04 16.95 -35.33
N THR H 118 2.38 16.13 -34.54
CA THR H 118 3.00 14.97 -33.91
C THR H 118 2.37 13.71 -34.46
N THR H 119 3.08 12.60 -34.31
CA THR H 119 2.69 11.30 -34.84
C THR H 119 2.49 10.31 -33.69
N VAL H 120 2.17 9.06 -34.01
CA VAL H 120 2.34 8.03 -32.99
C VAL H 120 3.72 7.42 -33.15
N ALA H 121 4.73 8.23 -32.98
CA ALA H 121 6.10 7.82 -32.76
C ALA H 121 6.76 8.76 -31.80
N ASP H 122 6.13 9.89 -31.54
CA ASP H 122 6.51 10.83 -30.51
C ASP H 122 5.72 10.62 -29.24
N MET H 123 4.56 9.99 -29.33
CA MET H 123 3.90 9.52 -28.13
C MET H 123 4.35 8.13 -27.75
N ASP H 124 5.64 7.84 -27.87
CA ASP H 124 6.19 6.59 -27.40
C ASP H 124 7.39 6.98 -26.60
N ILE H 125 7.90 8.14 -26.94
CA ILE H 125 8.93 8.78 -26.16
C ILE H 125 8.31 9.44 -24.94
N ILE H 126 7.13 10.02 -25.12
CA ILE H 126 6.38 10.56 -24.00
C ILE H 126 5.91 9.45 -23.08
N TYR H 127 5.53 8.31 -23.64
CA TYR H 127 5.09 7.18 -22.82
C TYR H 127 6.21 6.59 -21.99
N GLN H 128 7.47 6.79 -22.37
CA GLN H 128 8.56 6.36 -21.52
C GLN H 128 8.72 7.24 -20.29
N GLU H 129 8.00 8.34 -20.19
CA GLU H 129 8.07 9.19 -19.03
C GLU H 129 6.77 9.35 -18.27
N THR H 130 5.64 8.95 -18.82
CA THR H 130 4.36 9.24 -18.19
C THR H 130 3.31 8.24 -18.63
N ASP H 131 2.27 8.11 -17.83
CA ASP H 131 1.08 7.37 -18.19
C ASP H 131 0.00 8.22 -18.81
N TYR H 132 0.12 9.54 -18.76
CA TYR H 132 -1.00 10.38 -19.13
C TYR H 132 -0.86 10.80 -20.59
N VAL H 133 -0.97 9.78 -21.43
CA VAL H 133 -0.81 9.92 -22.86
C VAL H 133 -1.69 8.85 -23.49
N THR H 134 -2.37 9.18 -24.58
CA THR H 134 -3.34 8.26 -25.14
C THR H 134 -3.19 8.20 -26.65
N GLY H 135 -3.63 7.09 -27.21
CA GLY H 135 -3.43 6.84 -28.63
C GLY H 135 -2.18 6.07 -28.97
N ILE H 136 -1.64 5.28 -28.03
CA ILE H 136 -0.30 4.75 -28.18
C ILE H 136 -0.29 3.23 -28.24
N SER H 137 -1.27 2.57 -27.54
CA SER H 137 -1.11 1.22 -27.00
C SER H 137 -1.07 0.16 -28.09
N PRO H 138 -0.40 -0.97 -27.83
CA PRO H 138 -0.41 -2.06 -28.83
C PRO H 138 -1.78 -2.68 -29.03
N GLU H 139 -2.68 -2.57 -28.05
CA GLU H 139 -4.08 -2.89 -28.27
C GLU H 139 -4.72 -1.93 -29.26
N PHE H 140 -4.41 -0.64 -29.14
CA PHE H 140 -5.02 0.35 -30.01
C PHE H 140 -4.46 0.27 -31.43
N GLY H 141 -3.14 0.37 -31.58
CA GLY H 141 -2.52 0.31 -32.89
C GLY H 141 -2.20 -1.09 -33.35
N ASN H 145 -6.47 4.40 -34.78
CA ASN H 145 -6.93 4.70 -36.13
C ASN H 145 -8.34 5.26 -36.04
N PRO H 146 -8.46 6.56 -35.76
CA PRO H 146 -9.76 7.12 -35.40
C PRO H 146 -10.72 7.34 -36.56
N SER H 147 -10.30 7.08 -37.79
CA SER H 147 -11.12 7.45 -38.94
C SER H 147 -12.37 6.60 -39.19
N PRO H 148 -12.38 5.27 -38.99
CA PRO H 148 -13.68 4.57 -39.02
C PRO H 148 -14.61 5.02 -37.92
N ALA H 149 -14.06 5.39 -36.77
CA ALA H 149 -14.86 5.90 -35.67
C ALA H 149 -15.49 7.24 -36.01
N THR H 150 -14.69 8.17 -36.56
CA THR H 150 -15.20 9.49 -36.88
C THR H 150 -16.23 9.41 -37.99
N ALA H 151 -16.01 8.53 -38.97
CA ALA H 151 -16.99 8.31 -40.02
C ALA H 151 -18.28 7.71 -39.50
N TYR H 152 -18.18 6.77 -38.55
CA TYR H 152 -19.36 6.16 -37.97
C TYR H 152 -20.17 7.19 -37.18
N GLY H 153 -19.48 8.10 -36.50
CA GLY H 153 -20.18 9.14 -35.77
C GLY H 153 -20.82 10.17 -36.68
N VAL H 154 -20.16 10.50 -37.79
CA VAL H 154 -20.76 11.40 -38.79
C VAL H 154 -22.01 10.77 -39.39
N TYR H 155 -21.96 9.47 -39.61
CA TYR H 155 -23.13 8.72 -40.08
C TYR H 155 -24.29 8.82 -39.11
N ARG H 156 -24.04 8.62 -37.82
CA ARG H 156 -25.12 8.71 -36.83
C ARG H 156 -25.66 10.14 -36.70
N GLY H 157 -24.78 11.13 -36.75
CA GLY H 157 -25.25 12.51 -36.69
C GLY H 157 -26.05 12.90 -37.91
N MET H 158 -25.73 12.30 -39.06
CA MET H 158 -26.49 12.58 -40.26
C MET H 158 -27.86 11.91 -40.22
N LYS H 159 -27.94 10.72 -39.61
CA LYS H 159 -29.22 10.11 -39.24
C LYS H 159 -30.09 11.05 -38.42
N ALA H 160 -29.50 11.65 -37.38
CA ALA H 160 -30.27 12.53 -36.51
C ALA H 160 -30.72 13.80 -37.22
N ALA H 161 -29.83 14.38 -38.04
CA ALA H 161 -30.20 15.59 -38.76
C ALA H 161 -31.23 15.30 -39.86
N ALA H 162 -31.22 14.07 -40.40
CA ALA H 162 -32.22 13.69 -41.37
C ALA H 162 -33.58 13.48 -40.71
N LYS H 163 -33.59 12.96 -39.48
CA LYS H 163 -34.87 12.86 -38.78
C LYS H 163 -35.35 14.23 -38.30
N GLU H 164 -34.43 15.17 -38.11
CA GLU H 164 -34.84 16.54 -37.80
C GLU H 164 -35.49 17.19 -39.02
N ALA H 165 -34.79 17.20 -40.15
CA ALA H 165 -35.28 17.94 -41.30
C ALA H 165 -36.45 17.27 -42.00
N PHE H 166 -36.63 15.95 -41.81
CA PHE H 166 -37.64 15.23 -42.57
C PHE H 166 -38.59 14.42 -41.71
N GLY H 167 -38.09 13.75 -40.67
CA GLY H 167 -38.88 12.84 -39.86
C GLY H 167 -38.45 11.39 -39.99
N SER H 168 -37.97 11.00 -41.17
CA SER H 168 -37.50 9.65 -41.42
C SER H 168 -35.97 9.63 -41.36
N ASP H 169 -35.41 8.60 -40.75
CA ASP H 169 -33.97 8.42 -40.70
C ASP H 169 -33.45 7.36 -41.66
N SER H 170 -34.33 6.51 -42.20
CA SER H 170 -33.93 5.53 -43.22
C SER H 170 -33.58 6.27 -44.50
N LEU H 171 -32.30 6.26 -44.87
CA LEU H 171 -31.79 7.12 -45.93
C LEU H 171 -31.80 6.45 -47.30
N GLU H 172 -32.56 5.38 -47.47
CA GLU H 172 -32.76 4.83 -48.81
C GLU H 172 -33.62 5.79 -49.61
N GLY H 173 -33.01 6.49 -50.55
CA GLY H 173 -33.76 7.43 -51.36
C GLY H 173 -33.34 8.86 -51.07
N LYS H 174 -32.08 9.04 -50.72
CA LYS H 174 -31.55 10.35 -50.40
C LYS H 174 -30.33 10.62 -51.28
N VAL H 175 -29.94 11.89 -51.35
CA VAL H 175 -28.81 12.32 -52.16
C VAL H 175 -27.81 13.02 -51.25
N VAL H 176 -26.58 12.52 -51.18
CA VAL H 176 -25.56 13.04 -50.30
C VAL H 176 -24.37 13.47 -51.14
N ALA H 177 -24.03 14.74 -51.06
CA ALA H 177 -22.85 15.28 -51.73
C ALA H 177 -21.72 15.43 -50.73
N VAL H 178 -20.55 14.87 -51.08
CA VAL H 178 -19.42 14.73 -50.19
C VAL H 178 -18.18 15.28 -50.89
N GLN H 179 -17.54 16.28 -50.28
CA GLN H 179 -16.27 16.77 -50.80
C GLN H 179 -15.10 16.28 -49.96
N GLY H 180 -14.05 15.82 -50.65
CA GLY H 180 -12.91 15.17 -50.04
C GLY H 180 -13.19 13.72 -49.75
N VAL H 181 -12.32 12.80 -50.16
CA VAL H 181 -12.57 11.38 -49.91
C VAL H 181 -11.34 10.89 -49.12
N GLY H 182 -10.82 11.73 -48.25
CA GLY H 182 -9.59 11.44 -47.54
C GLY H 182 -9.73 10.72 -46.21
N ASN H 183 -9.93 9.41 -46.26
CA ASN H 183 -9.86 8.45 -45.15
C ASN H 183 -10.97 8.54 -44.12
N VAL H 184 -11.74 9.63 -44.11
CA VAL H 184 -12.80 9.83 -43.13
C VAL H 184 -14.16 9.95 -43.81
N ALA H 185 -14.19 10.55 -44.99
CA ALA H 185 -15.40 10.49 -45.78
C ALA H 185 -15.47 9.22 -46.59
N TYR H 186 -14.38 8.46 -46.62
CA TYR H 186 -14.33 7.24 -47.40
C TYR H 186 -15.14 6.13 -46.74
N HIS H 187 -14.88 5.89 -45.45
CA HIS H 187 -15.73 4.98 -44.67
C HIS H 187 -17.14 5.52 -44.52
N LEU H 188 -17.30 6.85 -44.52
CA LEU H 188 -18.61 7.45 -44.56
C LEU H 188 -19.37 7.04 -45.82
N CYS H 189 -18.69 7.07 -46.98
CA CYS H 189 -19.35 6.66 -48.21
C CYS H 189 -19.62 5.16 -48.25
N ARG H 190 -18.74 4.35 -47.63
CA ARG H 190 -19.08 2.95 -47.36
C ARG H 190 -20.41 2.82 -46.62
N HIS H 191 -20.57 3.54 -45.50
CA HIS H 191 -21.81 3.44 -44.72
C HIS H 191 -23.02 3.92 -45.50
N LEU H 192 -22.83 4.99 -46.28
CA LEU H 192 -23.98 5.58 -46.97
C LEU H 192 -24.44 4.73 -48.15
N HIS H 193 -23.53 4.02 -48.82
CA HIS H 193 -24.06 3.15 -49.86
C HIS H 193 -24.50 1.80 -49.30
N GLU H 194 -23.91 1.33 -48.20
CA GLU H 194 -24.41 0.11 -47.59
C GLU H 194 -25.77 0.32 -46.93
N GLU H 195 -26.16 1.56 -46.64
CA GLU H 195 -27.57 1.79 -46.38
C GLU H 195 -28.38 1.85 -47.67
N GLY H 196 -27.77 2.30 -48.76
CA GLY H 196 -28.49 2.42 -50.00
C GLY H 196 -28.89 3.84 -50.32
N ALA H 197 -27.94 4.76 -50.21
CA ALA H 197 -28.15 6.16 -50.54
C ALA H 197 -27.27 6.56 -51.70
N LYS H 198 -27.72 7.56 -52.46
CA LYS H 198 -27.00 7.99 -53.65
C LYS H 198 -25.94 9.02 -53.29
N LEU H 199 -24.77 8.88 -53.90
CA LEU H 199 -23.57 9.62 -53.51
C LEU H 199 -23.09 10.49 -54.66
N ILE H 200 -22.64 11.69 -54.33
CA ILE H 200 -22.04 12.62 -55.28
C ILE H 200 -20.75 13.09 -54.65
N VAL H 201 -19.63 12.55 -55.10
CA VAL H 201 -18.36 12.83 -54.45
C VAL H 201 -17.55 13.78 -55.29
N THR H 202 -16.61 14.46 -54.63
CA THR H 202 -15.57 15.21 -55.33
C THR H 202 -14.34 15.30 -54.44
N ASP H 203 -13.24 15.74 -55.04
CA ASP H 203 -11.93 15.76 -54.43
C ASP H 203 -11.02 16.59 -55.34
N ILE H 204 -9.94 17.10 -54.76
CA ILE H 204 -8.95 17.81 -55.57
C ILE H 204 -8.16 16.84 -56.44
N ASN H 205 -8.07 15.58 -56.03
CA ASN H 205 -7.46 14.55 -56.88
C ASN H 205 -8.52 13.91 -57.77
N LYS H 206 -8.08 12.98 -58.61
CA LYS H 206 -8.96 12.19 -59.44
C LYS H 206 -8.83 10.70 -59.20
N GLU H 207 -7.66 10.25 -58.76
CA GLU H 207 -7.45 8.83 -58.46
C GLU H 207 -8.33 8.39 -57.29
N ALA H 208 -8.49 9.24 -56.28
CA ALA H 208 -9.44 8.95 -55.21
C ALA H 208 -10.88 9.00 -55.72
N VAL H 209 -11.18 9.90 -56.65
CA VAL H 209 -12.50 9.95 -57.26
C VAL H 209 -12.74 8.70 -58.10
N ALA H 210 -11.70 8.22 -58.78
CA ALA H 210 -11.81 6.97 -59.53
C ALA H 210 -12.05 5.78 -58.61
N ARG H 211 -11.41 5.78 -57.44
CA ARG H 211 -11.66 4.75 -56.43
C ARG H 211 -13.10 4.82 -55.93
N ALA H 212 -13.62 6.03 -55.75
CA ALA H 212 -15.00 6.20 -55.27
C ALA H 212 -16.02 5.72 -56.30
N VAL H 213 -15.79 6.04 -57.58
CA VAL H 213 -16.72 5.63 -58.62
C VAL H 213 -16.64 4.13 -58.84
N GLU H 214 -15.43 3.56 -58.75
CA GLU H 214 -15.27 2.11 -58.92
C GLU H 214 -15.89 1.35 -57.76
N GLU H 215 -15.80 1.87 -56.53
CA GLU H 215 -16.40 1.18 -55.40
C GLU H 215 -17.92 1.31 -55.40
N PHE H 216 -18.44 2.53 -55.33
CA PHE H 216 -19.85 2.66 -55.01
C PHE H 216 -20.67 3.41 -56.05
N GLY H 217 -20.13 3.62 -57.25
CA GLY H 217 -20.91 4.19 -58.33
C GLY H 217 -21.29 5.64 -58.13
N ALA H 218 -20.42 6.40 -57.46
CA ALA H 218 -20.68 7.80 -57.18
C ALA H 218 -20.58 8.62 -58.47
N LYS H 219 -20.82 9.92 -58.34
CA LYS H 219 -20.90 10.80 -59.49
C LYS H 219 -19.76 11.81 -59.42
N ALA H 220 -18.85 11.72 -60.39
CA ALA H 220 -17.68 12.58 -60.42
C ALA H 220 -18.09 13.98 -60.85
N VAL H 221 -18.03 14.93 -59.93
CA VAL H 221 -18.40 16.32 -60.18
C VAL H 221 -17.18 17.16 -59.84
N ASP H 222 -17.02 18.28 -60.56
CA ASP H 222 -15.88 19.16 -60.36
C ASP H 222 -15.90 19.80 -58.98
N PRO H 223 -14.72 20.15 -58.43
CA PRO H 223 -14.68 20.59 -57.02
C PRO H 223 -15.23 21.98 -56.78
N ASN H 224 -15.18 22.88 -57.76
CA ASN H 224 -15.65 24.26 -57.51
C ASN H 224 -17.16 24.36 -57.47
N ASP H 225 -17.87 23.46 -58.14
CA ASP H 225 -19.32 23.50 -58.17
C ASP H 225 -19.95 22.29 -57.45
N ILE H 226 -19.29 21.83 -56.38
CA ILE H 226 -19.94 20.92 -55.44
C ILE H 226 -20.97 21.68 -54.61
N TYR H 227 -20.84 23.00 -54.52
CA TYR H 227 -21.71 23.78 -53.65
C TYR H 227 -23.10 23.96 -54.28
N GLY H 228 -23.16 24.05 -55.60
CA GLY H 228 -24.40 24.27 -56.30
C GLY H 228 -25.16 23.02 -56.70
N VAL H 229 -24.71 21.84 -56.27
CA VAL H 229 -25.37 20.60 -56.64
C VAL H 229 -26.69 20.49 -55.90
N GLU H 230 -27.76 20.25 -56.64
CA GLU H 230 -29.08 20.01 -56.05
C GLU H 230 -29.05 18.66 -55.34
N CYS H 231 -29.01 18.69 -54.01
CA CYS H 231 -28.91 17.49 -53.20
C CYS H 231 -29.75 17.69 -51.94
N ASP H 232 -29.62 16.77 -50.99
CA ASP H 232 -30.26 16.90 -49.69
C ASP H 232 -29.26 17.19 -48.58
N ILE H 233 -28.25 16.34 -48.39
CA ILE H 233 -27.37 16.42 -47.25
C ILE H 233 -25.97 16.70 -47.76
N PHE H 234 -25.48 17.91 -47.50
CA PHE H 234 -24.14 18.31 -47.90
C PHE H 234 -23.16 18.07 -46.75
N ALA H 235 -22.11 17.29 -47.01
CA ALA H 235 -21.21 16.80 -45.96
C ALA H 235 -19.77 17.26 -46.22
N PRO H 236 -19.40 18.46 -45.77
CA PRO H 236 -18.03 18.93 -46.02
C PRO H 236 -17.01 18.22 -45.14
N CYS H 237 -15.94 17.73 -45.75
CA CYS H 237 -14.95 16.95 -45.04
C CYS H 237 -13.52 17.34 -45.43
N ALA H 238 -13.31 18.58 -45.86
CA ALA H 238 -12.01 18.99 -46.36
C ALA H 238 -11.32 20.03 -45.48
N LEU H 239 -11.92 21.20 -45.27
CA LEU H 239 -11.24 22.27 -44.56
C LEU H 239 -12.27 23.05 -43.75
N GLY H 240 -11.84 24.20 -43.23
CA GLY H 240 -12.70 25.12 -42.54
C GLY H 240 -12.92 26.38 -43.37
N GLY H 241 -13.87 27.18 -42.92
CA GLY H 241 -14.22 28.38 -43.65
C GLY H 241 -14.96 28.11 -44.94
N ILE H 242 -15.56 26.93 -45.07
CA ILE H 242 -16.31 26.58 -46.27
C ILE H 242 -17.59 27.40 -46.35
N ILE H 243 -18.33 27.47 -45.25
CA ILE H 243 -19.51 28.31 -45.22
C ILE H 243 -19.05 29.75 -44.99
N ASN H 244 -18.84 30.48 -46.07
CA ASN H 244 -18.52 31.89 -46.04
C ASN H 244 -19.58 32.66 -46.82
N ASP H 245 -19.43 33.98 -46.86
CA ASP H 245 -20.42 34.83 -47.53
C ASP H 245 -20.42 34.59 -49.03
N GLN H 246 -19.28 34.16 -49.58
CA GLN H 246 -19.16 33.90 -51.01
C GLN H 246 -19.90 32.64 -51.45
N THR H 247 -20.31 31.77 -50.52
CA THR H 247 -20.90 30.49 -50.90
C THR H 247 -22.27 30.19 -50.31
N ILE H 248 -22.81 31.05 -49.44
CA ILE H 248 -24.13 30.79 -48.84
C ILE H 248 -25.28 30.73 -49.85
N PRO H 249 -25.43 31.66 -50.80
CA PRO H 249 -26.50 31.45 -51.79
C PRO H 249 -26.22 30.34 -52.79
N GLN H 250 -25.02 29.76 -52.82
CA GLN H 250 -24.75 28.67 -53.75
C GLN H 250 -25.42 27.37 -53.33
N LEU H 251 -25.79 27.22 -52.06
CA LEU H 251 -26.31 25.96 -51.57
C LEU H 251 -27.74 25.71 -52.03
N LYS H 252 -28.00 24.44 -52.36
CA LYS H 252 -29.34 23.92 -52.61
C LYS H 252 -29.68 22.78 -51.68
N ALA H 253 -28.96 22.67 -50.56
CA ALA H 253 -29.17 21.60 -49.58
C ALA H 253 -29.64 22.21 -48.27
N LYS H 254 -30.33 21.39 -47.48
CA LYS H 254 -30.90 21.84 -46.23
C LYS H 254 -30.31 21.17 -45.00
N VAL H 255 -29.40 20.22 -45.17
CA VAL H 255 -28.78 19.50 -44.07
C VAL H 255 -27.28 19.57 -44.27
N ILE H 256 -26.57 20.28 -43.39
CA ILE H 256 -25.11 20.33 -43.43
C ILE H 256 -24.59 19.51 -42.27
N ALA H 257 -23.94 18.40 -42.57
CA ALA H 257 -23.44 17.52 -41.51
C ALA H 257 -22.17 16.83 -42.01
N GLY H 258 -21.02 17.42 -41.71
CA GLY H 258 -19.74 16.88 -42.13
C GLY H 258 -18.73 16.91 -41.00
N SER H 259 -17.59 16.25 -41.25
CA SER H 259 -16.58 16.03 -40.23
C SER H 259 -15.53 17.12 -40.19
N ALA H 260 -15.72 18.20 -40.92
CA ALA H 260 -14.69 19.23 -40.99
C ALA H 260 -14.71 20.12 -39.77
N ASN H 261 -13.53 20.55 -39.34
CA ASN H 261 -13.40 21.46 -38.21
C ASN H 261 -13.56 22.91 -38.67
N ASN H 262 -14.21 23.71 -37.81
CA ASN H 262 -14.37 25.16 -37.97
C ASN H 262 -15.11 25.51 -39.26
N GLN H 263 -16.35 25.02 -39.37
CA GLN H 263 -17.08 25.11 -40.63
C GLN H 263 -17.58 26.52 -40.90
N LEU H 264 -18.14 27.18 -39.90
CA LEU H 264 -18.60 28.55 -40.09
C LEU H 264 -17.41 29.49 -40.03
N LYS H 265 -17.32 30.42 -40.99
CA LYS H 265 -16.24 31.39 -40.96
C LYS H 265 -16.47 32.44 -39.88
N GLU H 266 -17.67 33.00 -39.82
CA GLU H 266 -18.09 33.92 -38.77
C GLU H 266 -19.45 33.49 -38.26
N PRO H 267 -19.78 33.79 -37.00
CA PRO H 267 -21.10 33.40 -36.48
C PRO H 267 -22.29 34.11 -37.13
N ARG H 268 -22.05 35.21 -37.84
CA ARG H 268 -23.11 35.84 -38.62
CA ARG H 268 -23.13 35.82 -38.61
C ARG H 268 -23.60 34.92 -39.74
N HIS H 269 -22.69 34.08 -40.26
CA HIS H 269 -23.08 33.09 -41.25
C HIS H 269 -24.02 32.06 -40.64
N GLY H 270 -23.77 31.67 -39.39
CA GLY H 270 -24.67 30.76 -38.71
C GLY H 270 -26.02 31.39 -38.43
N ASP H 271 -26.02 32.69 -38.12
CA ASP H 271 -27.28 33.43 -38.01
C ASP H 271 -28.06 33.40 -39.32
N MET H 272 -27.37 33.59 -40.45
CA MET H 272 -28.05 33.61 -41.74
C MET H 272 -28.54 32.23 -42.15
N ILE H 273 -27.79 31.18 -41.82
CA ILE H 273 -28.25 29.82 -42.07
C ILE H 273 -29.50 29.51 -41.26
N HIS H 274 -29.54 29.94 -39.99
CA HIS H 274 -30.74 29.72 -39.20
C HIS H 274 -31.91 30.57 -39.68
N GLU H 275 -31.64 31.73 -40.27
CA GLU H 275 -32.74 32.51 -40.84
C GLU H 275 -33.27 31.91 -42.13
N MET H 276 -32.42 31.23 -42.91
CA MET H 276 -32.93 30.59 -44.13
C MET H 276 -33.70 29.32 -43.81
N GLY H 277 -33.07 28.38 -43.12
CA GLY H 277 -33.75 27.16 -42.74
C GLY H 277 -32.94 25.91 -42.99
N ILE H 278 -31.66 26.07 -43.32
CA ILE H 278 -30.77 24.93 -43.51
C ILE H 278 -30.46 24.34 -42.14
N VAL H 279 -30.78 23.06 -41.96
CA VAL H 279 -30.60 22.40 -40.68
C VAL H 279 -29.11 22.12 -40.49
N TYR H 280 -28.44 23.01 -39.76
CA TYR H 280 -27.00 22.89 -39.51
C TYR H 280 -26.77 22.23 -38.17
N ALA H 281 -26.46 20.97 -38.20
CA ALA H 281 -25.95 20.36 -36.99
C ALA H 281 -24.51 20.83 -36.78
N PRO H 282 -24.12 21.14 -35.54
CA PRO H 282 -22.88 21.89 -35.33
C PRO H 282 -21.66 21.03 -35.58
N ASP H 283 -20.52 21.69 -35.74
CA ASP H 283 -19.35 21.00 -36.24
C ASP H 283 -18.74 20.09 -35.19
N TYR H 284 -18.57 20.55 -33.95
CA TYR H 284 -17.88 19.75 -32.97
C TYR H 284 -18.77 18.77 -32.23
N VAL H 285 -20.02 18.58 -32.64
CA VAL H 285 -20.84 17.57 -31.99
C VAL H 285 -20.85 16.34 -32.88
N ILE H 286 -20.83 16.55 -34.20
CA ILE H 286 -20.86 15.43 -35.12
C ILE H 286 -19.50 14.74 -35.16
N ASN H 287 -18.44 15.49 -35.42
CA ASN H 287 -17.15 14.86 -35.66
C ASN H 287 -16.39 14.47 -34.41
N ALA H 288 -17.07 14.30 -33.27
CA ALA H 288 -16.42 14.00 -32.01
C ALA H 288 -16.18 12.53 -31.80
N GLY H 289 -16.26 11.72 -32.85
CA GLY H 289 -16.08 10.29 -32.68
C GLY H 289 -14.64 9.91 -32.42
N GLY H 290 -13.69 10.64 -32.99
CA GLY H 290 -12.30 10.27 -32.81
C GLY H 290 -11.81 10.54 -31.41
N VAL H 291 -12.32 11.60 -30.78
CA VAL H 291 -11.96 11.91 -29.41
C VAL H 291 -12.56 10.89 -28.45
N ILE H 292 -13.77 10.43 -28.73
CA ILE H 292 -14.37 9.32 -27.98
C ILE H 292 -13.54 8.06 -28.12
N ASN H 293 -13.06 7.79 -29.34
CA ASN H 293 -12.23 6.59 -29.56
C ASN H 293 -10.94 6.66 -28.78
N VAL H 294 -10.25 7.81 -28.81
CA VAL H 294 -8.99 7.89 -28.07
C VAL H 294 -9.18 8.11 -26.58
N ALA H 295 -10.38 8.44 -26.13
CA ALA H 295 -10.64 8.51 -24.71
C ALA H 295 -11.19 7.23 -24.12
N ASP H 296 -11.61 6.30 -24.95
CA ASP H 296 -12.00 5.00 -24.42
C ASP H 296 -10.79 4.12 -24.15
N GLU H 297 -9.60 4.52 -24.60
CA GLU H 297 -8.37 3.79 -24.28
C GLU H 297 -8.04 3.87 -22.79
N LEU H 298 -8.52 4.91 -22.10
CA LEU H 298 -8.21 5.13 -20.69
C LEU H 298 -8.84 4.08 -19.78
N TYR H 299 -9.74 3.26 -20.30
CA TYR H 299 -10.31 2.13 -19.58
C TYR H 299 -9.53 0.84 -19.80
N GLY H 300 -8.59 0.84 -20.73
CA GLY H 300 -8.17 -0.39 -21.36
C GLY H 300 -9.03 -0.53 -22.59
N TYR H 301 -8.43 -0.53 -23.78
CA TYR H 301 -9.20 -0.30 -24.99
C TYR H 301 -10.02 -1.53 -25.37
N ASN H 302 -11.30 -1.29 -25.66
CA ASN H 302 -12.20 -2.33 -26.13
C ASN H 302 -13.03 -1.72 -27.24
N ARG H 303 -13.13 -2.44 -28.37
CA ARG H 303 -13.73 -1.86 -29.56
C ARG H 303 -15.24 -1.74 -29.42
N GLU H 304 -15.88 -2.73 -28.77
CA GLU H 304 -17.35 -2.77 -28.72
C GLU H 304 -17.91 -1.69 -27.80
N ARG H 305 -17.26 -1.46 -26.66
CA ARG H 305 -17.65 -0.39 -25.75
C ARG H 305 -17.49 0.98 -26.41
N ALA H 306 -16.40 1.19 -27.13
CA ALA H 306 -16.16 2.48 -27.77
C ALA H 306 -17.14 2.73 -28.90
N MET H 307 -17.48 1.70 -29.69
CA MET H 307 -18.47 1.89 -30.74
C MET H 307 -19.87 2.11 -30.17
N LYS H 308 -20.19 1.46 -29.05
CA LYS H 308 -21.45 1.72 -28.37
C LYS H 308 -21.51 3.14 -27.84
N LYS H 309 -20.37 3.72 -27.47
CA LYS H 309 -20.40 5.11 -27.02
C LYS H 309 -20.47 6.09 -28.20
N ILE H 310 -19.85 5.76 -29.34
CA ILE H 310 -19.92 6.59 -30.54
C ILE H 310 -21.32 6.58 -31.13
N GLU H 311 -22.10 5.54 -30.85
CA GLU H 311 -23.49 5.46 -31.30
C GLU H 311 -24.37 6.57 -30.73
N GLN H 312 -24.00 7.19 -29.61
CA GLN H 312 -24.86 8.19 -28.96
C GLN H 312 -24.81 9.58 -29.60
N ILE H 313 -24.15 9.75 -30.74
CA ILE H 313 -24.10 11.08 -31.35
C ILE H 313 -25.45 11.44 -31.95
N TYR H 314 -26.26 10.42 -32.27
CA TYR H 314 -27.67 10.59 -32.59
C TYR H 314 -28.41 11.34 -31.48
N ASP H 315 -28.22 10.91 -30.23
CA ASP H 315 -28.89 11.55 -29.10
C ASP H 315 -28.30 12.92 -28.81
N ASN H 316 -26.99 13.09 -29.04
CA ASN H 316 -26.37 14.40 -28.82
C ASN H 316 -26.93 15.45 -29.77
N ILE H 317 -27.02 15.10 -31.06
CA ILE H 317 -27.61 16.01 -32.05
C ILE H 317 -29.09 16.25 -31.75
N GLU H 318 -29.80 15.23 -31.26
CA GLU H 318 -31.21 15.41 -30.96
C GLU H 318 -31.43 16.36 -29.78
N LYS H 319 -30.57 16.29 -28.76
CA LYS H 319 -30.66 17.29 -27.68
C LYS H 319 -30.24 18.68 -28.13
N VAL H 320 -29.29 18.79 -29.07
CA VAL H 320 -28.93 20.13 -29.59
C VAL H 320 -30.11 20.76 -30.29
N PHE H 321 -30.83 19.98 -31.09
CA PHE H 321 -32.00 20.51 -31.77
C PHE H 321 -33.16 20.78 -30.82
N ALA H 322 -33.28 19.98 -29.76
CA ALA H 322 -34.32 20.25 -28.76
C ALA H 322 -34.05 21.55 -28.01
N ILE H 323 -32.79 21.81 -27.64
CA ILE H 323 -32.46 23.08 -26.99
C ILE H 323 -32.60 24.25 -27.96
N ALA H 324 -32.28 24.04 -29.24
CA ALA H 324 -32.40 25.11 -30.22
C ALA H 324 -33.86 25.48 -30.48
N LYS H 325 -34.76 24.50 -30.43
CA LYS H 325 -36.17 24.82 -30.57
C LYS H 325 -36.80 25.31 -29.26
N ARG H 326 -36.23 24.96 -28.11
CA ARG H 326 -36.73 25.46 -26.84
C ARG H 326 -36.31 26.92 -26.60
N ASP H 327 -35.11 27.28 -27.01
CA ASP H 327 -34.51 28.53 -26.60
C ASP H 327 -34.55 29.59 -27.70
N ASN H 328 -35.02 29.22 -28.91
CA ASN H 328 -35.21 30.12 -30.06
C ASN H 328 -33.90 30.82 -30.47
N ILE H 329 -32.83 30.06 -30.44
CA ILE H 329 -31.47 30.52 -30.76
C ILE H 329 -31.00 29.68 -31.95
N PRO H 330 -29.90 30.00 -32.61
CA PRO H 330 -29.35 29.09 -33.61
C PRO H 330 -28.78 27.82 -32.99
N THR H 331 -28.33 26.92 -33.85
CA THR H 331 -27.85 25.65 -33.35
C THR H 331 -26.39 25.71 -32.91
N TYR H 332 -25.58 26.60 -33.50
CA TYR H 332 -24.21 26.70 -33.05
C TYR H 332 -24.12 27.35 -31.67
N VAL H 333 -25.16 28.10 -31.27
CA VAL H 333 -25.27 28.60 -29.91
C VAL H 333 -25.85 27.51 -29.01
N ALA H 334 -26.73 26.67 -29.57
CA ALA H 334 -27.32 25.58 -28.82
C ALA H 334 -26.28 24.55 -28.41
N ALA H 335 -25.22 24.38 -29.20
CA ALA H 335 -24.17 23.43 -28.82
C ALA H 335 -23.41 23.90 -27.59
N ASP H 336 -23.04 25.19 -27.56
CA ASP H 336 -22.36 25.75 -26.41
C ASP H 336 -23.24 25.72 -25.17
N ARG H 337 -24.54 25.97 -25.33
CA ARG H 337 -25.39 25.97 -24.15
C ARG H 337 -25.69 24.57 -23.63
N MET H 338 -25.78 23.58 -24.52
CA MET H 338 -25.82 22.19 -24.09
C MET H 338 -24.59 21.84 -23.26
N ALA H 339 -23.42 22.23 -23.73
CA ALA H 339 -22.18 21.87 -23.02
C ALA H 339 -22.09 22.57 -21.67
N GLU H 340 -22.47 23.84 -21.59
CA GLU H 340 -22.38 24.55 -20.33
C GLU H 340 -23.42 24.07 -19.34
N GLU H 341 -24.60 23.67 -19.82
CA GLU H 341 -25.58 23.06 -18.91
C GLU H 341 -25.08 21.73 -18.38
N ARG H 342 -24.35 20.95 -19.20
CA ARG H 342 -23.81 19.71 -18.68
C ARG H 342 -22.73 19.95 -17.66
N ILE H 343 -21.90 20.97 -17.88
CA ILE H 343 -20.83 21.32 -16.94
C ILE H 343 -21.40 21.78 -15.60
N GLU H 344 -22.39 22.66 -15.62
CA GLU H 344 -22.96 23.18 -14.38
C GLU H 344 -23.76 22.13 -13.63
N THR H 345 -24.48 21.29 -14.37
CA THR H 345 -25.27 20.23 -13.74
C THR H 345 -24.39 19.18 -13.12
N MET H 346 -23.26 18.86 -13.74
CA MET H 346 -22.37 17.90 -13.09
C MET H 346 -21.51 18.56 -12.02
N ARG H 347 -21.42 19.88 -11.99
CA ARG H 347 -20.84 20.50 -10.82
C ARG H 347 -21.76 20.36 -9.62
N LYS H 348 -23.07 20.54 -9.84
CA LYS H 348 -24.00 20.54 -8.72
C LYS H 348 -24.49 19.17 -8.31
N ALA H 349 -24.45 18.17 -9.19
CA ALA H 349 -25.02 16.86 -8.88
C ALA H 349 -23.99 15.88 -8.36
N ARG H 350 -22.72 16.22 -8.41
CA ARG H 350 -21.65 15.41 -7.86
C ARG H 350 -21.00 16.09 -6.67
N SER H 351 -21.80 16.66 -5.80
CA SER H 351 -21.27 17.47 -4.72
C SER H 351 -21.23 16.75 -3.38
N GLN H 352 -21.91 15.62 -3.22
CA GLN H 352 -21.87 14.93 -1.95
C GLN H 352 -20.53 14.26 -1.72
N PHE H 353 -20.09 14.31 -0.48
CA PHE H 353 -18.75 13.91 -0.09
C PHE H 353 -18.55 12.41 -0.20
N LEU H 354 -17.43 12.01 -0.79
CA LEU H 354 -16.94 10.64 -0.72
C LEU H 354 -15.45 10.75 -0.51
N GLN H 355 -14.88 9.87 0.28
CA GLN H 355 -13.45 9.92 0.47
C GLN H 355 -12.72 8.97 -0.46
N ASN H 356 -13.46 8.25 -1.30
CA ASN H 356 -12.93 7.25 -2.20
C ASN H 356 -13.65 7.30 -3.54
N GLY H 357 -13.75 8.49 -4.13
CA GLY H 357 -14.46 8.63 -5.38
C GLY H 357 -13.68 8.10 -6.56
N HIS H 358 -14.39 7.83 -7.65
CA HIS H 358 -13.78 7.42 -8.90
C HIS H 358 -13.76 8.58 -9.89
N HIS H 359 -12.62 8.79 -10.51
CA HIS H 359 -12.45 9.63 -11.67
C HIS H 359 -12.02 8.74 -12.83
N ILE H 360 -11.62 9.37 -13.94
CA ILE H 360 -11.35 8.63 -15.16
C ILE H 360 -10.00 7.94 -15.10
N LEU H 361 -9.15 8.29 -14.13
CA LEU H 361 -7.81 7.74 -14.00
C LEU H 361 -7.72 6.81 -12.81
N SER H 362 -8.82 6.28 -12.33
CA SER H 362 -8.81 5.60 -11.06
C SER H 362 -8.43 4.15 -11.25
N ARG H 363 -7.84 3.58 -10.21
CA ARG H 363 -7.57 2.15 -10.16
C ARG H 363 -8.84 1.45 -9.74
N ARG H 364 -9.15 0.34 -10.39
CA ARG H 364 -10.37 -0.36 -10.05
C ARG H 364 -10.26 -1.84 -10.38
N ARG H 365 -11.37 -2.54 -10.15
CA ARG H 365 -11.41 -3.98 -10.34
CA ARG H 365 -11.42 -3.98 -10.35
C ARG H 365 -11.30 -4.33 -11.82
N ALA H 366 -10.64 -5.46 -12.09
CA ALA H 366 -10.41 -5.89 -13.45
C ALA H 366 -11.71 -6.32 -14.11
N ARG H 367 -12.46 -7.19 -13.43
CA ARG H 367 -13.79 -7.66 -13.85
C ARG H 367 -13.83 -8.27 -15.25
#